data_7LJS
#
_entry.id   7LJS
#
_cell.length_a   82.031
_cell.length_b   160.046
_cell.length_c   164.074
_cell.angle_alpha   90.000
_cell.angle_beta   95.950
_cell.angle_gamma   90.000
#
_symmetry.space_group_name_H-M   'P 1 21 1'
#
loop_
_entity.id
_entity.type
_entity.pdbx_description
1 polymer 'Dihydropyrimidine dehydrogenase [NADP(+)]'
2 non-polymer 'IRON/SULFUR CLUSTER'
3 non-polymer 'FLAVIN MONONUCLEOTIDE'
4 non-polymer 'FLAVIN-ADENINE DINUCLEOTIDE'
5 non-polymer 5-ethynylpyrimidine-2,4(1H,3H)-dione
6 water water
#
_entity_poly.entity_id   1
_entity_poly.type   'polypeptide(L)'
_entity_poly.pdbx_seq_one_letter_code
;MAPVLSKDVADIESILALNPRTQSHAALHSTLAKKLDKKHWKRNPDKNCFHCEKLENNFDDIKHTTLGERGALREAMRCL
KCADAPCQKSCPTHLDIKSFITSISNKNYYGAAKMIFSDNPLGLTCGMVCPTSDLCVGGCNLYATEEGSINIGGLQQFAS
EVFKAMNIPQIRNPCLPSQEKMPEAYSAKIALLGAGPASISCASFLARLGYSDITIFEKQEYVGGLSTSEIPQFRLPYDV
VNFEIELMKDLGVKIICGKSLSENEITLNTLKEEGYKAAFIGIGLPEPKTDDIFQGLTQDQGFYTSKDFLPLVAKSSKAG
MCACHSPLPSIRGAVIVLGAGDTAFDCATSALRCGARRVFLVFRKGFVNIRAVPEEVELAKEEKCEFLPFLSPRKVIVKG
GRIVAVQFVRTEQDETGKWNEDEDQIVHLKADVVISAFGSVLRDPKVKEALSPIKFNRWDLPEVDPETMQTSEPWVFAGG
DIVGMANTTVESVNDGKQASWYIHKYIQAQYGASVSAKPELPLFYTPVDLVDISVEMAGLKFINPFGLASAAPTTSSSMI
RRAFEAGWGFALTKTFSLDKDIVTNVSPRIVRGTTSGPMYGPGQSSFLNIELISEKTAAYWCQSVTELKADFPDNIVIAS
IMCSYNKNDWMELSRKAEASGADALELNLSCPHGMGERGMGLACGQDPELVRNICRWVRQAVQIPFFAKLTPNVTDIVSI
ARAAKEGGADGVTATNTVSGLMGLKADGTPWPAVGAGKRTTYGGVSGTAIRPIALRAVTTIARALPGFPILATGGIDSAE
SGLQFLHSGASVLQVCSAVQNQDFTVIQDYCTGLKALLYLKSIEELQGWDGQSPGTESHQKGKPVPRIAELMGKKLPNFG
PYLEQRKKIIAEEKMRLKEQNAAFPPLERKPFIPKKPIPAIKDVIGKALQYLGTFGELSNIEQVVAVIDEEMCINCGKCY
MTCNDSGYQAIQFDPETHLPTVTDTCTGCTLCLSVCPIIDCIRMVSRTTPYEPKRGLPLAVNPVC
;
_entity_poly.pdbx_strand_id   A,B,C,D
#
# COMPACT_ATOMS: atom_id res chain seq x y z
N ALA A 2 13.99 34.01 -44.90
CA ALA A 2 13.06 34.17 -43.75
C ALA A 2 11.60 34.53 -44.27
N PRO A 3 10.52 33.66 -43.96
CA PRO A 3 9.13 33.97 -44.39
C PRO A 3 8.22 34.45 -43.27
N VAL A 4 6.94 34.73 -43.46
CA VAL A 4 6.19 35.47 -42.45
C VAL A 4 5.67 34.49 -41.38
N LEU A 5 6.34 34.47 -40.22
CA LEU A 5 6.08 33.44 -39.23
C LEU A 5 4.65 33.53 -38.75
N SER A 6 4.16 34.73 -38.61
CA SER A 6 2.88 34.96 -37.97
C SER A 6 1.72 34.93 -38.95
N LYS A 7 1.90 34.46 -40.17
CA LYS A 7 0.75 34.30 -41.05
C LYS A 7 0.60 32.83 -41.44
N ASP A 8 -0.65 32.43 -41.70
CA ASP A 8 -0.96 31.05 -42.02
C ASP A 8 -0.61 30.77 -43.46
N VAL A 9 0.13 29.68 -43.72
CA VAL A 9 0.32 29.22 -45.11
C VAL A 9 -1.01 28.88 -45.81
N ALA A 10 -1.07 29.08 -47.14
CA ALA A 10 -2.25 28.63 -47.89
C ALA A 10 -2.97 27.37 -47.38
N ASP A 11 -2.25 26.25 -47.11
CA ASP A 11 -2.85 25.02 -46.58
C ASP A 11 -3.72 25.26 -45.37
N ILE A 12 -3.21 26.06 -44.44
CA ILE A 12 -3.89 26.22 -43.16
C ILE A 12 -4.98 27.26 -43.33
N GLU A 13 -4.73 28.29 -44.18
CA GLU A 13 -5.81 29.20 -44.48
C GLU A 13 -7.00 28.42 -45.00
N SER A 14 -6.72 27.37 -45.78
CA SER A 14 -7.79 26.55 -46.34
C SER A 14 -8.45 25.63 -45.27
N ILE A 15 -7.64 25.05 -44.35
CA ILE A 15 -8.26 24.27 -43.31
C ILE A 15 -9.13 25.15 -42.41
N LEU A 16 -8.77 26.38 -42.21
CA LEU A 16 -9.50 27.36 -41.42
C LEU A 16 -10.80 27.95 -42.11
N ALA A 17 -11.21 27.41 -43.25
CA ALA A 17 -12.17 28.14 -44.07
C ALA A 17 -13.56 28.22 -43.42
N LEU A 18 -13.98 27.17 -42.68
CA LEU A 18 -15.22 27.23 -41.91
C LEU A 18 -15.07 27.75 -40.45
N ASN A 19 -13.86 28.13 -40.01
CA ASN A 19 -13.70 28.61 -38.65
C ASN A 19 -14.58 29.85 -38.46
N PRO A 20 -15.26 30.03 -37.33
CA PRO A 20 -16.02 31.27 -37.10
C PRO A 20 -15.17 32.54 -37.10
N ARG A 21 -15.79 33.61 -37.63
CA ARG A 21 -15.18 34.96 -37.80
C ARG A 21 -16.26 36.03 -37.56
N THR A 22 -15.85 37.12 -36.92
CA THR A 22 -16.82 38.14 -36.49
C THR A 22 -17.35 38.83 -37.75
N GLN A 23 -18.63 39.08 -37.89
CA GLN A 23 -18.98 39.61 -39.21
C GLN A 23 -19.25 41.10 -39.08
N SER A 24 -18.99 41.82 -40.16
CA SER A 24 -19.00 43.24 -40.03
C SER A 24 -20.11 43.85 -40.87
N HIS A 25 -20.92 43.02 -41.50
CA HIS A 25 -22.04 43.44 -42.34
C HIS A 25 -23.18 42.44 -42.15
N ALA A 26 -24.42 42.86 -42.43
CA ALA A 26 -25.53 41.93 -42.52
C ALA A 26 -25.37 41.09 -43.79
N ALA A 27 -25.82 39.82 -43.76
CA ALA A 27 -25.63 38.86 -44.86
C ALA A 27 -26.64 39.13 -45.97
N LEU A 28 -26.36 38.72 -47.19
CA LEU A 28 -27.37 38.85 -48.24
C LEU A 28 -27.52 37.47 -48.89
N HIS A 29 -28.73 36.95 -48.88
CA HIS A 29 -28.98 35.62 -49.40
C HIS A 29 -30.43 35.61 -49.81
N SER A 30 -30.73 35.30 -51.07
CA SER A 30 -32.13 35.43 -51.45
C SER A 30 -33.02 34.35 -50.83
N THR A 31 -34.30 34.67 -50.75
CA THR A 31 -35.31 33.74 -50.22
C THR A 31 -35.31 32.41 -50.99
N LEU A 32 -35.18 32.51 -52.33
CA LEU A 32 -35.02 31.35 -53.21
C LEU A 32 -33.82 30.49 -52.86
N ALA A 33 -32.61 31.10 -52.76
CA ALA A 33 -31.43 30.34 -52.38
C ALA A 33 -31.60 29.67 -51.02
N LYS A 34 -32.20 30.40 -50.08
CA LYS A 34 -32.54 29.80 -48.80
C LYS A 34 -33.41 28.55 -48.94
N LYS A 35 -34.58 28.67 -49.61
CA LYS A 35 -35.41 27.49 -49.83
C LYS A 35 -34.61 26.35 -50.38
N LEU A 36 -33.69 26.66 -51.27
CA LEU A 36 -32.91 25.63 -51.94
C LEU A 36 -31.93 24.96 -50.98
N ASP A 37 -31.43 25.67 -49.99
CA ASP A 37 -30.36 25.18 -49.14
C ASP A 37 -30.93 24.42 -47.88
N LYS A 38 -32.11 24.83 -47.44
CA LYS A 38 -32.67 24.33 -46.22
C LYS A 38 -32.65 22.82 -46.23
N LYS A 39 -32.97 22.20 -47.37
CA LYS A 39 -33.13 20.74 -47.32
C LYS A 39 -31.82 20.02 -47.03
N HIS A 40 -30.71 20.64 -47.38
CA HIS A 40 -29.45 19.98 -47.20
C HIS A 40 -29.17 19.74 -45.72
N TRP A 41 -29.69 20.57 -44.82
CA TRP A 41 -29.26 20.45 -43.41
C TRP A 41 -30.32 19.81 -42.49
N LYS A 42 -31.48 19.38 -43.04
CA LYS A 42 -32.67 19.11 -42.21
C LYS A 42 -32.49 17.86 -41.33
N ARG A 43 -32.70 18.02 -40.01
CA ARG A 43 -32.62 16.87 -39.12
C ARG A 43 -33.95 16.20 -38.80
N ASN A 44 -35.07 16.96 -38.75
CA ASN A 44 -36.30 16.44 -38.16
C ASN A 44 -37.24 16.06 -39.28
N PRO A 45 -38.39 15.45 -38.94
CA PRO A 45 -39.35 15.13 -40.01
C PRO A 45 -39.67 16.38 -40.88
N ASP A 46 -39.75 16.14 -42.20
CA ASP A 46 -40.15 17.15 -43.19
C ASP A 46 -41.67 17.32 -43.22
N LYS A 47 -42.20 18.47 -42.77
CA LYS A 47 -43.67 18.57 -42.70
C LYS A 47 -44.35 18.47 -44.07
N ASN A 48 -43.66 18.54 -45.20
CA ASN A 48 -44.36 18.38 -46.47
C ASN A 48 -44.12 17.01 -47.11
N CYS A 49 -43.44 16.12 -46.38
CA CYS A 49 -43.27 14.74 -46.81
C CYS A 49 -44.45 13.89 -46.32
N PHE A 50 -45.02 13.07 -47.25
CA PHE A 50 -46.31 12.43 -46.99
C PHE A 50 -46.30 10.92 -46.82
N HIS A 51 -45.23 10.20 -47.15
CA HIS A 51 -45.22 8.86 -46.59
C HIS A 51 -43.92 8.69 -45.85
N CYS A 52 -43.96 7.83 -44.84
CA CYS A 52 -42.80 7.56 -44.00
C CYS A 52 -41.95 6.52 -44.68
N GLU A 53 -40.65 6.52 -44.32
CA GLU A 53 -39.74 5.45 -44.71
C GLU A 53 -40.32 4.04 -44.63
N LYS A 54 -39.62 3.15 -45.33
CA LYS A 54 -40.00 1.78 -45.40
C LYS A 54 -39.61 1.15 -44.06
N LEU A 55 -40.55 0.45 -43.45
CA LEU A 55 -40.38 -0.20 -42.17
C LEU A 55 -40.45 -1.71 -42.28
N GLU A 56 -40.57 -2.24 -43.47
CA GLU A 56 -40.89 -3.65 -43.61
C GLU A 56 -39.77 -4.45 -42.97
N ASN A 57 -40.16 -5.41 -42.13
CA ASN A 57 -39.27 -6.24 -41.36
C ASN A 57 -38.35 -5.45 -40.40
N ASN A 58 -38.68 -4.18 -40.10
CA ASN A 58 -37.80 -3.34 -39.30
C ASN A 58 -38.34 -3.34 -37.86
N PHE A 59 -37.71 -4.16 -36.97
CA PHE A 59 -38.13 -4.22 -35.60
C PHE A 59 -37.21 -3.44 -34.64
N ASP A 60 -36.62 -2.37 -35.14
CA ASP A 60 -35.67 -1.63 -34.34
C ASP A 60 -36.38 -0.67 -33.39
N ASP A 61 -35.72 -0.36 -32.27
CA ASP A 61 -36.34 0.45 -31.23
C ASP A 61 -36.89 1.79 -31.80
N ILE A 62 -38.18 2.10 -31.59
CA ILE A 62 -38.69 3.43 -31.97
C ILE A 62 -39.00 4.32 -30.78
N LYS A 63 -38.74 3.89 -29.57
CA LYS A 63 -39.21 4.68 -28.44
C LYS A 63 -38.56 6.08 -28.44
N HIS A 64 -39.33 7.12 -28.11
CA HIS A 64 -38.66 8.42 -28.02
C HIS A 64 -37.93 8.62 -26.68
N THR A 65 -38.22 7.84 -25.68
CA THR A 65 -37.75 8.01 -24.32
C THR A 65 -36.45 7.33 -24.05
N THR A 66 -35.95 6.50 -24.97
CA THR A 66 -34.71 5.80 -24.72
C THR A 66 -33.52 6.79 -24.54
N LEU A 67 -32.62 6.43 -23.64
CA LEU A 67 -31.51 7.28 -23.26
C LEU A 67 -30.24 6.44 -23.32
N GLY A 68 -29.13 6.98 -23.82
CA GLY A 68 -27.82 6.41 -23.51
C GLY A 68 -27.26 7.08 -22.25
N GLU A 69 -26.00 6.74 -21.92
CA GLU A 69 -25.41 7.19 -20.65
C GLU A 69 -25.20 8.69 -20.64
N ARG A 70 -24.65 9.27 -21.70
CA ARG A 70 -24.57 10.74 -21.76
C ARG A 70 -25.90 11.37 -21.40
N GLY A 71 -26.94 10.94 -22.13
CA GLY A 71 -28.23 11.61 -21.99
C GLY A 71 -28.83 11.34 -20.66
N ALA A 72 -28.56 10.17 -20.11
CA ALA A 72 -29.16 9.87 -18.81
C ALA A 72 -28.47 10.68 -17.73
N LEU A 73 -27.14 10.81 -17.79
CA LEU A 73 -26.51 11.61 -16.73
C LEU A 73 -27.05 13.03 -16.77
N ARG A 74 -27.26 13.60 -17.97
CA ARG A 74 -27.80 14.97 -18.03
C ARG A 74 -29.18 15.06 -17.44
N GLU A 75 -30.07 14.15 -17.86
CA GLU A 75 -31.44 14.25 -17.39
C GLU A 75 -31.54 13.95 -15.91
N ALA A 76 -30.76 12.98 -15.38
CA ALA A 76 -30.70 12.79 -13.92
C ALA A 76 -30.20 14.05 -13.18
N MET A 77 -29.16 14.74 -13.73
CA MET A 77 -28.69 15.89 -12.97
C MET A 77 -29.73 17.01 -12.94
N ARG A 78 -30.66 17.02 -13.94
CA ARG A 78 -31.72 18.04 -14.01
C ARG A 78 -32.79 17.85 -12.96
N CYS A 79 -33.17 16.60 -12.63
CA CYS A 79 -34.23 16.34 -11.65
C CYS A 79 -33.92 17.11 -10.35
N LEU A 80 -34.94 17.70 -9.77
CA LEU A 80 -34.74 18.43 -8.53
C LEU A 80 -34.66 17.50 -7.34
N LYS A 81 -35.03 16.22 -7.52
CA LYS A 81 -34.91 15.26 -6.41
C LYS A 81 -35.73 15.76 -5.22
N CYS A 82 -37.04 15.92 -5.51
CA CYS A 82 -38.02 16.60 -4.62
C CYS A 82 -38.37 15.86 -3.34
N ALA A 83 -38.63 16.64 -2.27
CA ALA A 83 -39.29 16.13 -1.08
C ALA A 83 -40.68 15.57 -1.38
N ASP A 84 -41.00 14.42 -0.80
CA ASP A 84 -42.39 13.95 -0.78
C ASP A 84 -42.89 13.92 -2.23
N ALA A 85 -42.03 13.49 -3.16
CA ALA A 85 -42.10 13.87 -4.58
C ALA A 85 -43.46 13.49 -5.21
N PRO A 86 -44.10 14.39 -5.94
CA PRO A 86 -45.39 14.02 -6.57
C PRO A 86 -45.25 12.96 -7.69
N CYS A 87 -44.09 12.84 -8.31
CA CYS A 87 -44.01 11.79 -9.30
C CYS A 87 -44.16 10.43 -8.65
N GLN A 88 -43.57 10.24 -7.47
CA GLN A 88 -43.75 8.96 -6.80
C GLN A 88 -45.23 8.78 -6.40
N LYS A 89 -45.87 9.86 -5.95
CA LYS A 89 -47.26 9.62 -5.61
C LYS A 89 -48.07 9.17 -6.83
N SER A 90 -47.54 9.40 -8.03
CA SER A 90 -48.33 9.18 -9.19
C SER A 90 -47.94 7.88 -9.87
N CYS A 91 -46.95 7.16 -9.33
CA CYS A 91 -46.57 5.87 -9.80
C CYS A 91 -47.39 4.79 -9.05
N PRO A 92 -48.23 4.05 -9.71
CA PRO A 92 -48.94 2.91 -9.08
C PRO A 92 -48.06 1.95 -8.28
N THR A 93 -46.74 1.82 -8.47
CA THR A 93 -45.97 0.95 -7.55
C THR A 93 -45.15 1.78 -6.58
N HIS A 94 -45.31 3.11 -6.62
CA HIS A 94 -44.74 3.94 -5.60
C HIS A 94 -43.21 3.87 -5.64
N LEU A 95 -42.61 3.77 -6.85
CA LEU A 95 -41.16 3.76 -6.95
C LEU A 95 -40.61 4.99 -6.28
N ASP A 96 -39.48 4.85 -5.56
CA ASP A 96 -38.74 6.02 -5.04
C ASP A 96 -37.91 6.64 -6.17
N ILE A 97 -38.58 7.44 -6.99
CA ILE A 97 -37.96 8.03 -8.15
C ILE A 97 -36.87 9.00 -7.70
N LYS A 98 -37.14 9.76 -6.62
CA LYS A 98 -36.13 10.69 -6.17
C LYS A 98 -34.82 9.95 -5.86
N SER A 99 -34.93 8.86 -5.15
CA SER A 99 -33.69 8.12 -4.82
C SER A 99 -33.09 7.52 -6.03
N PHE A 100 -33.91 6.94 -6.94
CA PHE A 100 -33.20 6.24 -8.01
C PHE A 100 -32.62 7.21 -9.00
N ILE A 101 -33.28 8.33 -9.25
CA ILE A 101 -32.63 9.38 -10.06
C ILE A 101 -31.43 9.97 -9.36
N THR A 102 -31.50 10.21 -8.07
CA THR A 102 -30.29 10.64 -7.39
C THR A 102 -29.14 9.69 -7.65
N SER A 103 -29.40 8.39 -7.60
CA SER A 103 -28.31 7.43 -7.81
C SER A 103 -27.78 7.53 -9.20
N ILE A 104 -28.68 7.71 -10.19
CA ILE A 104 -28.17 7.80 -11.58
C ILE A 104 -27.28 9.01 -11.72
N SER A 105 -27.60 10.08 -11.02
CA SER A 105 -26.78 11.23 -11.29
C SER A 105 -25.42 11.05 -10.67
N ASN A 106 -25.33 10.26 -9.59
CA ASN A 106 -24.05 9.91 -8.95
C ASN A 106 -23.32 8.78 -9.67
N LYS A 107 -23.76 8.36 -10.85
CA LYS A 107 -23.17 7.21 -11.58
C LYS A 107 -23.33 5.87 -10.84
N ASN A 108 -24.30 5.77 -9.89
CA ASN A 108 -24.52 4.50 -9.17
C ASN A 108 -25.67 3.70 -9.82
N TYR A 109 -25.39 3.12 -11.00
CA TYR A 109 -26.50 2.46 -11.70
C TYR A 109 -26.96 1.19 -10.98
N TYR A 110 -26.14 0.57 -10.17
CA TYR A 110 -26.64 -0.52 -9.33
C TYR A 110 -27.65 -0.04 -8.30
N GLY A 111 -27.35 1.04 -7.54
CA GLY A 111 -28.29 1.41 -6.49
C GLY A 111 -29.57 1.94 -7.03
N ALA A 112 -29.54 2.49 -8.24
CA ALA A 112 -30.78 2.86 -8.92
C ALA A 112 -31.60 1.64 -9.33
N ALA A 113 -30.98 0.67 -9.96
CA ALA A 113 -31.71 -0.50 -10.35
C ALA A 113 -32.30 -1.22 -9.11
N LYS A 114 -31.53 -1.25 -8.01
CA LYS A 114 -31.94 -1.87 -6.74
C LYS A 114 -33.14 -1.14 -6.19
N MET A 115 -33.13 0.18 -6.26
CA MET A 115 -34.31 0.92 -5.83
C MET A 115 -35.53 0.63 -6.72
N ILE A 116 -35.36 0.61 -8.08
CA ILE A 116 -36.48 0.31 -9.00
C ILE A 116 -37.06 -1.09 -8.74
N PHE A 117 -36.18 -2.13 -8.69
CA PHE A 117 -36.69 -3.51 -8.54
C PHE A 117 -37.23 -3.79 -7.14
N SER A 118 -36.84 -3.02 -6.14
CA SER A 118 -37.44 -3.25 -4.85
C SER A 118 -38.96 -3.12 -4.93
N ASP A 119 -39.41 -2.07 -5.62
CA ASP A 119 -40.82 -1.77 -5.73
C ASP A 119 -41.46 -2.28 -7.02
N ASN A 120 -40.68 -2.81 -7.96
CA ASN A 120 -41.27 -3.18 -9.22
C ASN A 120 -40.38 -4.24 -9.89
N PRO A 121 -40.73 -5.53 -9.76
CA PRO A 121 -39.96 -6.62 -10.36
C PRO A 121 -40.04 -6.61 -11.81
N LEU A 122 -40.91 -5.78 -12.40
CA LEU A 122 -40.84 -5.65 -13.82
C LEU A 122 -40.29 -4.29 -14.22
N GLY A 123 -39.26 -3.82 -13.52
CA GLY A 123 -38.81 -2.46 -13.65
C GLY A 123 -38.32 -2.06 -15.04
N LEU A 124 -37.56 -2.93 -15.73
CA LEU A 124 -37.13 -2.58 -17.10
C LEU A 124 -38.34 -2.49 -18.07
N THR A 125 -39.17 -3.55 -18.11
CA THR A 125 -40.38 -3.47 -18.93
C THR A 125 -41.13 -2.17 -18.65
N CYS A 126 -41.36 -1.87 -17.39
CA CYS A 126 -42.16 -0.68 -17.14
C CYS A 126 -41.43 0.54 -17.67
N GLY A 127 -40.12 0.62 -17.48
CA GLY A 127 -39.44 1.79 -17.97
C GLY A 127 -39.69 1.97 -19.47
N MET A 128 -39.74 0.86 -20.20
CA MET A 128 -39.93 0.96 -21.62
C MET A 128 -41.35 1.21 -22.00
N VAL A 129 -42.38 0.76 -21.26
CA VAL A 129 -43.72 0.83 -21.84
C VAL A 129 -44.70 1.63 -21.01
N CYS A 130 -44.35 2.09 -19.82
CA CYS A 130 -45.34 2.78 -18.97
C CYS A 130 -45.90 4.00 -19.69
N PRO A 131 -47.19 4.30 -19.57
CA PRO A 131 -47.64 5.57 -20.25
C PRO A 131 -47.42 6.76 -19.31
N THR A 132 -46.18 7.25 -19.23
CA THR A 132 -45.76 8.05 -18.08
C THR A 132 -46.53 9.38 -18.05
N SER A 133 -46.98 9.87 -19.22
CA SER A 133 -47.68 11.14 -19.16
C SER A 133 -48.99 11.03 -18.46
N ASP A 134 -49.54 9.81 -18.31
CA ASP A 134 -50.72 9.61 -17.50
C ASP A 134 -50.40 9.16 -16.09
N LEU A 135 -49.14 8.99 -15.75
CA LEU A 135 -48.72 8.45 -14.46
C LEU A 135 -47.75 9.40 -13.78
N CYS A 136 -46.58 8.86 -13.42
CA CYS A 136 -45.54 9.58 -12.72
C CYS A 136 -45.12 10.93 -13.32
N VAL A 137 -44.78 10.96 -14.64
CA VAL A 137 -44.38 12.22 -15.30
C VAL A 137 -45.53 13.25 -15.29
N GLY A 138 -46.78 12.77 -15.35
CA GLY A 138 -47.94 13.60 -15.18
C GLY A 138 -47.91 14.48 -13.93
N GLY A 139 -47.21 14.06 -12.90
CA GLY A 139 -47.24 14.80 -11.64
C GLY A 139 -45.95 15.52 -11.41
N CYS A 140 -45.03 15.56 -12.39
CA CYS A 140 -43.67 16.02 -12.12
C CYS A 140 -43.67 17.52 -11.87
N ASN A 141 -42.99 17.96 -10.82
CA ASN A 141 -42.88 19.40 -10.58
C ASN A 141 -42.20 20.20 -11.74
N LEU A 142 -41.21 19.61 -12.45
CA LEU A 142 -40.47 20.36 -13.49
C LEU A 142 -41.34 20.66 -14.67
N TYR A 143 -42.50 20.04 -14.73
CA TYR A 143 -43.47 20.55 -15.68
C TYR A 143 -43.73 22.07 -15.53
N ALA A 144 -43.60 22.65 -14.34
CA ALA A 144 -43.73 24.11 -14.22
C ALA A 144 -42.48 24.86 -14.72
N THR A 145 -41.64 24.24 -15.54
CA THR A 145 -40.54 25.00 -16.14
C THR A 145 -40.62 24.85 -17.65
N GLU A 146 -39.98 25.82 -18.37
CA GLU A 146 -40.07 25.84 -19.83
C GLU A 146 -39.49 24.55 -20.42
N GLU A 147 -38.46 24.02 -19.79
CA GLU A 147 -37.93 22.76 -20.31
C GLU A 147 -38.69 21.51 -19.86
N GLY A 148 -39.55 21.58 -18.88
CA GLY A 148 -40.46 20.46 -18.80
C GLY A 148 -40.01 19.38 -17.87
N SER A 149 -40.86 18.39 -17.78
CA SER A 149 -40.79 17.29 -16.83
C SER A 149 -39.68 16.32 -17.17
N ILE A 150 -39.28 15.55 -16.18
CA ILE A 150 -38.22 14.60 -16.32
C ILE A 150 -38.67 13.37 -17.14
N ASN A 151 -37.80 12.88 -18.04
CA ASN A 151 -37.99 11.59 -18.74
C ASN A 151 -37.76 10.46 -17.70
N ILE A 152 -38.75 10.24 -16.80
CA ILE A 152 -38.50 9.30 -15.71
C ILE A 152 -38.39 7.89 -16.26
N GLY A 153 -39.22 7.60 -17.27
CA GLY A 153 -39.23 6.26 -17.84
C GLY A 153 -37.93 5.90 -18.54
N GLY A 154 -37.41 6.85 -19.33
CA GLY A 154 -36.10 6.67 -19.94
C GLY A 154 -35.04 6.43 -18.88
N LEU A 155 -35.08 7.21 -17.81
CA LEU A 155 -34.07 7.00 -16.75
C LEU A 155 -34.21 5.59 -16.12
N GLN A 156 -35.47 5.15 -15.83
CA GLN A 156 -35.69 3.83 -15.26
C GLN A 156 -35.13 2.75 -16.16
N GLN A 157 -35.47 2.82 -17.44
CA GLN A 157 -34.94 1.92 -18.45
C GLN A 157 -33.41 1.94 -18.53
N PHE A 158 -32.77 3.12 -18.40
CA PHE A 158 -31.32 3.12 -18.53
C PHE A 158 -30.68 2.37 -17.32
N ALA A 159 -31.06 2.71 -16.09
CA ALA A 159 -30.40 1.99 -14.99
C ALA A 159 -30.74 0.52 -15.02
N SER A 160 -31.95 0.20 -15.43
CA SER A 160 -32.29 -1.21 -15.49
C SER A 160 -31.45 -1.93 -16.55
N GLU A 161 -31.25 -1.31 -17.74
CA GLU A 161 -30.42 -1.95 -18.77
C GLU A 161 -28.98 -2.14 -18.27
N VAL A 162 -28.44 -1.14 -17.57
CA VAL A 162 -27.07 -1.33 -17.10
C VAL A 162 -27.06 -2.49 -16.14
N PHE A 163 -28.09 -2.58 -15.29
CA PHE A 163 -28.09 -3.71 -14.31
C PHE A 163 -28.21 -5.06 -15.06
N LYS A 164 -29.02 -5.10 -16.13
CA LYS A 164 -29.13 -6.33 -16.91
C LYS A 164 -27.76 -6.70 -17.46
N ALA A 165 -27.03 -5.71 -17.97
CA ALA A 165 -25.69 -5.96 -18.51
C ALA A 165 -24.74 -6.51 -17.48
N MET A 166 -24.89 -6.15 -16.22
CA MET A 166 -23.90 -6.73 -15.29
C MET A 166 -24.05 -8.25 -15.03
N ASN A 167 -25.22 -8.85 -15.32
CA ASN A 167 -25.52 -10.28 -15.07
C ASN A 167 -25.24 -10.65 -13.63
N ILE A 168 -25.83 -9.85 -12.75
CA ILE A 168 -25.90 -10.16 -11.32
C ILE A 168 -27.25 -10.82 -10.98
N PRO A 169 -27.28 -11.90 -10.20
CA PRO A 169 -28.55 -12.58 -9.93
C PRO A 169 -29.27 -11.96 -8.72
N GLN A 170 -30.54 -12.32 -8.57
CA GLN A 170 -31.27 -11.95 -7.35
C GLN A 170 -31.00 -13.03 -6.31
N ILE A 171 -30.83 -12.64 -5.05
CA ILE A 171 -30.71 -13.60 -3.95
C ILE A 171 -31.88 -13.45 -2.99
N ARG A 172 -32.17 -14.54 -2.30
CA ARG A 172 -33.13 -14.48 -1.23
C ARG A 172 -32.65 -13.51 -0.19
N ASN A 173 -33.54 -12.81 0.45
CA ASN A 173 -33.08 -11.81 1.42
C ASN A 173 -32.02 -12.29 2.47
N PRO A 174 -30.83 -11.70 2.56
CA PRO A 174 -29.80 -12.32 3.43
C PRO A 174 -30.16 -12.37 4.92
N CYS A 175 -31.10 -11.59 5.39
CA CYS A 175 -31.20 -11.55 6.82
C CYS A 175 -32.27 -12.53 7.34
N LEU A 176 -33.25 -13.02 6.43
CA LEU A 176 -34.11 -14.19 6.62
C LEU A 176 -33.33 -15.31 7.26
N PRO A 177 -34.00 -16.19 8.02
CA PRO A 177 -33.38 -17.45 8.49
C PRO A 177 -32.95 -18.30 7.32
N SER A 178 -32.16 -19.33 7.58
CA SER A 178 -31.82 -20.25 6.51
C SER A 178 -33.03 -21.15 6.13
N GLN A 179 -33.05 -21.58 4.86
CA GLN A 179 -34.21 -22.27 4.28
C GLN A 179 -34.69 -23.40 5.14
N GLU A 180 -33.74 -24.16 5.68
CA GLU A 180 -34.07 -25.25 6.55
C GLU A 180 -34.75 -24.82 7.87
N LYS A 181 -34.59 -23.55 8.28
CA LYS A 181 -35.04 -22.94 9.56
C LYS A 181 -36.36 -22.17 9.46
N MET A 182 -37.05 -22.24 8.33
CA MET A 182 -38.30 -21.51 8.23
C MET A 182 -39.41 -22.26 8.95
N PRO A 183 -40.38 -21.54 9.46
CA PRO A 183 -41.62 -22.17 9.87
C PRO A 183 -42.23 -22.99 8.75
N GLU A 184 -42.99 -23.97 9.16
CA GLU A 184 -43.70 -24.82 8.25
C GLU A 184 -44.56 -24.02 7.25
N ALA A 185 -45.17 -22.92 7.69
CA ALA A 185 -46.12 -22.17 6.86
C ALA A 185 -45.52 -21.76 5.51
N TYR A 186 -44.20 -21.53 5.49
CA TYR A 186 -43.56 -21.05 4.27
C TYR A 186 -43.39 -22.18 3.27
N SER A 187 -43.68 -23.42 3.71
CA SER A 187 -43.73 -24.48 2.75
C SER A 187 -45.09 -24.65 2.15
N ALA A 188 -46.04 -23.78 2.46
CA ALA A 188 -47.41 -23.96 1.92
C ALA A 188 -47.40 -24.02 0.41
N LYS A 189 -48.14 -24.95 -0.18
CA LYS A 189 -48.13 -24.97 -1.66
C LYS A 189 -48.95 -23.83 -2.19
N ILE A 190 -48.38 -23.04 -3.08
CA ILE A 190 -49.03 -21.85 -3.60
C ILE A 190 -49.16 -21.96 -5.13
N ALA A 191 -50.30 -21.51 -5.68
CA ALA A 191 -50.55 -21.66 -7.10
C ALA A 191 -50.87 -20.29 -7.68
N LEU A 192 -50.31 -20.02 -8.85
CA LEU A 192 -50.62 -18.82 -9.64
C LEU A 192 -51.03 -19.24 -11.04
N LEU A 193 -52.06 -18.62 -11.60
CA LEU A 193 -52.62 -19.02 -12.90
C LEU A 193 -52.35 -17.86 -13.86
N GLY A 194 -51.55 -18.10 -14.91
CA GLY A 194 -51.16 -17.03 -15.80
C GLY A 194 -49.78 -16.46 -15.51
N ALA A 195 -48.80 -16.68 -16.40
CA ALA A 195 -47.46 -16.11 -16.33
C ALA A 195 -47.32 -14.68 -16.86
N GLY A 196 -48.22 -13.77 -16.53
CA GLY A 196 -48.12 -12.43 -17.04
C GLY A 196 -47.53 -11.55 -15.94
N PRO A 197 -47.49 -10.22 -16.18
CA PRO A 197 -46.97 -9.29 -15.15
C PRO A 197 -47.59 -9.45 -13.74
N ALA A 198 -48.95 -9.66 -13.67
CA ALA A 198 -49.62 -9.73 -12.39
C ALA A 198 -49.06 -10.90 -11.58
N SER A 199 -49.01 -12.09 -12.18
CA SER A 199 -48.49 -13.23 -11.42
C SER A 199 -47.01 -13.19 -11.21
N ILE A 200 -46.25 -12.72 -12.19
CA ILE A 200 -44.81 -12.69 -11.96
C ILE A 200 -44.54 -11.84 -10.75
N SER A 201 -45.18 -10.69 -10.66
CA SER A 201 -44.96 -9.80 -9.52
C SER A 201 -45.44 -10.44 -8.21
N CYS A 202 -46.63 -11.04 -8.24
CA CYS A 202 -47.13 -11.76 -7.08
C CYS A 202 -46.17 -12.88 -6.63
N ALA A 203 -45.75 -13.75 -7.53
CA ALA A 203 -44.85 -14.83 -7.13
C ALA A 203 -43.52 -14.30 -6.65
N SER A 204 -43.00 -13.24 -7.26
CA SER A 204 -41.77 -12.62 -6.79
C SER A 204 -41.89 -12.11 -5.36
N PHE A 205 -42.95 -11.35 -5.05
CA PHE A 205 -42.90 -10.90 -3.71
C PHE A 205 -43.10 -12.06 -2.74
N LEU A 206 -43.90 -13.11 -3.09
CA LEU A 206 -44.07 -14.18 -2.10
C LEU A 206 -42.74 -14.88 -1.87
N ALA A 207 -41.94 -14.94 -2.92
CA ALA A 207 -40.69 -15.65 -2.72
C ALA A 207 -39.76 -14.79 -1.91
N ARG A 208 -39.82 -13.47 -2.06
CA ARG A 208 -39.00 -12.61 -1.17
C ARG A 208 -39.36 -12.81 0.28
N LEU A 209 -40.65 -13.06 0.53
CA LEU A 209 -41.05 -13.32 1.93
C LEU A 209 -40.54 -14.66 2.40
N GLY A 210 -40.07 -15.54 1.50
CA GLY A 210 -39.55 -16.80 1.98
C GLY A 210 -40.36 -18.04 1.66
N TYR A 211 -41.46 -17.92 0.92
CA TYR A 211 -42.24 -19.09 0.55
C TYR A 211 -41.44 -19.94 -0.42
N SER A 212 -41.34 -21.23 -0.12
CA SER A 212 -40.43 -22.11 -0.87
C SER A 212 -41.15 -22.91 -1.98
N ASP A 213 -42.48 -22.85 -2.13
CA ASP A 213 -43.13 -23.83 -3.05
C ASP A 213 -44.22 -23.13 -3.84
N ILE A 214 -43.80 -22.42 -4.91
CA ILE A 214 -44.63 -21.46 -5.63
C ILE A 214 -44.56 -21.91 -7.09
N THR A 215 -45.72 -22.25 -7.65
CA THR A 215 -45.81 -22.61 -9.07
C THR A 215 -46.83 -21.72 -9.81
N ILE A 216 -46.39 -21.12 -10.96
CA ILE A 216 -47.24 -20.44 -11.93
C ILE A 216 -47.61 -21.48 -13.00
N PHE A 217 -48.90 -21.71 -13.20
CA PHE A 217 -49.31 -22.56 -14.29
C PHE A 217 -49.72 -21.66 -15.47
N GLU A 218 -49.16 -21.89 -16.66
CA GLU A 218 -49.38 -20.97 -17.74
C GLU A 218 -49.96 -21.75 -18.89
N LYS A 219 -50.99 -21.23 -19.52
CA LYS A 219 -51.63 -21.92 -20.66
C LYS A 219 -50.70 -22.14 -21.87
N GLN A 220 -50.00 -21.10 -22.36
CA GLN A 220 -49.21 -21.16 -23.58
C GLN A 220 -47.88 -21.88 -23.41
N GLU A 221 -47.06 -22.04 -24.49
CA GLU A 221 -45.67 -22.53 -24.42
C GLU A 221 -44.68 -21.42 -24.09
N TYR A 222 -45.06 -20.17 -24.11
CA TYR A 222 -44.21 -19.00 -23.86
C TYR A 222 -44.66 -18.38 -22.54
N VAL A 223 -43.88 -17.47 -21.99
CA VAL A 223 -44.20 -16.83 -20.72
C VAL A 223 -44.08 -15.33 -20.92
N GLY A 224 -44.68 -14.55 -20.03
CA GLY A 224 -44.63 -13.09 -20.08
C GLY A 224 -45.97 -12.45 -20.36
N GLY A 225 -47.03 -13.24 -20.58
CA GLY A 225 -48.29 -12.75 -21.04
C GLY A 225 -48.16 -11.78 -22.20
N LEU A 226 -48.94 -10.69 -22.13
CA LEU A 226 -49.02 -9.76 -23.24
C LEU A 226 -47.66 -9.16 -23.55
N SER A 227 -46.82 -8.96 -22.53
CA SER A 227 -45.49 -8.41 -22.83
C SER A 227 -44.75 -9.26 -23.84
N THR A 228 -45.11 -10.54 -23.93
CA THR A 228 -44.49 -11.38 -24.95
C THR A 228 -45.32 -11.43 -26.21
N SER A 229 -46.58 -11.87 -26.14
CA SER A 229 -47.46 -12.20 -27.27
C SER A 229 -47.95 -10.98 -28.05
N GLU A 230 -47.99 -9.77 -27.46
CA GLU A 230 -48.58 -8.69 -28.26
C GLU A 230 -47.84 -7.35 -28.29
N ILE A 231 -47.25 -6.90 -27.19
CA ILE A 231 -46.53 -5.62 -27.33
C ILE A 231 -45.38 -5.82 -28.31
N PRO A 232 -45.19 -4.93 -29.27
CA PRO A 232 -44.23 -5.19 -30.33
C PRO A 232 -42.79 -5.13 -29.84
N GLN A 233 -41.96 -5.82 -30.60
CA GLN A 233 -40.58 -5.99 -30.31
C GLN A 233 -39.87 -4.66 -30.47
N PHE A 234 -40.44 -3.76 -31.25
CA PHE A 234 -39.86 -2.45 -31.44
C PHE A 234 -40.24 -1.49 -30.34
N ARG A 235 -41.04 -1.89 -29.37
CA ARG A 235 -41.23 -1.12 -28.14
C ARG A 235 -40.65 -1.83 -26.94
N LEU A 236 -40.79 -3.15 -26.90
CA LEU A 236 -40.36 -4.01 -25.77
C LEU A 236 -39.59 -5.26 -26.22
N PRO A 237 -38.26 -5.27 -26.20
CA PRO A 237 -37.57 -6.45 -26.74
C PRO A 237 -37.83 -7.65 -25.84
N TYR A 238 -38.07 -8.81 -26.49
CA TYR A 238 -38.30 -10.04 -25.73
C TYR A 238 -37.19 -10.32 -24.73
N ASP A 239 -35.92 -9.99 -25.04
CA ASP A 239 -34.87 -10.31 -24.07
C ASP A 239 -35.09 -9.61 -22.70
N VAL A 240 -35.81 -8.48 -22.65
CA VAL A 240 -36.17 -7.81 -21.40
C VAL A 240 -37.15 -8.64 -20.59
N VAL A 241 -38.14 -9.25 -21.24
CA VAL A 241 -39.09 -10.08 -20.50
C VAL A 241 -38.35 -11.26 -19.86
N ASN A 242 -37.52 -11.89 -20.67
CA ASN A 242 -36.72 -13.04 -20.25
C ASN A 242 -35.82 -12.71 -19.05
N PHE A 243 -35.19 -11.53 -19.07
CA PHE A 243 -34.29 -11.13 -17.98
C PHE A 243 -35.08 -11.05 -16.68
N GLU A 244 -36.26 -10.45 -16.72
CA GLU A 244 -37.10 -10.32 -15.51
C GLU A 244 -37.73 -11.67 -15.06
N ILE A 245 -38.09 -12.54 -16.00
CA ILE A 245 -38.48 -13.88 -15.58
C ILE A 245 -37.28 -14.63 -14.96
N GLU A 246 -36.11 -14.59 -15.61
CA GLU A 246 -34.95 -15.22 -14.97
C GLU A 246 -34.63 -14.62 -13.58
N LEU A 247 -34.86 -13.33 -13.36
CA LEU A 247 -34.62 -12.80 -11.99
C LEU A 247 -35.56 -13.43 -10.99
N MET A 248 -36.82 -13.61 -11.38
CA MET A 248 -37.77 -14.28 -10.54
C MET A 248 -37.34 -15.71 -10.30
N LYS A 249 -36.93 -16.43 -11.35
CA LYS A 249 -36.56 -17.82 -11.13
C LYS A 249 -35.39 -17.98 -10.17
N ASP A 250 -34.52 -16.97 -10.06
CA ASP A 250 -33.46 -16.94 -9.01
C ASP A 250 -33.98 -17.21 -7.57
N LEU A 251 -35.18 -16.71 -7.22
CA LEU A 251 -35.85 -17.07 -5.96
C LEU A 251 -36.57 -18.38 -5.98
N GLY A 252 -36.41 -19.27 -6.98
CA GLY A 252 -37.02 -20.59 -6.93
C GLY A 252 -38.48 -20.73 -7.35
N VAL A 253 -39.16 -19.65 -7.78
CA VAL A 253 -40.48 -19.78 -8.45
C VAL A 253 -40.42 -20.78 -9.62
N LYS A 254 -41.43 -21.64 -9.68
CA LYS A 254 -41.49 -22.68 -10.69
C LYS A 254 -42.51 -22.29 -11.72
N ILE A 255 -42.27 -22.55 -13.02
CA ILE A 255 -43.23 -22.23 -14.07
C ILE A 255 -43.57 -23.50 -14.81
N ILE A 256 -44.86 -23.86 -14.85
CA ILE A 256 -45.31 -24.98 -15.67
C ILE A 256 -46.20 -24.44 -16.78
N CYS A 257 -45.85 -24.82 -18.03
CA CYS A 257 -46.46 -24.39 -19.30
C CYS A 257 -47.35 -25.49 -19.79
N GLY A 258 -48.42 -25.08 -20.42
CA GLY A 258 -49.28 -25.99 -21.08
C GLY A 258 -50.34 -26.54 -20.21
N LYS A 259 -50.69 -25.80 -19.17
CA LYS A 259 -51.63 -26.21 -18.14
C LYS A 259 -52.53 -25.00 -17.96
N SER A 260 -53.84 -25.17 -18.16
CA SER A 260 -54.83 -24.12 -18.15
C SER A 260 -55.78 -24.28 -16.99
N LEU A 261 -56.21 -23.13 -16.50
CA LEU A 261 -57.40 -22.98 -15.66
C LEU A 261 -58.62 -23.18 -16.55
N SER A 262 -59.38 -24.24 -16.30
CA SER A 262 -60.41 -24.64 -17.24
C SER A 262 -61.04 -25.90 -16.78
N GLU A 263 -62.35 -26.04 -17.05
CA GLU A 263 -63.11 -27.29 -16.81
C GLU A 263 -62.31 -28.49 -17.28
N ASN A 264 -62.31 -29.52 -16.51
CA ASN A 264 -61.53 -30.67 -16.93
C ASN A 264 -60.05 -30.41 -17.15
N GLU A 265 -59.49 -29.26 -16.75
CA GLU A 265 -58.06 -29.26 -16.46
C GLU A 265 -57.83 -28.72 -15.04
N ILE A 266 -57.10 -27.61 -14.83
CA ILE A 266 -56.96 -27.05 -13.49
C ILE A 266 -58.25 -26.29 -13.11
N THR A 267 -58.88 -26.66 -12.00
CA THR A 267 -59.89 -25.82 -11.37
C THR A 267 -59.51 -25.52 -9.91
N LEU A 268 -60.25 -24.57 -9.32
CA LEU A 268 -60.03 -24.30 -7.91
C LEU A 268 -60.28 -25.58 -7.14
N ASN A 269 -61.29 -26.37 -7.53
CA ASN A 269 -61.54 -27.64 -6.83
C ASN A 269 -60.34 -28.59 -6.91
N THR A 270 -59.71 -28.71 -8.09
CA THR A 270 -58.59 -29.63 -8.23
C THR A 270 -57.36 -29.12 -7.45
N LEU A 271 -57.08 -27.81 -7.50
CA LEU A 271 -56.05 -27.24 -6.61
C LEU A 271 -56.32 -27.54 -5.12
N LYS A 272 -57.60 -27.45 -4.73
CA LYS A 272 -57.96 -27.68 -3.36
C LYS A 272 -57.71 -29.14 -3.01
N GLU A 273 -58.17 -30.08 -3.84
CA GLU A 273 -57.92 -31.50 -3.58
C GLU A 273 -56.43 -31.79 -3.49
N GLU A 274 -55.62 -31.13 -4.29
CA GLU A 274 -54.21 -31.51 -4.38
C GLU A 274 -53.36 -30.80 -3.34
N GLY A 275 -53.97 -30.15 -2.36
CA GLY A 275 -53.20 -29.62 -1.25
C GLY A 275 -52.74 -28.18 -1.41
N TYR A 276 -53.13 -27.47 -2.49
CA TYR A 276 -52.70 -26.07 -2.63
C TYR A 276 -53.35 -25.21 -1.58
N LYS A 277 -52.57 -24.34 -0.99
CA LYS A 277 -53.14 -23.59 0.12
C LYS A 277 -53.61 -22.21 -0.25
N ALA A 278 -53.24 -21.65 -1.41
CA ALA A 278 -53.73 -20.33 -1.85
C ALA A 278 -53.53 -20.20 -3.37
N ALA A 279 -54.45 -19.51 -4.08
CA ALA A 279 -54.29 -19.39 -5.51
C ALA A 279 -54.45 -17.93 -5.91
N PHE A 280 -53.64 -17.46 -6.86
CA PHE A 280 -53.75 -16.13 -7.47
C PHE A 280 -54.16 -16.25 -8.94
N ILE A 281 -55.25 -15.57 -9.33
CA ILE A 281 -55.83 -15.66 -10.68
C ILE A 281 -55.26 -14.48 -11.46
N GLY A 282 -54.39 -14.74 -12.43
CA GLY A 282 -53.68 -13.70 -13.16
C GLY A 282 -53.76 -13.98 -14.62
N ILE A 283 -54.89 -14.53 -15.08
CA ILE A 283 -54.99 -14.97 -16.45
C ILE A 283 -55.36 -13.86 -17.37
N GLY A 284 -55.43 -12.62 -16.88
CA GLY A 284 -55.88 -11.64 -17.95
C GLY A 284 -57.26 -11.85 -18.64
N LEU A 285 -57.36 -11.15 -19.80
CA LEU A 285 -58.57 -11.06 -20.61
C LEU A 285 -58.24 -11.77 -21.91
N PRO A 286 -58.45 -13.07 -21.96
CA PRO A 286 -57.81 -13.88 -22.99
C PRO A 286 -58.48 -13.83 -24.37
N GLU A 287 -59.67 -13.28 -24.52
CA GLU A 287 -60.32 -13.39 -25.83
C GLU A 287 -60.54 -12.02 -26.49
N PRO A 288 -60.67 -11.95 -27.80
CA PRO A 288 -60.92 -10.65 -28.42
C PRO A 288 -62.37 -10.22 -28.28
N LYS A 289 -62.57 -8.90 -28.12
CA LYS A 289 -63.88 -8.30 -28.19
C LYS A 289 -64.28 -8.20 -29.68
N THR A 290 -65.51 -8.61 -30.02
CA THR A 290 -65.82 -8.94 -31.42
C THR A 290 -67.05 -8.21 -31.84
N ASP A 291 -67.19 -7.94 -33.13
CA ASP A 291 -68.41 -7.30 -33.69
C ASP A 291 -69.13 -8.31 -34.53
N ASP A 292 -70.46 -8.46 -34.33
CA ASP A 292 -71.24 -9.32 -35.21
C ASP A 292 -71.01 -8.99 -36.67
N ILE A 293 -70.70 -7.74 -36.99
CA ILE A 293 -70.60 -7.50 -38.43
C ILE A 293 -69.45 -8.26 -39.08
N PHE A 294 -68.46 -8.78 -38.32
CA PHE A 294 -67.34 -9.51 -38.92
C PHE A 294 -67.48 -11.03 -38.86
N GLN A 295 -68.60 -11.58 -38.42
CA GLN A 295 -68.63 -13.02 -38.17
C GLN A 295 -68.41 -13.80 -39.45
N GLY A 296 -67.61 -14.86 -39.35
CA GLY A 296 -67.40 -15.69 -40.50
C GLY A 296 -66.25 -15.22 -41.38
N LEU A 297 -65.68 -14.06 -41.19
CA LEU A 297 -64.54 -13.72 -42.00
C LEU A 297 -63.31 -14.46 -41.52
N THR A 298 -62.42 -14.75 -42.43
CA THR A 298 -61.23 -15.53 -42.12
C THR A 298 -59.93 -14.79 -42.38
N GLN A 299 -58.84 -15.40 -41.93
CA GLN A 299 -57.55 -14.79 -42.15
C GLN A 299 -57.18 -14.81 -43.62
N ASP A 300 -57.56 -15.86 -44.34
CA ASP A 300 -57.28 -15.91 -45.76
C ASP A 300 -58.10 -14.87 -46.55
N GLN A 301 -59.28 -14.45 -46.05
CA GLN A 301 -59.98 -13.32 -46.69
C GLN A 301 -59.31 -11.97 -46.39
N GLY A 302 -58.41 -11.93 -45.44
CA GLY A 302 -57.80 -10.68 -45.02
C GLY A 302 -58.26 -10.14 -43.66
N PHE A 303 -59.05 -10.91 -42.88
CA PHE A 303 -59.54 -10.42 -41.59
C PHE A 303 -58.78 -11.03 -40.40
N TYR A 304 -58.48 -10.19 -39.43
CA TYR A 304 -57.78 -10.58 -38.18
C TYR A 304 -58.41 -9.82 -37.03
N THR A 305 -58.46 -10.44 -35.87
CA THR A 305 -58.56 -9.63 -34.67
C THR A 305 -57.16 -9.38 -34.12
N SER A 306 -57.06 -8.46 -33.17
CA SER A 306 -55.77 -8.14 -32.62
C SER A 306 -55.17 -9.34 -31.96
N LYS A 307 -56.05 -10.20 -31.43
CA LYS A 307 -55.60 -11.39 -30.75
C LYS A 307 -55.12 -12.43 -31.76
N ASP A 308 -55.59 -12.42 -33.04
CA ASP A 308 -54.84 -13.31 -33.92
C ASP A 308 -53.60 -12.64 -34.48
N PHE A 309 -53.67 -11.34 -34.78
CA PHE A 309 -52.60 -10.69 -35.56
C PHE A 309 -51.36 -10.35 -34.74
N LEU A 310 -51.51 -9.67 -33.58
CA LEU A 310 -50.28 -9.31 -32.85
C LEU A 310 -49.41 -10.52 -32.40
N PRO A 311 -49.94 -11.62 -31.85
CA PRO A 311 -49.04 -12.77 -31.63
C PRO A 311 -48.43 -13.34 -32.89
N LEU A 312 -49.08 -13.26 -34.05
CA LEU A 312 -48.42 -13.78 -35.24
C LEU A 312 -47.23 -12.91 -35.55
N VAL A 313 -47.33 -11.57 -35.39
CA VAL A 313 -46.12 -10.80 -35.63
C VAL A 313 -45.05 -11.10 -34.53
N ALA A 314 -45.49 -11.29 -33.29
CA ALA A 314 -44.49 -11.56 -32.24
C ALA A 314 -43.74 -12.89 -32.46
N LYS A 315 -44.44 -13.98 -32.73
CA LYS A 315 -43.75 -15.26 -32.91
C LYS A 315 -42.72 -15.15 -33.99
N SER A 316 -42.93 -14.26 -34.94
CA SER A 316 -41.99 -14.02 -36.00
C SER A 316 -40.80 -13.09 -35.61
N SER A 317 -40.92 -12.19 -34.67
CA SER A 317 -39.91 -11.15 -34.56
C SER A 317 -39.22 -11.14 -33.21
N LYS A 318 -39.60 -12.03 -32.34
CA LYS A 318 -39.08 -12.08 -30.99
C LYS A 318 -38.27 -13.35 -30.86
N ALA A 319 -36.93 -13.22 -30.89
CA ALA A 319 -36.07 -14.37 -30.98
C ALA A 319 -36.31 -15.38 -29.83
N GLY A 320 -36.75 -16.60 -30.22
CA GLY A 320 -37.04 -17.66 -29.27
C GLY A 320 -38.03 -17.23 -28.19
N MET A 321 -39.09 -16.60 -28.61
CA MET A 321 -40.30 -16.68 -27.84
C MET A 321 -40.81 -18.11 -27.91
N CYS A 322 -40.76 -18.66 -29.10
CA CYS A 322 -41.12 -20.03 -29.42
C CYS A 322 -39.83 -20.78 -29.73
N ALA A 323 -39.93 -22.11 -29.83
CA ALA A 323 -38.90 -22.85 -30.55
C ALA A 323 -39.21 -22.89 -32.05
N CYS A 324 -40.45 -22.50 -32.44
CA CYS A 324 -40.85 -22.30 -33.85
C CYS A 324 -40.10 -21.11 -34.47
N HIS A 325 -39.43 -21.32 -35.64
CA HIS A 325 -39.22 -20.24 -36.60
C HIS A 325 -40.53 -19.97 -37.32
N SER A 326 -40.55 -18.94 -38.14
CA SER A 326 -41.88 -18.34 -38.27
C SER A 326 -41.81 -17.15 -39.20
N PRO A 327 -42.55 -17.12 -40.34
CA PRO A 327 -42.50 -15.99 -41.27
C PRO A 327 -43.47 -14.88 -40.86
N LEU A 328 -43.24 -13.67 -41.39
CA LEU A 328 -44.16 -12.61 -41.03
C LEU A 328 -45.49 -12.85 -41.71
N PRO A 329 -46.58 -12.44 -41.10
CA PRO A 329 -47.81 -12.25 -41.89
C PRO A 329 -47.52 -11.35 -43.09
N SER A 330 -48.07 -11.72 -44.22
CA SER A 330 -47.78 -11.01 -45.42
C SER A 330 -49.02 -10.20 -45.62
N ILE A 331 -48.86 -8.90 -45.40
CA ILE A 331 -49.95 -7.95 -45.16
C ILE A 331 -49.75 -6.90 -46.26
N ARG A 332 -50.59 -6.93 -47.27
CA ARG A 332 -50.18 -6.16 -48.44
C ARG A 332 -51.36 -5.28 -48.84
N GLY A 333 -51.08 -4.14 -49.47
CA GLY A 333 -52.17 -3.21 -49.77
C GLY A 333 -52.56 -2.36 -48.55
N ALA A 334 -53.80 -1.96 -48.53
CA ALA A 334 -54.28 -1.03 -47.56
C ALA A 334 -54.92 -1.79 -46.39
N VAL A 335 -54.58 -1.36 -45.20
CA VAL A 335 -55.01 -1.96 -43.94
C VAL A 335 -55.92 -0.99 -43.18
N ILE A 336 -57.06 -1.47 -42.75
CA ILE A 336 -57.95 -0.73 -41.88
C ILE A 336 -57.82 -1.31 -40.47
N VAL A 337 -57.47 -0.50 -39.48
CA VAL A 337 -57.45 -0.95 -38.10
C VAL A 337 -58.60 -0.26 -37.35
N LEU A 338 -59.55 -1.03 -36.79
CA LEU A 338 -60.65 -0.42 -36.04
C LEU A 338 -60.38 -0.43 -34.56
N GLY A 339 -60.27 0.77 -33.97
CA GLY A 339 -60.04 0.93 -32.54
C GLY A 339 -59.23 2.19 -32.25
N ALA A 340 -59.26 2.62 -30.98
CA ALA A 340 -58.55 3.82 -30.55
C ALA A 340 -57.78 3.68 -29.27
N GLY A 341 -57.53 2.44 -28.81
CA GLY A 341 -56.69 2.17 -27.66
C GLY A 341 -55.29 1.80 -28.07
N ASP A 342 -54.51 1.41 -27.06
CA ASP A 342 -53.15 0.94 -27.28
C ASP A 342 -53.14 -0.16 -28.34
N THR A 343 -54.03 -1.12 -28.22
CA THR A 343 -54.05 -2.24 -29.13
C THR A 343 -54.09 -1.80 -30.59
N ALA A 344 -54.83 -0.73 -30.90
CA ALA A 344 -55.01 -0.43 -32.34
C ALA A 344 -53.76 0.23 -32.92
N PHE A 345 -53.10 1.07 -32.10
CA PHE A 345 -51.93 1.76 -32.59
C PHE A 345 -50.79 0.78 -32.80
N ASP A 346 -50.73 -0.29 -31.98
CA ASP A 346 -49.73 -1.37 -32.14
C ASP A 346 -50.02 -2.25 -33.35
N CYS A 347 -51.29 -2.47 -33.66
CA CYS A 347 -51.66 -3.15 -34.92
C CYS A 347 -51.26 -2.31 -36.11
N ALA A 348 -51.49 -0.99 -36.01
CA ALA A 348 -51.16 -0.09 -37.11
C ALA A 348 -49.68 -0.12 -37.41
N THR A 349 -48.84 0.16 -36.39
CA THR A 349 -47.37 0.15 -36.61
C THR A 349 -46.83 -1.23 -37.01
N SER A 350 -47.29 -2.32 -36.36
CA SER A 350 -46.88 -3.66 -36.77
C SER A 350 -47.31 -4.00 -38.18
N ALA A 351 -48.46 -3.48 -38.63
CA ALA A 351 -48.83 -3.83 -40.02
C ALA A 351 -47.79 -3.26 -41.00
N LEU A 352 -47.21 -2.10 -40.72
CA LEU A 352 -46.18 -1.64 -41.65
C LEU A 352 -44.97 -2.57 -41.65
N ARG A 353 -44.65 -3.22 -40.52
CA ARG A 353 -43.50 -4.10 -40.52
C ARG A 353 -43.75 -5.31 -41.39
N CYS A 354 -45.01 -5.62 -41.65
CA CYS A 354 -45.46 -6.74 -42.43
C CYS A 354 -45.61 -6.41 -43.90
N GLY A 355 -45.55 -5.12 -44.28
CA GLY A 355 -45.47 -4.73 -45.67
C GLY A 355 -46.64 -3.87 -46.07
N ALA A 356 -47.39 -3.39 -45.12
CA ALA A 356 -48.60 -2.69 -45.53
C ALA A 356 -48.15 -1.45 -46.28
N ARG A 357 -48.78 -1.20 -47.43
CA ARG A 357 -48.55 0.04 -48.16
C ARG A 357 -49.07 1.26 -47.41
N ARG A 358 -50.22 1.12 -46.71
CA ARG A 358 -50.91 2.24 -46.12
C ARG A 358 -51.81 1.73 -44.98
N VAL A 359 -51.99 2.55 -43.94
CA VAL A 359 -52.78 2.14 -42.77
C VAL A 359 -53.73 3.25 -42.39
N PHE A 360 -55.00 2.89 -42.23
CA PHE A 360 -56.10 3.69 -41.70
C PHE A 360 -56.48 3.20 -40.32
N LEU A 361 -56.33 4.03 -39.35
CA LEU A 361 -56.91 3.78 -38.06
C LEU A 361 -58.28 4.39 -38.10
N VAL A 362 -59.32 3.63 -37.78
CA VAL A 362 -60.68 4.16 -37.85
C VAL A 362 -61.35 4.09 -36.49
N PHE A 363 -61.95 5.20 -36.07
CA PHE A 363 -62.56 5.33 -34.75
C PHE A 363 -64.04 5.58 -34.85
N ARG A 364 -64.77 5.11 -33.83
CA ARG A 364 -66.20 5.35 -33.65
C ARG A 364 -66.46 6.80 -33.25
N LYS A 365 -65.62 7.36 -32.39
CA LYS A 365 -65.81 8.74 -31.97
C LYS A 365 -64.73 9.58 -32.67
N GLY A 366 -64.39 10.73 -32.10
CA GLY A 366 -63.47 11.68 -32.69
C GLY A 366 -62.04 11.58 -32.16
N PHE A 367 -61.22 12.43 -32.76
CA PHE A 367 -59.86 12.54 -32.26
C PHE A 367 -59.83 12.94 -30.79
N VAL A 368 -60.77 13.74 -30.33
CA VAL A 368 -60.63 14.15 -28.94
C VAL A 368 -60.72 12.96 -27.98
N ASN A 369 -61.41 11.89 -28.36
CA ASN A 369 -61.77 10.79 -27.45
C ASN A 369 -60.83 9.60 -27.58
N ILE A 370 -59.70 9.77 -28.28
CA ILE A 370 -58.72 8.69 -28.34
C ILE A 370 -58.34 8.26 -26.93
N ARG A 371 -58.20 6.91 -26.75
CA ARG A 371 -57.92 6.27 -25.48
C ARG A 371 -56.41 6.14 -25.20
N ALA A 372 -55.58 5.94 -26.23
CA ALA A 372 -54.13 5.76 -25.95
C ALA A 372 -53.54 7.08 -25.44
N VAL A 373 -52.35 7.04 -24.80
CA VAL A 373 -51.87 8.35 -24.39
C VAL A 373 -51.22 8.98 -25.61
N PRO A 374 -51.01 10.29 -25.60
CA PRO A 374 -50.38 10.96 -26.74
C PRO A 374 -49.02 10.39 -27.22
N GLU A 375 -48.15 9.93 -26.31
CA GLU A 375 -46.87 9.35 -26.77
C GLU A 375 -47.12 8.14 -27.64
N GLU A 376 -48.14 7.38 -27.34
CA GLU A 376 -48.49 6.21 -28.14
C GLU A 376 -49.15 6.59 -29.46
N VAL A 377 -49.98 7.65 -29.46
CA VAL A 377 -50.56 8.15 -30.71
C VAL A 377 -49.43 8.55 -31.63
N GLU A 378 -48.46 9.20 -31.03
CA GLU A 378 -47.42 9.85 -31.76
C GLU A 378 -46.66 8.88 -32.63
N LEU A 379 -46.38 7.69 -32.11
CA LEU A 379 -45.67 6.72 -32.89
C LEU A 379 -46.42 6.39 -34.19
N ALA A 380 -47.75 6.29 -34.15
CA ALA A 380 -48.47 6.00 -35.39
C ALA A 380 -48.53 7.22 -36.27
N LYS A 381 -48.69 8.41 -35.66
CA LYS A 381 -48.68 9.65 -36.44
C LYS A 381 -47.37 9.79 -37.22
N GLU A 382 -46.24 9.65 -36.54
CA GLU A 382 -44.98 9.90 -37.23
C GLU A 382 -44.71 8.85 -38.30
N GLU A 383 -45.34 7.70 -38.26
CA GLU A 383 -45.18 6.76 -39.35
C GLU A 383 -46.26 6.91 -40.45
N LYS A 384 -46.99 8.02 -40.43
CA LYS A 384 -47.92 8.43 -41.45
C LYS A 384 -49.14 7.49 -41.59
N CYS A 385 -49.62 6.90 -40.48
CA CYS A 385 -50.97 6.34 -40.51
C CYS A 385 -51.96 7.46 -40.76
N GLU A 386 -53.12 7.12 -41.33
CA GLU A 386 -54.18 8.11 -41.44
C GLU A 386 -55.25 7.85 -40.41
N PHE A 387 -55.78 8.90 -39.81
CA PHE A 387 -56.83 8.69 -38.81
C PHE A 387 -58.17 9.12 -39.40
N LEU A 388 -59.18 8.24 -39.35
CA LEU A 388 -60.57 8.59 -39.75
C LEU A 388 -61.55 8.54 -38.57
N PRO A 389 -61.99 9.68 -38.07
CA PRO A 389 -62.92 9.68 -36.94
C PRO A 389 -64.39 9.58 -37.38
N PHE A 390 -65.25 9.24 -36.41
CA PHE A 390 -66.71 9.29 -36.54
C PHE A 390 -67.23 8.33 -37.62
N LEU A 391 -66.67 7.13 -37.67
CA LEU A 391 -67.15 6.10 -38.57
C LEU A 391 -67.46 4.87 -37.75
N SER A 392 -68.62 4.22 -38.01
CA SER A 392 -68.97 2.95 -37.42
C SER A 392 -69.16 1.94 -38.53
N PRO A 393 -68.62 0.74 -38.41
CA PRO A 393 -68.60 -0.16 -39.56
C PRO A 393 -69.93 -0.86 -39.72
N ARG A 394 -70.32 -1.09 -41.00
CA ARG A 394 -71.61 -1.70 -41.37
C ARG A 394 -71.49 -2.95 -42.20
N LYS A 395 -70.65 -2.96 -43.26
CA LYS A 395 -70.56 -4.10 -44.17
C LYS A 395 -69.12 -4.33 -44.58
N VAL A 396 -68.72 -5.60 -44.70
CA VAL A 396 -67.42 -5.94 -45.29
C VAL A 396 -67.70 -6.59 -46.63
N ILE A 397 -67.14 -6.03 -47.68
CA ILE A 397 -67.39 -6.53 -49.02
C ILE A 397 -66.23 -7.44 -49.38
N VAL A 398 -66.53 -8.63 -49.88
CA VAL A 398 -65.56 -9.68 -50.20
C VAL A 398 -65.73 -10.05 -51.68
N LYS A 399 -64.70 -9.87 -52.47
CA LYS A 399 -64.82 -10.33 -53.85
C LYS A 399 -63.61 -11.20 -54.17
N GLY A 400 -63.87 -12.29 -54.87
CA GLY A 400 -62.86 -13.28 -55.17
C GLY A 400 -62.11 -13.70 -53.93
N GLY A 401 -62.82 -13.97 -52.85
CA GLY A 401 -62.23 -14.54 -51.68
C GLY A 401 -61.35 -13.62 -50.87
N ARG A 402 -61.16 -12.37 -51.26
CA ARG A 402 -60.40 -11.37 -50.50
C ARG A 402 -61.36 -10.22 -50.13
N ILE A 403 -61.13 -9.67 -48.95
CA ILE A 403 -61.76 -8.42 -48.63
C ILE A 403 -61.35 -7.35 -49.62
N VAL A 404 -62.30 -6.61 -50.19
CA VAL A 404 -61.88 -5.47 -50.98
C VAL A 404 -62.30 -4.12 -50.45
N ALA A 405 -63.23 -4.05 -49.51
CA ALA A 405 -63.74 -2.75 -49.03
C ALA A 405 -64.54 -3.00 -47.77
N VAL A 406 -64.67 -1.95 -46.94
CA VAL A 406 -65.57 -1.86 -45.80
C VAL A 406 -66.45 -0.61 -45.91
N GLN A 407 -67.72 -0.79 -45.63
CA GLN A 407 -68.69 0.29 -45.65
C GLN A 407 -69.01 0.75 -44.23
N PHE A 408 -68.99 2.07 -44.01
CA PHE A 408 -69.21 2.61 -42.68
C PHE A 408 -70.39 3.56 -42.70
N VAL A 409 -70.90 3.86 -41.54
CA VAL A 409 -71.80 5.00 -41.40
C VAL A 409 -71.15 6.02 -40.47
N ARG A 410 -71.41 7.31 -40.76
CA ARG A 410 -71.03 8.40 -39.89
C ARG A 410 -71.69 8.28 -38.53
N THR A 411 -70.93 8.54 -37.46
CA THR A 411 -71.52 8.71 -36.15
C THR A 411 -71.50 10.18 -35.71
N GLU A 412 -72.35 10.52 -34.78
CA GLU A 412 -72.30 11.88 -34.26
C GLU A 412 -72.94 11.92 -32.88
N GLN A 413 -72.80 13.10 -32.24
CA GLN A 413 -72.99 13.22 -30.80
C GLN A 413 -74.07 14.26 -30.51
N ASP A 414 -75.11 13.86 -29.78
CA ASP A 414 -76.22 14.74 -29.45
C ASP A 414 -75.96 15.57 -28.16
N GLU A 415 -76.57 16.74 -28.13
CA GLU A 415 -77.54 17.12 -27.09
C GLU A 415 -77.72 16.23 -25.84
N THR A 416 -76.68 15.60 -25.27
CA THR A 416 -76.73 14.80 -24.02
C THR A 416 -75.48 13.91 -23.97
N GLY A 417 -74.67 14.01 -25.04
CA GLY A 417 -73.48 13.20 -25.21
C GLY A 417 -73.78 11.76 -25.57
N LYS A 418 -74.88 11.55 -26.30
CA LYS A 418 -75.24 10.19 -26.68
C LYS A 418 -75.12 10.11 -28.20
N TRP A 419 -74.67 8.95 -28.62
CA TRP A 419 -73.81 8.80 -29.78
C TRP A 419 -74.56 8.13 -30.92
N ASN A 420 -75.16 8.90 -31.81
CA ASN A 420 -75.96 8.23 -32.82
C ASN A 420 -75.28 8.15 -34.16
N GLU A 421 -75.74 7.17 -34.92
CA GLU A 421 -75.31 6.90 -36.26
C GLU A 421 -76.32 7.55 -37.17
N ASP A 422 -75.92 7.81 -38.40
CA ASP A 422 -76.76 8.46 -39.41
C ASP A 422 -76.74 7.60 -40.65
N GLU A 423 -77.79 6.80 -40.78
CA GLU A 423 -77.92 5.84 -41.86
C GLU A 423 -77.78 6.44 -43.25
N ASP A 424 -78.12 7.68 -43.48
CA ASP A 424 -78.02 8.21 -44.82
C ASP A 424 -76.61 8.74 -45.17
N GLN A 425 -75.62 8.49 -44.32
CA GLN A 425 -74.32 9.14 -44.47
C GLN A 425 -73.23 8.06 -44.49
N ILE A 426 -72.84 7.62 -45.67
CA ILE A 426 -71.96 6.46 -45.69
C ILE A 426 -70.57 6.79 -46.26
N VAL A 427 -69.63 5.90 -45.93
CA VAL A 427 -68.26 5.91 -46.38
C VAL A 427 -67.99 4.50 -46.84
N HIS A 428 -67.55 4.36 -48.06
CA HIS A 428 -67.08 3.07 -48.58
C HIS A 428 -65.56 3.24 -48.77
N LEU A 429 -64.80 2.55 -47.96
CA LEU A 429 -63.37 2.75 -47.89
C LEU A 429 -62.77 1.48 -48.49
N LYS A 430 -61.97 1.61 -49.54
CA LYS A 430 -61.30 0.43 -50.06
C LYS A 430 -60.26 -0.06 -49.08
N ALA A 431 -60.08 -1.37 -49.05
CA ALA A 431 -59.02 -1.93 -48.20
C ALA A 431 -58.81 -3.42 -48.49
N ASP A 432 -57.59 -3.90 -48.19
CA ASP A 432 -57.35 -5.30 -48.38
C ASP A 432 -57.19 -6.07 -47.09
N VAL A 433 -57.07 -5.42 -45.95
CA VAL A 433 -56.88 -6.13 -44.69
C VAL A 433 -57.57 -5.31 -43.61
N VAL A 434 -58.31 -6.01 -42.78
CA VAL A 434 -59.08 -5.37 -41.71
C VAL A 434 -58.68 -5.97 -40.37
N ILE A 435 -58.24 -5.16 -39.44
CA ILE A 435 -57.78 -5.66 -38.16
C ILE A 435 -58.61 -5.06 -37.04
N SER A 436 -59.32 -5.89 -36.35
CA SER A 436 -60.26 -5.48 -35.37
C SER A 436 -59.45 -5.25 -34.10
N ALA A 437 -59.52 -4.07 -33.49
CA ALA A 437 -58.79 -3.88 -32.25
C ALA A 437 -59.69 -3.33 -31.21
N PHE A 438 -60.79 -4.01 -30.94
CA PHE A 438 -61.68 -3.33 -30.04
C PHE A 438 -61.32 -3.57 -28.59
N GLY A 439 -60.29 -4.34 -28.27
CA GLY A 439 -60.02 -4.68 -26.88
C GLY A 439 -60.19 -6.18 -26.63
N SER A 440 -60.29 -6.53 -25.33
CA SER A 440 -60.31 -7.94 -24.94
C SER A 440 -61.31 -8.17 -23.83
N VAL A 441 -61.69 -9.45 -23.77
CA VAL A 441 -62.75 -9.94 -22.89
C VAL A 441 -62.38 -11.27 -22.20
N LEU A 442 -63.20 -11.62 -21.27
CA LEU A 442 -63.16 -12.94 -20.64
C LEU A 442 -64.49 -13.63 -20.99
N ARG A 443 -64.52 -14.53 -21.96
CA ARG A 443 -65.80 -15.09 -22.28
C ARG A 443 -65.92 -16.57 -21.99
N ASP A 444 -64.97 -17.39 -22.35
CA ASP A 444 -64.94 -18.85 -22.13
C ASP A 444 -65.75 -19.39 -20.92
N PRO A 445 -66.92 -20.02 -21.22
CA PRO A 445 -67.68 -20.65 -20.15
C PRO A 445 -66.86 -21.69 -19.33
N LYS A 446 -65.98 -22.47 -19.96
CA LYS A 446 -65.24 -23.46 -19.18
C LYS A 446 -64.15 -22.86 -18.31
N VAL A 447 -63.70 -21.63 -18.65
CA VAL A 447 -62.75 -20.92 -17.80
C VAL A 447 -63.47 -20.36 -16.61
N LYS A 448 -64.63 -19.76 -16.85
CA LYS A 448 -65.39 -19.20 -15.75
C LYS A 448 -65.82 -20.31 -14.79
N GLU A 449 -66.20 -21.45 -15.34
CA GLU A 449 -66.63 -22.59 -14.51
C GLU A 449 -65.53 -23.05 -13.57
N ALA A 450 -64.28 -22.97 -14.03
CA ALA A 450 -63.15 -23.43 -13.23
C ALA A 450 -62.95 -22.58 -12.01
N LEU A 451 -63.47 -21.34 -12.06
CA LEU A 451 -63.39 -20.41 -10.94
C LEU A 451 -64.58 -20.60 -10.00
N SER A 452 -65.43 -21.58 -10.24
CA SER A 452 -66.55 -21.70 -9.29
C SER A 452 -65.98 -22.06 -7.91
N PRO A 453 -66.50 -21.47 -6.84
CA PRO A 453 -67.67 -20.63 -6.75
C PRO A 453 -67.42 -19.16 -6.49
N ILE A 454 -66.27 -18.57 -6.83
CA ILE A 454 -66.12 -17.14 -6.51
C ILE A 454 -67.20 -16.28 -7.18
N LYS A 455 -67.56 -15.21 -6.53
CA LYS A 455 -68.53 -14.25 -7.08
C LYS A 455 -67.98 -13.47 -8.29
N PHE A 456 -68.84 -13.28 -9.27
CA PHE A 456 -68.53 -12.47 -10.44
C PHE A 456 -69.39 -11.22 -10.39
N ASN A 457 -68.88 -10.10 -10.88
CA ASN A 457 -69.55 -8.83 -10.70
C ASN A 457 -70.39 -8.47 -11.94
N ARG A 458 -71.10 -7.36 -11.85
CA ARG A 458 -71.80 -6.66 -12.94
C ARG A 458 -71.11 -6.79 -14.33
N TRP A 459 -69.76 -6.83 -14.41
CA TRP A 459 -69.03 -6.92 -15.69
C TRP A 459 -68.68 -8.33 -16.09
N ASP A 460 -69.14 -9.32 -15.31
CA ASP A 460 -68.80 -10.72 -15.44
C ASP A 460 -67.32 -10.91 -15.22
N LEU A 461 -66.70 -10.10 -14.31
CA LEU A 461 -65.34 -10.33 -13.90
C LEU A 461 -65.30 -10.77 -12.41
N PRO A 462 -64.26 -11.47 -12.00
CA PRO A 462 -64.17 -11.92 -10.60
C PRO A 462 -64.12 -10.70 -9.72
N GLU A 463 -65.00 -10.67 -8.75
CA GLU A 463 -65.03 -9.62 -7.75
C GLU A 463 -63.88 -9.74 -6.73
N VAL A 464 -63.09 -8.70 -6.55
CA VAL A 464 -62.14 -8.73 -5.44
C VAL A 464 -62.38 -7.49 -4.58
N ASP A 465 -61.97 -7.60 -3.36
CA ASP A 465 -61.81 -6.41 -2.52
C ASP A 465 -60.59 -5.58 -2.99
N PRO A 466 -60.76 -4.26 -3.23
CA PRO A 466 -59.69 -3.46 -3.85
C PRO A 466 -58.52 -3.19 -2.93
N GLU A 467 -58.65 -3.45 -1.63
CA GLU A 467 -57.51 -3.34 -0.75
C GLU A 467 -56.72 -4.64 -0.68
N THR A 468 -57.38 -5.79 -0.62
CA THR A 468 -56.71 -7.04 -0.32
C THR A 468 -56.49 -7.90 -1.54
N MET A 469 -57.11 -7.55 -2.66
CA MET A 469 -57.21 -8.44 -3.83
C MET A 469 -57.77 -9.80 -3.53
N GLN A 470 -58.55 -10.02 -2.45
CA GLN A 470 -59.18 -11.33 -2.17
C GLN A 470 -60.52 -11.50 -2.88
N THR A 471 -60.77 -12.69 -3.44
CA THR A 471 -62.07 -13.02 -3.99
C THR A 471 -63.02 -13.40 -2.84
N SER A 472 -64.26 -13.70 -3.20
CA SER A 472 -65.22 -14.11 -2.18
C SER A 472 -64.87 -15.44 -1.56
N GLU A 473 -63.89 -16.15 -2.12
CA GLU A 473 -63.31 -17.29 -1.41
C GLU A 473 -62.02 -16.83 -0.74
N PRO A 474 -61.85 -16.99 0.58
CA PRO A 474 -60.71 -16.34 1.24
C PRO A 474 -59.33 -16.83 0.76
N TRP A 475 -59.22 -18.02 0.16
CA TRP A 475 -57.88 -18.46 -0.21
C TRP A 475 -57.56 -18.14 -1.65
N VAL A 476 -58.43 -17.42 -2.35
CA VAL A 476 -58.24 -17.14 -3.79
C VAL A 476 -58.19 -15.64 -3.98
N PHE A 477 -57.09 -15.14 -4.54
CA PHE A 477 -56.96 -13.74 -4.86
C PHE A 477 -56.83 -13.55 -6.39
N ALA A 478 -57.07 -12.34 -6.89
CA ALA A 478 -56.97 -12.14 -8.35
C ALA A 478 -56.43 -10.78 -8.65
N GLY A 479 -55.78 -10.64 -9.81
CA GLY A 479 -55.26 -9.31 -9.99
C GLY A 479 -54.91 -9.07 -11.44
N GLY A 480 -54.69 -7.81 -11.80
CA GLY A 480 -54.20 -7.66 -13.16
C GLY A 480 -55.35 -7.49 -14.10
N ASP A 481 -55.15 -7.82 -15.37
CA ASP A 481 -56.22 -7.39 -16.29
C ASP A 481 -57.56 -8.05 -15.93
N ILE A 482 -57.50 -9.23 -15.32
CA ILE A 482 -58.75 -9.96 -15.11
C ILE A 482 -59.67 -9.23 -14.18
N VAL A 483 -59.13 -8.43 -13.28
CA VAL A 483 -59.97 -7.71 -12.33
C VAL A 483 -60.68 -6.57 -13.02
N GLY A 484 -60.15 -6.05 -14.10
CA GLY A 484 -60.85 -4.98 -14.82
C GLY A 484 -60.63 -3.56 -14.37
N MET A 485 -59.65 -3.27 -13.51
CA MET A 485 -59.63 -1.92 -12.96
C MET A 485 -58.68 -1.03 -13.69
N ALA A 486 -57.60 -1.65 -14.12
CA ALA A 486 -56.45 -1.08 -14.80
C ALA A 486 -56.14 -1.83 -16.11
N ASN A 487 -55.49 -1.13 -17.03
CA ASN A 487 -54.78 -1.82 -18.12
C ASN A 487 -53.43 -1.11 -18.31
N THR A 488 -52.58 -1.17 -17.30
CA THR A 488 -51.17 -1.01 -17.54
C THR A 488 -50.39 -2.13 -16.88
N THR A 489 -49.17 -2.29 -17.41
CA THR A 489 -48.23 -3.23 -16.84
C THR A 489 -48.00 -2.90 -15.40
N VAL A 490 -47.71 -1.65 -15.10
CA VAL A 490 -47.33 -1.31 -13.74
C VAL A 490 -48.52 -1.48 -12.77
N GLU A 491 -49.76 -1.16 -13.22
CA GLU A 491 -50.89 -1.44 -12.35
C GLU A 491 -51.10 -2.95 -12.13
N SER A 492 -50.87 -3.76 -13.15
CA SER A 492 -50.94 -5.18 -12.90
C SER A 492 -49.82 -5.60 -11.97
N VAL A 493 -48.66 -5.07 -12.16
CA VAL A 493 -47.58 -5.40 -11.25
C VAL A 493 -47.97 -5.04 -9.84
N ASN A 494 -48.70 -3.95 -9.71
CA ASN A 494 -49.03 -3.54 -8.38
C ASN A 494 -50.15 -4.41 -7.74
N ASP A 495 -51.11 -4.88 -8.55
CA ASP A 495 -52.12 -5.82 -8.08
C ASP A 495 -51.43 -7.08 -7.50
N GLY A 496 -50.35 -7.52 -8.12
CA GLY A 496 -49.76 -8.75 -7.68
C GLY A 496 -48.98 -8.50 -6.44
N LYS A 497 -48.37 -7.35 -6.36
CA LYS A 497 -47.73 -6.85 -5.14
C LYS A 497 -48.70 -6.72 -3.96
N GLN A 498 -49.81 -6.02 -4.14
CA GLN A 498 -50.82 -5.88 -3.09
C GLN A 498 -51.28 -7.26 -2.62
N ALA A 499 -51.57 -8.13 -3.57
CA ALA A 499 -52.11 -9.40 -3.18
C ALA A 499 -51.12 -10.19 -2.33
N SER A 500 -49.81 -10.12 -2.66
CA SER A 500 -48.87 -11.01 -2.02
C SER A 500 -48.84 -10.76 -0.53
N TRP A 501 -49.09 -9.50 -0.11
CA TRP A 501 -49.12 -9.24 1.32
C TRP A 501 -50.30 -9.95 1.97
N TYR A 502 -51.49 -9.84 1.40
CA TYR A 502 -52.59 -10.49 2.06
C TYR A 502 -52.59 -11.99 1.85
N ILE A 503 -51.99 -12.46 0.76
CA ILE A 503 -51.84 -13.90 0.68
C ILE A 503 -50.98 -14.39 1.83
N HIS A 504 -49.78 -13.80 2.01
CA HIS A 504 -48.99 -14.09 3.21
C HIS A 504 -49.85 -14.03 4.49
N LYS A 505 -50.57 -12.94 4.68
CA LYS A 505 -51.41 -12.75 5.88
C LYS A 505 -52.36 -13.92 6.07
N TYR A 506 -52.95 -14.40 4.99
CA TYR A 506 -53.91 -15.47 5.01
C TYR A 506 -53.20 -16.80 5.30
N ILE A 507 -52.17 -17.13 4.53
CA ILE A 507 -51.47 -18.39 4.79
C ILE A 507 -50.98 -18.48 6.24
N GLN A 508 -50.28 -17.43 6.71
CA GLN A 508 -49.83 -17.40 8.11
C GLN A 508 -51.01 -17.63 9.09
N ALA A 509 -52.18 -17.00 8.88
CA ALA A 509 -53.35 -17.36 9.68
C ALA A 509 -53.68 -18.84 9.57
N GLN A 510 -53.56 -19.45 8.39
CA GLN A 510 -54.01 -20.86 8.36
C GLN A 510 -53.04 -21.76 9.08
N TYR A 511 -51.82 -21.33 9.29
CA TYR A 511 -50.94 -22.08 10.17
C TYR A 511 -50.85 -21.47 11.56
N GLY A 512 -51.81 -20.66 11.97
CA GLY A 512 -51.77 -20.24 13.34
C GLY A 512 -50.79 -19.14 13.70
N ALA A 513 -50.24 -18.38 12.77
CA ALA A 513 -49.36 -17.26 13.12
C ALA A 513 -49.96 -15.92 12.74
N SER A 514 -49.49 -14.83 13.39
CA SER A 514 -50.01 -13.51 13.04
C SER A 514 -48.97 -12.76 12.23
N VAL A 515 -49.40 -11.71 11.52
CA VAL A 515 -48.35 -10.94 10.90
C VAL A 515 -48.46 -9.50 11.35
N SER A 516 -47.41 -8.73 11.11
CA SER A 516 -47.38 -7.29 11.35
C SER A 516 -48.72 -6.68 10.95
N ALA A 517 -49.28 -5.81 11.80
CA ALA A 517 -50.20 -4.76 11.35
C ALA A 517 -49.57 -3.96 10.20
N LYS A 518 -48.34 -3.51 10.37
CA LYS A 518 -47.68 -2.72 9.29
C LYS A 518 -47.22 -3.61 8.15
N PRO A 519 -47.74 -3.43 6.88
CA PRO A 519 -47.12 -4.06 5.69
C PRO A 519 -45.63 -3.91 5.56
N GLU A 520 -44.95 -5.01 5.20
CA GLU A 520 -43.50 -5.16 5.22
C GLU A 520 -43.05 -6.04 4.05
N LEU A 521 -43.37 -5.64 2.82
CA LEU A 521 -42.81 -6.37 1.69
C LEU A 521 -41.30 -6.22 1.64
N PRO A 522 -40.52 -7.28 1.34
CA PRO A 522 -39.07 -7.13 1.34
C PRO A 522 -38.56 -6.41 0.09
N LEU A 523 -37.39 -5.78 0.26
CA LEU A 523 -36.69 -5.19 -0.87
C LEU A 523 -36.13 -6.29 -1.77
N PHE A 524 -35.47 -5.82 -2.81
CA PHE A 524 -34.71 -6.60 -3.78
C PHE A 524 -33.28 -6.61 -3.33
N TYR A 525 -32.64 -7.79 -3.29
CA TYR A 525 -31.23 -7.97 -2.94
C TYR A 525 -30.46 -8.77 -3.98
N THR A 526 -29.17 -8.47 -4.09
CA THR A 526 -28.21 -9.23 -4.88
C THR A 526 -26.97 -9.43 -4.01
N PRO A 527 -26.03 -10.30 -4.41
CA PRO A 527 -24.77 -10.45 -3.68
C PRO A 527 -23.99 -9.20 -3.58
N VAL A 528 -24.21 -8.21 -4.47
CA VAL A 528 -23.59 -6.90 -4.24
C VAL A 528 -23.87 -6.46 -2.83
N ASP A 529 -25.08 -6.71 -2.32
CA ASP A 529 -25.37 -6.23 -0.97
C ASP A 529 -24.59 -6.89 0.18
N LEU A 530 -23.95 -8.02 -0.04
CA LEU A 530 -23.18 -8.57 1.05
C LEU A 530 -21.75 -8.00 1.10
N VAL A 531 -21.39 -7.06 0.27
CA VAL A 531 -20.01 -6.62 0.29
C VAL A 531 -19.74 -5.89 1.60
N ASP A 532 -18.56 -6.09 2.17
CA ASP A 532 -18.16 -5.40 3.39
C ASP A 532 -17.50 -4.09 3.02
N ILE A 533 -18.07 -2.94 3.46
CA ILE A 533 -17.35 -1.69 3.22
C ILE A 533 -16.86 -1.06 4.52
N SER A 534 -16.60 -1.88 5.53
CA SER A 534 -16.09 -1.26 6.74
C SER A 534 -14.59 -1.01 6.62
N VAL A 535 -14.03 -0.24 7.54
CA VAL A 535 -12.63 0.16 7.45
C VAL A 535 -12.16 0.58 8.84
N GLU A 536 -10.94 0.22 9.16
CA GLU A 536 -10.39 0.64 10.44
C GLU A 536 -9.26 1.67 10.24
N MET A 537 -9.25 2.73 11.04
CA MET A 537 -8.27 3.80 10.89
C MET A 537 -7.88 4.27 12.27
N ALA A 538 -6.58 4.44 12.52
CA ALA A 538 -6.05 4.90 13.82
C ALA A 538 -6.67 4.11 14.98
N GLY A 539 -6.95 2.82 14.78
CA GLY A 539 -7.52 2.04 15.83
C GLY A 539 -9.03 2.15 15.98
N LEU A 540 -9.72 2.83 15.10
CA LEU A 540 -11.19 2.96 15.21
C LEU A 540 -11.87 2.17 14.10
N LYS A 541 -12.97 1.53 14.39
CA LYS A 541 -13.64 0.77 13.37
C LYS A 541 -14.87 1.54 12.84
N PHE A 542 -14.88 1.76 11.54
CA PHE A 542 -15.95 2.50 10.91
C PHE A 542 -16.84 1.47 10.22
N ILE A 543 -18.14 1.56 10.44
CA ILE A 543 -19.02 0.63 9.75
C ILE A 543 -19.09 0.92 8.24
N ASN A 544 -18.99 2.18 7.82
CA ASN A 544 -18.67 2.48 6.43
C ASN A 544 -17.81 3.74 6.41
N PRO A 545 -17.11 4.02 5.29
CA PRO A 545 -16.16 5.12 5.32
C PRO A 545 -16.78 6.50 5.16
N PHE A 546 -18.09 6.69 5.23
CA PHE A 546 -18.69 7.99 4.89
C PHE A 546 -19.18 8.68 6.15
N GLY A 547 -18.86 9.97 6.30
CA GLY A 547 -19.17 10.66 7.52
C GLY A 547 -19.57 12.10 7.25
N LEU A 548 -20.18 12.75 8.22
CA LEU A 548 -20.56 14.14 8.07
C LEU A 548 -19.48 15.04 8.59
N ALA A 549 -19.01 15.96 7.75
CA ALA A 549 -17.97 16.88 8.12
C ALA A 549 -18.52 17.84 9.12
N SER A 550 -17.59 18.52 9.83
CA SER A 550 -17.90 19.59 10.78
C SER A 550 -18.40 20.83 10.03
N ALA A 551 -19.69 21.05 10.04
CA ALA A 551 -20.27 22.01 9.07
C ALA A 551 -21.77 22.21 9.24
N ALA A 552 -22.45 22.68 8.19
CA ALA A 552 -23.86 22.98 8.32
C ALA A 552 -24.66 21.73 8.66
N PRO A 553 -24.44 20.57 8.02
CA PRO A 553 -25.24 19.39 8.39
C PRO A 553 -25.00 18.96 9.81
N THR A 554 -24.01 19.53 10.51
CA THR A 554 -23.85 19.11 11.90
C THR A 554 -24.01 20.34 12.78
N THR A 555 -24.96 21.24 12.42
CA THR A 555 -25.31 22.36 13.31
C THR A 555 -25.91 21.89 14.66
N SER A 556 -26.73 20.86 14.62
CA SER A 556 -27.37 20.41 15.89
C SER A 556 -27.08 18.95 16.10
N SER A 557 -26.93 18.53 17.36
CA SER A 557 -26.74 17.11 17.61
C SER A 557 -27.99 16.33 17.20
N SER A 558 -29.16 17.00 17.19
CA SER A 558 -30.33 16.27 16.75
C SER A 558 -30.18 15.90 15.27
N MET A 559 -29.35 16.60 14.51
CA MET A 559 -29.22 16.26 13.09
C MET A 559 -28.33 15.08 12.90
N ILE A 560 -27.22 15.03 13.64
CA ILE A 560 -26.35 13.87 13.71
C ILE A 560 -27.11 12.58 14.07
N ARG A 561 -28.06 12.66 15.03
CA ARG A 561 -28.89 11.49 15.34
C ARG A 561 -29.59 10.98 14.10
N ARG A 562 -30.22 11.91 13.35
CA ARG A 562 -30.98 11.52 12.18
C ARG A 562 -30.04 10.97 11.10
N ALA A 563 -28.81 11.51 11.03
CA ALA A 563 -27.84 11.01 10.09
C ALA A 563 -27.43 9.58 10.46
N PHE A 564 -27.14 9.32 11.73
CA PHE A 564 -26.84 7.98 12.11
C PHE A 564 -28.03 7.05 11.78
N GLU A 565 -29.25 7.48 12.10
CA GLU A 565 -30.42 6.68 11.73
C GLU A 565 -30.48 6.38 10.26
N ALA A 566 -30.09 7.31 9.43
CA ALA A 566 -30.09 7.05 8.01
C ALA A 566 -28.95 6.16 7.59
N GLY A 567 -27.92 6.03 8.43
CA GLY A 567 -26.88 5.08 8.07
C GLY A 567 -25.44 5.59 7.96
N TRP A 568 -25.19 6.87 8.27
CA TRP A 568 -23.86 7.46 8.08
C TRP A 568 -22.86 6.85 9.02
N GLY A 569 -21.70 6.46 8.53
CA GLY A 569 -20.76 5.74 9.40
C GLY A 569 -20.19 6.58 10.53
N PHE A 570 -20.02 7.90 10.34
CA PHE A 570 -19.47 8.73 11.43
C PHE A 570 -19.84 10.18 11.23
N ALA A 571 -19.52 10.99 12.19
CA ALA A 571 -19.89 12.39 12.08
C ALA A 571 -19.00 13.27 12.94
N LEU A 572 -18.83 14.52 12.52
CA LEU A 572 -18.06 15.45 13.37
C LEU A 572 -19.06 16.36 14.11
N THR A 573 -18.75 16.92 15.29
CA THR A 573 -19.54 18.06 15.72
C THR A 573 -19.23 19.26 14.87
N LYS A 574 -20.18 20.18 14.71
CA LYS A 574 -19.73 21.53 14.32
C LYS A 574 -18.64 22.05 15.32
N THR A 575 -17.64 22.80 14.85
CA THR A 575 -16.48 23.10 15.70
C THR A 575 -17.00 23.91 16.89
N PHE A 576 -16.54 23.57 18.14
CA PHE A 576 -16.93 24.32 19.35
C PHE A 576 -15.73 24.72 20.17
N SER A 577 -15.93 25.66 21.09
CA SER A 577 -14.82 26.24 21.83
C SER A 577 -15.17 26.41 23.32
N LEU A 578 -14.25 26.95 24.06
CA LEU A 578 -14.57 27.26 25.45
C LEU A 578 -15.54 28.44 25.56
N ASP A 579 -16.24 28.55 26.71
CA ASP A 579 -17.21 29.65 26.88
C ASP A 579 -16.62 31.05 26.60
N LYS A 580 -15.38 31.29 26.96
CA LYS A 580 -14.87 32.63 26.74
C LYS A 580 -14.72 32.94 25.26
N ASP A 581 -14.79 31.93 24.41
CA ASP A 581 -14.51 32.13 23.00
C ASP A 581 -15.80 32.13 22.16
N ILE A 582 -16.98 32.14 22.81
CA ILE A 582 -18.24 31.88 22.11
C ILE A 582 -18.53 32.94 21.05
N VAL A 583 -18.94 32.49 19.85
CA VAL A 583 -19.12 33.43 18.73
C VAL A 583 -20.58 33.79 18.50
N THR A 584 -20.79 34.78 17.64
CA THR A 584 -22.12 35.15 17.10
C THR A 584 -22.03 35.36 15.59
N ASN A 585 -22.74 34.52 14.79
CA ASN A 585 -22.72 34.57 13.33
C ASN A 585 -23.43 35.82 12.80
N VAL A 586 -23.14 36.18 11.55
CA VAL A 586 -23.90 37.22 10.83
C VAL A 586 -24.89 36.56 9.86
N SER A 587 -25.73 37.37 9.20
CA SER A 587 -26.50 36.83 8.09
C SER A 587 -26.73 37.92 7.04
N PRO A 588 -26.78 37.57 5.72
CA PRO A 588 -26.61 36.24 5.08
C PRO A 588 -25.18 35.68 5.18
N ARG A 589 -25.01 34.38 5.08
CA ARG A 589 -23.66 33.90 5.25
C ARG A 589 -23.32 32.65 4.46
N ILE A 590 -24.26 32.04 3.73
CA ILE A 590 -23.87 30.92 2.89
C ILE A 590 -24.54 31.14 1.54
N VAL A 591 -23.75 31.21 0.50
CA VAL A 591 -24.24 31.61 -0.79
C VAL A 591 -23.82 30.52 -1.75
N ARG A 592 -24.63 30.35 -2.79
CA ARG A 592 -24.32 29.39 -3.86
C ARG A 592 -23.12 29.87 -4.69
N GLY A 593 -22.48 28.90 -5.30
CA GLY A 593 -21.26 29.20 -6.04
C GLY A 593 -21.67 29.63 -7.43
N THR A 594 -20.82 30.51 -7.99
CA THR A 594 -20.91 30.93 -9.40
C THR A 594 -19.93 30.19 -10.26
N THR A 595 -19.37 29.07 -9.75
CA THR A 595 -18.34 28.33 -10.47
C THR A 595 -18.84 27.52 -11.65
N SER A 596 -20.13 27.30 -11.88
CA SER A 596 -20.53 26.62 -13.12
C SER A 596 -21.63 27.42 -13.78
N GLY A 597 -21.61 28.73 -13.56
CA GLY A 597 -22.44 29.62 -14.32
C GLY A 597 -23.82 29.69 -13.71
N PRO A 598 -24.74 30.32 -14.42
CA PRO A 598 -26.10 30.61 -13.92
C PRO A 598 -27.01 29.38 -13.96
N MET A 599 -26.58 28.34 -13.26
CA MET A 599 -27.45 27.20 -13.13
C MET A 599 -27.95 27.06 -11.70
N TYR A 600 -29.28 26.94 -11.57
CA TYR A 600 -29.81 27.03 -10.23
C TYR A 600 -30.46 25.73 -9.88
N GLY A 601 -30.59 25.51 -8.56
CA GLY A 601 -31.25 24.33 -8.05
C GLY A 601 -30.26 23.22 -7.82
N PRO A 602 -30.55 22.03 -8.33
CA PRO A 602 -29.84 20.84 -7.80
C PRO A 602 -28.38 20.93 -8.22
N GLY A 603 -27.53 20.27 -7.41
CA GLY A 603 -26.11 20.15 -7.73
C GLY A 603 -25.33 21.47 -7.86
N GLN A 604 -25.43 22.41 -6.91
CA GLN A 604 -24.55 23.55 -6.96
C GLN A 604 -23.11 23.01 -6.95
N SER A 605 -22.25 23.59 -7.86
CA SER A 605 -20.87 23.12 -7.94
C SER A 605 -19.97 23.71 -6.84
N SER A 606 -20.41 24.72 -6.11
CA SER A 606 -19.70 25.10 -4.89
C SER A 606 -20.64 25.94 -4.05
N PHE A 607 -20.23 26.18 -2.82
CA PHE A 607 -20.82 27.19 -1.96
C PHE A 607 -19.72 28.07 -1.40
N LEU A 608 -20.09 29.26 -0.96
CA LEU A 608 -19.15 30.04 -0.14
C LEU A 608 -19.78 30.36 1.22
N ASN A 609 -18.98 30.25 2.31
CA ASN A 609 -19.55 30.63 3.60
C ASN A 609 -18.66 31.61 4.37
N ILE A 610 -19.30 32.52 5.11
CA ILE A 610 -18.62 33.35 6.11
C ILE A 610 -19.18 32.95 7.46
N GLU A 611 -19.42 31.65 7.63
CA GLU A 611 -19.92 31.19 8.91
C GLU A 611 -18.76 31.00 9.87
N LEU A 612 -19.02 31.14 11.18
CA LEU A 612 -17.95 30.98 12.19
C LEU A 612 -18.11 29.60 12.77
N ILE A 613 -17.54 29.35 13.94
CA ILE A 613 -17.66 28.02 14.55
C ILE A 613 -19.04 27.94 15.24
N SER A 614 -19.33 26.87 15.99
CA SER A 614 -20.68 26.67 16.51
C SER A 614 -21.14 27.81 17.42
N GLU A 615 -22.41 28.23 17.29
CA GLU A 615 -22.83 29.14 18.36
C GLU A 615 -23.34 28.38 19.60
N LYS A 616 -23.45 27.06 19.56
CA LYS A 616 -23.89 26.34 20.78
C LYS A 616 -22.68 26.07 21.73
N THR A 617 -22.95 25.91 23.02
CA THR A 617 -21.81 25.88 23.94
C THR A 617 -21.13 24.52 24.07
N ALA A 618 -19.98 24.53 24.72
CA ALA A 618 -19.26 23.27 24.97
C ALA A 618 -20.10 22.28 25.80
N ALA A 619 -20.88 22.79 26.77
CA ALA A 619 -21.69 21.92 27.57
C ALA A 619 -22.68 21.20 26.67
N TYR A 620 -23.34 21.99 25.77
CA TYR A 620 -24.30 21.38 24.90
C TYR A 620 -23.65 20.29 24.13
N TRP A 621 -22.46 20.57 23.57
CA TRP A 621 -21.88 19.57 22.66
C TRP A 621 -21.34 18.36 23.41
N CYS A 622 -20.73 18.57 24.61
CA CYS A 622 -20.26 17.45 25.44
C CYS A 622 -21.43 16.60 25.97
N GLN A 623 -22.46 17.21 26.52
CA GLN A 623 -23.58 16.34 26.83
C GLN A 623 -24.10 15.64 25.57
N SER A 624 -24.08 16.31 24.41
CA SER A 624 -24.63 15.69 23.18
C SER A 624 -23.83 14.45 22.74
N VAL A 625 -22.50 14.57 22.77
CA VAL A 625 -21.64 13.47 22.39
C VAL A 625 -21.91 12.28 23.28
N THR A 626 -22.23 12.52 24.57
CA THR A 626 -22.54 11.40 25.47
C THR A 626 -23.84 10.70 25.05
N GLU A 627 -24.91 11.46 24.76
CA GLU A 627 -26.13 10.78 24.34
C GLU A 627 -25.90 10.04 23.03
N LEU A 628 -25.24 10.68 22.06
CA LEU A 628 -25.08 10.08 20.75
C LEU A 628 -24.26 8.78 20.90
N LYS A 629 -23.14 8.82 21.67
CA LYS A 629 -22.34 7.60 21.80
C LYS A 629 -23.14 6.51 22.54
N ALA A 630 -23.94 6.91 23.54
CA ALA A 630 -24.77 5.93 24.25
C ALA A 630 -25.76 5.25 23.31
N ASP A 631 -26.45 6.02 22.42
CA ASP A 631 -27.48 5.46 21.52
C ASP A 631 -26.88 4.82 20.24
N PHE A 632 -25.67 5.17 19.87
CA PHE A 632 -25.07 4.71 18.64
C PHE A 632 -23.65 4.23 18.91
N PRO A 633 -23.46 3.24 19.76
CA PRO A 633 -22.07 2.83 20.09
C PRO A 633 -21.22 2.34 18.86
N ASP A 634 -21.81 1.93 17.72
CA ASP A 634 -21.00 1.57 16.55
C ASP A 634 -20.69 2.76 15.62
N ASN A 635 -21.39 3.87 15.73
CA ASN A 635 -21.12 5.00 14.84
C ASN A 635 -20.06 5.84 15.58
N ILE A 636 -19.11 6.41 14.81
CA ILE A 636 -17.96 7.14 15.36
C ILE A 636 -18.33 8.62 15.53
N VAL A 637 -18.15 9.16 16.75
CA VAL A 637 -18.39 10.61 16.94
C VAL A 637 -17.10 11.30 17.22
N ILE A 638 -16.77 12.30 16.43
CA ILE A 638 -15.47 12.97 16.51
C ILE A 638 -15.75 14.39 16.91
N ALA A 639 -15.22 14.83 18.03
CA ALA A 639 -15.53 16.18 18.48
C ALA A 639 -14.53 17.08 17.79
N SER A 640 -15.02 18.06 17.07
CA SER A 640 -14.16 19.09 16.47
C SER A 640 -14.08 20.28 17.43
N ILE A 641 -12.86 20.72 17.76
CA ILE A 641 -12.65 21.80 18.72
C ILE A 641 -11.69 22.90 18.23
N MET A 642 -11.83 24.09 18.87
CA MET A 642 -10.94 25.17 18.50
C MET A 642 -10.55 26.02 19.73
N CYS A 643 -9.25 26.30 19.91
CA CYS A 643 -8.86 27.31 20.90
C CYS A 643 -7.89 28.26 20.27
N SER A 644 -7.69 29.37 20.96
CA SER A 644 -6.67 30.32 20.56
C SER A 644 -5.29 29.76 20.90
N TYR A 645 -4.21 30.54 20.68
CA TYR A 645 -2.89 29.91 20.82
C TYR A 645 -2.45 29.98 22.28
N ASN A 646 -2.80 28.94 23.04
CA ASN A 646 -2.81 28.99 24.49
C ASN A 646 -2.84 27.55 25.00
N LYS A 647 -1.77 27.16 25.72
CA LYS A 647 -1.63 25.74 26.10
C LYS A 647 -2.72 25.33 27.06
N ASN A 648 -2.95 26.09 28.10
CA ASN A 648 -3.99 25.66 29.05
C ASN A 648 -5.34 25.47 28.34
N ASP A 649 -5.66 26.35 27.39
CA ASP A 649 -6.95 26.23 26.70
C ASP A 649 -7.02 24.94 25.89
N TRP A 650 -6.05 24.70 25.01
CA TRP A 650 -6.20 23.46 24.25
C TRP A 650 -6.26 22.26 25.17
N MET A 651 -5.55 22.30 26.28
CA MET A 651 -5.60 21.15 27.20
C MET A 651 -6.96 21.08 27.91
N GLU A 652 -7.49 22.21 28.38
CA GLU A 652 -8.77 22.15 29.06
C GLU A 652 -9.83 21.60 28.12
N LEU A 653 -9.92 22.18 26.91
CA LEU A 653 -11.03 21.84 26.02
C LEU A 653 -10.89 20.42 25.45
N SER A 654 -9.70 19.98 25.08
CA SER A 654 -9.58 18.58 24.65
C SER A 654 -9.93 17.60 25.79
N ARG A 655 -9.62 17.96 27.04
CA ARG A 655 -9.94 17.00 28.10
C ARG A 655 -11.44 16.94 28.30
N LYS A 656 -12.09 18.09 28.20
CA LYS A 656 -13.55 18.13 28.29
C LYS A 656 -14.16 17.27 27.19
N ALA A 657 -13.58 17.32 25.97
CA ALA A 657 -14.22 16.57 24.88
C ALA A 657 -13.97 15.08 25.01
N GLU A 658 -12.77 14.70 25.41
CA GLU A 658 -12.52 13.29 25.68
C GLU A 658 -13.44 12.74 26.80
N ALA A 659 -13.59 13.51 27.88
CA ALA A 659 -14.41 13.06 29.04
C ALA A 659 -15.89 13.02 28.66
N SER A 660 -16.26 13.60 27.56
CA SER A 660 -17.61 13.38 27.09
C SER A 660 -17.75 12.03 26.40
N GLY A 661 -16.67 11.34 26.06
CA GLY A 661 -16.79 10.03 25.42
C GLY A 661 -16.66 10.05 23.88
N ALA A 662 -16.08 11.12 23.31
CA ALA A 662 -15.87 11.17 21.85
C ALA A 662 -14.94 10.06 21.52
N ASP A 663 -15.11 9.46 20.35
CA ASP A 663 -14.11 8.49 19.94
C ASP A 663 -12.78 9.11 19.58
N ALA A 664 -12.77 10.38 19.12
CA ALA A 664 -11.55 11.03 18.67
C ALA A 664 -11.84 12.49 18.66
N LEU A 665 -10.78 13.27 18.49
CA LEU A 665 -10.94 14.72 18.35
C LEU A 665 -10.40 15.17 17.02
N GLU A 666 -10.92 16.31 16.59
CA GLU A 666 -10.40 16.98 15.38
C GLU A 666 -10.11 18.42 15.75
N LEU A 667 -8.84 18.85 15.55
CA LEU A 667 -8.43 20.21 15.91
C LEU A 667 -8.62 21.13 14.72
N ASN A 668 -9.44 22.12 14.90
CA ASN A 668 -9.68 23.11 13.89
C ASN A 668 -8.59 24.18 14.08
N LEU A 669 -7.69 24.25 13.13
CA LEU A 669 -6.58 25.19 13.25
C LEU A 669 -6.85 26.53 12.51
N SER A 670 -8.11 26.82 12.21
CA SER A 670 -8.52 28.12 11.68
C SER A 670 -8.16 29.28 12.59
N CYS A 671 -7.89 29.04 13.84
CA CYS A 671 -7.80 30.21 14.71
C CYS A 671 -6.64 31.15 14.35
N PRO A 672 -6.85 32.45 14.55
CA PRO A 672 -5.71 33.41 14.52
C PRO A 672 -4.68 33.30 15.68
N HIS A 673 -3.40 33.70 15.42
CA HIS A 673 -2.50 34.40 16.38
C HIS A 673 -1.19 34.82 15.71
N GLY A 674 -0.54 35.89 16.30
CA GLY A 674 0.84 36.38 16.03
C GLY A 674 1.33 37.53 15.07
N MET A 680 3.84 33.01 6.05
CA MET A 680 3.21 31.96 6.92
C MET A 680 1.93 32.47 7.74
N GLY A 681 1.03 33.18 7.03
CA GLY A 681 -0.39 33.51 7.31
C GLY A 681 -0.76 34.14 8.65
N LEU A 682 -2.09 34.08 8.95
CA LEU A 682 -2.68 34.43 10.26
C LEU A 682 -3.17 33.22 11.04
N ALA A 683 -3.78 32.23 10.38
CA ALA A 683 -4.22 31.02 11.10
C ALA A 683 -3.03 30.28 11.69
N CYS A 684 -3.17 29.78 12.91
CA CYS A 684 -2.26 28.74 13.44
C CYS A 684 -1.97 27.63 12.44
N GLY A 685 -3.01 27.22 11.71
CA GLY A 685 -2.89 26.14 10.76
C GLY A 685 -1.99 26.42 9.60
N GLN A 686 -1.60 27.65 9.38
CA GLN A 686 -0.70 28.03 8.30
C GLN A 686 0.78 28.00 8.66
N ASP A 687 1.15 27.71 9.90
CA ASP A 687 2.57 27.72 10.29
C ASP A 687 2.98 26.41 10.94
N PRO A 688 3.92 25.69 10.40
CA PRO A 688 4.17 24.35 10.96
C PRO A 688 4.64 24.33 12.40
N GLU A 689 5.33 25.37 12.86
CA GLU A 689 5.77 25.37 14.24
C GLU A 689 4.58 25.42 15.21
N LEU A 690 3.64 26.32 14.95
CA LEU A 690 2.51 26.39 15.86
C LEU A 690 1.72 25.07 15.82
N VAL A 691 1.46 24.52 14.63
CA VAL A 691 0.71 23.27 14.56
C VAL A 691 1.40 22.18 15.39
N ARG A 692 2.73 22.07 15.25
CA ARG A 692 3.53 21.17 16.06
C ARG A 692 3.25 21.42 17.52
N ASN A 693 3.30 22.67 17.93
CA ASN A 693 3.16 22.88 19.37
C ASN A 693 1.76 22.52 19.85
N ILE A 694 0.70 22.92 19.11
CA ILE A 694 -0.68 22.62 19.49
C ILE A 694 -0.88 21.13 19.59
N CYS A 695 -0.40 20.40 18.59
CA CYS A 695 -0.51 18.95 18.60
C CYS A 695 0.16 18.37 19.84
N ARG A 696 1.37 18.81 20.13
CA ARG A 696 2.03 18.31 21.32
C ARG A 696 1.17 18.54 22.53
N TRP A 697 0.61 19.74 22.64
CA TRP A 697 -0.14 20.06 23.83
C TRP A 697 -1.31 19.11 24.02
N VAL A 698 -2.10 18.95 22.95
CA VAL A 698 -3.27 18.06 22.97
C VAL A 698 -2.83 16.64 23.25
N ARG A 699 -1.68 16.22 22.69
CA ARG A 699 -1.28 14.82 22.92
C ARG A 699 -0.98 14.60 24.41
N GLN A 700 -0.36 15.56 25.08
CA GLN A 700 -0.07 15.23 26.47
C GLN A 700 -1.31 15.30 27.33
N ALA A 701 -2.38 15.85 26.82
CA ALA A 701 -3.60 15.98 27.57
C ALA A 701 -4.57 14.81 27.40
N VAL A 702 -4.66 14.19 26.27
CA VAL A 702 -5.71 13.20 26.13
C VAL A 702 -5.09 11.92 25.65
N GLN A 703 -5.82 10.84 25.83
CA GLN A 703 -5.34 9.56 25.35
C GLN A 703 -6.04 9.05 24.13
N ILE A 704 -7.13 9.69 23.73
CA ILE A 704 -7.88 9.29 22.54
C ILE A 704 -7.11 9.77 21.32
N PRO A 705 -7.32 9.16 20.17
CA PRO A 705 -6.78 9.73 18.93
C PRO A 705 -7.31 11.12 18.60
N PHE A 706 -6.49 11.89 17.85
CA PHE A 706 -6.90 13.20 17.44
C PHE A 706 -6.26 13.53 16.09
N PHE A 707 -7.03 14.22 15.30
CA PHE A 707 -6.63 14.52 13.94
C PHE A 707 -6.55 16.04 13.81
N ALA A 708 -5.51 16.52 13.13
CA ALA A 708 -5.41 17.93 12.82
C ALA A 708 -6.06 18.24 11.48
N LYS A 709 -6.96 19.25 11.48
CA LYS A 709 -7.59 19.69 10.22
C LYS A 709 -6.77 20.75 9.52
N LEU A 710 -6.28 20.45 8.32
CA LEU A 710 -5.40 21.34 7.54
C LEU A 710 -6.14 22.28 6.60
N THR A 711 -5.64 23.46 6.49
CA THR A 711 -6.14 24.37 5.47
C THR A 711 -5.40 24.14 4.16
N PRO A 712 -6.04 24.42 2.99
CA PRO A 712 -5.30 24.32 1.71
C PRO A 712 -4.65 25.63 1.32
N ASN A 713 -4.87 26.64 2.18
CA ASN A 713 -4.46 28.00 1.91
C ASN A 713 -3.03 28.17 2.39
N VAL A 714 -2.14 27.24 1.99
CA VAL A 714 -0.74 27.26 2.36
C VAL A 714 0.12 27.00 1.15
N THR A 715 1.37 27.52 1.20
CA THR A 715 2.34 27.14 0.18
C THR A 715 2.65 25.66 0.24
N ASP A 716 2.72 25.06 1.41
CA ASP A 716 3.11 23.66 1.35
C ASP A 716 2.37 22.81 2.38
N ILE A 717 1.30 22.13 1.94
CA ILE A 717 0.46 21.46 2.95
C ILE A 717 1.24 20.32 3.61
N VAL A 718 2.20 19.74 2.89
CA VAL A 718 3.01 18.71 3.50
C VAL A 718 3.74 19.23 4.71
N SER A 719 4.44 20.37 4.60
CA SER A 719 5.13 20.83 5.81
C SER A 719 4.15 20.93 6.99
N ILE A 720 2.86 21.25 6.75
CA ILE A 720 1.98 21.36 7.91
C ILE A 720 1.60 19.97 8.40
N ALA A 721 1.22 19.08 7.49
CA ALA A 721 0.92 17.71 7.94
C ALA A 721 2.07 17.13 8.75
N ARG A 722 3.28 17.39 8.31
CA ARG A 722 4.40 16.66 8.90
C ARG A 722 4.63 17.13 10.32
N ALA A 723 4.46 18.44 10.52
CA ALA A 723 4.52 19.05 11.85
C ALA A 723 3.43 18.50 12.78
N ALA A 724 2.25 18.23 12.27
CA ALA A 724 1.21 17.69 13.12
C ALA A 724 1.59 16.28 13.51
N LYS A 725 2.19 15.52 12.58
CA LYS A 725 2.65 14.18 12.91
C LYS A 725 3.80 14.20 13.92
N GLU A 726 4.82 15.00 13.68
CA GLU A 726 5.86 15.15 14.67
C GLU A 726 5.28 15.56 15.97
N GLY A 727 4.14 16.28 15.94
CA GLY A 727 3.73 16.73 17.24
C GLY A 727 2.94 15.72 18.00
N GLY A 728 2.58 14.58 17.41
CA GLY A 728 1.83 13.55 18.07
C GLY A 728 0.47 13.22 17.46
N ALA A 729 -0.01 13.89 16.42
CA ALA A 729 -1.39 13.67 15.99
C ALA A 729 -1.53 12.27 15.40
N ASP A 730 -2.73 11.68 15.47
CA ASP A 730 -2.90 10.35 14.84
C ASP A 730 -3.27 10.39 13.34
N GLY A 731 -3.39 11.58 12.77
CA GLY A 731 -3.76 11.70 11.36
C GLY A 731 -4.13 13.13 11.11
N VAL A 732 -4.46 13.39 9.84
CA VAL A 732 -4.89 14.72 9.45
C VAL A 732 -6.17 14.61 8.64
N THR A 733 -6.96 15.67 8.67
CA THR A 733 -8.17 15.86 7.86
C THR A 733 -7.75 16.88 6.79
N ALA A 734 -7.82 16.46 5.52
CA ALA A 734 -7.45 17.30 4.39
C ALA A 734 -8.60 17.32 3.42
N THR A 735 -9.20 18.50 3.25
CA THR A 735 -8.76 19.81 3.77
C THR A 735 -9.96 20.77 4.18
N ASN A 736 -9.67 21.88 4.83
CA ASN A 736 -10.75 22.83 5.09
C ASN A 736 -11.09 23.53 3.78
N THR A 737 -11.84 24.61 3.84
CA THR A 737 -12.30 25.31 2.65
C THR A 737 -11.15 26.15 2.04
N VAL A 738 -11.32 26.62 0.79
CA VAL A 738 -10.39 27.48 0.07
C VAL A 738 -10.91 28.89 0.18
N SER A 739 -10.05 29.77 0.63
CA SER A 739 -10.35 31.18 0.71
C SER A 739 -10.70 31.80 -0.67
N GLY A 740 -11.90 32.34 -0.82
CA GLY A 740 -12.28 32.97 -2.07
C GLY A 740 -13.24 34.11 -1.84
N LEU A 741 -13.56 34.80 -2.94
CA LEU A 741 -14.58 35.85 -2.95
C LEU A 741 -15.56 35.42 -4.02
N MET A 742 -16.82 35.12 -3.65
CA MET A 742 -17.62 34.44 -4.66
C MET A 742 -18.01 35.41 -5.79
N GLY A 743 -18.09 36.69 -5.55
CA GLY A 743 -18.32 37.50 -6.73
C GLY A 743 -19.07 38.73 -6.33
N LEU A 744 -19.30 39.60 -7.31
CA LEU A 744 -19.96 40.86 -7.08
C LEU A 744 -21.13 40.99 -8.01
N LYS A 745 -22.09 41.77 -7.61
CA LYS A 745 -23.19 42.21 -8.42
C LYS A 745 -22.71 43.33 -9.35
N ALA A 746 -23.44 43.53 -10.45
CA ALA A 746 -22.91 44.43 -11.46
C ALA A 746 -22.63 45.82 -10.96
N ASP A 747 -23.28 46.28 -9.89
CA ASP A 747 -23.05 47.60 -9.29
C ASP A 747 -21.85 47.60 -8.33
N GLY A 748 -21.18 46.50 -8.18
CA GLY A 748 -20.00 46.46 -7.33
C GLY A 748 -20.26 45.97 -5.93
N THR A 749 -21.49 45.69 -5.54
CA THR A 749 -21.69 45.14 -4.18
C THR A 749 -21.42 43.63 -4.13
N PRO A 750 -21.05 43.10 -2.99
CA PRO A 750 -20.73 41.68 -2.86
C PRO A 750 -21.94 40.76 -2.64
N TRP A 751 -21.67 39.49 -2.67
CA TRP A 751 -22.66 38.56 -2.19
C TRP A 751 -21.89 37.43 -1.54
N PRO A 752 -22.11 37.15 -0.26
CA PRO A 752 -23.09 37.82 0.63
C PRO A 752 -22.76 39.27 0.92
N ALA A 753 -23.79 40.06 1.28
CA ALA A 753 -23.62 41.43 1.75
C ALA A 753 -24.33 41.59 3.07
N VAL A 754 -23.68 42.17 4.06
CA VAL A 754 -24.19 42.20 5.42
C VAL A 754 -24.47 43.66 5.80
N GLY A 755 -25.67 43.96 6.34
CA GLY A 755 -25.91 45.29 6.91
C GLY A 755 -26.42 46.29 5.88
N ALA A 756 -26.90 47.46 6.38
CA ALA A 756 -27.14 48.39 5.27
C ALA A 756 -25.82 48.87 4.60
N GLY A 757 -24.62 48.47 5.11
CA GLY A 757 -23.33 48.81 4.54
C GLY A 757 -22.91 47.95 3.36
N LYS A 758 -23.72 46.93 3.07
CA LYS A 758 -23.48 45.87 2.11
C LYS A 758 -22.02 45.33 2.20
N ARG A 759 -21.53 45.07 3.42
CA ARG A 759 -20.15 44.71 3.61
C ARG A 759 -19.96 43.19 3.48
N THR A 760 -18.72 42.75 3.21
CA THR A 760 -18.37 41.32 3.16
C THR A 760 -16.92 41.11 3.59
N THR A 761 -16.50 39.82 3.67
CA THR A 761 -15.10 39.49 3.97
C THR A 761 -14.82 38.17 3.27
N TYR A 762 -13.56 37.74 3.21
CA TYR A 762 -13.29 36.54 2.42
C TYR A 762 -13.98 35.38 3.13
N GLY A 763 -14.34 34.36 2.38
CA GLY A 763 -15.16 33.27 2.87
C GLY A 763 -14.50 31.99 2.44
N GLY A 764 -15.08 30.83 2.66
CA GLY A 764 -14.48 29.58 2.23
C GLY A 764 -15.35 28.92 1.18
N VAL A 765 -14.72 28.42 0.13
CA VAL A 765 -15.36 27.64 -0.93
C VAL A 765 -15.25 26.15 -0.66
N SER A 766 -16.36 25.45 -0.86
CA SER A 766 -16.59 24.05 -0.59
C SER A 766 -17.24 23.44 -1.83
N GLY A 767 -17.32 22.11 -1.89
CA GLY A 767 -18.09 21.57 -3.01
C GLY A 767 -17.21 21.10 -4.17
N THR A 768 -17.83 20.64 -5.26
CA THR A 768 -17.01 19.91 -6.17
C THR A 768 -16.05 20.85 -6.89
N ALA A 769 -16.32 22.16 -6.90
CA ALA A 769 -15.31 23.05 -7.50
C ALA A 769 -13.94 22.95 -6.85
N ILE A 770 -13.84 22.58 -5.56
CA ILE A 770 -12.54 22.57 -4.91
C ILE A 770 -12.00 21.15 -4.83
N ARG A 771 -12.67 20.21 -5.49
CA ARG A 771 -12.19 18.84 -5.43
C ARG A 771 -10.80 18.66 -6.00
N PRO A 772 -10.39 19.31 -7.10
CA PRO A 772 -9.05 19.02 -7.59
C PRO A 772 -8.04 19.48 -6.58
N ILE A 773 -8.36 20.48 -5.76
CA ILE A 773 -7.38 20.96 -4.79
C ILE A 773 -7.22 19.95 -3.64
N ALA A 774 -8.37 19.49 -3.12
CA ALA A 774 -8.38 18.49 -2.05
C ALA A 774 -7.73 17.19 -2.52
N LEU A 775 -8.00 16.73 -3.73
CA LEU A 775 -7.36 15.53 -4.21
C LEU A 775 -5.86 15.70 -4.31
N ARG A 776 -5.38 16.84 -4.84
CA ARG A 776 -3.95 17.00 -4.87
C ARG A 776 -3.37 17.01 -3.45
N ALA A 777 -4.04 17.67 -2.50
CA ALA A 777 -3.57 17.69 -1.09
C ALA A 777 -3.49 16.29 -0.52
N VAL A 778 -4.53 15.50 -0.73
CA VAL A 778 -4.54 14.16 -0.18
C VAL A 778 -3.39 13.34 -0.77
N THR A 779 -3.24 13.42 -2.08
CA THR A 779 -2.21 12.66 -2.80
C THR A 779 -0.84 13.04 -2.30
N THR A 780 -0.66 14.33 -2.03
CA THR A 780 0.70 14.73 -1.76
C THR A 780 1.08 14.38 -0.34
N ILE A 781 0.13 14.43 0.63
CA ILE A 781 0.44 13.95 1.98
C ILE A 781 0.66 12.44 1.98
N ALA A 782 -0.19 11.71 1.26
CA ALA A 782 -0.10 10.25 1.21
C ALA A 782 1.24 9.82 0.66
N ARG A 783 1.73 10.55 -0.31
CA ARG A 783 3.04 10.30 -0.86
C ARG A 783 4.15 10.64 0.14
N ALA A 784 4.09 11.79 0.79
CA ALA A 784 5.24 12.20 1.60
C ALA A 784 5.21 11.52 2.97
N LEU A 785 4.01 11.20 3.49
CA LEU A 785 3.77 10.63 4.83
C LEU A 785 3.02 9.30 4.74
N PRO A 786 3.64 8.29 4.16
CA PRO A 786 2.84 7.11 3.80
C PRO A 786 2.37 6.36 5.06
N GLY A 787 1.12 5.92 5.10
CA GLY A 787 0.66 5.22 6.27
C GLY A 787 0.15 6.13 7.37
N PHE A 788 0.31 7.42 7.27
CA PHE A 788 -0.28 8.36 8.22
C PHE A 788 -1.75 8.55 7.83
N PRO A 789 -2.73 8.19 8.71
CA PRO A 789 -4.14 8.17 8.28
C PRO A 789 -4.60 9.54 7.78
N ILE A 790 -5.49 9.56 6.76
CA ILE A 790 -6.08 10.80 6.13
C ILE A 790 -7.60 10.64 6.13
N LEU A 791 -8.32 11.59 6.77
CA LEU A 791 -9.75 11.82 6.59
C LEU A 791 -9.90 12.84 5.45
N ALA A 792 -10.53 12.43 4.34
CA ALA A 792 -10.61 13.31 3.17
C ALA A 792 -11.85 14.18 3.23
N THR A 793 -11.68 15.38 2.75
CA THR A 793 -12.85 16.22 2.55
C THR A 793 -12.53 17.26 1.47
N GLY A 794 -13.46 17.36 0.54
CA GLY A 794 -13.52 18.47 -0.37
C GLY A 794 -14.26 17.99 -1.60
N GLY A 795 -15.57 18.22 -1.67
CA GLY A 795 -16.29 17.95 -2.90
C GLY A 795 -16.57 16.48 -3.18
N ILE A 796 -16.56 15.61 -2.17
CA ILE A 796 -16.97 14.22 -2.29
C ILE A 796 -18.48 14.15 -2.39
N ASP A 797 -19.02 13.58 -3.47
CA ASP A 797 -20.46 13.62 -3.59
C ASP A 797 -21.00 12.36 -4.23
N SER A 798 -20.28 11.26 -4.20
CA SER A 798 -20.81 10.02 -4.77
C SER A 798 -19.92 8.91 -4.23
N ALA A 799 -20.33 7.66 -4.49
CA ALA A 799 -19.37 6.59 -4.18
C ALA A 799 -18.16 6.70 -5.12
N GLU A 800 -18.40 6.90 -6.41
CA GLU A 800 -17.33 7.04 -7.39
C GLU A 800 -16.27 8.06 -6.96
N SER A 801 -16.67 9.29 -6.59
CA SER A 801 -15.64 10.25 -6.19
C SER A 801 -15.05 9.93 -4.80
N GLY A 802 -15.79 9.26 -3.92
CA GLY A 802 -15.17 8.86 -2.68
C GLY A 802 -14.10 7.80 -2.93
N LEU A 803 -14.36 6.90 -3.89
CA LEU A 803 -13.32 5.93 -4.27
C LEU A 803 -12.08 6.63 -4.84
N GLN A 804 -12.24 7.76 -5.51
CA GLN A 804 -11.02 8.41 -5.99
C GLN A 804 -10.14 8.80 -4.80
N PHE A 805 -10.75 9.27 -3.73
CA PHE A 805 -9.96 9.72 -2.60
C PHE A 805 -9.34 8.54 -1.86
N LEU A 806 -10.06 7.42 -1.79
CA LEU A 806 -9.50 6.26 -1.11
C LEU A 806 -8.29 5.81 -1.90
N HIS A 807 -8.49 5.73 -3.22
CA HIS A 807 -7.41 5.36 -4.12
C HIS A 807 -6.23 6.30 -3.93
N SER A 808 -6.51 7.53 -3.53
CA SER A 808 -5.41 8.45 -3.42
C SER A 808 -4.77 8.50 -2.06
N GLY A 809 -5.18 7.64 -1.13
CA GLY A 809 -4.56 7.48 0.19
C GLY A 809 -5.47 7.79 1.35
N ALA A 810 -6.74 8.24 1.15
CA ALA A 810 -7.56 8.56 2.35
C ALA A 810 -8.14 7.28 2.93
N SER A 811 -8.48 7.32 4.22
CA SER A 811 -9.14 6.17 4.81
C SER A 811 -10.62 6.33 4.96
N VAL A 812 -11.07 7.55 5.21
CA VAL A 812 -12.48 7.80 5.41
C VAL A 812 -12.76 9.11 4.71
N LEU A 813 -14.05 9.40 4.50
CA LEU A 813 -14.48 10.38 3.50
C LEU A 813 -15.47 11.31 4.21
N GLN A 814 -15.18 12.59 4.37
CA GLN A 814 -16.13 13.48 5.02
C GLN A 814 -16.93 14.21 3.94
N VAL A 815 -18.24 14.54 4.19
CA VAL A 815 -19.14 15.17 3.22
C VAL A 815 -19.85 16.37 3.88
N CYS A 816 -19.93 17.50 3.17
CA CYS A 816 -20.75 18.61 3.62
C CYS A 816 -21.66 19.11 2.50
N SER A 817 -21.04 19.52 1.36
CA SER A 817 -21.78 20.21 0.28
C SER A 817 -22.73 19.26 -0.43
N ALA A 818 -22.36 17.97 -0.60
CA ALA A 818 -23.34 17.04 -1.21
C ALA A 818 -24.61 16.89 -0.36
N VAL A 819 -24.49 17.17 0.96
CA VAL A 819 -25.70 17.13 1.83
C VAL A 819 -26.45 18.46 1.74
N GLN A 820 -25.72 19.57 1.68
CA GLN A 820 -26.43 20.84 1.55
C GLN A 820 -27.22 20.88 0.27
N ASN A 821 -26.79 20.12 -0.73
CA ASN A 821 -27.33 20.13 -2.10
C ASN A 821 -28.51 19.20 -2.13
N GLN A 822 -28.64 18.32 -1.11
CA GLN A 822 -29.64 17.28 -1.10
C GLN A 822 -30.17 17.06 0.33
N ASP A 823 -29.76 15.96 0.96
CA ASP A 823 -30.25 15.61 2.29
C ASP A 823 -29.54 14.34 2.73
N PHE A 824 -29.85 13.87 3.97
CA PHE A 824 -29.01 12.83 4.58
C PHE A 824 -29.20 11.50 3.93
N THR A 825 -30.26 11.27 3.18
CA THR A 825 -30.44 9.97 2.57
C THR A 825 -29.43 9.68 1.47
N VAL A 826 -28.64 10.63 0.91
CA VAL A 826 -27.63 10.17 -0.03
C VAL A 826 -26.72 9.08 0.54
N ILE A 827 -26.69 8.92 1.86
CA ILE A 827 -25.80 7.84 2.34
C ILE A 827 -26.24 6.48 1.72
N GLN A 828 -27.56 6.24 1.49
CA GLN A 828 -27.90 4.95 0.90
C GLN A 828 -27.29 4.81 -0.48
N ASP A 829 -27.26 5.90 -1.22
CA ASP A 829 -26.66 5.79 -2.53
C ASP A 829 -25.15 5.58 -2.40
N TYR A 830 -24.49 6.26 -1.43
CA TYR A 830 -23.04 6.14 -1.38
C TYR A 830 -22.65 4.71 -0.97
N CYS A 831 -23.40 4.12 -0.02
CA CYS A 831 -23.11 2.76 0.41
C CYS A 831 -23.30 1.76 -0.72
N THR A 832 -24.52 1.74 -1.33
CA THR A 832 -24.68 0.71 -2.32
C THR A 832 -23.74 0.97 -3.48
N GLY A 833 -23.47 2.25 -3.77
CA GLY A 833 -22.50 2.56 -4.84
C GLY A 833 -21.12 1.98 -4.52
N LEU A 834 -20.61 2.19 -3.31
CA LEU A 834 -19.28 1.64 -3.03
C LEU A 834 -19.29 0.13 -3.13
N LYS A 835 -20.37 -0.51 -2.67
CA LYS A 835 -20.37 -1.96 -2.72
C LYS A 835 -20.26 -2.42 -4.16
N ALA A 836 -21.07 -1.82 -5.05
CA ALA A 836 -21.08 -2.23 -6.44
C ALA A 836 -19.72 -2.00 -7.12
N LEU A 837 -19.10 -0.86 -6.88
CA LEU A 837 -17.76 -0.63 -7.41
C LEU A 837 -16.81 -1.74 -6.93
N LEU A 838 -16.88 -2.11 -5.64
CA LEU A 838 -15.91 -3.11 -5.18
C LEU A 838 -16.26 -4.47 -5.81
N TYR A 839 -17.56 -4.73 -5.95
CA TYR A 839 -18.00 -6.01 -6.44
C TYR A 839 -17.53 -6.21 -7.88
N LEU A 840 -17.62 -5.16 -8.68
CA LEU A 840 -17.36 -5.27 -10.13
C LEU A 840 -15.90 -5.60 -10.39
N LYS A 841 -15.02 -5.21 -9.47
CA LYS A 841 -13.61 -5.55 -9.61
C LYS A 841 -13.37 -7.06 -9.63
N SER A 842 -14.27 -7.89 -9.10
CA SER A 842 -14.01 -9.34 -9.12
C SER A 842 -14.58 -10.02 -10.37
N ILE A 843 -15.22 -9.28 -11.28
CA ILE A 843 -15.93 -9.88 -12.41
C ILE A 843 -15.09 -9.81 -13.70
N GLU A 844 -14.61 -10.95 -14.16
CA GLU A 844 -13.69 -10.93 -15.29
C GLU A 844 -14.37 -10.35 -16.54
N GLU A 845 -15.62 -10.72 -16.78
CA GLU A 845 -16.29 -10.36 -18.04
C GLU A 845 -16.54 -8.86 -18.16
N LEU A 846 -16.44 -8.11 -17.06
CA LEU A 846 -16.71 -6.67 -17.06
C LEU A 846 -15.47 -5.78 -16.83
N GLN A 847 -14.28 -6.14 -17.33
CA GLN A 847 -13.16 -5.26 -17.09
C GLN A 847 -13.04 -4.12 -18.10
N GLY A 848 -13.70 -4.19 -19.29
CA GLY A 848 -13.81 -3.03 -20.23
C GLY A 848 -14.62 -1.86 -19.68
N TRP A 849 -15.29 -2.03 -18.55
CA TRP A 849 -16.11 -0.97 -17.98
C TRP A 849 -15.19 -0.06 -17.18
N ASP A 850 -15.64 1.14 -16.94
CA ASP A 850 -14.99 2.09 -16.01
C ASP A 850 -15.98 2.16 -14.83
N GLY A 851 -15.78 1.32 -13.81
CA GLY A 851 -16.70 1.43 -12.70
C GLY A 851 -18.03 0.85 -13.10
N GLN A 852 -19.14 1.59 -12.97
CA GLN A 852 -20.42 0.97 -13.29
C GLN A 852 -20.88 1.32 -14.66
N SER A 853 -19.99 1.92 -15.52
CA SER A 853 -20.26 2.45 -16.89
C SER A 853 -19.88 1.41 -17.92
N PRO A 854 -20.79 0.83 -18.66
CA PRO A 854 -20.34 -0.05 -19.73
C PRO A 854 -19.35 0.66 -20.66
N GLY A 855 -18.52 -0.03 -21.44
CA GLY A 855 -17.81 0.71 -22.46
C GLY A 855 -18.81 1.30 -23.46
N THR A 856 -18.58 2.54 -23.89
CA THR A 856 -19.53 3.19 -24.78
C THR A 856 -19.52 2.51 -26.13
N GLU A 857 -20.72 2.23 -26.66
CA GLU A 857 -20.88 1.70 -28.01
C GLU A 857 -21.34 2.85 -28.92
N SER A 858 -20.90 2.85 -30.18
CA SER A 858 -21.29 3.96 -31.03
C SER A 858 -22.82 3.99 -31.20
N HIS A 859 -23.39 5.16 -30.91
CA HIS A 859 -24.83 5.42 -30.78
C HIS A 859 -25.14 6.76 -31.46
N GLN A 860 -26.44 6.94 -31.84
CA GLN A 860 -27.07 8.25 -32.05
C GLN A 860 -28.30 8.34 -31.14
N LYS A 861 -28.40 9.46 -30.38
CA LYS A 861 -29.46 9.64 -29.38
C LYS A 861 -29.49 8.44 -28.45
N GLY A 862 -28.31 7.83 -28.20
CA GLY A 862 -28.23 6.65 -27.32
C GLY A 862 -28.90 5.36 -27.81
N LYS A 863 -29.20 5.27 -29.07
CA LYS A 863 -29.60 4.00 -29.61
C LYS A 863 -28.45 3.46 -30.45
N PRO A 864 -28.15 2.17 -30.42
CA PRO A 864 -26.96 1.65 -31.16
C PRO A 864 -27.06 1.76 -32.72
N VAL A 865 -25.91 2.11 -33.38
CA VAL A 865 -25.85 2.30 -34.84
C VAL A 865 -25.88 0.95 -35.51
N PRO A 866 -26.72 0.79 -36.54
CA PRO A 866 -26.77 -0.50 -37.24
C PRO A 866 -25.39 -0.88 -37.73
N ARG A 867 -24.95 -2.08 -37.32
CA ARG A 867 -23.70 -2.63 -37.84
C ARG A 867 -24.02 -3.30 -39.16
N ILE A 868 -23.92 -2.50 -40.23
CA ILE A 868 -24.10 -2.96 -41.59
C ILE A 868 -22.92 -2.44 -42.36
N ALA A 869 -22.37 -3.27 -43.25
CA ALA A 869 -21.09 -2.94 -43.89
C ALA A 869 -21.26 -1.92 -45.03
N GLU A 870 -22.33 -2.07 -45.85
CA GLU A 870 -22.80 -1.06 -46.79
C GLU A 870 -23.04 0.34 -46.16
N LEU A 871 -23.07 0.46 -44.83
CA LEU A 871 -23.17 1.72 -44.09
C LEU A 871 -21.81 2.23 -43.56
N MET A 872 -20.79 1.37 -43.50
CA MET A 872 -19.62 1.61 -42.64
C MET A 872 -18.58 2.40 -43.43
N GLY A 873 -18.41 3.67 -43.09
CA GLY A 873 -17.46 4.49 -43.78
C GLY A 873 -17.91 5.00 -45.12
N LYS A 874 -19.22 5.07 -45.37
CA LYS A 874 -19.73 5.72 -46.58
C LYS A 874 -19.88 7.26 -46.42
N LYS A 875 -19.52 7.82 -45.25
CA LYS A 875 -19.52 9.28 -44.99
C LYS A 875 -20.94 9.86 -45.14
N LEU A 876 -21.86 9.31 -44.36
CA LEU A 876 -23.27 9.69 -44.45
C LEU A 876 -23.61 10.12 -43.03
N PRO A 877 -23.44 11.41 -42.77
CA PRO A 877 -23.97 11.98 -41.53
C PRO A 877 -25.51 11.79 -41.42
N ASN A 878 -26.05 12.01 -40.18
CA ASN A 878 -27.50 11.80 -39.99
C ASN A 878 -28.31 13.10 -40.22
N PHE A 879 -28.17 13.67 -41.42
CA PHE A 879 -29.07 14.77 -41.78
C PHE A 879 -29.22 14.88 -43.27
N GLY A 880 -30.32 15.55 -43.68
CA GLY A 880 -30.44 15.93 -45.06
C GLY A 880 -30.48 14.72 -45.98
N PRO A 881 -30.04 14.91 -47.18
CA PRO A 881 -30.00 13.82 -48.14
C PRO A 881 -29.09 12.64 -47.75
N TYR A 882 -28.05 12.83 -46.90
CA TYR A 882 -27.33 11.66 -46.39
C TYR A 882 -28.20 10.79 -45.48
N LEU A 883 -29.03 11.41 -44.66
CA LEU A 883 -29.94 10.62 -43.83
C LEU A 883 -30.91 9.83 -44.71
N GLU A 884 -31.38 10.41 -45.79
CA GLU A 884 -32.23 9.60 -46.65
C GLU A 884 -31.48 8.37 -47.19
N GLN A 885 -30.19 8.52 -47.58
CA GLN A 885 -29.48 7.32 -48.02
C GLN A 885 -29.31 6.29 -46.89
N ARG A 886 -29.05 6.73 -45.67
CA ARG A 886 -28.87 5.76 -44.58
C ARG A 886 -30.09 4.87 -44.47
N LYS A 887 -31.24 5.48 -44.72
CA LYS A 887 -32.53 4.85 -44.59
C LYS A 887 -32.71 3.82 -45.67
N LYS A 888 -32.31 4.14 -46.89
CA LYS A 888 -32.42 3.18 -48.00
C LYS A 888 -31.53 1.96 -47.79
N ILE A 889 -30.29 2.16 -47.33
CA ILE A 889 -29.42 1.04 -46.97
C ILE A 889 -30.00 0.22 -45.79
N ILE A 890 -30.43 0.86 -44.69
CA ILE A 890 -30.93 0.02 -43.59
C ILE A 890 -32.13 -0.81 -44.06
N ALA A 891 -33.00 -0.22 -44.86
CA ALA A 891 -34.18 -0.94 -45.35
C ALA A 891 -33.81 -2.15 -46.20
N GLU A 892 -32.94 -1.94 -47.21
CA GLU A 892 -32.52 -3.06 -48.05
C GLU A 892 -31.90 -4.19 -47.20
N GLU A 893 -31.18 -3.85 -46.17
CA GLU A 893 -30.64 -4.89 -45.27
C GLU A 893 -31.76 -5.66 -44.53
N LYS A 894 -32.76 -4.93 -44.00
CA LYS A 894 -33.89 -5.56 -43.32
C LYS A 894 -34.55 -6.56 -44.23
N MET A 895 -34.67 -6.23 -45.52
CA MET A 895 -35.26 -7.11 -46.53
C MET A 895 -34.35 -8.30 -46.89
N ARG A 896 -33.03 -8.10 -47.03
CA ARG A 896 -32.08 -9.20 -47.08
C ARG A 896 -32.30 -10.17 -45.95
N LEU A 897 -32.27 -9.67 -44.69
CA LEU A 897 -32.56 -10.52 -43.53
C LEU A 897 -33.91 -11.25 -43.69
N LYS A 898 -34.94 -10.62 -44.29
CA LYS A 898 -36.24 -11.27 -44.45
C LYS A 898 -36.10 -12.52 -45.32
N GLU A 899 -35.34 -12.43 -46.43
CA GLU A 899 -35.19 -13.59 -47.31
C GLU A 899 -34.18 -14.62 -46.79
N GLN A 900 -33.41 -14.39 -45.75
CA GLN A 900 -32.70 -15.53 -45.11
C GLN A 900 -33.14 -15.70 -43.64
N ASN A 901 -34.24 -16.43 -43.43
CA ASN A 901 -34.72 -16.65 -42.05
C ASN A 901 -33.61 -17.11 -41.09
N GLU A 908 -29.24 -17.67 -24.10
CA GLU A 908 -28.91 -18.25 -22.78
C GLU A 908 -28.35 -17.20 -21.78
N ARG A 909 -28.98 -17.10 -20.62
CA ARG A 909 -28.59 -16.14 -19.59
C ARG A 909 -28.06 -16.88 -18.37
N LYS A 910 -26.75 -16.79 -18.10
CA LYS A 910 -26.28 -17.35 -16.84
C LYS A 910 -25.42 -16.30 -16.16
N PRO A 911 -25.48 -16.17 -14.83
CA PRO A 911 -24.84 -15.03 -14.17
C PRO A 911 -23.31 -15.14 -14.14
N PHE A 912 -22.63 -13.99 -14.23
CA PHE A 912 -21.18 -13.94 -13.98
C PHE A 912 -20.82 -14.20 -12.52
N ILE A 913 -19.80 -15.03 -12.26
CA ILE A 913 -19.24 -15.31 -10.91
C ILE A 913 -17.93 -14.59 -10.61
N PRO A 914 -17.77 -14.02 -9.42
CA PRO A 914 -16.48 -13.45 -9.03
C PRO A 914 -15.37 -14.48 -9.19
N LYS A 915 -14.30 -14.08 -9.85
CA LYS A 915 -13.17 -14.99 -10.00
C LYS A 915 -11.96 -14.64 -9.15
N LYS A 916 -11.82 -13.41 -8.65
CA LYS A 916 -11.02 -13.06 -7.47
C LYS A 916 -11.93 -12.93 -6.28
N PRO A 917 -11.43 -12.88 -5.02
CA PRO A 917 -12.31 -12.37 -3.96
C PRO A 917 -12.46 -10.85 -4.05
N ILE A 918 -13.55 -10.37 -3.46
CA ILE A 918 -14.01 -8.98 -3.61
C ILE A 918 -13.13 -8.09 -2.74
N PRO A 919 -12.55 -7.06 -3.26
CA PRO A 919 -11.61 -6.30 -2.44
C PRO A 919 -12.32 -5.60 -1.28
N ALA A 920 -11.65 -5.56 -0.10
CA ALA A 920 -12.04 -4.71 1.03
C ALA A 920 -11.50 -3.29 0.82
N ILE A 921 -12.04 -2.29 1.55
CA ILE A 921 -11.53 -0.91 1.42
C ILE A 921 -9.99 -0.87 1.65
N LYS A 922 -9.45 -1.69 2.58
CA LYS A 922 -8.06 -1.43 2.89
C LYS A 922 -7.16 -1.87 1.74
N ASP A 923 -7.57 -2.89 0.98
CA ASP A 923 -6.99 -3.31 -0.29
C ASP A 923 -6.91 -2.20 -1.35
N VAL A 924 -7.75 -1.15 -1.35
CA VAL A 924 -7.66 -0.17 -2.42
C VAL A 924 -7.03 1.14 -1.96
N ILE A 925 -6.87 1.38 -0.65
CA ILE A 925 -6.29 2.66 -0.20
C ILE A 925 -4.90 2.89 -0.84
N GLY A 926 -4.73 4.00 -1.50
CA GLY A 926 -3.40 4.27 -2.02
C GLY A 926 -3.10 3.76 -3.43
N LYS A 927 -4.00 2.99 -4.08
CA LYS A 927 -3.60 2.27 -5.28
C LYS A 927 -3.31 3.19 -6.44
N ALA A 928 -3.84 4.42 -6.47
CA ALA A 928 -3.51 5.38 -7.56
C ALA A 928 -2.10 6.01 -7.43
N LEU A 929 -1.48 5.91 -6.24
CA LEU A 929 -0.25 6.63 -6.01
C LEU A 929 0.90 6.07 -6.85
N GLN A 930 0.85 4.79 -7.21
CA GLN A 930 1.85 4.20 -8.11
C GLN A 930 1.85 4.84 -9.52
N TYR A 931 0.82 5.59 -9.90
CA TYR A 931 0.88 6.33 -11.17
C TYR A 931 1.36 7.76 -11.05
N LEU A 932 1.26 8.36 -9.89
CA LEU A 932 1.65 9.75 -9.75
C LEU A 932 3.17 9.84 -9.69
N GLY A 933 3.73 10.91 -10.24
CA GLY A 933 5.18 11.09 -10.13
C GLY A 933 5.60 12.48 -10.63
N THR A 934 6.90 12.67 -10.84
CA THR A 934 7.32 13.97 -11.33
C THR A 934 7.04 14.08 -12.84
N PHE A 935 7.25 15.30 -13.37
CA PHE A 935 7.05 15.47 -14.81
C PHE A 935 8.07 14.62 -15.63
N GLY A 936 9.34 14.52 -15.16
CA GLY A 936 10.38 13.85 -15.93
C GLY A 936 10.19 12.34 -15.98
N GLU A 937 9.29 11.82 -15.13
CA GLU A 937 8.85 10.43 -15.17
C GLU A 937 7.80 10.10 -16.26
N LEU A 938 7.18 11.10 -16.91
CA LEU A 938 6.35 10.89 -18.07
C LEU A 938 7.15 10.76 -19.39
N SER A 939 6.82 9.74 -20.20
CA SER A 939 7.37 9.58 -21.54
C SER A 939 7.00 10.77 -22.41
N ASN A 940 7.98 11.37 -23.08
CA ASN A 940 7.69 12.22 -24.24
C ASN A 940 7.98 11.48 -25.54
N ILE A 941 8.18 10.15 -25.47
CA ILE A 941 8.34 9.31 -26.63
C ILE A 941 7.03 8.63 -26.96
N GLU A 942 6.22 8.35 -25.95
CA GLU A 942 4.99 7.59 -26.12
C GLU A 942 3.86 8.61 -26.20
N GLN A 943 3.68 9.23 -27.39
CA GLN A 943 2.73 10.27 -27.73
C GLN A 943 1.47 9.72 -28.37
N VAL A 944 0.39 10.47 -28.31
CA VAL A 944 -0.84 10.02 -28.94
C VAL A 944 -1.35 11.06 -29.95
N VAL A 945 -2.41 10.68 -30.67
CA VAL A 945 -3.10 11.54 -31.63
C VAL A 945 -4.61 11.29 -31.45
N ALA A 946 -5.42 12.28 -31.72
CA ALA A 946 -6.87 12.03 -31.54
C ALA A 946 -7.45 11.25 -32.76
N VAL A 947 -8.53 10.50 -32.54
CA VAL A 947 -9.22 9.73 -33.59
C VAL A 947 -10.73 9.85 -33.35
N ILE A 948 -11.49 10.12 -34.40
CA ILE A 948 -12.91 10.43 -34.26
C ILE A 948 -13.79 9.32 -34.83
N ASP A 949 -14.82 8.94 -34.07
CA ASP A 949 -15.73 7.88 -34.51
C ASP A 949 -16.86 8.61 -35.22
N GLU A 950 -16.76 8.72 -36.56
CA GLU A 950 -17.76 9.45 -37.33
C GLU A 950 -19.19 8.97 -37.04
N GLU A 951 -19.39 7.74 -36.52
CA GLU A 951 -20.77 7.25 -36.34
C GLU A 951 -21.43 7.91 -35.15
N MET A 952 -20.61 8.40 -34.18
CA MET A 952 -21.08 9.06 -32.96
C MET A 952 -21.22 10.57 -33.11
N CYS A 953 -20.70 11.15 -34.20
CA CYS A 953 -20.52 12.59 -34.32
C CYS A 953 -21.86 13.30 -34.37
N ILE A 954 -21.94 14.47 -33.79
CA ILE A 954 -23.15 15.23 -34.09
C ILE A 954 -22.86 16.53 -34.80
N ASN A 955 -21.71 16.58 -35.45
CA ASN A 955 -21.44 17.55 -36.51
C ASN A 955 -21.35 19.01 -36.06
N CYS A 956 -21.03 19.20 -34.82
CA CYS A 956 -21.07 20.52 -34.25
C CYS A 956 -19.80 21.30 -34.55
N GLY A 957 -18.71 20.63 -34.88
CA GLY A 957 -17.46 21.33 -35.16
C GLY A 957 -16.73 21.95 -33.96
N LYS A 958 -17.09 21.61 -32.72
CA LYS A 958 -16.41 22.15 -31.56
C LYS A 958 -14.96 21.67 -31.46
N CYS A 959 -14.69 20.40 -31.88
CA CYS A 959 -13.30 19.94 -31.96
C CYS A 959 -12.48 20.83 -32.91
N TYR A 960 -13.10 21.11 -34.05
CA TYR A 960 -12.54 21.96 -35.09
C TYR A 960 -12.22 23.36 -34.55
N MET A 961 -13.19 23.97 -33.80
CA MET A 961 -12.99 25.32 -33.34
C MET A 961 -11.91 25.39 -32.26
N THR A 962 -11.86 24.35 -31.44
CA THR A 962 -10.91 24.31 -30.37
C THR A 962 -9.53 24.09 -30.96
N CYS A 963 -9.41 23.26 -31.98
CA CYS A 963 -8.08 23.02 -32.47
C CYS A 963 -7.62 24.23 -33.28
N ASN A 964 -8.56 25.01 -33.87
CA ASN A 964 -8.18 26.20 -34.64
C ASN A 964 -7.72 27.34 -33.73
N ASP A 965 -8.47 27.68 -32.69
CA ASP A 965 -8.15 28.88 -31.92
C ASP A 965 -7.52 28.56 -30.58
N SER A 966 -7.36 27.26 -30.27
CA SER A 966 -6.58 26.86 -29.08
C SER A 966 -5.58 25.74 -29.38
N GLY A 967 -5.37 25.41 -30.63
CA GLY A 967 -4.64 24.16 -30.87
C GLY A 967 -3.72 24.23 -32.07
N TYR A 968 -3.73 23.23 -32.96
CA TYR A 968 -2.67 23.08 -33.98
C TYR A 968 -3.24 23.09 -35.38
N GLN A 969 -4.46 23.55 -35.50
CA GLN A 969 -5.15 23.61 -36.81
C GLN A 969 -5.09 22.25 -37.56
N ALA A 970 -5.43 21.13 -36.87
CA ALA A 970 -5.14 19.78 -37.38
C ALA A 970 -6.41 19.06 -37.85
N ILE A 971 -7.56 19.67 -37.67
CA ILE A 971 -8.78 19.00 -38.03
C ILE A 971 -9.35 19.65 -39.27
N GLN A 972 -9.68 18.84 -40.28
CA GLN A 972 -10.55 19.27 -41.41
C GLN A 972 -12.03 19.02 -41.11
N PHE A 973 -12.87 19.98 -41.47
CA PHE A 973 -14.30 19.94 -41.09
C PHE A 973 -15.03 20.09 -42.41
N ASP A 974 -15.68 19.05 -42.85
CA ASP A 974 -16.11 18.96 -44.27
C ASP A 974 -17.27 19.91 -44.51
N PRO A 975 -17.22 20.75 -45.55
CA PRO A 975 -18.29 21.76 -45.72
C PRO A 975 -19.66 21.18 -46.11
N GLU A 976 -19.74 19.99 -46.68
CA GLU A 976 -21.05 19.46 -47.03
C GLU A 976 -21.54 18.53 -45.97
N THR A 977 -20.66 17.69 -45.42
CA THR A 977 -21.09 16.74 -44.41
C THR A 977 -20.88 17.22 -42.96
N HIS A 978 -20.03 18.25 -42.69
CA HIS A 978 -19.77 18.61 -41.30
C HIS A 978 -19.33 17.38 -40.53
N LEU A 979 -18.60 16.52 -41.15
CA LEU A 979 -17.71 15.57 -40.41
C LEU A 979 -16.30 16.16 -40.22
N PRO A 980 -15.70 16.14 -39.01
CA PRO A 980 -14.28 16.43 -38.82
C PRO A 980 -13.42 15.21 -39.14
N THR A 981 -12.22 15.45 -39.70
CA THR A 981 -11.20 14.44 -39.72
C THR A 981 -9.91 15.00 -39.11
N VAL A 982 -9.30 14.26 -38.19
CA VAL A 982 -8.00 14.62 -37.60
C VAL A 982 -6.86 14.32 -38.60
N THR A 983 -6.01 15.30 -38.90
CA THR A 983 -4.90 15.05 -39.86
C THR A 983 -3.59 14.76 -39.09
N ASP A 984 -2.43 14.72 -39.80
CA ASP A 984 -1.20 14.31 -39.12
C ASP A 984 -0.47 15.48 -38.42
N THR A 985 -0.96 16.69 -38.52
CA THR A 985 -0.52 17.77 -37.68
C THR A 985 -0.75 17.48 -36.21
N CYS A 986 -1.72 16.59 -35.87
CA CYS A 986 -2.17 16.44 -34.48
C CYS A 986 -1.00 16.20 -33.55
N THR A 987 -0.98 16.88 -32.40
CA THR A 987 0.05 16.72 -31.35
C THR A 987 -0.44 15.92 -30.16
N GLY A 988 -1.73 15.53 -30.19
CA GLY A 988 -2.38 14.96 -29.02
C GLY A 988 -2.61 15.86 -27.84
N CYS A 989 -2.62 17.19 -28.00
CA CYS A 989 -2.77 17.98 -26.79
C CYS A 989 -3.98 17.52 -25.94
N THR A 990 -5.05 17.04 -26.61
CA THR A 990 -6.27 16.38 -26.09
C THR A 990 -7.41 17.40 -25.87
N LEU A 991 -7.26 18.66 -26.31
CA LEU A 991 -8.35 19.61 -26.10
C LEU A 991 -9.64 19.26 -26.89
N CYS A 992 -9.55 18.74 -28.12
CA CYS A 992 -10.78 18.34 -28.82
C CYS A 992 -11.57 17.33 -28.00
N LEU A 993 -10.90 16.29 -27.52
CA LEU A 993 -11.63 15.30 -26.74
C LEU A 993 -12.38 15.95 -25.55
N SER A 994 -11.71 16.85 -24.85
CA SER A 994 -12.24 17.50 -23.71
C SER A 994 -13.41 18.41 -24.01
N VAL A 995 -13.58 18.94 -25.24
CA VAL A 995 -14.74 19.78 -25.51
C VAL A 995 -15.88 19.01 -26.24
N CYS A 996 -15.68 17.74 -26.62
CA CYS A 996 -16.69 17.02 -27.45
C CYS A 996 -17.94 16.78 -26.62
N PRO A 997 -19.14 17.17 -27.07
CA PRO A 997 -20.35 16.87 -26.27
C PRO A 997 -20.72 15.37 -26.20
N ILE A 998 -20.18 14.50 -27.08
CA ILE A 998 -20.53 13.06 -27.14
C ILE A 998 -19.43 12.23 -26.44
N ILE A 999 -19.80 11.47 -25.39
CA ILE A 999 -18.82 10.68 -24.61
C ILE A 999 -18.19 9.62 -25.46
N ASP A 1000 -16.87 9.61 -25.45
CA ASP A 1000 -16.05 8.63 -26.14
C ASP A 1000 -16.17 8.72 -27.66
N CYS A 1001 -16.66 9.83 -28.19
CA CYS A 1001 -16.69 9.92 -29.66
C CYS A 1001 -15.29 10.14 -30.20
N ILE A 1002 -14.47 10.96 -29.52
CA ILE A 1002 -13.04 11.08 -29.84
C ILE A 1002 -12.26 10.28 -28.78
N ARG A 1003 -11.25 9.53 -29.22
CA ARG A 1003 -10.38 8.70 -28.40
C ARG A 1003 -8.90 9.03 -28.76
N MET A 1004 -8.01 8.98 -27.78
CA MET A 1004 -6.61 9.11 -28.11
C MET A 1004 -6.06 7.71 -28.30
N VAL A 1005 -5.31 7.54 -29.39
CA VAL A 1005 -4.53 6.35 -29.71
C VAL A 1005 -3.03 6.70 -29.86
N SER A 1006 -2.19 5.68 -29.62
CA SER A 1006 -0.75 5.79 -29.86
C SER A 1006 -0.48 6.34 -31.24
N ARG A 1007 0.30 7.39 -31.25
CA ARG A 1007 0.95 7.84 -32.46
C ARG A 1007 1.60 6.67 -33.17
N THR A 1008 1.18 6.41 -34.41
CA THR A 1008 1.98 5.54 -35.26
C THR A 1008 3.06 6.32 -36.02
N THR A 1009 2.78 7.61 -36.39
CA THR A 1009 3.68 8.34 -37.29
C THR A 1009 4.83 9.03 -36.57
N PRO A 1010 5.71 9.63 -37.34
CA PRO A 1010 6.87 10.37 -36.77
C PRO A 1010 6.65 11.63 -35.87
N TYR A 1011 6.78 11.54 -34.52
CA TYR A 1011 6.57 12.72 -33.64
C TYR A 1011 7.80 13.62 -33.47
N GLU A 1012 7.81 14.71 -34.22
CA GLU A 1012 8.77 15.81 -34.16
C GLU A 1012 8.11 17.06 -33.57
N PRO A 1013 8.58 17.60 -32.45
CA PRO A 1013 8.02 18.87 -31.95
C PRO A 1013 8.07 19.98 -32.99
N LYS A 1014 7.07 20.84 -32.99
CA LYS A 1014 6.99 21.91 -33.96
C LYS A 1014 7.64 23.16 -33.37
N ARG A 1015 8.81 23.56 -33.89
CA ARG A 1015 9.65 24.53 -33.21
C ARG A 1015 9.60 25.92 -33.81
N GLY A 1016 8.91 26.09 -34.95
CA GLY A 1016 8.66 27.41 -35.48
C GLY A 1016 9.76 27.85 -36.42
N LEU A 1017 11.03 27.88 -35.91
CA LEU A 1017 12.26 28.14 -36.68
C LEU A 1017 13.24 26.99 -36.43
N PRO B 3 -33.07 17.71 29.59
CA PRO B 3 -33.71 16.95 28.50
C PRO B 3 -32.71 16.38 27.45
N VAL B 4 -33.21 15.57 26.54
CA VAL B 4 -32.26 14.90 25.65
C VAL B 4 -31.94 15.96 24.60
N LEU B 5 -30.73 16.55 24.68
CA LEU B 5 -30.31 17.58 23.72
C LEU B 5 -30.25 17.11 22.28
N SER B 6 -29.98 15.82 22.07
CA SER B 6 -29.84 15.31 20.71
C SER B 6 -31.12 14.74 20.13
N LYS B 7 -32.32 14.99 20.69
CA LYS B 7 -33.60 14.57 20.11
C LYS B 7 -34.44 15.79 19.77
N ASP B 8 -35.17 15.74 18.68
CA ASP B 8 -36.03 16.86 18.34
C ASP B 8 -37.24 16.87 19.26
N VAL B 9 -37.62 18.05 19.73
CA VAL B 9 -38.84 18.07 20.50
C VAL B 9 -40.02 17.86 19.53
N ALA B 10 -41.23 17.64 20.08
CA ALA B 10 -42.36 17.21 19.28
C ALA B 10 -42.68 18.17 18.11
N ASP B 11 -42.69 19.51 18.35
CA ASP B 11 -42.96 20.48 17.29
C ASP B 11 -42.01 20.32 16.07
N ILE B 12 -40.73 20.12 16.38
CA ILE B 12 -39.73 19.93 15.32
C ILE B 12 -39.91 18.57 14.66
N GLU B 13 -40.13 17.52 15.45
CA GLU B 13 -40.56 16.28 14.86
C GLU B 13 -41.72 16.53 13.89
N SER B 14 -42.66 17.41 14.25
CA SER B 14 -43.79 17.62 13.35
C SER B 14 -43.33 18.35 12.09
N ILE B 15 -42.49 19.38 12.25
CA ILE B 15 -42.05 20.16 11.10
C ILE B 15 -41.34 19.27 10.09
N LEU B 16 -40.67 18.20 10.56
CA LEU B 16 -39.85 17.27 9.78
C LEU B 16 -40.66 16.12 9.12
N ALA B 17 -41.99 16.07 9.28
CA ALA B 17 -42.81 14.90 8.89
C ALA B 17 -42.58 14.45 7.43
N LEU B 18 -42.44 15.40 6.45
CA LEU B 18 -42.19 15.15 5.03
C LEU B 18 -40.72 15.06 4.62
N ASN B 19 -39.77 15.14 5.56
CA ASN B 19 -38.35 15.05 5.21
C ASN B 19 -38.02 13.68 4.64
N PRO B 20 -37.11 13.56 3.64
CA PRO B 20 -36.81 12.21 3.13
C PRO B 20 -36.22 11.37 4.28
N ARG B 21 -36.58 10.08 4.30
CA ARG B 21 -35.88 9.08 5.12
C ARG B 21 -35.73 7.85 4.26
N THR B 22 -34.77 6.95 4.51
CA THR B 22 -34.76 5.81 3.59
C THR B 22 -35.69 4.75 4.09
N GLN B 23 -36.29 4.01 3.16
CA GLN B 23 -37.23 2.94 3.52
C GLN B 23 -36.51 1.60 3.63
N SER B 24 -36.97 0.78 4.53
CA SER B 24 -36.39 -0.53 4.62
C SER B 24 -37.30 -1.62 4.06
N HIS B 25 -38.51 -1.26 3.65
CA HIS B 25 -39.46 -2.19 3.08
C HIS B 25 -39.98 -1.59 1.78
N ALA B 26 -40.53 -2.40 0.89
CA ALA B 26 -41.18 -1.79 -0.27
C ALA B 26 -42.56 -1.33 0.19
N ALA B 27 -43.13 -0.33 -0.51
CA ALA B 27 -44.40 0.27 -0.07
C ALA B 27 -45.62 -0.62 -0.42
N LEU B 28 -46.72 -0.46 0.27
CA LEU B 28 -47.93 -1.16 -0.12
C LEU B 28 -49.02 -0.12 -0.39
N HIS B 29 -49.42 0.13 -1.65
CA HIS B 29 -50.59 1.02 -1.82
C HIS B 29 -51.46 0.42 -2.90
N SER B 30 -52.76 0.27 -2.64
CA SER B 30 -53.62 -0.36 -3.64
C SER B 30 -53.76 0.47 -4.96
N THR B 31 -54.13 -0.28 -6.01
CA THR B 31 -54.22 0.28 -7.38
C THR B 31 -55.33 1.31 -7.44
N LEU B 32 -56.38 1.05 -6.67
CA LEU B 32 -57.44 2.03 -6.55
C LEU B 32 -57.04 3.22 -5.65
N ALA B 33 -56.43 3.01 -4.48
CA ALA B 33 -55.93 4.17 -3.75
C ALA B 33 -55.07 5.04 -4.68
N LYS B 34 -54.26 4.42 -5.54
CA LYS B 34 -53.40 5.21 -6.41
C LYS B 34 -54.20 5.92 -7.48
N LYS B 35 -55.25 5.31 -8.02
CA LYS B 35 -56.08 5.99 -9.03
C LYS B 35 -56.65 7.29 -8.47
N LEU B 36 -57.09 7.24 -7.21
CA LEU B 36 -57.83 8.29 -6.50
C LEU B 36 -56.99 9.44 -5.99
N ASP B 37 -55.69 9.22 -5.74
CA ASP B 37 -54.70 10.21 -5.33
C ASP B 37 -54.01 10.83 -6.54
N LYS B 38 -54.14 10.20 -7.72
CA LYS B 38 -53.36 10.66 -8.86
C LYS B 38 -53.82 12.05 -9.26
N LYS B 39 -55.12 12.29 -9.16
CA LYS B 39 -55.60 13.56 -9.65
C LYS B 39 -55.10 14.68 -8.78
N HIS B 40 -54.66 14.39 -7.55
CA HIS B 40 -54.28 15.47 -6.65
C HIS B 40 -53.06 16.20 -7.17
N TRP B 41 -52.15 15.51 -7.83
CA TRP B 41 -50.80 16.00 -8.10
C TRP B 41 -50.57 16.42 -9.56
N LYS B 42 -51.61 16.34 -10.40
CA LYS B 42 -51.47 16.30 -11.83
C LYS B 42 -51.14 17.74 -12.37
N ARG B 43 -50.04 17.88 -13.08
CA ARG B 43 -49.66 19.16 -13.66
C ARG B 43 -50.11 19.27 -15.10
N ASN B 44 -50.01 18.17 -15.89
CA ASN B 44 -50.12 18.29 -17.37
C ASN B 44 -51.58 18.04 -17.79
N PRO B 45 -51.95 18.29 -19.06
CA PRO B 45 -53.37 18.08 -19.46
C PRO B 45 -53.80 16.63 -19.25
N ASP B 46 -55.06 16.43 -18.96
CA ASP B 46 -55.58 15.08 -18.74
C ASP B 46 -56.13 14.48 -20.06
N LYS B 47 -55.52 13.40 -20.57
CA LYS B 47 -55.93 12.80 -21.83
C LYS B 47 -57.39 12.38 -21.87
N ASN B 48 -58.05 12.22 -20.71
CA ASN B 48 -59.47 11.91 -20.63
C ASN B 48 -60.35 13.15 -20.54
N CYS B 49 -59.79 14.33 -20.41
CA CYS B 49 -60.65 15.51 -20.32
C CYS B 49 -60.90 16.07 -21.74
N PHE B 50 -62.18 16.00 -22.18
CA PHE B 50 -62.54 16.18 -23.59
C PHE B 50 -63.03 17.58 -23.90
N HIS B 51 -63.21 18.42 -22.87
CA HIS B 51 -63.61 19.81 -23.02
C HIS B 51 -62.44 20.74 -22.71
N CYS B 52 -62.39 21.79 -23.49
CA CYS B 52 -61.40 22.85 -23.29
C CYS B 52 -61.83 23.97 -22.32
N GLU B 53 -60.94 24.30 -21.32
CA GLU B 53 -61.01 25.47 -20.39
C GLU B 53 -61.68 26.71 -21.00
N LYS B 54 -62.37 27.50 -20.15
CA LYS B 54 -63.20 28.61 -20.64
C LYS B 54 -62.21 29.70 -21.12
N LEU B 55 -62.22 30.02 -22.43
CA LEU B 55 -61.17 30.85 -23.00
C LEU B 55 -61.71 32.18 -23.48
N GLU B 56 -62.95 32.47 -23.09
CA GLU B 56 -63.67 33.55 -23.73
C GLU B 56 -63.00 34.87 -23.31
N ASN B 57 -62.57 35.68 -24.27
CA ASN B 57 -61.91 36.96 -23.98
C ASN B 57 -60.55 36.83 -23.28
N ASN B 58 -59.96 35.64 -23.29
CA ASN B 58 -58.64 35.42 -22.72
C ASN B 58 -57.63 35.51 -23.87
N PHE B 59 -56.94 36.65 -23.94
CA PHE B 59 -55.84 36.86 -24.89
C PHE B 59 -54.47 36.75 -24.23
N ASP B 60 -54.35 35.86 -23.22
CA ASP B 60 -53.08 35.53 -22.56
C ASP B 60 -52.14 34.72 -23.51
N ASP B 61 -50.84 34.96 -23.43
CA ASP B 61 -49.83 34.28 -24.26
C ASP B 61 -49.97 32.74 -24.21
N ILE B 62 -50.09 32.06 -25.34
CA ILE B 62 -50.20 30.58 -25.30
C ILE B 62 -48.97 29.87 -25.89
N LYS B 63 -47.93 30.58 -26.25
CA LYS B 63 -46.85 29.94 -26.99
C LYS B 63 -46.11 28.94 -26.08
N HIS B 64 -45.78 27.77 -26.57
CA HIS B 64 -44.99 26.91 -25.69
C HIS B 64 -43.55 27.35 -25.59
N THR B 65 -43.05 28.15 -26.55
CA THR B 65 -41.63 28.49 -26.59
C THR B 65 -41.24 29.70 -25.78
N THR B 66 -42.18 30.44 -25.17
CA THR B 66 -41.77 31.62 -24.42
C THR B 66 -40.83 31.23 -23.31
N LEU B 67 -39.81 32.07 -23.04
CA LEU B 67 -38.86 31.87 -21.93
C LEU B 67 -38.73 33.08 -21.03
N GLY B 68 -38.50 32.81 -19.72
CA GLY B 68 -37.96 33.81 -18.82
C GLY B 68 -36.44 33.67 -18.64
N GLU B 69 -35.88 34.56 -17.80
CA GLU B 69 -34.42 34.63 -17.69
C GLU B 69 -33.81 33.31 -17.27
N ARG B 70 -34.34 32.71 -16.21
CA ARG B 70 -33.84 31.44 -15.73
C ARG B 70 -33.87 30.39 -16.86
N GLY B 71 -35.06 30.19 -17.44
CA GLY B 71 -35.20 29.23 -18.54
C GLY B 71 -34.30 29.56 -19.73
N ALA B 72 -34.16 30.87 -20.07
CA ALA B 72 -33.28 31.27 -21.21
C ALA B 72 -31.80 30.97 -20.94
N LEU B 73 -31.30 31.29 -19.73
CA LEU B 73 -29.91 30.98 -19.44
C LEU B 73 -29.60 29.48 -19.56
N ARG B 74 -30.47 28.62 -19.00
CA ARG B 74 -30.18 27.19 -19.13
C ARG B 74 -30.10 26.77 -20.58
N GLU B 75 -31.03 27.26 -21.42
CA GLU B 75 -31.08 26.76 -22.78
C GLU B 75 -29.95 27.35 -23.59
N ALA B 76 -29.63 28.63 -23.36
CA ALA B 76 -28.47 29.21 -24.08
C ALA B 76 -27.16 28.46 -23.72
N MET B 77 -27.06 27.99 -22.48
CA MET B 77 -25.88 27.29 -22.05
C MET B 77 -25.83 25.90 -22.70
N ARG B 78 -27.00 25.33 -23.03
CA ARG B 78 -27.05 23.99 -23.68
C ARG B 78 -26.57 24.02 -25.14
N CYS B 79 -26.83 25.09 -25.84
CA CYS B 79 -26.53 25.17 -27.27
C CYS B 79 -25.03 24.92 -27.49
N LEU B 80 -24.71 24.14 -28.50
CA LEU B 80 -23.28 23.83 -28.69
C LEU B 80 -22.48 24.94 -29.39
N LYS B 81 -23.11 26.07 -29.77
CA LYS B 81 -22.48 27.20 -30.43
C LYS B 81 -21.57 26.71 -31.56
N CYS B 82 -22.25 26.17 -32.59
CA CYS B 82 -21.62 25.31 -33.59
C CYS B 82 -20.85 26.09 -34.67
N ALA B 83 -19.80 25.46 -35.18
CA ALA B 83 -19.20 26.06 -36.35
C ALA B 83 -20.12 25.88 -37.58
N ASP B 84 -20.00 26.78 -38.51
CA ASP B 84 -20.73 26.76 -39.77
C ASP B 84 -22.18 26.26 -39.53
N ALA B 85 -22.83 26.84 -38.52
CA ALA B 85 -23.98 26.22 -37.91
C ALA B 85 -25.10 25.93 -38.93
N PRO B 86 -25.71 24.77 -38.87
CA PRO B 86 -26.82 24.53 -39.77
C PRO B 86 -28.08 25.29 -39.38
N CYS B 87 -28.21 25.76 -38.14
CA CYS B 87 -29.45 26.48 -37.83
C CYS B 87 -29.48 27.82 -38.57
N GLN B 88 -28.32 28.49 -38.61
CA GLN B 88 -28.18 29.74 -39.34
C GLN B 88 -28.38 29.54 -40.85
N LYS B 89 -27.85 28.43 -41.36
CA LYS B 89 -28.08 28.12 -42.74
C LYS B 89 -29.56 28.03 -43.04
N SER B 90 -30.36 27.60 -42.07
CA SER B 90 -31.79 27.36 -42.30
C SER B 90 -32.66 28.54 -41.86
N CYS B 91 -32.06 29.58 -41.32
CA CYS B 91 -32.79 30.84 -41.08
C CYS B 91 -32.86 31.65 -42.37
N PRO B 92 -34.06 32.02 -42.82
CA PRO B 92 -34.15 32.80 -44.06
C PRO B 92 -33.50 34.18 -43.96
N THR B 93 -33.24 34.75 -42.81
CA THR B 93 -32.41 35.97 -42.78
C THR B 93 -30.96 35.74 -42.33
N HIS B 94 -30.52 34.50 -42.19
CA HIS B 94 -29.12 34.19 -41.90
C HIS B 94 -28.62 34.80 -40.55
N LEU B 95 -29.49 34.91 -39.54
CA LEU B 95 -29.06 35.39 -38.24
C LEU B 95 -27.91 34.53 -37.72
N ASP B 96 -26.94 35.18 -37.15
CA ASP B 96 -25.86 34.47 -36.46
C ASP B 96 -26.37 33.98 -35.11
N ILE B 97 -27.00 32.79 -35.18
CA ILE B 97 -27.59 32.15 -34.00
C ILE B 97 -26.50 31.78 -32.98
N LYS B 98 -25.40 31.19 -33.44
CA LYS B 98 -24.31 30.91 -32.50
C LYS B 98 -23.94 32.16 -31.73
N SER B 99 -23.69 33.21 -32.45
CA SER B 99 -23.17 34.38 -31.72
C SER B 99 -24.22 34.93 -30.77
N PHE B 100 -25.48 34.93 -31.21
CA PHE B 100 -26.41 35.60 -30.34
C PHE B 100 -26.75 34.69 -29.15
N ILE B 101 -26.82 33.37 -29.37
CA ILE B 101 -27.04 32.51 -28.20
C ILE B 101 -25.84 32.58 -27.24
N THR B 102 -24.63 32.66 -27.78
CA THR B 102 -23.45 32.86 -26.93
C THR B 102 -23.62 34.10 -26.09
N SER B 103 -24.06 35.25 -26.70
CA SER B 103 -24.24 36.42 -25.84
C SER B 103 -25.30 36.18 -24.77
N ILE B 104 -26.38 35.40 -25.07
CA ILE B 104 -27.33 35.16 -23.98
C ILE B 104 -26.69 34.31 -22.87
N SER B 105 -25.93 33.27 -23.19
CA SER B 105 -25.31 32.57 -22.08
C SER B 105 -24.30 33.42 -21.33
N ASN B 106 -23.81 34.52 -21.89
CA ASN B 106 -22.90 35.38 -21.12
C ASN B 106 -23.63 36.49 -20.41
N LYS B 107 -24.96 36.47 -20.36
CA LYS B 107 -25.84 37.50 -19.79
C LYS B 107 -25.79 38.82 -20.57
N ASN B 108 -25.31 38.78 -21.78
CA ASN B 108 -25.12 39.98 -22.57
C ASN B 108 -26.33 40.07 -23.50
N TYR B 109 -27.45 40.50 -22.94
CA TYR B 109 -28.67 40.47 -23.75
C TYR B 109 -28.65 41.56 -24.82
N TYR B 110 -28.01 42.69 -24.52
CA TYR B 110 -27.86 43.72 -25.52
C TYR B 110 -27.10 43.21 -26.73
N GLY B 111 -25.92 42.60 -26.51
CA GLY B 111 -25.16 42.00 -27.63
C GLY B 111 -25.94 40.97 -28.43
N ALA B 112 -26.72 40.14 -27.76
CA ALA B 112 -27.67 39.29 -28.47
C ALA B 112 -28.67 40.11 -29.29
N ALA B 113 -29.38 41.06 -28.63
CA ALA B 113 -30.39 41.72 -29.45
C ALA B 113 -29.70 42.44 -30.62
N LYS B 114 -28.53 42.99 -30.40
CA LYS B 114 -27.93 43.69 -31.54
C LYS B 114 -27.67 42.76 -32.71
N MET B 115 -27.23 41.55 -32.41
CA MET B 115 -26.92 40.59 -33.46
C MET B 115 -28.19 40.16 -34.18
N ILE B 116 -29.30 39.96 -33.44
CA ILE B 116 -30.57 39.59 -34.04
C ILE B 116 -31.08 40.70 -34.95
N PHE B 117 -31.15 41.93 -34.43
CA PHE B 117 -31.70 43.04 -35.19
C PHE B 117 -30.80 43.45 -36.32
N SER B 118 -29.51 43.10 -36.29
CA SER B 118 -28.70 43.48 -37.46
C SER B 118 -29.16 42.74 -38.69
N ASP B 119 -29.54 41.48 -38.55
CA ASP B 119 -29.96 40.78 -39.73
C ASP B 119 -31.47 40.70 -39.81
N ASN B 120 -32.24 41.08 -38.80
CA ASN B 120 -33.70 40.93 -38.89
C ASN B 120 -34.33 42.08 -38.09
N PRO B 121 -34.74 43.15 -38.76
CA PRO B 121 -35.37 44.29 -38.10
C PRO B 121 -36.67 43.98 -37.37
N LEU B 122 -37.21 42.80 -37.62
CA LEU B 122 -38.45 42.39 -36.94
C LEU B 122 -38.08 41.20 -36.07
N GLY B 123 -36.96 41.34 -35.39
CA GLY B 123 -36.43 40.23 -34.61
C GLY B 123 -37.34 39.70 -33.50
N LEU B 124 -38.05 40.60 -32.78
CA LEU B 124 -38.98 40.17 -31.74
C LEU B 124 -40.25 39.49 -32.30
N THR B 125 -40.92 40.10 -33.31
CA THR B 125 -41.97 39.38 -34.05
C THR B 125 -41.54 37.95 -34.48
N CYS B 126 -40.41 37.84 -35.15
CA CYS B 126 -40.01 36.53 -35.67
C CYS B 126 -39.69 35.55 -34.55
N GLY B 127 -39.13 36.06 -33.46
CA GLY B 127 -38.89 35.18 -32.32
C GLY B 127 -40.16 34.50 -31.86
N MET B 128 -41.24 35.26 -31.85
CA MET B 128 -42.44 34.75 -31.36
C MET B 128 -43.22 33.95 -32.36
N VAL B 129 -43.18 34.25 -33.67
CA VAL B 129 -44.07 33.58 -34.63
C VAL B 129 -43.34 32.75 -35.67
N CYS B 130 -42.02 32.82 -35.77
CA CYS B 130 -41.39 31.98 -36.76
C CYS B 130 -41.81 30.52 -36.59
N PRO B 131 -42.07 29.82 -37.66
CA PRO B 131 -42.30 28.35 -37.59
C PRO B 131 -41.01 27.50 -37.58
N THR B 132 -40.32 27.49 -36.44
CA THR B 132 -38.90 27.15 -36.45
C THR B 132 -38.70 25.67 -36.80
N SER B 133 -39.67 24.77 -36.45
CA SER B 133 -39.47 23.39 -36.84
C SER B 133 -39.26 23.28 -38.37
N ASP B 134 -39.79 24.21 -39.16
CA ASP B 134 -39.60 24.15 -40.63
C ASP B 134 -38.44 25.03 -41.11
N LEU B 135 -37.74 25.68 -40.23
CA LEU B 135 -36.70 26.68 -40.49
C LEU B 135 -35.47 26.34 -39.64
N CYS B 136 -35.03 27.29 -38.76
CA CYS B 136 -33.72 27.15 -38.12
C CYS B 136 -33.63 25.92 -37.25
N VAL B 137 -34.67 25.69 -36.45
CA VAL B 137 -34.64 24.60 -35.51
C VAL B 137 -34.59 23.26 -36.22
N GLY B 138 -35.17 23.14 -37.44
CA GLY B 138 -35.15 21.81 -38.11
C GLY B 138 -33.75 21.39 -38.58
N GLY B 139 -32.80 22.31 -38.51
CA GLY B 139 -31.41 22.06 -38.89
C GLY B 139 -30.44 21.95 -37.71
N CYS B 140 -30.98 22.19 -36.51
CA CYS B 140 -30.18 22.18 -35.25
C CYS B 140 -29.47 20.85 -35.02
N ASN B 141 -28.18 20.90 -34.75
CA ASN B 141 -27.42 19.69 -34.50
C ASN B 141 -27.95 18.97 -33.28
N LEU B 142 -28.46 19.70 -32.28
CA LEU B 142 -28.83 18.96 -31.09
C LEU B 142 -30.04 18.10 -31.26
N TYR B 143 -30.68 18.19 -32.43
CA TYR B 143 -31.77 17.25 -32.70
C TYR B 143 -31.27 15.83 -32.52
N ALA B 144 -29.97 15.55 -32.84
CA ALA B 144 -29.37 14.24 -32.68
C ALA B 144 -29.07 13.88 -31.22
N THR B 145 -29.68 14.55 -30.26
CA THR B 145 -29.50 14.05 -28.91
C THR B 145 -30.88 13.76 -28.33
N GLU B 146 -30.98 12.83 -27.38
CA GLU B 146 -32.26 12.60 -26.72
C GLU B 146 -32.92 13.89 -26.29
N GLU B 147 -32.17 14.83 -25.70
CA GLU B 147 -32.85 16.04 -25.23
C GLU B 147 -33.28 17.00 -26.36
N GLY B 148 -32.79 16.81 -27.65
CA GLY B 148 -33.38 17.51 -28.82
C GLY B 148 -32.84 18.96 -29.06
N SER B 149 -33.40 19.53 -30.11
CA SER B 149 -32.96 20.84 -30.61
C SER B 149 -33.21 21.95 -29.63
N ILE B 150 -32.44 23.01 -29.85
CA ILE B 150 -32.51 24.23 -29.07
C ILE B 150 -33.79 25.03 -29.38
N ASN B 151 -34.40 25.60 -28.34
CA ASN B 151 -35.49 26.57 -28.56
C ASN B 151 -34.90 27.93 -29.05
N ILE B 152 -34.60 27.99 -30.34
CA ILE B 152 -34.02 29.19 -30.91
C ILE B 152 -34.99 30.39 -30.85
N GLY B 153 -36.28 30.16 -31.26
CA GLY B 153 -37.30 31.20 -31.22
C GLY B 153 -37.51 31.80 -29.83
N GLY B 154 -37.57 30.97 -28.78
CA GLY B 154 -37.76 31.53 -27.47
C GLY B 154 -36.51 32.27 -27.02
N LEU B 155 -35.31 31.78 -27.40
CA LEU B 155 -34.08 32.55 -27.04
C LEU B 155 -34.06 33.89 -27.72
N GLN B 156 -34.46 33.90 -29.02
CA GLN B 156 -34.51 35.17 -29.74
C GLN B 156 -35.52 36.14 -29.13
N GLN B 157 -36.68 35.64 -28.78
CA GLN B 157 -37.70 36.44 -28.14
C GLN B 157 -37.23 36.98 -26.77
N PHE B 158 -36.59 36.16 -25.94
CA PHE B 158 -36.12 36.65 -24.64
C PHE B 158 -35.13 37.79 -24.78
N ALA B 159 -34.05 37.60 -25.56
CA ALA B 159 -33.09 38.70 -25.72
C ALA B 159 -33.74 40.00 -26.28
N SER B 160 -34.63 39.87 -27.28
CA SER B 160 -35.26 41.05 -27.86
C SER B 160 -36.15 41.80 -26.88
N GLU B 161 -36.98 41.05 -26.09
CA GLU B 161 -37.80 41.60 -25.03
C GLU B 161 -36.96 42.36 -24.02
N VAL B 162 -35.76 41.87 -23.69
CA VAL B 162 -34.95 42.65 -22.72
C VAL B 162 -34.57 44.00 -23.31
N PHE B 163 -34.09 43.96 -24.58
CA PHE B 163 -33.69 45.17 -25.25
C PHE B 163 -34.87 46.16 -25.35
N LYS B 164 -36.06 45.63 -25.73
CA LYS B 164 -37.24 46.49 -25.74
C LYS B 164 -37.42 47.13 -24.37
N ALA B 165 -37.30 46.36 -23.32
CA ALA B 165 -37.49 46.94 -21.99
C ALA B 165 -36.38 47.94 -21.64
N MET B 166 -35.18 47.81 -22.22
CA MET B 166 -34.18 48.82 -21.92
C MET B 166 -34.53 50.18 -22.50
N ASN B 167 -35.43 50.23 -23.50
CA ASN B 167 -35.87 51.50 -24.07
C ASN B 167 -34.70 52.33 -24.65
N ILE B 168 -33.94 51.72 -25.52
CA ILE B 168 -32.78 52.37 -26.13
C ILE B 168 -33.10 52.65 -27.59
N PRO B 169 -32.86 53.83 -28.11
CA PRO B 169 -33.17 54.04 -29.53
C PRO B 169 -32.18 53.45 -30.54
N GLN B 170 -32.71 53.13 -31.74
CA GLN B 170 -31.78 52.88 -32.83
C GLN B 170 -31.10 54.20 -33.25
N ILE B 171 -29.85 54.14 -33.75
CA ILE B 171 -29.22 55.32 -34.35
C ILE B 171 -28.68 55.02 -35.73
N ARG B 172 -28.46 56.10 -36.46
CA ARG B 172 -27.66 56.16 -37.66
C ARG B 172 -26.30 55.53 -37.46
N ASN B 173 -25.83 54.75 -38.45
CA ASN B 173 -24.45 54.23 -38.43
C ASN B 173 -23.31 55.23 -38.14
N PRO B 174 -22.62 55.12 -37.01
CA PRO B 174 -21.68 56.18 -36.60
C PRO B 174 -20.58 56.49 -37.58
N CYS B 175 -20.37 55.65 -38.60
CA CYS B 175 -19.30 55.86 -39.56
C CYS B 175 -19.82 56.22 -40.94
N LEU B 176 -21.13 56.52 -41.09
CA LEU B 176 -21.58 57.28 -42.24
C LEU B 176 -20.96 58.67 -42.13
N PRO B 177 -20.67 59.34 -43.25
CA PRO B 177 -20.49 60.78 -43.17
C PRO B 177 -21.73 61.44 -42.56
N SER B 178 -21.53 62.62 -42.03
CA SER B 178 -22.61 63.50 -41.56
C SER B 178 -23.72 63.71 -42.60
N GLN B 179 -24.92 64.03 -42.12
CA GLN B 179 -26.07 64.06 -43.03
C GLN B 179 -25.87 65.11 -44.09
N GLU B 180 -25.26 66.23 -43.71
CA GLU B 180 -24.87 67.32 -44.63
C GLU B 180 -24.02 66.85 -45.77
N LYS B 181 -23.10 65.90 -45.51
CA LYS B 181 -22.05 65.58 -46.48
C LYS B 181 -22.34 64.29 -47.29
N MET B 182 -23.57 63.76 -47.19
CA MET B 182 -24.00 62.62 -47.99
C MET B 182 -24.14 63.05 -49.47
N PRO B 183 -23.64 62.28 -50.40
CA PRO B 183 -23.89 62.61 -51.83
C PRO B 183 -25.39 62.79 -52.12
N GLU B 184 -25.69 63.53 -53.20
CA GLU B 184 -27.11 63.88 -53.44
C GLU B 184 -27.97 62.66 -53.66
N ALA B 185 -27.39 61.53 -54.14
CA ALA B 185 -28.14 60.32 -54.46
C ALA B 185 -28.90 59.80 -53.25
N TYR B 186 -28.34 60.03 -52.06
CA TYR B 186 -29.02 59.57 -50.85
C TYR B 186 -30.33 60.32 -50.59
N SER B 187 -30.50 61.47 -51.22
CA SER B 187 -31.68 62.25 -50.95
C SER B 187 -32.78 61.88 -51.93
N ALA B 188 -32.59 60.81 -52.66
CA ALA B 188 -33.55 60.43 -53.65
C ALA B 188 -34.88 60.04 -52.98
N LYS B 189 -36.02 60.35 -53.64
CA LYS B 189 -37.33 60.06 -53.06
C LYS B 189 -37.67 58.59 -53.29
N ILE B 190 -37.87 57.81 -52.23
CA ILE B 190 -38.23 56.40 -52.33
C ILE B 190 -39.66 56.18 -51.78
N ALA B 191 -40.54 55.51 -52.54
CA ALA B 191 -41.81 55.06 -51.98
C ALA B 191 -41.85 53.55 -51.71
N LEU B 192 -42.57 53.15 -50.66
CA LEU B 192 -42.88 51.76 -50.41
C LEU B 192 -44.38 51.65 -50.32
N LEU B 193 -44.96 50.60 -50.82
CA LEU B 193 -46.39 50.47 -50.74
C LEU B 193 -46.66 49.41 -49.76
N GLY B 194 -47.37 49.77 -48.69
CA GLY B 194 -47.86 48.79 -47.73
C GLY B 194 -46.96 48.72 -46.51
N ALA B 195 -47.48 48.70 -45.29
CA ALA B 195 -46.59 48.76 -44.16
C ALA B 195 -46.44 47.42 -43.47
N GLY B 196 -46.18 46.36 -44.21
CA GLY B 196 -46.03 45.07 -43.59
C GLY B 196 -44.57 44.72 -43.39
N PRO B 197 -44.28 43.45 -43.01
CA PRO B 197 -42.88 43.07 -42.77
C PRO B 197 -41.96 43.37 -43.93
N ALA B 198 -42.40 43.09 -45.16
CA ALA B 198 -41.48 43.23 -46.30
C ALA B 198 -41.09 44.71 -46.44
N SER B 199 -42.08 45.61 -46.46
CA SER B 199 -41.72 47.03 -46.59
C SER B 199 -40.95 47.53 -45.36
N ILE B 200 -41.37 47.16 -44.17
CA ILE B 200 -40.70 47.64 -42.96
C ILE B 200 -39.23 47.32 -42.98
N SER B 201 -38.93 46.09 -43.42
CA SER B 201 -37.55 45.64 -43.49
C SER B 201 -36.79 46.42 -44.56
N CYS B 202 -37.37 46.48 -45.78
CA CYS B 202 -36.79 47.20 -46.90
C CYS B 202 -36.56 48.64 -46.52
N ALA B 203 -37.54 49.28 -45.84
CA ALA B 203 -37.30 50.69 -45.51
C ALA B 203 -36.26 50.84 -44.42
N SER B 204 -36.15 49.83 -43.53
CA SER B 204 -35.10 49.86 -42.50
C SER B 204 -33.71 49.82 -43.11
N PHE B 205 -33.49 48.87 -44.03
CA PHE B 205 -32.14 48.71 -44.52
C PHE B 205 -31.75 49.89 -45.38
N LEU B 206 -32.67 50.44 -46.21
CA LEU B 206 -32.28 51.64 -46.96
C LEU B 206 -31.94 52.77 -45.99
N ALA B 207 -32.72 52.91 -44.94
CA ALA B 207 -32.40 53.96 -43.97
C ALA B 207 -30.97 53.77 -43.42
N ARG B 208 -30.58 52.52 -43.06
CA ARG B 208 -29.24 52.33 -42.51
C ARG B 208 -28.17 52.78 -43.50
N LEU B 209 -28.45 52.61 -44.80
CA LEU B 209 -27.46 52.93 -45.81
C LEU B 209 -27.35 54.43 -45.96
N GLY B 210 -28.29 55.18 -45.41
CA GLY B 210 -28.17 56.62 -45.50
C GLY B 210 -29.28 57.32 -46.25
N TYR B 211 -30.31 56.64 -46.77
CA TYR B 211 -31.33 57.35 -47.51
C TYR B 211 -32.17 58.17 -46.57
N SER B 212 -32.44 59.41 -46.93
CA SER B 212 -33.06 60.38 -46.02
C SER B 212 -34.49 60.70 -46.42
N ASP B 213 -34.99 60.13 -47.50
CA ASP B 213 -36.34 60.49 -47.95
C ASP B 213 -37.09 59.23 -48.37
N ILE B 214 -37.58 58.52 -47.39
CA ILE B 214 -38.20 57.22 -47.58
C ILE B 214 -39.61 57.33 -47.06
N THR B 215 -40.58 56.86 -47.83
CA THR B 215 -41.95 57.06 -47.39
C THR B 215 -42.70 55.76 -47.64
N ILE B 216 -43.30 55.18 -46.57
CA ILE B 216 -44.22 54.07 -46.71
C ILE B 216 -45.68 54.55 -46.83
N PHE B 217 -46.40 54.05 -47.86
CA PHE B 217 -47.81 54.36 -48.07
C PHE B 217 -48.65 53.14 -47.72
N GLU B 218 -49.54 53.28 -46.78
CA GLU B 218 -50.30 52.14 -46.24
C GLU B 218 -51.81 52.37 -46.41
N LYS B 219 -52.52 51.40 -46.99
CA LYS B 219 -54.00 51.46 -47.05
C LYS B 219 -54.45 51.61 -45.57
N GLN B 220 -54.88 50.63 -44.79
CA GLN B 220 -55.40 50.94 -43.45
C GLN B 220 -54.88 52.13 -42.57
N GLU B 221 -55.66 52.54 -41.54
CA GLU B 221 -55.24 53.46 -40.44
C GLU B 221 -54.16 52.88 -39.50
N TYR B 222 -53.74 51.63 -39.63
CA TYR B 222 -52.83 50.97 -38.70
C TYR B 222 -51.68 50.34 -39.47
N VAL B 223 -50.53 50.12 -38.80
CA VAL B 223 -49.35 49.71 -39.51
C VAL B 223 -48.95 48.33 -39.00
N GLY B 224 -48.14 47.64 -39.79
CA GLY B 224 -47.74 46.31 -39.37
C GLY B 224 -48.23 45.20 -40.24
N GLY B 225 -49.22 45.41 -41.09
CA GLY B 225 -49.55 44.28 -41.87
C GLY B 225 -50.32 43.23 -41.09
N LEU B 226 -50.25 42.01 -41.60
CA LEU B 226 -50.85 40.85 -40.97
C LEU B 226 -50.42 40.71 -39.51
N SER B 227 -49.14 40.76 -39.20
CA SER B 227 -48.73 40.87 -37.78
C SER B 227 -49.71 41.64 -36.86
N THR B 228 -50.28 42.74 -37.38
CA THR B 228 -51.29 43.55 -36.67
C THR B 228 -52.71 43.06 -36.95
N SER B 229 -53.02 42.81 -38.19
CA SER B 229 -54.43 42.71 -38.51
C SER B 229 -54.98 41.30 -38.33
N GLU B 230 -54.12 40.29 -38.28
CA GLU B 230 -54.63 38.93 -38.32
C GLU B 230 -53.93 38.01 -37.29
N ILE B 231 -52.63 38.07 -37.12
CA ILE B 231 -52.00 37.18 -36.13
C ILE B 231 -52.58 37.51 -34.75
N PRO B 232 -53.21 36.53 -34.05
CA PRO B 232 -53.85 36.84 -32.77
C PRO B 232 -52.91 37.46 -31.75
N GLN B 233 -53.48 38.40 -30.99
CA GLN B 233 -52.88 38.94 -29.80
C GLN B 233 -52.32 37.89 -28.84
N PHE B 234 -52.96 36.74 -28.70
CA PHE B 234 -52.33 35.72 -27.83
C PHE B 234 -51.13 35.00 -28.43
N ARG B 235 -50.71 35.28 -29.67
CA ARG B 235 -49.41 34.76 -30.11
C ARG B 235 -48.37 35.85 -30.34
N LEU B 236 -48.81 37.05 -30.73
CA LEU B 236 -47.99 38.22 -31.11
C LEU B 236 -48.63 39.51 -30.50
N PRO B 237 -48.15 39.99 -29.35
CA PRO B 237 -48.77 41.18 -28.75
C PRO B 237 -48.55 42.40 -29.62
N TYR B 238 -49.61 43.18 -29.73
CA TYR B 238 -49.51 44.39 -30.52
C TYR B 238 -48.35 45.28 -30.10
N ASP B 239 -48.04 45.36 -28.82
CA ASP B 239 -46.98 46.28 -28.46
C ASP B 239 -45.63 45.83 -29.06
N VAL B 240 -45.49 44.57 -29.48
CA VAL B 240 -44.24 44.15 -30.10
C VAL B 240 -44.13 44.77 -31.46
N VAL B 241 -45.25 44.89 -32.16
CA VAL B 241 -45.24 45.52 -33.48
C VAL B 241 -44.95 47.00 -33.34
N ASN B 242 -45.56 47.67 -32.37
CA ASN B 242 -45.32 49.09 -32.21
C ASN B 242 -43.84 49.34 -31.95
N PHE B 243 -43.23 48.53 -31.13
CA PHE B 243 -41.82 48.73 -30.84
C PHE B 243 -40.95 48.60 -32.10
N GLU B 244 -41.17 47.57 -32.90
CA GLU B 244 -40.33 47.45 -34.08
C GLU B 244 -40.56 48.62 -35.05
N ILE B 245 -41.79 49.13 -35.09
CA ILE B 245 -42.06 50.24 -36.01
C ILE B 245 -41.34 51.47 -35.55
N GLU B 246 -41.40 51.74 -34.24
CA GLU B 246 -40.73 52.92 -33.69
C GLU B 246 -39.20 52.84 -33.86
N LEU B 247 -38.61 51.63 -33.75
CA LEU B 247 -37.19 51.47 -34.03
C LEU B 247 -36.91 52.03 -35.40
N MET B 248 -37.78 51.66 -36.36
CA MET B 248 -37.57 52.08 -37.74
C MET B 248 -37.74 53.56 -37.88
N LYS B 249 -38.75 54.13 -37.26
CA LYS B 249 -38.87 55.60 -37.30
C LYS B 249 -37.72 56.36 -36.65
N ASP B 250 -36.93 55.75 -35.77
CA ASP B 250 -35.72 56.40 -35.27
C ASP B 250 -34.72 56.79 -36.39
N LEU B 251 -34.70 56.04 -37.50
CA LEU B 251 -33.86 56.31 -38.65
C LEU B 251 -34.49 57.26 -39.66
N GLY B 252 -35.68 57.80 -39.38
CA GLY B 252 -36.28 58.76 -40.27
C GLY B 252 -37.28 58.24 -41.29
N VAL B 253 -37.66 56.97 -41.25
CA VAL B 253 -38.65 56.53 -42.23
C VAL B 253 -40.01 57.15 -41.89
N LYS B 254 -40.69 57.71 -42.88
CA LYS B 254 -41.99 58.33 -42.70
C LYS B 254 -43.10 57.33 -43.04
N ILE B 255 -44.23 57.39 -42.32
CA ILE B 255 -45.35 56.50 -42.57
C ILE B 255 -46.61 57.33 -42.81
N ILE B 256 -47.27 57.11 -43.93
CA ILE B 256 -48.47 57.87 -44.26
C ILE B 256 -49.62 56.91 -44.46
N CYS B 257 -50.60 56.96 -43.56
CA CYS B 257 -51.69 56.00 -43.59
C CYS B 257 -52.82 56.61 -44.36
N GLY B 258 -53.69 55.73 -44.87
CA GLY B 258 -54.89 56.20 -45.51
C GLY B 258 -54.76 56.33 -46.98
N LYS B 259 -53.72 55.74 -47.57
CA LYS B 259 -53.35 56.01 -48.95
C LYS B 259 -53.13 54.70 -49.65
N SER B 260 -53.71 54.53 -50.84
CA SER B 260 -53.78 53.21 -51.44
C SER B 260 -53.06 53.19 -52.77
N LEU B 261 -52.36 52.09 -53.04
CA LEU B 261 -51.96 51.71 -54.39
C LEU B 261 -53.20 51.23 -55.16
N SER B 262 -53.71 52.06 -56.10
CA SER B 262 -55.01 51.84 -56.72
C SER B 262 -55.28 52.89 -57.81
N GLU B 263 -55.99 52.49 -58.89
CA GLU B 263 -55.99 53.26 -60.16
C GLU B 263 -56.40 54.74 -59.97
N ASN B 264 -57.29 55.03 -59.03
CA ASN B 264 -57.82 56.38 -58.83
C ASN B 264 -57.02 57.16 -57.81
N GLU B 265 -55.95 56.58 -57.30
CA GLU B 265 -55.17 57.04 -56.16
C GLU B 265 -53.69 56.89 -56.55
N ILE B 266 -52.85 56.22 -55.80
CA ILE B 266 -51.42 56.12 -56.12
C ILE B 266 -51.18 55.04 -57.18
N THR B 267 -50.46 55.37 -58.24
CA THR B 267 -50.07 54.39 -59.24
C THR B 267 -48.59 54.57 -59.54
N LEU B 268 -48.04 53.58 -60.22
CA LEU B 268 -46.65 53.75 -60.62
C LEU B 268 -46.54 54.98 -61.50
N ASN B 269 -47.48 55.19 -62.41
CA ASN B 269 -47.37 56.44 -63.17
C ASN B 269 -47.42 57.69 -62.29
N THR B 270 -48.34 57.76 -61.29
CA THR B 270 -48.35 58.96 -60.45
C THR B 270 -47.06 59.07 -59.62
N LEU B 271 -46.47 57.97 -59.18
CA LEU B 271 -45.19 58.05 -58.46
C LEU B 271 -44.07 58.63 -59.35
N LYS B 272 -43.98 58.10 -60.58
CA LYS B 272 -43.08 58.62 -61.61
C LYS B 272 -43.26 60.13 -61.79
N GLU B 273 -44.51 60.60 -61.83
CA GLU B 273 -44.71 62.04 -62.08
C GLU B 273 -44.36 62.91 -60.90
N GLU B 274 -44.55 62.47 -59.67
CA GLU B 274 -44.14 63.26 -58.51
C GLU B 274 -42.64 63.14 -58.18
N GLY B 275 -41.84 62.44 -58.99
CA GLY B 275 -40.40 62.43 -58.80
C GLY B 275 -39.82 61.34 -57.91
N TYR B 276 -40.54 60.26 -57.65
CA TYR B 276 -39.96 59.18 -56.86
C TYR B 276 -39.00 58.46 -57.75
N LYS B 277 -37.88 58.06 -57.24
CA LYS B 277 -36.86 57.44 -58.06
C LYS B 277 -36.90 55.94 -58.02
N ALA B 278 -37.48 55.33 -56.97
CA ALA B 278 -37.74 53.90 -56.97
C ALA B 278 -38.91 53.59 -56.08
N ALA B 279 -39.49 52.39 -56.29
CA ALA B 279 -40.64 52.02 -55.50
C ALA B 279 -40.57 50.53 -55.16
N PHE B 280 -41.01 50.21 -53.93
CA PHE B 280 -41.08 48.82 -53.48
C PHE B 280 -42.51 48.43 -53.21
N ILE B 281 -42.93 47.31 -53.79
CA ILE B 281 -44.28 46.87 -53.64
C ILE B 281 -44.25 45.81 -52.55
N GLY B 282 -44.90 46.09 -51.42
CA GLY B 282 -45.06 45.10 -50.36
C GLY B 282 -46.48 45.12 -49.91
N ILE B 283 -47.46 45.02 -50.82
CA ILE B 283 -48.82 45.15 -50.34
C ILE B 283 -49.45 43.81 -49.93
N GLY B 284 -48.72 42.72 -50.07
CA GLY B 284 -49.30 41.48 -49.62
C GLY B 284 -50.37 41.01 -50.56
N LEU B 285 -51.28 40.16 -50.04
CA LEU B 285 -52.41 39.54 -50.78
C LEU B 285 -53.70 39.97 -50.11
N PRO B 286 -54.28 41.08 -50.56
CA PRO B 286 -55.30 41.80 -49.77
C PRO B 286 -56.61 41.07 -49.62
N GLU B 287 -56.92 40.13 -50.54
CA GLU B 287 -58.28 39.66 -50.59
C GLU B 287 -58.42 38.18 -50.26
N PRO B 288 -59.59 37.75 -49.77
CA PRO B 288 -59.74 36.33 -49.44
C PRO B 288 -60.03 35.56 -50.71
N LYS B 289 -59.38 34.46 -50.85
CA LYS B 289 -59.83 33.37 -51.70
C LYS B 289 -61.23 32.93 -51.33
N THR B 290 -62.09 32.82 -52.30
CA THR B 290 -63.50 32.66 -52.01
C THR B 290 -64.03 31.49 -52.80
N ASP B 291 -65.31 31.28 -52.73
CA ASP B 291 -65.84 30.09 -53.36
C ASP B 291 -67.31 30.39 -53.60
N ASP B 292 -67.72 30.19 -54.83
CA ASP B 292 -69.11 30.27 -55.25
C ASP B 292 -70.15 29.75 -54.24
N ILE B 293 -69.80 28.72 -53.46
CA ILE B 293 -70.92 28.14 -52.74
C ILE B 293 -71.30 29.01 -51.57
N PHE B 294 -70.45 29.95 -51.17
CA PHE B 294 -70.81 30.89 -50.13
C PHE B 294 -71.30 32.22 -50.71
N GLN B 295 -71.63 32.23 -52.01
CA GLN B 295 -72.10 33.43 -52.66
C GLN B 295 -73.14 34.14 -51.82
N GLY B 296 -72.89 35.40 -51.44
CA GLY B 296 -73.94 36.23 -50.84
C GLY B 296 -74.36 35.94 -49.38
N LEU B 297 -73.61 35.16 -48.65
CA LEU B 297 -73.92 34.98 -47.26
C LEU B 297 -73.32 36.12 -46.48
N THR B 298 -74.04 36.57 -45.45
CA THR B 298 -73.55 37.69 -44.65
C THR B 298 -73.03 37.22 -43.30
N GLN B 299 -72.37 38.14 -42.59
CA GLN B 299 -71.88 37.83 -41.24
C GLN B 299 -73.00 37.74 -40.27
N ASP B 300 -74.15 38.40 -40.57
CA ASP B 300 -75.37 38.23 -39.79
C ASP B 300 -75.85 36.78 -39.85
N GLN B 301 -75.93 36.24 -41.06
CA GLN B 301 -76.26 34.84 -41.28
C GLN B 301 -75.24 33.87 -40.70
N GLY B 302 -74.04 34.28 -40.39
CA GLY B 302 -73.11 33.35 -39.79
C GLY B 302 -71.87 33.17 -40.61
N PHE B 303 -71.67 33.83 -41.74
CA PHE B 303 -70.52 33.46 -42.57
C PHE B 303 -69.45 34.55 -42.51
N TYR B 304 -68.19 34.16 -42.29
CA TYR B 304 -67.03 35.04 -42.43
C TYR B 304 -66.03 34.43 -43.39
N THR B 305 -65.31 35.29 -44.10
CA THR B 305 -63.99 34.82 -44.51
C THR B 305 -62.98 35.16 -43.45
N SER B 306 -61.84 34.43 -43.52
CA SER B 306 -60.75 34.65 -42.63
C SER B 306 -60.33 36.12 -42.68
N LYS B 307 -60.44 36.78 -43.85
CA LYS B 307 -60.11 38.21 -43.94
C LYS B 307 -61.17 39.14 -43.32
N ASP B 308 -62.37 38.67 -43.04
CA ASP B 308 -63.37 39.43 -42.30
C ASP B 308 -63.28 39.20 -40.79
N PHE B 309 -63.02 37.96 -40.39
CA PHE B 309 -63.06 37.57 -38.99
C PHE B 309 -61.80 37.97 -38.21
N LEU B 310 -60.60 37.53 -38.65
CA LEU B 310 -59.43 37.82 -37.84
C LEU B 310 -59.25 39.33 -37.59
N PRO B 311 -59.43 40.23 -38.55
CA PRO B 311 -59.32 41.66 -38.22
C PRO B 311 -60.33 42.16 -37.21
N LEU B 312 -61.61 41.70 -37.24
CA LEU B 312 -62.57 42.03 -36.20
C LEU B 312 -62.02 41.67 -34.80
N VAL B 313 -61.38 40.49 -34.66
CA VAL B 313 -60.94 40.09 -33.32
C VAL B 313 -59.72 40.89 -32.98
N ALA B 314 -58.82 41.05 -33.95
CA ALA B 314 -57.59 41.72 -33.63
C ALA B 314 -57.88 43.16 -33.21
N LYS B 315 -58.78 43.82 -33.93
CA LYS B 315 -59.13 45.18 -33.59
C LYS B 315 -59.72 45.32 -32.17
N SER B 316 -60.46 44.34 -31.66
CA SER B 316 -60.92 44.61 -30.31
C SER B 316 -60.02 44.06 -29.26
N SER B 317 -59.12 43.17 -29.59
CA SER B 317 -58.22 42.70 -28.57
C SER B 317 -56.91 43.48 -28.48
N LYS B 318 -56.57 44.30 -29.49
CA LYS B 318 -55.24 44.88 -29.65
C LYS B 318 -55.32 46.36 -29.38
N ALA B 319 -54.95 46.73 -28.18
CA ALA B 319 -55.13 48.10 -27.77
C ALA B 319 -54.32 48.98 -28.65
N GLY B 320 -54.93 49.99 -29.26
CA GLY B 320 -54.08 50.91 -30.00
C GLY B 320 -53.77 50.53 -31.44
N MET B 321 -54.24 49.36 -31.91
CA MET B 321 -54.35 49.12 -33.34
C MET B 321 -55.14 50.24 -34.02
N CYS B 322 -56.38 50.45 -33.60
CA CYS B 322 -57.11 51.57 -34.15
C CYS B 322 -57.55 52.52 -33.08
N ALA B 323 -58.12 53.60 -33.63
CA ALA B 323 -58.79 54.76 -33.02
C ALA B 323 -59.92 54.29 -32.09
N CYS B 324 -61.10 54.00 -32.67
CA CYS B 324 -62.19 53.18 -32.13
C CYS B 324 -61.75 52.19 -31.04
N HIS B 325 -62.59 52.07 -29.99
CA HIS B 325 -62.87 50.77 -29.40
C HIS B 325 -63.90 50.04 -30.26
N SER B 326 -63.65 48.76 -30.56
CA SER B 326 -64.66 47.87 -31.12
C SER B 326 -64.91 46.71 -30.15
N PRO B 327 -66.07 46.08 -30.20
CA PRO B 327 -66.31 44.95 -29.30
C PRO B 327 -65.97 43.61 -29.96
N LEU B 328 -65.84 42.58 -29.12
CA LEU B 328 -65.50 41.27 -29.63
C LEU B 328 -66.68 40.65 -30.36
N PRO B 329 -66.47 39.98 -31.48
CA PRO B 329 -67.62 39.43 -32.22
C PRO B 329 -68.33 38.36 -31.42
N SER B 330 -69.62 38.62 -31.16
CA SER B 330 -70.70 37.71 -30.83
C SER B 330 -70.55 36.40 -31.54
N ILE B 331 -69.75 35.45 -31.08
CA ILE B 331 -69.81 34.16 -31.74
C ILE B 331 -70.38 33.18 -30.77
N ARG B 332 -71.43 32.46 -31.21
CA ARG B 332 -72.17 31.55 -30.34
C ARG B 332 -72.40 30.19 -31.03
N GLY B 333 -72.23 29.09 -30.28
CA GLY B 333 -72.58 27.80 -30.80
C GLY B 333 -71.42 27.08 -31.44
N ALA B 334 -71.76 26.35 -32.51
CA ALA B 334 -70.86 25.41 -33.17
C ALA B 334 -70.26 26.12 -34.36
N VAL B 335 -68.94 26.13 -34.46
CA VAL B 335 -68.23 26.90 -35.48
C VAL B 335 -67.46 25.94 -36.37
N ILE B 336 -67.67 26.06 -37.66
CA ILE B 336 -66.92 25.29 -38.63
C ILE B 336 -65.88 26.18 -39.29
N VAL B 337 -64.62 25.79 -39.28
CA VAL B 337 -63.53 26.56 -39.92
C VAL B 337 -63.07 25.70 -41.07
N LEU B 338 -63.05 26.27 -42.28
CA LEU B 338 -62.72 25.50 -43.47
C LEU B 338 -61.26 25.74 -43.90
N GLY B 339 -60.45 24.71 -43.96
CA GLY B 339 -59.05 24.98 -44.22
C GLY B 339 -58.14 24.18 -43.30
N ALA B 340 -56.84 24.18 -43.67
CA ALA B 340 -55.82 23.44 -42.93
C ALA B 340 -54.47 24.14 -42.82
N GLY B 341 -54.38 25.44 -43.11
CA GLY B 341 -53.15 26.17 -43.01
C GLY B 341 -53.08 26.93 -41.70
N ASP B 342 -51.97 27.67 -41.52
CA ASP B 342 -51.82 28.73 -40.52
C ASP B 342 -53.16 29.40 -40.21
N THR B 343 -53.77 30.01 -41.21
CA THR B 343 -54.96 30.85 -41.00
C THR B 343 -56.11 30.06 -40.37
N ALA B 344 -56.32 28.79 -40.79
CA ALA B 344 -57.47 28.07 -40.23
C ALA B 344 -57.28 27.81 -38.75
N PHE B 345 -56.02 27.59 -38.32
CA PHE B 345 -55.76 27.27 -36.91
C PHE B 345 -55.88 28.50 -36.03
N ASP B 346 -55.47 29.66 -36.52
CA ASP B 346 -55.75 30.92 -35.83
C ASP B 346 -57.25 31.31 -35.84
N CYS B 347 -57.98 31.05 -36.93
CA CYS B 347 -59.44 31.17 -36.88
C CYS B 347 -60.05 30.29 -35.78
N ALA B 348 -59.68 29.02 -35.71
CA ALA B 348 -60.25 28.15 -34.68
C ALA B 348 -60.00 28.68 -33.28
N THR B 349 -58.72 28.94 -32.94
CA THR B 349 -58.45 29.38 -31.56
C THR B 349 -59.02 30.77 -31.30
N SER B 350 -59.04 31.68 -32.27
CA SER B 350 -59.72 32.96 -32.01
C SER B 350 -61.23 32.76 -31.89
N ALA B 351 -61.80 31.70 -32.48
CA ALA B 351 -63.22 31.51 -32.30
C ALA B 351 -63.53 31.20 -30.84
N LEU B 352 -62.64 30.44 -30.16
CA LEU B 352 -62.93 30.15 -28.76
C LEU B 352 -62.85 31.41 -27.92
N ARG B 353 -62.03 32.36 -28.31
CA ARG B 353 -61.97 33.58 -27.52
C ARG B 353 -63.25 34.42 -27.64
N CYS B 354 -63.94 34.38 -28.76
CA CYS B 354 -65.21 35.09 -28.94
C CYS B 354 -66.42 34.34 -28.35
N GLY B 355 -66.20 33.19 -27.74
CA GLY B 355 -67.31 32.45 -27.16
C GLY B 355 -67.77 31.20 -27.87
N ALA B 356 -67.08 30.71 -28.89
CA ALA B 356 -67.64 29.52 -29.51
C ALA B 356 -67.74 28.45 -28.46
N ARG B 357 -68.77 27.61 -28.59
CA ARG B 357 -68.96 26.44 -27.73
C ARG B 357 -68.19 25.21 -28.26
N ARG B 358 -68.14 25.00 -29.57
CA ARG B 358 -67.51 23.86 -30.20
C ARG B 358 -66.84 24.34 -31.48
N VAL B 359 -65.64 23.88 -31.79
CA VAL B 359 -65.02 24.31 -33.04
C VAL B 359 -64.61 23.07 -33.81
N PHE B 360 -64.98 23.02 -35.09
CA PHE B 360 -64.63 21.97 -36.04
C PHE B 360 -63.76 22.53 -37.16
N LEU B 361 -62.59 21.93 -37.34
CA LEU B 361 -61.72 22.22 -38.45
C LEU B 361 -61.95 21.14 -39.49
N VAL B 362 -62.32 21.53 -40.72
CA VAL B 362 -62.69 20.54 -41.72
C VAL B 362 -61.78 20.69 -42.95
N PHE B 363 -61.08 19.63 -43.36
CA PHE B 363 -60.10 19.68 -44.44
C PHE B 363 -60.52 18.85 -45.63
N ARG B 364 -60.08 19.29 -46.79
CA ARG B 364 -60.21 18.57 -48.05
C ARG B 364 -59.44 17.24 -48.07
N LYS B 365 -58.28 17.16 -47.41
CA LYS B 365 -57.47 15.93 -47.39
C LYS B 365 -57.25 15.43 -45.97
N GLY B 366 -56.22 14.59 -45.78
CA GLY B 366 -56.12 13.85 -44.53
C GLY B 366 -55.28 14.61 -43.58
N PHE B 367 -55.25 14.13 -42.32
CA PHE B 367 -54.28 14.62 -41.33
C PHE B 367 -52.88 14.77 -41.88
N VAL B 368 -52.33 13.70 -42.42
CA VAL B 368 -51.02 13.67 -43.06
C VAL B 368 -50.76 14.89 -43.94
N ASN B 369 -51.81 15.51 -44.51
CA ASN B 369 -51.61 16.58 -45.48
C ASN B 369 -51.70 18.00 -44.94
N ILE B 370 -51.91 18.19 -43.63
CA ILE B 370 -52.12 19.52 -43.07
C ILE B 370 -50.96 20.45 -43.44
N ARG B 371 -51.31 21.61 -44.01
CA ARG B 371 -50.34 22.64 -44.44
C ARG B 371 -49.44 23.05 -43.26
N ALA B 372 -50.07 23.40 -42.12
CA ALA B 372 -49.41 24.16 -41.03
C ALA B 372 -48.37 23.32 -40.33
N VAL B 373 -47.55 24.01 -39.53
CA VAL B 373 -46.47 23.36 -38.78
C VAL B 373 -47.07 22.66 -37.58
N PRO B 374 -46.42 21.62 -37.08
CA PRO B 374 -47.01 20.90 -35.96
C PRO B 374 -47.15 21.77 -34.72
N GLU B 375 -46.27 22.76 -34.52
CA GLU B 375 -46.49 23.51 -33.29
C GLU B 375 -47.74 24.38 -33.42
N GLU B 376 -48.13 24.70 -34.64
CA GLU B 376 -49.34 25.49 -34.80
C GLU B 376 -50.58 24.63 -34.58
N VAL B 377 -50.56 23.42 -35.14
CA VAL B 377 -51.65 22.46 -34.93
C VAL B 377 -51.86 22.18 -33.43
N GLU B 378 -50.76 22.08 -32.68
CA GLU B 378 -50.92 21.61 -31.31
C GLU B 378 -51.70 22.64 -30.49
N LEU B 379 -51.55 23.92 -30.81
CA LEU B 379 -52.40 24.94 -30.20
C LEU B 379 -53.88 24.58 -30.35
N ALA B 380 -54.36 24.28 -31.57
CA ALA B 380 -55.79 23.96 -31.72
C ALA B 380 -56.12 22.68 -31.02
N LYS B 381 -55.28 21.68 -31.19
CA LYS B 381 -55.40 20.36 -30.58
C LYS B 381 -55.59 20.47 -29.08
N GLU B 382 -54.71 21.23 -28.40
CA GLU B 382 -54.80 21.31 -26.95
C GLU B 382 -56.00 22.11 -26.51
N GLU B 383 -56.50 23.00 -27.37
CA GLU B 383 -57.77 23.63 -27.03
C GLU B 383 -58.98 22.78 -27.46
N LYS B 384 -58.76 21.48 -27.71
CA LYS B 384 -59.85 20.52 -27.94
C LYS B 384 -60.72 20.89 -29.15
N CYS B 385 -60.09 21.42 -30.21
CA CYS B 385 -60.82 21.53 -31.50
C CYS B 385 -60.92 20.15 -32.16
N GLU B 386 -62.05 19.89 -32.81
CA GLU B 386 -62.16 18.61 -33.50
C GLU B 386 -61.76 18.78 -34.96
N PHE B 387 -61.11 17.77 -35.51
CA PHE B 387 -60.52 17.83 -36.85
C PHE B 387 -61.26 16.81 -37.71
N LEU B 388 -61.82 17.23 -38.84
CA LEU B 388 -62.62 16.36 -39.70
C LEU B 388 -61.90 16.26 -41.03
N PRO B 389 -61.27 15.15 -41.38
CA PRO B 389 -60.54 15.09 -42.63
C PRO B 389 -61.38 14.52 -43.78
N PHE B 390 -60.86 14.69 -44.98
CA PHE B 390 -61.41 14.06 -46.19
C PHE B 390 -62.85 14.52 -46.57
N LEU B 391 -63.13 15.81 -46.44
CA LEU B 391 -64.47 16.37 -46.65
C LEU B 391 -64.36 17.66 -47.46
N SER B 392 -65.15 17.74 -48.65
CA SER B 392 -65.18 19.03 -49.37
C SER B 392 -66.55 19.70 -49.24
N PRO B 393 -66.63 21.04 -49.03
CA PRO B 393 -67.94 21.68 -48.83
C PRO B 393 -68.71 21.71 -50.13
N ARG B 394 -70.00 21.55 -50.00
CA ARG B 394 -70.89 21.45 -51.15
C ARG B 394 -71.99 22.48 -51.08
N LYS B 395 -72.58 22.66 -49.92
CA LYS B 395 -73.72 23.54 -49.78
C LYS B 395 -73.77 24.08 -48.37
N VAL B 396 -74.21 25.32 -48.24
CA VAL B 396 -74.48 25.85 -46.94
C VAL B 396 -75.97 25.79 -46.79
N ILE B 397 -76.47 25.31 -45.66
CA ILE B 397 -77.93 25.24 -45.45
C ILE B 397 -78.35 26.48 -44.65
N VAL B 398 -79.25 27.28 -45.22
CA VAL B 398 -79.80 28.46 -44.55
C VAL B 398 -81.29 28.28 -44.27
N LYS B 399 -81.68 28.34 -43.01
CA LYS B 399 -83.08 28.30 -42.64
C LYS B 399 -83.33 29.50 -41.70
N GLY B 400 -84.39 30.23 -41.96
CA GLY B 400 -84.75 31.34 -41.08
C GLY B 400 -83.76 32.46 -41.11
N GLY B 401 -83.02 32.63 -42.21
CA GLY B 401 -82.02 33.66 -42.20
C GLY B 401 -80.71 33.25 -41.56
N ARG B 402 -80.60 32.12 -40.92
CA ARG B 402 -79.34 31.78 -40.30
C ARG B 402 -78.74 30.59 -41.01
N ILE B 403 -77.40 30.47 -40.95
CA ILE B 403 -76.79 29.20 -41.27
C ILE B 403 -77.21 28.18 -40.20
N VAL B 404 -77.55 26.97 -40.65
CA VAL B 404 -77.83 25.84 -39.76
C VAL B 404 -76.96 24.64 -40.05
N ALA B 405 -76.35 24.52 -41.22
CA ALA B 405 -75.47 23.35 -41.39
C ALA B 405 -74.65 23.57 -42.64
N VAL B 406 -73.67 22.69 -42.87
CA VAL B 406 -72.95 22.63 -44.12
C VAL B 406 -72.92 21.19 -44.54
N GLN B 407 -73.26 20.91 -45.79
CA GLN B 407 -73.16 19.58 -46.36
C GLN B 407 -71.83 19.40 -47.12
N PHE B 408 -71.17 18.27 -46.90
CA PHE B 408 -69.86 18.00 -47.50
C PHE B 408 -69.99 16.73 -48.31
N VAL B 409 -69.07 16.50 -49.22
CA VAL B 409 -68.89 15.17 -49.81
C VAL B 409 -67.51 14.65 -49.42
N ARG B 410 -67.37 13.33 -49.34
CA ARG B 410 -66.09 12.73 -48.95
C ARG B 410 -65.14 12.71 -50.14
N THR B 411 -63.84 12.88 -49.85
CA THR B 411 -62.82 12.94 -50.87
C THR B 411 -61.85 11.80 -50.67
N GLU B 412 -61.25 11.35 -51.77
CA GLU B 412 -60.19 10.34 -51.66
C GLU B 412 -59.14 10.49 -52.75
N GLN B 413 -57.91 10.12 -52.38
CA GLN B 413 -56.77 10.04 -53.28
C GLN B 413 -56.75 8.73 -54.06
N ASP B 414 -56.49 8.81 -55.37
CA ASP B 414 -56.39 7.57 -56.14
C ASP B 414 -54.94 7.17 -56.50
N GLU B 415 -54.73 6.83 -57.81
CA GLU B 415 -53.54 6.33 -58.53
C GLU B 415 -52.27 7.13 -58.28
N THR B 416 -51.86 7.86 -59.33
CA THR B 416 -51.33 9.22 -59.23
C THR B 416 -51.48 9.93 -57.87
N GLY B 417 -52.20 9.37 -56.90
CA GLY B 417 -52.65 10.19 -55.78
C GLY B 417 -53.65 11.27 -56.13
N LYS B 418 -54.24 11.23 -57.35
CA LYS B 418 -55.32 12.10 -57.83
C LYS B 418 -56.45 12.27 -56.81
N TRP B 419 -56.82 13.52 -56.57
CA TRP B 419 -57.83 13.81 -55.56
C TRP B 419 -59.20 13.84 -56.23
N ASN B 420 -60.12 12.99 -55.76
CA ASN B 420 -61.46 12.93 -56.30
C ASN B 420 -62.56 13.04 -55.23
N GLU B 421 -63.56 13.86 -55.48
CA GLU B 421 -64.74 13.93 -54.60
C GLU B 421 -65.71 12.80 -54.93
N ASP B 422 -66.33 12.18 -53.89
CA ASP B 422 -67.33 11.10 -54.04
C ASP B 422 -68.75 11.60 -53.72
N GLU B 423 -69.58 11.78 -54.78
CA GLU B 423 -70.84 12.51 -54.64
C GLU B 423 -71.88 11.70 -53.87
N ASP B 424 -71.72 10.41 -53.83
CA ASP B 424 -72.67 9.55 -53.12
C ASP B 424 -72.46 9.48 -51.60
N GLN B 425 -71.32 9.96 -51.06
CA GLN B 425 -70.91 9.75 -49.68
C GLN B 425 -70.88 11.12 -49.03
N ILE B 426 -71.91 11.47 -48.28
CA ILE B 426 -72.10 12.86 -47.87
C ILE B 426 -72.17 12.93 -46.35
N VAL B 427 -71.92 14.11 -45.83
CA VAL B 427 -71.89 14.38 -44.39
C VAL B 427 -72.68 15.66 -44.20
N HIS B 428 -73.55 15.67 -43.22
CA HIS B 428 -74.39 16.84 -42.99
C HIS B 428 -73.99 17.32 -41.60
N LEU B 429 -73.20 18.36 -41.56
CA LEU B 429 -72.61 18.82 -40.31
C LEU B 429 -73.33 20.02 -39.76
N LYS B 430 -73.98 19.89 -38.62
CA LYS B 430 -74.70 21.02 -38.03
C LYS B 430 -73.71 22.10 -37.55
N ALA B 431 -73.98 23.39 -37.85
CA ALA B 431 -73.22 24.45 -37.19
C ALA B 431 -73.97 25.75 -37.27
N ASP B 432 -73.45 26.75 -36.54
CA ASP B 432 -74.03 28.11 -36.47
C ASP B 432 -73.18 29.21 -37.18
N VAL B 433 -71.90 29.01 -37.32
CA VAL B 433 -71.03 30.02 -37.89
C VAL B 433 -70.09 29.26 -38.76
N VAL B 434 -69.74 29.79 -39.92
CA VAL B 434 -68.73 29.16 -40.76
C VAL B 434 -67.70 30.22 -41.16
N ILE B 435 -66.42 29.87 -41.07
CA ILE B 435 -65.30 30.76 -41.37
C ILE B 435 -64.45 30.07 -42.40
N SER B 436 -64.37 30.64 -43.64
CA SER B 436 -63.47 30.05 -44.64
C SER B 436 -62.06 30.60 -44.52
N ALA B 437 -61.09 29.70 -44.46
CA ALA B 437 -59.69 30.08 -44.35
C ALA B 437 -58.97 29.42 -45.50
N PHE B 438 -59.37 29.73 -46.72
CA PHE B 438 -58.82 29.16 -47.94
C PHE B 438 -57.53 29.86 -48.44
N GLY B 439 -56.95 30.78 -47.71
CA GLY B 439 -55.84 31.57 -48.23
C GLY B 439 -56.31 32.91 -48.78
N SER B 440 -55.40 33.55 -49.54
CA SER B 440 -55.63 34.90 -50.00
C SER B 440 -55.00 35.10 -51.36
N VAL B 441 -55.41 36.18 -52.03
CA VAL B 441 -55.06 36.49 -53.41
C VAL B 441 -55.11 38.01 -53.63
N LEU B 442 -54.54 38.44 -54.76
CA LEU B 442 -54.65 39.84 -55.13
C LEU B 442 -55.57 39.81 -56.33
N ARG B 443 -56.77 40.42 -56.22
CA ARG B 443 -57.80 40.12 -57.22
C ARG B 443 -58.33 41.44 -57.80
N ASP B 444 -58.39 42.52 -56.96
CA ASP B 444 -58.90 43.86 -57.26
C ASP B 444 -58.34 44.40 -58.59
N PRO B 445 -59.17 44.63 -59.61
CA PRO B 445 -58.55 45.05 -60.87
C PRO B 445 -57.98 46.45 -60.74
N LYS B 446 -58.52 47.30 -59.88
CA LYS B 446 -57.97 48.67 -59.68
C LYS B 446 -56.54 48.62 -59.18
N VAL B 447 -56.18 47.59 -58.41
CA VAL B 447 -54.83 47.50 -57.91
C VAL B 447 -53.90 46.91 -58.97
N LYS B 448 -54.36 45.90 -59.70
CA LYS B 448 -53.50 45.35 -60.74
C LYS B 448 -53.16 46.41 -61.78
N GLU B 449 -54.14 47.26 -62.12
CA GLU B 449 -53.94 48.31 -63.11
C GLU B 449 -53.08 49.43 -62.58
N ALA B 450 -53.08 49.62 -61.26
CA ALA B 450 -52.09 50.57 -60.74
C ALA B 450 -50.65 50.04 -60.85
N LEU B 451 -50.45 48.75 -61.09
CA LEU B 451 -49.06 48.36 -61.27
C LEU B 451 -48.65 48.39 -62.72
N SER B 452 -49.50 48.87 -63.59
CA SER B 452 -49.10 48.93 -64.96
C SER B 452 -47.85 49.78 -65.13
N PRO B 453 -46.91 49.38 -65.97
CA PRO B 453 -46.93 48.27 -66.91
C PRO B 453 -46.14 47.00 -66.48
N ILE B 454 -45.99 46.69 -65.20
CA ILE B 454 -45.04 45.63 -64.91
C ILE B 454 -45.61 44.27 -65.31
N LYS B 455 -44.74 43.37 -65.70
CA LYS B 455 -45.15 42.05 -66.12
C LYS B 455 -45.70 41.20 -64.96
N PHE B 456 -46.75 40.44 -65.24
CA PHE B 456 -47.32 39.45 -64.34
C PHE B 456 -47.04 38.03 -64.85
N ASN B 457 -46.90 37.06 -63.95
CA ASN B 457 -46.62 35.68 -64.35
C ASN B 457 -47.92 34.82 -64.33
N ARG B 458 -47.75 33.49 -64.52
CA ARG B 458 -48.91 32.58 -64.56
C ARG B 458 -49.71 32.59 -63.28
N TRP B 459 -49.07 32.88 -62.12
CA TRP B 459 -49.74 32.93 -60.81
C TRP B 459 -50.49 34.22 -60.64
N ASP B 460 -50.41 35.11 -61.62
CA ASP B 460 -51.04 36.39 -61.49
C ASP B 460 -50.48 37.25 -60.38
N LEU B 461 -49.18 37.20 -60.20
CA LEU B 461 -48.46 38.07 -59.29
C LEU B 461 -47.38 38.76 -60.08
N PRO B 462 -46.95 39.90 -59.59
CA PRO B 462 -45.80 40.60 -60.18
C PRO B 462 -44.65 39.64 -60.37
N GLU B 463 -44.02 39.71 -61.53
CA GLU B 463 -42.90 38.85 -61.76
C GLU B 463 -41.62 39.55 -61.32
N VAL B 464 -40.80 38.88 -60.51
CA VAL B 464 -39.54 39.48 -60.07
C VAL B 464 -38.42 38.51 -60.35
N ASP B 465 -37.24 39.07 -60.52
CA ASP B 465 -36.00 38.31 -60.50
C ASP B 465 -35.71 37.79 -59.10
N PRO B 466 -35.58 36.48 -58.91
CA PRO B 466 -35.49 35.99 -57.53
C PRO B 466 -34.24 36.49 -56.81
N GLU B 467 -33.20 36.91 -57.55
CA GLU B 467 -32.02 37.37 -56.89
C GLU B 467 -32.11 38.82 -56.52
N THR B 468 -32.74 39.67 -57.34
CA THR B 468 -32.64 41.11 -57.08
C THR B 468 -33.93 41.73 -56.59
N MET B 469 -35.05 40.99 -56.66
CA MET B 469 -36.38 41.49 -56.34
C MET B 469 -36.82 42.62 -57.30
N GLN B 470 -36.17 42.76 -58.44
CA GLN B 470 -36.59 43.78 -59.40
C GLN B 470 -37.73 43.30 -60.31
N THR B 471 -38.80 44.12 -60.50
CA THR B 471 -39.86 43.78 -61.47
C THR B 471 -39.34 44.09 -62.86
N SER B 472 -40.24 44.10 -63.84
CA SER B 472 -39.81 44.35 -65.21
C SER B 472 -39.51 45.81 -65.45
N GLU B 473 -39.99 46.68 -64.59
CA GLU B 473 -39.60 48.08 -64.66
C GLU B 473 -38.45 48.32 -63.72
N PRO B 474 -37.25 48.69 -64.20
CA PRO B 474 -36.06 48.61 -63.31
C PRO B 474 -36.16 49.45 -62.08
N TRP B 475 -37.05 50.42 -62.03
CA TRP B 475 -37.07 51.20 -60.81
C TRP B 475 -38.12 50.67 -59.81
N VAL B 476 -38.81 49.57 -60.14
CA VAL B 476 -39.89 49.03 -59.30
C VAL B 476 -39.48 47.66 -58.76
N PHE B 477 -39.53 47.51 -57.46
CA PHE B 477 -39.13 46.26 -56.82
C PHE B 477 -40.32 45.67 -56.09
N ALA B 478 -40.22 44.38 -55.72
CA ALA B 478 -41.34 43.81 -55.00
C ALA B 478 -40.91 42.67 -54.10
N GLY B 479 -41.80 42.38 -53.09
CA GLY B 479 -41.37 41.57 -51.98
C GLY B 479 -42.47 41.15 -51.04
N GLY B 480 -42.34 39.96 -50.52
CA GLY B 480 -43.28 39.52 -49.49
C GLY B 480 -44.35 38.63 -50.08
N ASP B 481 -45.52 38.60 -49.45
CA ASP B 481 -46.59 37.73 -49.90
C ASP B 481 -46.96 38.03 -51.35
N ILE B 482 -46.95 39.30 -51.75
CA ILE B 482 -47.37 39.66 -53.11
C ILE B 482 -46.53 39.00 -54.23
N VAL B 483 -45.29 38.62 -53.93
CA VAL B 483 -44.45 37.95 -54.90
C VAL B 483 -44.74 36.46 -54.86
N GLY B 484 -45.20 35.94 -53.72
CA GLY B 484 -45.75 34.57 -53.73
C GLY B 484 -44.74 33.46 -53.48
N MET B 485 -43.51 33.77 -53.18
CA MET B 485 -42.62 32.70 -52.77
C MET B 485 -42.59 32.53 -51.25
N ALA B 486 -42.67 33.62 -50.53
CA ALA B 486 -42.61 33.56 -49.07
C ALA B 486 -43.98 33.17 -48.50
N ASN B 487 -44.02 32.35 -47.43
CA ASN B 487 -45.23 32.51 -46.59
C ASN B 487 -44.81 32.39 -45.13
N THR B 488 -43.90 33.26 -44.70
CA THR B 488 -43.59 33.47 -43.32
C THR B 488 -43.17 34.91 -43.17
N THR B 489 -43.28 35.39 -41.95
CA THR B 489 -42.77 36.72 -41.67
C THR B 489 -41.26 36.81 -42.07
N VAL B 490 -40.52 35.77 -41.70
CA VAL B 490 -39.08 35.99 -41.79
C VAL B 490 -38.66 36.00 -43.26
N GLU B 491 -39.31 35.20 -44.11
CA GLU B 491 -39.05 35.31 -45.55
C GLU B 491 -39.45 36.68 -46.11
N SER B 492 -40.59 37.27 -45.66
CA SER B 492 -40.97 38.59 -46.17
C SER B 492 -40.01 39.64 -45.68
N VAL B 493 -39.51 39.46 -44.46
CA VAL B 493 -38.42 40.32 -44.03
C VAL B 493 -37.24 40.14 -44.93
N ASN B 494 -36.93 38.92 -45.23
CA ASN B 494 -35.77 38.72 -46.06
C ASN B 494 -35.98 39.29 -47.46
N ASP B 495 -37.18 39.22 -48.01
CA ASP B 495 -37.36 39.83 -49.35
C ASP B 495 -37.07 41.32 -49.29
N GLY B 496 -37.52 42.01 -48.24
CA GLY B 496 -37.30 43.46 -48.21
C GLY B 496 -35.81 43.78 -48.03
N LYS B 497 -35.09 42.92 -47.31
CA LYS B 497 -33.66 43.13 -47.13
C LYS B 497 -32.94 42.85 -48.45
N GLN B 498 -33.36 41.79 -49.15
CA GLN B 498 -32.71 41.48 -50.39
C GLN B 498 -32.88 42.64 -51.34
N ALA B 499 -34.07 43.22 -51.34
CA ALA B 499 -34.32 44.23 -52.34
C ALA B 499 -33.58 45.48 -52.00
N SER B 500 -33.41 45.76 -50.70
CA SER B 500 -32.85 47.05 -50.33
C SER B 500 -31.47 47.26 -50.96
N TRP B 501 -30.72 46.20 -51.11
CA TRP B 501 -29.39 46.33 -51.63
C TRP B 501 -29.44 46.68 -53.11
N TYR B 502 -30.29 45.96 -53.87
CA TYR B 502 -30.46 46.20 -55.31
C TYR B 502 -31.14 47.56 -55.61
N ILE B 503 -32.06 47.99 -54.73
CA ILE B 503 -32.60 49.34 -54.81
C ILE B 503 -31.46 50.35 -54.76
N HIS B 504 -30.58 50.17 -53.80
CA HIS B 504 -29.46 51.05 -53.60
C HIS B 504 -28.55 51.05 -54.81
N LYS B 505 -28.24 49.87 -55.34
CA LYS B 505 -27.46 49.77 -56.54
C LYS B 505 -28.10 50.59 -57.64
N TYR B 506 -29.44 50.40 -57.88
CA TYR B 506 -30.16 51.10 -58.95
C TYR B 506 -30.18 52.63 -58.74
N ILE B 507 -30.44 53.10 -57.51
CA ILE B 507 -30.45 54.56 -57.29
C ILE B 507 -29.06 55.17 -57.54
N GLN B 508 -28.03 54.54 -56.98
CA GLN B 508 -26.67 55.05 -57.10
C GLN B 508 -26.30 55.14 -58.57
N ALA B 509 -26.66 54.10 -59.35
CA ALA B 509 -26.34 54.11 -60.77
C ALA B 509 -27.14 55.17 -61.48
N GLN B 510 -28.38 55.46 -61.04
CA GLN B 510 -29.08 56.54 -61.71
C GLN B 510 -28.38 57.89 -61.46
N TYR B 511 -27.63 58.07 -60.35
CA TYR B 511 -26.86 59.32 -60.12
C TYR B 511 -25.39 59.19 -60.56
N GLY B 512 -25.04 58.20 -61.36
CA GLY B 512 -23.70 58.10 -61.88
C GLY B 512 -22.71 57.40 -61.00
N ALA B 513 -23.17 56.74 -59.93
CA ALA B 513 -22.31 56.17 -58.91
C ALA B 513 -22.39 54.64 -58.93
N SER B 514 -21.30 53.99 -58.59
CA SER B 514 -21.19 52.52 -58.53
C SER B 514 -21.12 52.06 -57.08
N VAL B 515 -21.53 50.82 -56.80
CA VAL B 515 -21.52 50.30 -55.44
C VAL B 515 -20.61 49.07 -55.40
N SER B 516 -20.28 48.58 -54.19
CA SER B 516 -19.35 47.43 -54.16
C SER B 516 -19.96 46.24 -54.91
N ALA B 517 -19.08 45.42 -55.53
CA ALA B 517 -19.59 44.11 -56.00
C ALA B 517 -19.86 43.20 -54.81
N LYS B 518 -19.10 43.36 -53.69
CA LYS B 518 -19.62 42.44 -52.65
C LYS B 518 -20.76 43.13 -51.85
N PRO B 519 -21.92 42.51 -51.66
CA PRO B 519 -23.02 43.19 -50.95
C PRO B 519 -22.64 43.55 -49.51
N GLU B 520 -23.10 44.78 -49.02
CA GLU B 520 -22.68 45.33 -47.69
C GLU B 520 -23.81 46.05 -46.95
N LEU B 521 -24.69 45.30 -46.38
CA LEU B 521 -25.77 45.95 -45.65
C LEU B 521 -25.25 46.28 -44.26
N PRO B 522 -25.47 47.50 -43.78
CA PRO B 522 -25.02 47.88 -42.46
C PRO B 522 -25.69 47.08 -41.31
N LEU B 523 -24.93 46.92 -40.22
CA LEU B 523 -25.49 46.26 -39.03
C LEU B 523 -26.50 47.20 -38.38
N PHE B 524 -27.02 46.80 -37.24
CA PHE B 524 -27.89 47.59 -36.37
C PHE B 524 -27.08 48.32 -35.27
N TYR B 525 -27.39 49.61 -35.01
CA TYR B 525 -26.61 50.43 -34.05
C TYR B 525 -27.47 51.23 -33.05
N THR B 526 -26.92 51.39 -31.82
CA THR B 526 -27.53 52.16 -30.74
C THR B 526 -26.50 53.06 -30.08
N PRO B 527 -26.93 54.03 -29.26
CA PRO B 527 -25.95 54.79 -28.45
C PRO B 527 -24.96 53.89 -27.73
N VAL B 528 -25.38 52.67 -27.38
CA VAL B 528 -24.51 51.81 -26.60
C VAL B 528 -23.19 51.71 -27.29
N ASP B 529 -23.23 51.68 -28.64
CA ASP B 529 -22.08 51.32 -29.45
C ASP B 529 -21.02 52.39 -29.45
N LEU B 530 -21.35 53.54 -28.94
CA LEU B 530 -20.39 54.61 -28.91
C LEU B 530 -19.62 54.66 -27.55
N VAL B 531 -20.02 53.90 -26.53
CA VAL B 531 -19.35 53.91 -25.23
C VAL B 531 -17.86 53.56 -25.38
N ASP B 532 -17.02 54.33 -24.73
CA ASP B 532 -15.59 54.15 -24.92
C ASP B 532 -15.15 53.18 -23.86
N ILE B 533 -14.54 52.04 -24.26
CA ILE B 533 -14.03 51.11 -23.23
C ILE B 533 -12.51 50.96 -23.30
N SER B 534 -11.82 52.00 -23.72
CA SER B 534 -10.36 51.89 -23.67
C SER B 534 -9.88 52.19 -22.25
N VAL B 535 -8.65 51.77 -21.95
CA VAL B 535 -8.08 51.96 -20.64
C VAL B 535 -6.57 52.08 -20.79
N GLU B 536 -5.98 52.79 -19.85
CA GLU B 536 -4.56 53.02 -19.81
C GLU B 536 -3.97 52.53 -18.49
N MET B 537 -2.82 51.83 -18.56
CA MET B 537 -2.25 51.05 -17.48
C MET B 537 -0.74 50.99 -17.67
N ALA B 538 0.05 51.29 -16.61
CA ALA B 538 1.52 51.21 -16.71
C ALA B 538 2.04 51.96 -17.96
N GLY B 539 1.34 53.00 -18.40
CA GLY B 539 1.73 53.77 -19.59
C GLY B 539 1.39 53.15 -20.93
N LEU B 540 0.73 51.99 -20.99
CA LEU B 540 0.17 51.47 -22.24
C LEU B 540 -1.27 51.94 -22.40
N LYS B 541 -1.67 52.10 -23.64
CA LYS B 541 -3.06 52.34 -23.98
C LYS B 541 -3.68 51.08 -24.59
N PHE B 542 -4.77 50.57 -23.96
CA PHE B 542 -5.41 49.39 -24.48
C PHE B 542 -6.68 49.84 -25.13
N ILE B 543 -6.94 49.34 -26.34
CA ILE B 543 -8.13 49.79 -27.07
C ILE B 543 -9.39 49.26 -26.42
N ASN B 544 -9.28 48.09 -25.76
CA ASN B 544 -10.28 47.53 -24.86
C ASN B 544 -9.50 46.66 -23.85
N PRO B 545 -10.10 46.32 -22.69
CA PRO B 545 -9.38 45.59 -21.65
C PRO B 545 -9.31 44.09 -21.84
N PHE B 546 -9.69 43.52 -22.92
CA PHE B 546 -9.68 42.05 -23.03
C PHE B 546 -8.48 41.54 -23.82
N GLY B 547 -7.75 40.59 -23.30
CA GLY B 547 -6.69 40.02 -24.10
C GLY B 547 -6.52 38.52 -23.83
N LEU B 548 -5.74 37.86 -24.70
CA LEU B 548 -5.44 36.43 -24.61
C LEU B 548 -4.33 36.22 -23.59
N ALA B 549 -4.61 35.46 -22.56
CA ALA B 549 -3.53 35.02 -21.65
C ALA B 549 -2.45 34.16 -22.37
N SER B 550 -1.31 34.11 -21.78
CA SER B 550 -0.25 33.22 -22.23
C SER B 550 -0.67 31.75 -22.04
N ALA B 551 -0.92 31.03 -23.13
CA ALA B 551 -1.61 29.75 -23.04
C ALA B 551 -1.93 29.07 -24.39
N ALA B 552 -2.72 27.99 -24.38
CA ALA B 552 -3.00 27.28 -25.64
C ALA B 552 -3.55 28.20 -26.74
N PRO B 553 -4.43 29.19 -26.48
CA PRO B 553 -4.85 30.06 -27.62
C PRO B 553 -3.73 30.89 -28.21
N THR B 554 -2.56 31.06 -27.52
CA THR B 554 -1.44 31.79 -28.08
C THR B 554 -0.28 30.84 -28.38
N THR B 555 -0.58 29.60 -28.68
CA THR B 555 0.40 28.62 -29.17
C THR B 555 1.28 29.08 -30.31
N SER B 556 0.69 29.71 -31.38
CA SER B 556 1.43 30.19 -32.55
C SER B 556 1.10 31.65 -32.73
N SER B 557 2.06 32.40 -33.30
CA SER B 557 1.78 33.79 -33.62
C SER B 557 0.69 33.95 -34.71
N SER B 558 0.46 33.00 -35.61
CA SER B 558 -0.68 33.23 -36.55
C SER B 558 -2.03 33.29 -35.85
N MET B 559 -2.16 32.64 -34.69
CA MET B 559 -3.44 32.66 -33.99
C MET B 559 -3.63 34.02 -33.35
N ILE B 560 -2.56 34.58 -32.78
CA ILE B 560 -2.66 35.92 -32.21
C ILE B 560 -3.10 36.87 -33.29
N ARG B 561 -2.50 36.72 -34.50
CA ARG B 561 -2.85 37.58 -35.63
C ARG B 561 -4.36 37.52 -35.90
N ARG B 562 -4.94 36.28 -36.00
CA ARG B 562 -6.40 36.17 -36.14
C ARG B 562 -7.15 36.78 -34.94
N ALA B 563 -6.63 36.58 -33.73
CA ALA B 563 -7.28 37.22 -32.61
C ALA B 563 -7.27 38.74 -32.72
N PHE B 564 -6.15 39.31 -33.09
CA PHE B 564 -6.19 40.75 -33.28
C PHE B 564 -7.14 41.14 -34.39
N GLU B 565 -7.31 40.34 -35.43
CA GLU B 565 -8.28 40.67 -36.47
C GLU B 565 -9.70 40.57 -35.97
N ALA B 566 -9.99 39.72 -35.00
CA ALA B 566 -11.37 39.72 -34.45
C ALA B 566 -11.67 40.91 -33.49
N GLY B 567 -10.63 41.55 -32.95
CA GLY B 567 -10.80 42.73 -32.13
C GLY B 567 -10.23 42.62 -30.71
N TRP B 568 -9.55 41.51 -30.30
CA TRP B 568 -8.91 41.45 -28.98
C TRP B 568 -7.94 42.60 -28.78
N GLY B 569 -7.97 43.19 -27.58
CA GLY B 569 -7.16 44.37 -27.35
C GLY B 569 -5.67 44.07 -27.21
N PHE B 570 -5.32 42.92 -26.64
CA PHE B 570 -3.92 42.65 -26.35
C PHE B 570 -3.68 41.13 -26.30
N ALA B 571 -2.43 40.73 -26.27
CA ALA B 571 -2.20 39.30 -26.19
C ALA B 571 -0.82 39.08 -25.63
N LEU B 572 -0.67 37.96 -24.96
CA LEU B 572 0.58 37.45 -24.43
C LEU B 572 1.08 36.37 -25.36
N THR B 573 2.38 36.30 -25.60
CA THR B 573 2.83 35.07 -26.26
C THR B 573 2.71 33.87 -25.30
N LYS B 574 2.65 32.65 -25.82
CA LYS B 574 3.03 31.53 -24.92
C LYS B 574 4.40 31.88 -24.30
N THR B 575 4.68 31.31 -23.12
CA THR B 575 5.92 31.61 -22.42
C THR B 575 7.03 30.98 -23.24
N PHE B 576 8.10 31.71 -23.55
CA PHE B 576 9.24 31.10 -24.27
C PHE B 576 10.54 31.29 -23.46
N SER B 577 11.61 30.55 -23.83
CA SER B 577 12.85 30.57 -23.10
C SER B 577 14.08 30.59 -24.06
N LEU B 578 15.25 30.74 -23.45
CA LEU B 578 16.52 30.56 -24.19
C LEU B 578 16.62 29.17 -24.84
N ASP B 579 17.32 29.06 -25.98
CA ASP B 579 17.43 27.75 -26.64
C ASP B 579 17.87 26.62 -25.73
N LYS B 580 18.75 26.91 -24.75
CA LYS B 580 19.33 25.86 -23.90
C LYS B 580 18.27 25.24 -23.03
N ASP B 581 17.17 25.95 -22.82
CA ASP B 581 16.13 25.44 -21.91
C ASP B 581 14.90 24.83 -22.66
N ILE B 582 15.04 24.50 -23.97
CA ILE B 582 13.88 24.15 -24.80
C ILE B 582 13.18 22.90 -24.26
N VAL B 583 11.86 22.85 -24.39
CA VAL B 583 11.11 21.76 -23.73
C VAL B 583 10.51 20.81 -24.79
N THR B 584 10.04 19.66 -24.31
CA THR B 584 9.24 18.82 -25.18
C THR B 584 8.02 18.35 -24.40
N ASN B 585 6.86 18.83 -24.81
CA ASN B 585 5.56 18.41 -24.37
C ASN B 585 5.38 16.87 -24.43
N VAL B 586 4.46 16.38 -23.61
CA VAL B 586 4.01 15.02 -23.63
C VAL B 586 2.53 15.15 -24.07
N SER B 587 1.83 14.03 -24.18
CA SER B 587 0.40 14.04 -24.45
C SER B 587 -0.13 12.72 -23.95
N PRO B 588 -1.40 12.63 -23.57
CA PRO B 588 -2.42 13.70 -23.50
C PRO B 588 -1.92 14.75 -22.51
N ARG B 589 -2.35 16.01 -22.61
CA ARG B 589 -1.89 16.98 -21.63
C ARG B 589 -2.92 18.05 -21.26
N ILE B 590 -4.10 18.12 -21.90
CA ILE B 590 -5.11 19.05 -21.44
C ILE B 590 -6.39 18.22 -21.36
N VAL B 591 -7.09 18.29 -20.22
CA VAL B 591 -8.26 17.47 -20.00
C VAL B 591 -9.37 18.38 -19.46
N ARG B 592 -10.62 17.89 -19.63
CA ARG B 592 -11.78 18.63 -19.14
C ARG B 592 -11.85 18.57 -17.60
N GLY B 593 -12.54 19.54 -17.01
CA GLY B 593 -12.62 19.61 -15.57
C GLY B 593 -13.82 18.76 -15.20
N THR B 594 -13.63 17.99 -14.11
CA THR B 594 -14.69 17.20 -13.45
C THR B 594 -15.40 17.97 -12.35
N THR B 595 -15.22 19.29 -12.31
CA THR B 595 -15.64 20.19 -11.24
C THR B 595 -17.13 20.52 -11.29
N SER B 596 -17.85 20.23 -12.35
CA SER B 596 -19.32 20.33 -12.26
C SER B 596 -19.95 19.04 -12.78
N GLY B 597 -19.32 17.89 -12.49
CA GLY B 597 -19.99 16.66 -12.75
C GLY B 597 -19.99 16.38 -14.22
N PRO B 598 -20.70 15.35 -14.63
CA PRO B 598 -20.56 14.74 -15.97
C PRO B 598 -21.38 15.43 -17.05
N MET B 599 -21.09 16.72 -17.25
CA MET B 599 -21.62 17.61 -18.30
C MET B 599 -20.56 17.78 -19.40
N TYR B 600 -20.86 17.40 -20.66
CA TYR B 600 -19.90 17.43 -21.75
C TYR B 600 -20.28 18.50 -22.76
N GLY B 601 -19.30 18.99 -23.54
CA GLY B 601 -19.66 19.99 -24.52
C GLY B 601 -19.39 21.40 -24.01
N PRO B 602 -20.31 22.35 -24.30
CA PRO B 602 -19.99 23.77 -24.07
C PRO B 602 -19.79 24.05 -22.57
N GLY B 603 -19.09 25.15 -22.29
CA GLY B 603 -19.11 25.70 -20.94
C GLY B 603 -18.52 24.72 -19.91
N GLN B 604 -17.39 24.08 -20.23
CA GLN B 604 -16.66 23.27 -19.20
C GLN B 604 -16.26 24.19 -18.05
N SER B 605 -16.56 23.84 -16.79
CA SER B 605 -16.27 24.74 -15.67
C SER B 605 -14.74 24.79 -15.28
N SER B 606 -13.92 23.91 -15.83
CA SER B 606 -12.46 23.99 -15.68
C SER B 606 -11.80 23.14 -16.76
N PHE B 607 -10.47 23.34 -16.89
CA PHE B 607 -9.54 22.43 -17.56
C PHE B 607 -8.41 22.11 -16.59
N LEU B 608 -7.79 20.94 -16.74
CA LEU B 608 -6.49 20.69 -16.09
C LEU B 608 -5.47 20.57 -17.21
N ASN B 609 -4.28 21.15 -17.08
CA ASN B 609 -3.18 20.91 -18.03
C ASN B 609 -1.86 20.56 -17.36
N ILE B 610 -1.07 19.65 -17.99
CA ILE B 610 0.36 19.36 -17.74
C ILE B 610 1.19 19.83 -18.94
N GLU B 611 0.79 20.97 -19.54
CA GLU B 611 1.57 21.53 -20.64
C GLU B 611 2.72 22.25 -20.01
N LEU B 612 3.89 22.19 -20.65
CA LEU B 612 5.06 22.96 -20.20
C LEU B 612 5.04 24.31 -20.91
N ILE B 613 6.18 25.04 -20.99
CA ILE B 613 6.18 26.28 -21.77
C ILE B 613 6.14 26.06 -23.30
N SER B 614 6.25 27.15 -24.07
CA SER B 614 6.24 27.03 -25.55
C SER B 614 7.35 26.10 -26.03
N GLU B 615 7.04 25.29 -27.07
CA GLU B 615 7.95 24.46 -27.83
C GLU B 615 8.64 25.23 -28.99
N LYS B 616 8.16 26.41 -29.30
CA LYS B 616 8.84 27.16 -30.36
C LYS B 616 9.97 28.02 -29.75
N THR B 617 10.98 28.36 -30.58
CA THR B 617 12.21 29.03 -30.13
C THR B 617 11.93 30.51 -29.86
N ALA B 618 12.78 31.11 -29.02
CA ALA B 618 12.81 32.56 -28.86
C ALA B 618 12.97 33.27 -30.20
N ALA B 619 13.65 32.65 -31.15
CA ALA B 619 13.82 33.39 -32.38
C ALA B 619 12.51 33.41 -33.15
N TYR B 620 11.67 32.38 -32.99
CA TYR B 620 10.39 32.43 -33.68
C TYR B 620 9.54 33.49 -33.04
N TRP B 621 9.59 33.52 -31.71
CA TRP B 621 8.70 34.40 -31.02
C TRP B 621 9.16 35.84 -31.23
N CYS B 622 10.47 36.10 -31.15
CA CYS B 622 10.91 37.50 -31.32
C CYS B 622 10.54 38.02 -32.73
N GLN B 623 10.89 37.23 -33.75
CA GLN B 623 10.47 37.65 -35.06
C GLN B 623 8.97 37.83 -35.06
N SER B 624 8.23 36.96 -34.36
CA SER B 624 6.77 37.08 -34.48
C SER B 624 6.24 38.36 -33.83
N VAL B 625 6.82 38.78 -32.72
CA VAL B 625 6.34 40.02 -32.07
C VAL B 625 6.63 41.23 -33.00
N THR B 626 7.84 41.33 -33.56
CA THR B 626 8.09 42.32 -34.65
C THR B 626 7.01 42.31 -35.74
N GLU B 627 6.73 41.17 -36.37
CA GLU B 627 5.72 41.25 -37.41
C GLU B 627 4.34 41.69 -36.81
N LEU B 628 4.00 41.23 -35.57
CA LEU B 628 2.67 41.57 -35.09
C LEU B 628 2.59 43.04 -34.73
N LYS B 629 3.63 43.60 -34.10
CA LYS B 629 3.63 45.02 -33.74
C LYS B 629 3.69 45.92 -34.98
N ALA B 630 4.36 45.47 -36.05
CA ALA B 630 4.31 46.20 -37.32
C ALA B 630 2.90 46.29 -37.87
N ASP B 631 2.16 45.17 -37.85
CA ASP B 631 0.85 45.17 -38.49
C ASP B 631 -0.32 45.60 -37.59
N PHE B 632 -0.12 45.64 -36.28
CA PHE B 632 -1.16 45.95 -35.31
C PHE B 632 -0.59 46.91 -34.28
N PRO B 633 -0.11 48.05 -34.70
CA PRO B 633 0.52 48.97 -33.74
C PRO B 633 -0.39 49.29 -32.57
N ASP B 634 -1.72 49.19 -32.73
CA ASP B 634 -2.55 49.65 -31.68
C ASP B 634 -3.01 48.53 -30.74
N ASN B 635 -2.72 47.28 -31.08
CA ASN B 635 -2.91 46.18 -30.18
C ASN B 635 -1.65 45.95 -29.33
N ILE B 636 -1.83 45.75 -28.05
CA ILE B 636 -0.68 45.55 -27.15
C ILE B 636 -0.19 44.10 -27.31
N VAL B 637 1.13 43.90 -27.54
CA VAL B 637 1.72 42.56 -27.50
C VAL B 637 2.67 42.46 -26.31
N ILE B 638 2.48 41.41 -25.50
CA ILE B 638 3.30 41.17 -24.31
C ILE B 638 4.03 39.83 -24.46
N ALA B 639 5.36 39.84 -24.36
CA ALA B 639 6.14 38.60 -24.49
C ALA B 639 6.25 37.93 -23.12
N SER B 640 5.79 36.72 -23.00
CA SER B 640 5.92 36.02 -21.71
C SER B 640 7.22 35.26 -21.77
N ILE B 641 8.10 35.39 -20.75
CA ILE B 641 9.43 34.75 -20.75
C ILE B 641 9.71 34.00 -19.48
N MET B 642 10.58 33.00 -19.58
CA MET B 642 10.94 32.23 -18.39
C MET B 642 12.39 31.75 -18.48
N CYS B 643 13.17 32.00 -17.38
CA CYS B 643 14.54 31.57 -17.24
C CYS B 643 14.70 30.81 -15.93
N SER B 644 15.71 29.91 -15.88
CA SER B 644 16.05 29.37 -14.56
C SER B 644 16.53 30.49 -13.64
N TYR B 645 16.89 30.19 -12.39
CA TYR B 645 17.27 31.26 -11.48
C TYR B 645 18.74 31.64 -11.78
N ASN B 646 18.92 32.33 -12.89
CA ASN B 646 20.23 32.70 -13.34
C ASN B 646 20.22 34.18 -13.78
N LYS B 647 21.16 35.01 -13.27
CA LYS B 647 21.08 36.45 -13.56
C LYS B 647 21.36 36.75 -15.04
N ASN B 648 22.44 36.18 -15.59
CA ASN B 648 22.68 36.49 -16.98
C ASN B 648 21.55 36.00 -17.88
N ASP B 649 20.88 34.89 -17.54
CA ASP B 649 19.88 34.35 -18.48
C ASP B 649 18.70 35.29 -18.56
N TRP B 650 18.12 35.65 -17.40
CA TRP B 650 16.97 36.58 -17.38
C TRP B 650 17.31 37.90 -18.05
N MET B 651 18.59 38.28 -18.02
CA MET B 651 18.95 39.57 -18.58
C MET B 651 19.05 39.45 -20.08
N GLU B 652 19.62 38.34 -20.55
CA GLU B 652 19.67 38.02 -21.97
C GLU B 652 18.29 37.93 -22.55
N LEU B 653 17.45 37.07 -21.96
CA LEU B 653 16.17 36.78 -22.61
C LEU B 653 15.26 38.00 -22.56
N SER B 654 15.29 38.79 -21.52
CA SER B 654 14.42 39.99 -21.57
C SER B 654 14.93 41.08 -22.56
N ARG B 655 16.23 41.33 -22.66
CA ARG B 655 16.69 42.23 -23.72
C ARG B 655 16.34 41.71 -25.08
N LYS B 656 16.47 40.43 -25.31
CA LYS B 656 16.09 39.93 -26.61
C LYS B 656 14.60 40.25 -26.92
N ALA B 657 13.68 39.90 -26.00
CA ALA B 657 12.26 40.13 -26.26
C ALA B 657 11.96 41.64 -26.36
N GLU B 658 12.60 42.48 -25.56
CA GLU B 658 12.38 43.91 -25.74
C GLU B 658 12.88 44.34 -27.12
N ALA B 659 14.01 43.79 -27.56
CA ALA B 659 14.54 44.23 -28.84
C ALA B 659 13.57 43.87 -29.97
N SER B 660 12.76 42.84 -29.79
CA SER B 660 11.83 42.49 -30.84
C SER B 660 10.71 43.53 -31.04
N GLY B 661 10.58 44.56 -30.17
CA GLY B 661 9.45 45.51 -30.19
C GLY B 661 8.26 45.23 -29.23
N ALA B 662 8.36 44.26 -28.33
CA ALA B 662 7.27 44.00 -27.37
C ALA B 662 6.83 45.26 -26.64
N ASP B 663 5.55 45.46 -26.43
CA ASP B 663 5.23 46.62 -25.58
C ASP B 663 5.57 46.37 -24.11
N ALA B 664 5.58 45.12 -23.64
CA ALA B 664 5.83 44.84 -22.23
C ALA B 664 6.31 43.43 -22.13
N LEU B 665 6.88 43.07 -20.95
CA LEU B 665 7.18 41.67 -20.74
C LEU B 665 6.34 41.13 -19.61
N GLU B 666 6.12 39.84 -19.62
CA GLU B 666 5.44 39.17 -18.52
C GLU B 666 6.41 38.10 -18.05
N LEU B 667 6.73 38.04 -16.78
CA LEU B 667 7.69 37.04 -16.26
C LEU B 667 6.92 35.85 -15.68
N ASN B 668 7.14 34.66 -16.23
CA ASN B 668 6.54 33.41 -15.75
C ASN B 668 7.44 32.79 -14.67
N LEU B 669 7.04 32.93 -13.41
CA LEU B 669 7.85 32.49 -12.26
C LEU B 669 7.53 31.03 -11.83
N SER B 670 7.27 30.15 -12.80
CA SER B 670 6.97 28.73 -12.53
C SER B 670 8.19 27.83 -12.50
N CYS B 671 9.35 28.29 -12.98
CA CYS B 671 10.52 27.39 -13.04
C CYS B 671 10.90 26.96 -11.62
N PRO B 672 11.33 25.72 -11.43
CA PRO B 672 11.93 25.36 -10.15
C PRO B 672 13.26 26.11 -9.95
N HIS B 673 13.79 25.92 -8.73
CA HIS B 673 14.87 26.73 -8.13
C HIS B 673 15.83 25.81 -7.41
N MET B 680 8.48 26.54 1.41
CA MET B 680 8.40 27.53 0.32
C MET B 680 8.39 26.86 -1.08
N GLY B 681 8.04 25.57 -1.13
CA GLY B 681 7.70 24.94 -2.38
C GLY B 681 8.89 24.79 -3.28
N LEU B 682 8.61 24.50 -4.54
CA LEU B 682 9.66 24.21 -5.49
C LEU B 682 9.88 25.34 -6.51
N ALA B 683 8.95 26.30 -6.68
CA ALA B 683 8.98 27.24 -7.81
C ALA B 683 9.64 28.52 -7.37
N CYS B 684 10.39 29.18 -8.29
CA CYS B 684 10.95 30.50 -7.92
C CYS B 684 9.83 31.47 -7.51
N GLY B 685 8.64 31.34 -8.06
CA GLY B 685 7.50 32.18 -7.77
C GLY B 685 6.89 31.99 -6.42
N GLN B 686 7.31 30.98 -5.64
CA GLN B 686 6.72 30.80 -4.33
C GLN B 686 7.54 31.40 -3.23
N ASP B 687 8.61 32.10 -3.54
CA ASP B 687 9.58 32.56 -2.53
C ASP B 687 9.82 34.04 -2.72
N PRO B 688 9.39 34.90 -1.80
CA PRO B 688 9.48 36.34 -2.08
C PRO B 688 10.88 36.75 -2.44
N GLU B 689 11.92 36.18 -1.84
CA GLU B 689 13.22 36.75 -2.10
C GLU B 689 13.71 36.37 -3.50
N LEU B 690 13.32 35.19 -4.03
CA LEU B 690 13.65 34.90 -5.41
C LEU B 690 12.88 35.83 -6.37
N VAL B 691 11.61 36.14 -6.06
CA VAL B 691 10.81 37.04 -6.89
C VAL B 691 11.45 38.41 -6.96
N ARG B 692 11.82 38.95 -5.82
CA ARG B 692 12.40 40.26 -5.81
C ARG B 692 13.66 40.27 -6.65
N ASN B 693 14.48 39.25 -6.56
CA ASN B 693 15.76 39.26 -7.28
C ASN B 693 15.55 39.06 -8.79
N ILE B 694 14.63 38.18 -9.18
CA ILE B 694 14.41 38.05 -10.61
C ILE B 694 13.88 39.36 -11.16
N CYS B 695 13.05 40.06 -10.41
CA CYS B 695 12.51 41.31 -10.93
C CYS B 695 13.60 42.37 -11.03
N ARG B 696 14.55 42.39 -10.07
CA ARG B 696 15.66 43.35 -10.16
C ARG B 696 16.53 43.07 -11.36
N TRP B 697 16.87 41.81 -11.62
CA TRP B 697 17.63 41.53 -12.82
C TRP B 697 16.92 42.09 -14.05
N VAL B 698 15.62 41.90 -14.14
CA VAL B 698 14.92 42.29 -15.35
C VAL B 698 14.74 43.80 -15.40
N ARG B 699 14.41 44.41 -14.28
CA ARG B 699 14.25 45.85 -14.25
C ARG B 699 15.48 46.60 -14.77
N GLN B 700 16.70 46.13 -14.43
CA GLN B 700 17.88 46.79 -14.97
C GLN B 700 18.30 46.27 -16.35
N ALA B 701 17.67 45.27 -16.90
CA ALA B 701 18.02 44.92 -18.26
C ALA B 701 17.20 45.67 -19.32
N VAL B 702 15.96 46.05 -19.02
CA VAL B 702 15.08 46.62 -20.01
C VAL B 702 14.45 47.89 -19.49
N GLN B 703 13.96 48.67 -20.42
CA GLN B 703 13.30 49.92 -20.21
C GLN B 703 11.80 49.81 -20.43
N ILE B 704 11.34 48.78 -21.12
CA ILE B 704 9.90 48.65 -21.27
C ILE B 704 9.30 48.18 -19.93
N PRO B 705 7.98 48.28 -19.74
CA PRO B 705 7.35 47.75 -18.53
C PRO B 705 7.38 46.26 -18.49
N PHE B 706 7.46 45.70 -17.27
CA PHE B 706 7.20 44.27 -17.12
C PHE B 706 6.30 43.96 -15.92
N PHE B 707 5.62 42.79 -16.01
CA PHE B 707 4.64 42.29 -15.05
C PHE B 707 5.11 40.92 -14.53
N ALA B 708 5.12 40.73 -13.21
CA ALA B 708 5.35 39.40 -12.65
C ALA B 708 4.05 38.59 -12.67
N LYS B 709 4.11 37.35 -13.23
CA LYS B 709 2.90 36.47 -13.21
C LYS B 709 2.96 35.68 -11.92
N LEU B 710 2.00 35.93 -11.03
CA LEU B 710 1.98 35.36 -9.68
C LEU B 710 1.24 34.02 -9.62
N THR B 711 1.75 33.05 -8.82
CA THR B 711 0.96 31.81 -8.67
C THR B 711 0.01 31.96 -7.51
N PRO B 712 -1.25 31.45 -7.57
CA PRO B 712 -2.05 31.48 -6.37
C PRO B 712 -1.63 30.42 -5.38
N ASN B 713 -0.73 29.50 -5.69
CA ASN B 713 -0.40 28.43 -4.73
C ASN B 713 0.57 28.91 -3.65
N VAL B 714 0.17 29.92 -2.88
CA VAL B 714 0.99 30.42 -1.81
C VAL B 714 0.15 30.75 -0.62
N THR B 715 0.79 30.62 0.58
CA THR B 715 0.17 31.05 1.82
C THR B 715 -0.28 32.47 1.65
N ASP B 716 0.56 33.35 1.08
CA ASP B 716 0.21 34.78 1.09
C ASP B 716 0.61 35.50 -0.19
N ILE B 717 -0.34 35.68 -1.07
CA ILE B 717 0.03 36.19 -2.37
C ILE B 717 0.51 37.62 -2.26
N VAL B 718 0.04 38.36 -1.28
CA VAL B 718 0.46 39.75 -1.16
C VAL B 718 1.99 39.86 -0.96
N SER B 719 2.57 38.99 -0.14
CA SER B 719 4.03 39.05 0.06
C SER B 719 4.75 38.83 -1.27
N ILE B 720 4.18 38.04 -2.16
CA ILE B 720 4.83 37.86 -3.46
C ILE B 720 4.57 39.06 -4.38
N ALA B 721 3.39 39.66 -4.33
CA ALA B 721 3.21 40.89 -5.11
C ALA B 721 4.13 42.00 -4.62
N ARG B 722 4.27 42.13 -3.30
CA ARG B 722 5.12 43.21 -2.80
C ARG B 722 6.55 43.01 -3.21
N ALA B 723 7.01 41.76 -3.21
CA ALA B 723 8.38 41.47 -3.60
C ALA B 723 8.64 41.95 -5.04
N ALA B 724 7.74 41.57 -5.97
CA ALA B 724 7.81 42.03 -7.37
C ALA B 724 7.86 43.53 -7.47
N LYS B 725 6.96 44.23 -6.78
CA LYS B 725 7.03 45.69 -6.80
C LYS B 725 8.35 46.19 -6.26
N GLU B 726 8.86 45.61 -5.15
CA GLU B 726 10.17 46.08 -4.63
C GLU B 726 11.27 45.77 -5.61
N GLY B 727 11.11 44.70 -6.39
CA GLY B 727 12.08 44.32 -7.45
C GLY B 727 12.01 45.17 -8.71
N GLY B 728 10.90 45.83 -8.96
CA GLY B 728 10.86 46.88 -9.97
C GLY B 728 9.78 46.64 -11.01
N ALA B 729 9.04 45.52 -10.89
CA ALA B 729 7.85 45.26 -11.69
C ALA B 729 6.93 46.49 -11.75
N ASP B 730 6.36 46.74 -12.94
CA ASP B 730 5.37 47.78 -13.10
C ASP B 730 3.97 47.30 -12.79
N GLY B 731 3.83 46.03 -12.45
CA GLY B 731 2.50 45.48 -12.18
C GLY B 731 2.65 43.99 -11.97
N VAL B 732 1.55 43.34 -11.72
CA VAL B 732 1.59 41.92 -11.49
C VAL B 732 0.36 41.34 -12.20
N THR B 733 0.51 40.16 -12.78
CA THR B 733 -0.61 39.43 -13.34
C THR B 733 -1.08 38.42 -12.28
N ALA B 734 -2.36 38.45 -11.93
CA ALA B 734 -2.88 37.55 -10.91
C ALA B 734 -4.09 36.78 -11.50
N THR B 735 -4.03 35.45 -11.70
CA THR B 735 -2.98 34.50 -11.26
C THR B 735 -2.83 33.35 -12.24
N ASN B 736 -1.78 32.62 -12.04
CA ASN B 736 -1.58 31.44 -12.85
C ASN B 736 -2.57 30.34 -12.40
N THR B 737 -2.34 29.13 -12.86
CA THR B 737 -3.31 28.11 -12.56
C THR B 737 -3.10 27.63 -11.11
N VAL B 738 -4.12 26.91 -10.64
CA VAL B 738 -4.16 26.35 -9.29
C VAL B 738 -3.68 24.90 -9.33
N SER B 739 -2.81 24.54 -8.43
CA SER B 739 -2.26 23.21 -8.54
C SER B 739 -3.31 22.16 -8.16
N GLY B 740 -3.43 21.10 -8.95
CA GLY B 740 -4.56 20.23 -8.68
C GLY B 740 -4.43 18.92 -9.43
N LEU B 741 -5.40 18.01 -9.19
CA LEU B 741 -5.51 16.72 -9.91
C LEU B 741 -6.96 16.48 -10.23
N MET B 742 -7.26 16.10 -11.46
CA MET B 742 -8.64 16.20 -11.85
C MET B 742 -9.40 14.91 -11.59
N GLY B 743 -8.73 13.83 -11.33
CA GLY B 743 -9.41 12.70 -10.78
C GLY B 743 -8.92 11.44 -11.44
N LEU B 744 -9.54 10.35 -11.09
CA LEU B 744 -9.06 9.06 -11.42
C LEU B 744 -10.22 8.32 -12.04
N LYS B 745 -9.89 7.33 -12.85
CA LYS B 745 -10.93 6.40 -13.27
C LYS B 745 -11.20 5.44 -12.11
N ALA B 746 -12.30 4.66 -12.20
CA ALA B 746 -12.63 3.66 -11.18
C ALA B 746 -11.53 2.63 -10.95
N ASP B 747 -10.72 2.39 -11.93
CA ASP B 747 -9.67 1.44 -11.69
C ASP B 747 -8.45 2.09 -11.05
N GLY B 748 -8.46 3.36 -10.75
CA GLY B 748 -7.26 3.90 -10.12
C GLY B 748 -6.26 4.66 -10.98
N THR B 749 -6.38 4.63 -12.34
CA THR B 749 -5.45 5.31 -13.26
C THR B 749 -5.88 6.75 -13.50
N PRO B 750 -5.00 7.64 -13.72
CA PRO B 750 -5.44 9.02 -13.79
C PRO B 750 -5.81 9.35 -15.22
N TRP B 751 -6.23 10.57 -15.35
CA TRP B 751 -6.52 11.30 -16.54
C TRP B 751 -6.14 12.76 -16.31
N PRO B 752 -5.09 13.28 -17.02
CA PRO B 752 -4.45 12.54 -18.13
C PRO B 752 -3.56 11.34 -17.74
N ALA B 753 -3.27 10.47 -18.71
CA ALA B 753 -2.44 9.31 -18.42
C ALA B 753 -1.48 9.14 -19.58
N VAL B 754 -0.17 9.18 -19.30
CA VAL B 754 0.85 9.32 -20.32
C VAL B 754 1.63 8.01 -20.37
N GLY B 755 1.62 7.43 -21.51
CA GLY B 755 2.58 6.41 -21.83
C GLY B 755 2.15 5.02 -21.38
N ALA B 756 3.11 4.08 -21.50
CA ALA B 756 2.80 2.65 -21.26
C ALA B 756 2.32 2.42 -19.82
N GLY B 757 2.83 3.20 -18.87
CA GLY B 757 2.63 3.07 -17.43
C GLY B 757 1.46 3.92 -16.95
N LYS B 758 0.66 4.44 -17.86
CA LYS B 758 -0.49 5.28 -17.51
C LYS B 758 -0.13 6.27 -16.39
N ARG B 759 0.96 7.04 -16.59
CA ARG B 759 1.47 7.94 -15.56
C ARG B 759 1.02 9.42 -15.68
N THR B 760 1.03 10.09 -14.54
CA THR B 760 0.64 11.52 -14.55
C THR B 760 1.48 12.25 -13.50
N THR B 761 1.26 13.56 -13.44
CA THR B 761 1.84 14.45 -12.47
C THR B 761 0.81 15.50 -12.18
N TYR B 762 1.08 16.30 -11.15
CA TYR B 762 0.12 17.34 -10.76
C TYR B 762 -0.01 18.38 -11.88
N GLY B 763 -1.23 18.86 -12.15
CA GLY B 763 -1.40 19.86 -13.16
C GLY B 763 -1.89 21.21 -12.65
N GLY B 764 -2.18 22.07 -13.62
CA GLY B 764 -2.80 23.35 -13.35
C GLY B 764 -4.25 23.38 -13.82
N VAL B 765 -5.13 23.74 -12.86
CA VAL B 765 -6.54 23.93 -13.04
C VAL B 765 -6.78 25.35 -13.50
N SER B 766 -7.66 25.52 -14.51
CA SER B 766 -8.06 26.85 -14.96
C SER B 766 -9.55 26.86 -15.20
N GLY B 767 -10.12 28.02 -15.46
CA GLY B 767 -11.49 28.17 -15.85
C GLY B 767 -12.32 28.69 -14.68
N THR B 768 -13.65 28.58 -14.85
CA THR B 768 -14.51 29.28 -13.92
C THR B 768 -14.50 28.65 -12.48
N ALA B 769 -14.23 27.36 -12.35
CA ALA B 769 -13.80 26.78 -11.06
C ALA B 769 -12.72 27.59 -10.27
N ILE B 770 -11.79 28.31 -10.89
CA ILE B 770 -10.84 29.00 -10.02
C ILE B 770 -11.15 30.47 -9.85
N ARG B 771 -12.24 30.96 -10.43
CA ARG B 771 -12.51 32.39 -10.35
C ARG B 771 -12.59 32.91 -8.94
N PRO B 772 -13.18 32.20 -7.93
CA PRO B 772 -13.16 32.68 -6.55
C PRO B 772 -11.78 32.94 -5.99
N ILE B 773 -10.84 32.06 -6.28
CA ILE B 773 -9.47 32.21 -5.86
C ILE B 773 -8.79 33.44 -6.51
N ALA B 774 -8.94 33.63 -7.82
CA ALA B 774 -8.27 34.76 -8.46
C ALA B 774 -8.92 36.05 -8.04
N LEU B 775 -10.23 36.05 -7.78
CA LEU B 775 -10.90 37.30 -7.36
C LEU B 775 -10.42 37.74 -5.98
N ARG B 776 -10.27 36.76 -5.08
CA ARG B 776 -9.69 37.08 -3.81
C ARG B 776 -8.26 37.61 -3.99
N ALA B 777 -7.45 36.92 -4.79
CA ALA B 777 -6.08 37.38 -4.97
C ALA B 777 -6.03 38.81 -5.52
N VAL B 778 -6.90 39.12 -6.51
CA VAL B 778 -6.90 40.49 -7.11
C VAL B 778 -7.36 41.51 -6.05
N THR B 779 -8.42 41.18 -5.28
CA THR B 779 -8.79 42.20 -4.30
C THR B 779 -7.79 42.33 -3.16
N THR B 780 -7.07 41.26 -2.81
CA THR B 780 -6.09 41.34 -1.68
C THR B 780 -4.91 42.20 -2.08
N ILE B 781 -4.44 42.03 -3.34
CA ILE B 781 -3.35 42.85 -3.83
C ILE B 781 -3.78 44.29 -3.96
N ALA B 782 -5.01 44.52 -4.43
CA ALA B 782 -5.46 45.89 -4.67
C ALA B 782 -5.61 46.67 -3.37
N ARG B 783 -6.06 46.00 -2.32
CA ARG B 783 -6.08 46.64 -1.01
C ARG B 783 -4.72 46.87 -0.42
N ALA B 784 -3.83 45.91 -0.53
CA ALA B 784 -2.53 46.07 0.06
C ALA B 784 -1.60 47.00 -0.74
N LEU B 785 -1.74 47.09 -2.10
CA LEU B 785 -0.88 47.91 -2.99
C LEU B 785 -1.70 48.90 -3.85
N PRO B 786 -2.32 49.89 -3.22
CA PRO B 786 -3.29 50.73 -3.97
C PRO B 786 -2.62 51.46 -5.15
N GLY B 787 -3.14 51.29 -6.33
CA GLY B 787 -2.55 51.96 -7.45
C GLY B 787 -1.63 51.12 -8.30
N PHE B 788 -1.00 50.10 -7.74
CA PHE B 788 -0.12 49.18 -8.48
C PHE B 788 -0.93 48.42 -9.55
N PRO B 789 -0.59 48.49 -10.81
CA PRO B 789 -1.40 47.83 -11.84
C PRO B 789 -1.57 46.34 -11.68
N ILE B 790 -2.77 45.82 -11.98
CA ILE B 790 -3.04 44.38 -11.92
C ILE B 790 -3.70 43.94 -13.24
N LEU B 791 -3.13 42.93 -13.88
CA LEU B 791 -3.72 42.20 -15.00
C LEU B 791 -4.44 41.00 -14.38
N ALA B 792 -5.76 40.86 -14.60
CA ALA B 792 -6.54 39.71 -13.99
C ALA B 792 -6.53 38.49 -14.89
N THR B 793 -6.44 37.30 -14.33
CA THR B 793 -6.63 36.06 -15.10
C THR B 793 -7.25 35.06 -14.11
N GLY B 794 -8.24 34.27 -14.59
CA GLY B 794 -8.82 33.19 -13.79
C GLY B 794 -10.34 33.18 -13.87
N GLY B 795 -10.87 32.50 -14.89
CA GLY B 795 -12.31 32.29 -15.02
C GLY B 795 -13.07 33.46 -15.59
N ILE B 796 -12.42 34.37 -16.32
CA ILE B 796 -13.16 35.45 -16.97
C ILE B 796 -13.76 34.86 -18.25
N ASP B 797 -15.12 34.87 -18.35
CA ASP B 797 -15.78 34.32 -19.54
C ASP B 797 -16.89 35.20 -20.09
N SER B 798 -16.94 36.48 -19.69
CA SER B 798 -18.05 37.33 -20.13
C SER B 798 -17.73 38.77 -19.82
N ALA B 799 -18.47 39.70 -20.41
CA ALA B 799 -18.25 41.04 -19.90
C ALA B 799 -18.59 41.13 -18.40
N GLU B 800 -19.63 40.43 -17.99
CA GLU B 800 -20.05 40.52 -16.62
C GLU B 800 -18.97 40.02 -15.64
N SER B 801 -18.40 38.87 -15.88
CA SER B 801 -17.30 38.48 -15.00
C SER B 801 -16.09 39.43 -15.17
N GLY B 802 -15.80 39.94 -16.35
CA GLY B 802 -14.73 40.92 -16.44
C GLY B 802 -14.95 42.15 -15.57
N LEU B 803 -16.16 42.68 -15.56
CA LEU B 803 -16.42 43.84 -14.73
C LEU B 803 -16.19 43.54 -13.25
N GLN B 804 -16.46 42.31 -12.79
CA GLN B 804 -16.15 41.97 -11.39
C GLN B 804 -14.67 42.11 -11.09
N PHE B 805 -13.80 41.70 -12.01
CA PHE B 805 -12.38 41.93 -11.76
C PHE B 805 -12.01 43.39 -11.79
N LEU B 806 -12.54 44.14 -12.78
CA LEU B 806 -12.28 45.57 -12.84
C LEU B 806 -12.63 46.17 -11.53
N HIS B 807 -13.87 45.90 -11.04
CA HIS B 807 -14.33 46.49 -9.75
C HIS B 807 -13.41 46.09 -8.63
N SER B 808 -12.87 44.89 -8.70
CA SER B 808 -11.93 44.44 -7.66
C SER B 808 -10.52 45.09 -7.69
N GLY B 809 -10.15 45.80 -8.74
CA GLY B 809 -8.82 46.44 -8.76
C GLY B 809 -8.02 46.12 -9.98
N ALA B 810 -8.50 45.21 -10.82
CA ALA B 810 -7.74 44.95 -12.06
C ALA B 810 -7.92 46.08 -13.06
N SER B 811 -6.98 46.23 -13.99
CA SER B 811 -7.24 47.15 -15.09
C SER B 811 -7.50 46.46 -16.40
N VAL B 812 -6.88 45.33 -16.64
CA VAL B 812 -7.10 44.57 -17.87
C VAL B 812 -7.38 43.13 -17.49
N LEU B 813 -7.85 42.35 -18.48
CA LEU B 813 -8.57 41.12 -18.21
C LEU B 813 -8.01 40.15 -19.23
N GLN B 814 -7.34 39.11 -18.75
CA GLN B 814 -6.72 38.08 -19.59
C GLN B 814 -7.61 36.83 -19.63
N VAL B 815 -7.76 36.18 -20.81
CA VAL B 815 -8.72 35.07 -21.00
C VAL B 815 -7.95 33.87 -21.60
N CYS B 816 -8.24 32.67 -21.08
CA CYS B 816 -7.78 31.45 -21.71
C CYS B 816 -8.95 30.46 -21.81
N SER B 817 -9.43 29.93 -20.70
CA SER B 817 -10.34 28.81 -20.85
C SER B 817 -11.62 29.18 -21.65
N ALA B 818 -12.03 30.46 -21.62
CA ALA B 818 -13.28 30.75 -22.32
C ALA B 818 -13.07 30.62 -23.82
N VAL B 819 -11.82 30.83 -24.31
CA VAL B 819 -11.60 30.63 -25.72
C VAL B 819 -11.48 29.15 -26.02
N GLN B 820 -10.83 28.37 -25.15
CA GLN B 820 -10.72 26.94 -25.43
C GLN B 820 -12.09 26.32 -25.52
N ASN B 821 -13.05 26.84 -24.72
CA ASN B 821 -14.45 26.42 -24.72
C ASN B 821 -15.20 26.84 -25.94
N GLN B 822 -14.74 27.91 -26.58
CA GLN B 822 -15.42 28.47 -27.72
C GLN B 822 -14.41 28.75 -28.87
N ASP B 823 -14.12 30.02 -29.16
CA ASP B 823 -13.29 30.46 -30.29
C ASP B 823 -13.06 31.97 -30.14
N PHE B 824 -12.21 32.54 -31.01
CA PHE B 824 -11.78 33.91 -30.72
C PHE B 824 -12.88 34.92 -30.88
N THR B 825 -13.99 34.56 -31.54
CA THR B 825 -15.03 35.56 -31.72
C THR B 825 -15.78 35.94 -30.43
N VAL B 826 -15.60 35.27 -29.28
CA VAL B 826 -16.28 35.82 -28.08
C VAL B 826 -15.86 37.28 -27.73
N ILE B 827 -14.75 37.79 -28.27
CA ILE B 827 -14.37 39.18 -28.01
C ILE B 827 -15.51 40.10 -28.40
N GLN B 828 -16.29 39.76 -29.42
CA GLN B 828 -17.32 40.75 -29.80
C GLN B 828 -18.47 40.77 -28.78
N ASP B 829 -18.78 39.62 -28.20
CA ASP B 829 -19.70 39.61 -27.07
C ASP B 829 -19.11 40.37 -25.91
N TYR B 830 -17.78 40.21 -25.68
CA TYR B 830 -17.21 40.87 -24.48
C TYR B 830 -17.29 42.39 -24.63
N CYS B 831 -16.98 42.91 -25.83
CA CYS B 831 -16.97 44.37 -26.03
C CYS B 831 -18.36 44.96 -26.02
N THR B 832 -19.34 44.36 -26.71
CA THR B 832 -20.71 44.88 -26.61
C THR B 832 -21.23 44.76 -25.20
N GLY B 833 -20.96 43.59 -24.56
CA GLY B 833 -21.41 43.39 -23.16
C GLY B 833 -20.92 44.49 -22.26
N LEU B 834 -19.64 44.86 -22.41
CA LEU B 834 -19.10 45.82 -21.47
C LEU B 834 -19.62 47.23 -21.77
N LYS B 835 -19.73 47.61 -23.05
CA LYS B 835 -20.40 48.88 -23.35
C LYS B 835 -21.79 48.94 -22.76
N ALA B 836 -22.60 47.88 -22.90
CA ALA B 836 -23.94 47.93 -22.34
C ALA B 836 -23.93 48.07 -20.82
N LEU B 837 -23.08 47.30 -20.17
CA LEU B 837 -23.02 47.43 -18.71
C LEU B 837 -22.74 48.85 -18.27
N LEU B 838 -21.77 49.53 -18.90
CA LEU B 838 -21.42 50.93 -18.51
C LEU B 838 -22.54 51.91 -18.91
N TYR B 839 -23.06 51.75 -20.12
CA TYR B 839 -24.14 52.60 -20.59
C TYR B 839 -25.31 52.54 -19.62
N LEU B 840 -25.66 51.32 -19.21
CA LEU B 840 -26.81 51.14 -18.33
C LEU B 840 -26.61 51.84 -16.98
N LYS B 841 -25.36 52.05 -16.54
CA LYS B 841 -25.15 52.80 -15.31
C LYS B 841 -25.67 54.22 -15.36
N SER B 842 -25.79 54.82 -16.53
CA SER B 842 -26.22 56.21 -16.63
C SER B 842 -27.74 56.41 -16.78
N ILE B 843 -28.55 55.31 -16.88
CA ILE B 843 -30.01 55.40 -17.06
C ILE B 843 -30.68 55.38 -15.70
N GLU B 844 -31.36 56.46 -15.35
CA GLU B 844 -31.93 56.63 -14.02
C GLU B 844 -33.08 55.65 -13.82
N GLU B 845 -33.88 55.44 -14.84
CA GLU B 845 -35.08 54.68 -14.58
C GLU B 845 -34.88 53.15 -14.69
N LEU B 846 -33.68 52.67 -14.97
CA LEU B 846 -33.32 51.25 -14.87
C LEU B 846 -32.46 50.90 -13.64
N GLN B 847 -32.40 51.72 -12.59
CA GLN B 847 -31.47 51.37 -11.52
C GLN B 847 -31.91 50.13 -10.70
N GLY B 848 -33.19 49.65 -10.84
CA GLY B 848 -33.73 48.39 -10.24
C GLY B 848 -33.08 47.09 -10.79
N TRP B 849 -32.30 47.25 -11.83
CA TRP B 849 -31.76 46.14 -12.57
C TRP B 849 -30.42 45.76 -12.00
N ASP B 850 -30.08 44.50 -12.15
CA ASP B 850 -28.73 43.99 -11.92
C ASP B 850 -28.02 43.84 -13.29
N GLY B 851 -27.30 44.89 -13.68
CA GLY B 851 -26.51 44.71 -14.91
C GLY B 851 -27.53 44.71 -16.00
N GLN B 852 -27.46 43.74 -16.86
CA GLN B 852 -28.39 43.67 -17.96
C GLN B 852 -29.70 42.89 -17.63
N SER B 853 -29.90 42.45 -16.38
CA SER B 853 -31.08 41.64 -16.02
C SER B 853 -32.14 42.50 -15.36
N PRO B 854 -33.33 42.57 -15.92
CA PRO B 854 -34.38 43.31 -15.23
C PRO B 854 -34.70 42.59 -13.94
N GLY B 855 -35.17 43.35 -12.98
CA GLY B 855 -35.68 42.80 -11.76
C GLY B 855 -36.74 41.78 -12.14
N THR B 856 -36.62 40.56 -11.57
CA THR B 856 -37.56 39.43 -11.81
C THR B 856 -38.97 39.70 -11.27
N GLU B 857 -39.99 39.66 -12.13
CA GLU B 857 -41.33 39.76 -11.60
C GLU B 857 -41.89 38.32 -11.36
N SER B 858 -43.01 38.19 -10.63
CA SER B 858 -43.45 36.82 -10.35
C SER B 858 -43.99 36.20 -11.62
N HIS B 859 -43.40 35.06 -11.98
CA HIS B 859 -43.76 34.33 -13.17
C HIS B 859 -44.03 32.88 -12.81
N GLN B 860 -44.71 32.22 -13.74
CA GLN B 860 -44.80 30.78 -13.83
C GLN B 860 -44.39 30.36 -15.24
N LYS B 861 -43.33 29.56 -15.37
CA LYS B 861 -42.69 29.24 -16.66
C LYS B 861 -42.34 30.49 -17.47
N GLY B 862 -41.89 31.59 -16.80
CA GLY B 862 -41.45 32.85 -17.48
C GLY B 862 -42.57 33.70 -18.07
N LYS B 863 -43.91 33.35 -17.78
CA LYS B 863 -45.08 34.15 -18.07
C LYS B 863 -45.54 34.85 -16.78
N PRO B 864 -45.71 36.19 -16.85
CA PRO B 864 -46.18 36.97 -15.69
C PRO B 864 -47.42 36.34 -15.04
N VAL B 865 -47.38 36.21 -13.74
CA VAL B 865 -48.58 35.63 -13.10
C VAL B 865 -49.68 36.68 -13.05
N PRO B 866 -50.95 36.29 -13.18
CA PRO B 866 -52.01 37.32 -13.20
C PRO B 866 -52.09 38.07 -11.85
N ARG B 867 -52.13 39.41 -11.95
CA ARG B 867 -52.27 40.27 -10.77
C ARG B 867 -53.77 40.50 -10.59
N ILE B 868 -54.41 39.53 -9.92
CA ILE B 868 -55.85 39.47 -9.66
C ILE B 868 -56.05 39.38 -8.13
N ALA B 869 -56.84 40.34 -7.59
CA ALA B 869 -57.40 40.33 -6.22
C ALA B 869 -57.65 38.93 -5.66
N GLU B 870 -58.79 38.36 -6.12
CA GLU B 870 -59.30 37.02 -5.82
C GLU B 870 -58.30 35.90 -6.05
N LEU B 871 -57.02 36.18 -6.08
CA LEU B 871 -56.06 35.12 -6.34
C LEU B 871 -54.78 35.26 -5.51
N MET B 872 -54.68 36.29 -4.68
CA MET B 872 -53.41 36.50 -4.01
C MET B 872 -53.61 36.04 -2.56
N GLY B 873 -52.58 35.35 -2.04
CA GLY B 873 -52.61 34.90 -0.65
C GLY B 873 -53.67 33.87 -0.33
N LYS B 874 -54.23 33.21 -1.36
CA LYS B 874 -55.26 32.21 -1.12
C LYS B 874 -54.78 30.76 -1.42
N LYS B 875 -53.47 30.53 -1.46
CA LYS B 875 -52.78 29.22 -1.37
C LYS B 875 -53.20 28.18 -2.42
N LEU B 876 -52.96 28.56 -3.69
CA LEU B 876 -53.35 27.73 -4.82
C LEU B 876 -52.11 27.54 -5.66
N PRO B 877 -51.36 26.47 -5.43
CA PRO B 877 -50.30 26.05 -6.33
C PRO B 877 -50.85 25.69 -7.69
N ASN B 878 -49.95 25.49 -8.67
CA ASN B 878 -50.31 25.27 -10.07
C ASN B 878 -50.38 23.80 -10.43
N PHE B 879 -51.03 22.97 -9.60
CA PHE B 879 -51.28 21.56 -9.93
C PHE B 879 -52.61 21.19 -9.30
N GLY B 880 -53.10 19.98 -9.66
CA GLY B 880 -54.32 19.38 -9.18
C GLY B 880 -55.55 20.23 -9.18
N PRO B 881 -56.42 20.00 -8.17
CA PRO B 881 -57.65 20.76 -8.05
C PRO B 881 -57.35 22.21 -7.82
N TYR B 882 -56.20 22.54 -7.21
CA TYR B 882 -55.82 23.94 -7.04
C TYR B 882 -55.73 24.66 -8.39
N LEU B 883 -55.01 24.07 -9.34
CA LEU B 883 -54.88 24.67 -10.66
C LEU B 883 -56.25 24.86 -11.31
N GLU B 884 -57.14 23.88 -11.13
CA GLU B 884 -58.47 24.02 -11.73
C GLU B 884 -59.20 25.24 -11.17
N GLN B 885 -59.00 25.55 -9.88
CA GLN B 885 -59.63 26.72 -9.31
C GLN B 885 -58.99 28.00 -9.84
N ARG B 886 -57.64 28.02 -9.92
CA ARG B 886 -56.94 29.15 -10.57
C ARG B 886 -57.57 29.48 -11.94
N LYS B 887 -57.77 28.47 -12.78
CA LYS B 887 -58.20 28.78 -14.14
C LYS B 887 -59.63 29.31 -14.09
N LYS B 888 -60.40 28.88 -13.09
CA LYS B 888 -61.78 29.32 -12.98
C LYS B 888 -61.83 30.75 -12.51
N ILE B 889 -60.96 31.10 -11.54
CA ILE B 889 -60.80 32.49 -11.10
C ILE B 889 -60.31 33.38 -12.25
N ILE B 890 -59.29 32.92 -13.02
CA ILE B 890 -58.82 33.68 -14.19
C ILE B 890 -59.93 33.83 -15.22
N ALA B 891 -60.69 32.76 -15.48
CA ALA B 891 -61.72 32.87 -16.51
C ALA B 891 -62.76 33.91 -16.16
N GLU B 892 -63.12 34.02 -14.88
CA GLU B 892 -64.10 35.00 -14.41
C GLU B 892 -63.54 36.43 -14.47
N GLU B 893 -62.25 36.61 -14.22
CA GLU B 893 -61.70 37.95 -14.38
C GLU B 893 -61.75 38.40 -15.85
N LYS B 894 -61.43 37.50 -16.81
CA LYS B 894 -61.57 37.84 -18.24
C LYS B 894 -62.98 38.25 -18.57
N MET B 895 -63.96 37.66 -17.90
CA MET B 895 -65.34 37.97 -18.22
C MET B 895 -65.74 39.30 -17.59
N ARG B 896 -65.31 39.50 -16.35
CA ARG B 896 -65.49 40.75 -15.63
C ARG B 896 -64.96 41.95 -16.41
N LEU B 897 -63.80 41.76 -17.08
CA LEU B 897 -63.07 42.81 -17.80
C LEU B 897 -63.73 43.15 -19.12
N LYS B 898 -64.28 42.15 -19.78
CA LYS B 898 -65.01 42.41 -21.00
C LYS B 898 -66.20 43.31 -20.70
N GLU B 899 -66.72 43.21 -19.45
CA GLU B 899 -67.80 44.03 -18.80
C GLU B 899 -67.21 45.23 -17.98
N GLN B 900 -66.29 45.98 -18.61
CA GLN B 900 -65.40 47.03 -18.10
C GLN B 900 -64.43 47.44 -19.23
N ASN B 901 -65.01 47.81 -20.38
CA ASN B 901 -64.29 47.97 -21.66
C ASN B 901 -62.97 48.79 -21.60
N GLU B 908 -47.27 55.23 -24.95
CA GLU B 908 -46.33 55.77 -25.96
C GLU B 908 -44.85 55.37 -25.68
N ARG B 909 -44.16 54.99 -26.74
CA ARG B 909 -42.78 54.56 -26.68
C ARG B 909 -41.90 55.81 -26.69
N LYS B 910 -41.23 56.07 -25.56
CA LYS B 910 -40.34 57.25 -25.42
C LYS B 910 -39.02 56.90 -24.73
N PRO B 911 -37.85 57.10 -25.37
CA PRO B 911 -36.61 56.43 -24.91
C PRO B 911 -35.98 57.06 -23.68
N PHE B 912 -35.35 56.24 -22.86
CA PHE B 912 -34.59 56.78 -21.74
C PHE B 912 -33.34 57.48 -22.22
N ILE B 913 -33.05 58.66 -21.66
CA ILE B 913 -31.82 59.40 -22.00
C ILE B 913 -30.82 59.34 -20.82
N PRO B 914 -29.50 59.15 -20.99
CA PRO B 914 -28.65 59.09 -19.79
C PRO B 914 -28.75 60.41 -19.03
N LYS B 915 -28.85 60.34 -17.68
CA LYS B 915 -28.89 61.54 -16.84
C LYS B 915 -27.70 61.66 -15.88
N LYS B 916 -26.54 61.12 -16.28
CA LYS B 916 -25.22 61.17 -15.63
C LYS B 916 -24.20 60.68 -16.64
N PRO B 917 -22.96 61.15 -16.59
CA PRO B 917 -22.03 60.75 -17.65
C PRO B 917 -21.84 59.25 -17.63
N ILE B 918 -21.60 58.69 -18.80
CA ILE B 918 -21.29 57.26 -18.80
C ILE B 918 -19.87 57.02 -18.23
N PRO B 919 -19.71 56.15 -17.22
CA PRO B 919 -18.39 56.00 -16.61
C PRO B 919 -17.38 55.39 -17.60
N ALA B 920 -16.10 55.80 -17.54
CA ALA B 920 -15.08 55.07 -18.31
C ALA B 920 -14.48 53.95 -17.45
N ILE B 921 -13.63 53.07 -18.08
CA ILE B 921 -13.08 51.98 -17.27
C ILE B 921 -12.41 52.57 -16.05
N LYS B 922 -11.65 53.68 -16.23
CA LYS B 922 -10.92 54.19 -15.08
C LYS B 922 -11.88 54.55 -13.93
N ASP B 923 -13.15 54.84 -14.23
CA ASP B 923 -14.02 55.22 -13.14
C ASP B 923 -14.60 54.02 -12.41
N VAL B 924 -14.62 52.83 -12.96
CA VAL B 924 -15.13 51.72 -12.17
C VAL B 924 -14.04 50.93 -11.42
N ILE B 925 -12.77 51.06 -11.82
CA ILE B 925 -11.71 50.24 -11.24
C ILE B 925 -11.61 50.46 -9.73
N GLY B 926 -11.64 49.37 -8.98
CA GLY B 926 -11.50 49.49 -7.56
C GLY B 926 -12.76 49.73 -6.76
N LYS B 927 -13.91 49.95 -7.38
CA LYS B 927 -15.09 50.45 -6.65
C LYS B 927 -15.70 49.44 -5.68
N ALA B 928 -15.48 48.14 -5.86
CA ALA B 928 -15.93 47.15 -4.90
C ALA B 928 -15.10 47.16 -3.62
N LEU B 929 -13.81 47.55 -3.65
CA LEU B 929 -12.97 47.39 -2.47
C LEU B 929 -13.60 47.97 -1.24
N GLN B 930 -14.39 49.04 -1.38
CA GLN B 930 -14.97 49.69 -0.22
C GLN B 930 -15.85 48.74 0.62
N TYR B 931 -16.41 47.70 0.03
CA TYR B 931 -17.33 46.86 0.76
C TYR B 931 -16.62 45.72 1.44
N LEU B 932 -15.32 45.56 1.21
CA LEU B 932 -14.57 44.42 1.69
C LEU B 932 -13.88 44.79 3.00
N GLY B 933 -13.93 43.92 3.97
CA GLY B 933 -12.99 44.14 5.06
C GLY B 933 -12.92 42.91 5.92
N THR B 934 -12.65 43.10 7.20
CA THR B 934 -12.55 42.00 8.15
C THR B 934 -13.93 41.51 8.63
N PHE B 935 -13.89 40.38 9.39
CA PHE B 935 -15.17 39.87 9.86
C PHE B 935 -15.78 40.82 10.89
N GLY B 936 -14.94 41.42 11.76
CA GLY B 936 -15.38 42.31 12.81
C GLY B 936 -15.98 43.62 12.32
N GLU B 937 -15.82 43.97 11.03
CA GLU B 937 -16.48 45.12 10.40
C GLU B 937 -17.90 44.78 9.90
N LEU B 938 -18.30 43.51 9.83
CA LEU B 938 -19.69 43.16 9.53
C LEU B 938 -20.58 43.35 10.77
N SER B 939 -21.84 43.82 10.55
CA SER B 939 -22.82 43.95 11.61
C SER B 939 -23.40 42.60 12.00
N ASN B 940 -23.45 42.34 13.29
CA ASN B 940 -24.25 41.23 13.80
C ASN B 940 -25.56 41.73 14.44
N ILE B 941 -25.87 43.00 14.27
CA ILE B 941 -27.16 43.51 14.64
C ILE B 941 -28.11 43.52 13.45
N GLU B 942 -27.67 43.82 12.23
CA GLU B 942 -28.58 43.84 11.06
C GLU B 942 -28.63 42.44 10.46
N GLN B 943 -29.51 41.59 11.00
CA GLN B 943 -29.65 40.21 10.55
C GLN B 943 -30.82 40.10 9.54
N VAL B 944 -30.90 38.98 8.82
CA VAL B 944 -31.99 38.79 7.86
C VAL B 944 -32.74 37.52 8.11
N VAL B 945 -33.93 37.42 7.49
CA VAL B 945 -34.65 36.17 7.35
C VAL B 945 -35.16 35.99 5.91
N ALA B 946 -35.40 34.71 5.54
CA ALA B 946 -35.84 34.29 4.20
C ALA B 946 -37.31 34.49 4.10
N VAL B 947 -37.73 34.91 2.90
CA VAL B 947 -39.15 35.09 2.57
C VAL B 947 -39.38 34.47 1.20
N ILE B 948 -40.49 33.77 1.06
CA ILE B 948 -40.72 32.94 -0.13
C ILE B 948 -41.89 33.54 -0.94
N ASP B 949 -41.67 33.78 -2.24
CA ASP B 949 -42.81 34.23 -3.05
C ASP B 949 -43.56 33.00 -3.54
N GLU B 950 -44.71 32.75 -2.91
CA GLU B 950 -45.45 31.55 -3.22
C GLU B 950 -45.92 31.55 -4.65
N GLU B 951 -46.11 32.71 -5.26
CA GLU B 951 -46.50 32.62 -6.66
C GLU B 951 -45.41 32.12 -7.61
N MET B 952 -44.11 32.06 -7.20
CA MET B 952 -42.99 31.63 -8.06
C MET B 952 -42.55 30.17 -7.85
N CYS B 953 -42.96 29.59 -6.74
CA CYS B 953 -42.57 28.27 -6.31
C CYS B 953 -43.10 27.21 -7.21
N ILE B 954 -42.29 26.18 -7.39
CA ILE B 954 -42.59 24.99 -8.18
C ILE B 954 -42.54 23.74 -7.28
N ASN B 955 -42.48 23.95 -5.97
CA ASN B 955 -43.10 23.03 -4.96
C ASN B 955 -42.21 21.85 -4.69
N CYS B 956 -40.91 22.03 -5.03
CA CYS B 956 -39.94 20.92 -4.97
C CYS B 956 -39.56 20.56 -3.55
N GLY B 957 -39.60 21.54 -2.66
CA GLY B 957 -39.25 21.25 -1.27
C GLY B 957 -37.75 21.24 -1.03
N LYS B 958 -36.91 21.76 -1.95
CA LYS B 958 -35.44 21.77 -1.70
C LYS B 958 -35.04 22.71 -0.58
N CYS B 959 -35.74 23.85 -0.45
CA CYS B 959 -35.46 24.74 0.69
C CYS B 959 -35.67 24.03 1.99
N TYR B 960 -36.85 23.46 2.14
CA TYR B 960 -37.25 22.54 3.16
C TYR B 960 -36.16 21.51 3.48
N MET B 961 -35.80 20.66 2.52
CA MET B 961 -34.81 19.65 2.85
C MET B 961 -33.47 20.25 3.29
N THR B 962 -33.06 21.37 2.71
CA THR B 962 -31.75 21.96 3.05
C THR B 962 -31.79 22.52 4.47
N CYS B 963 -32.86 23.26 4.79
CA CYS B 963 -33.03 23.69 6.18
C CYS B 963 -33.12 22.49 7.11
N ASN B 964 -33.68 21.38 6.64
CA ASN B 964 -33.82 20.23 7.57
C ASN B 964 -32.50 19.59 7.93
N ASP B 965 -31.70 19.31 6.92
CA ASP B 965 -30.52 18.49 7.08
C ASP B 965 -29.24 19.30 6.99
N SER B 966 -29.32 20.62 6.73
CA SER B 966 -28.17 21.52 6.81
C SER B 966 -28.42 22.88 7.47
N GLY B 967 -29.47 23.00 8.27
CA GLY B 967 -29.97 24.27 8.76
C GLY B 967 -30.67 24.22 10.11
N TYR B 968 -31.89 24.82 10.21
CA TYR B 968 -32.50 25.14 11.49
C TYR B 968 -33.91 24.57 11.59
N GLN B 969 -34.31 23.63 10.72
CA GLN B 969 -35.69 23.05 10.74
C GLN B 969 -36.74 24.18 10.81
N ALA B 970 -36.58 25.23 9.98
CA ALA B 970 -37.37 26.43 10.19
C ALA B 970 -38.48 26.62 9.12
N ILE B 971 -38.61 25.69 8.19
CA ILE B 971 -39.55 25.81 7.07
C ILE B 971 -40.63 24.73 7.18
N GLN B 972 -41.92 25.13 7.10
CA GLN B 972 -43.00 24.17 7.03
C GLN B 972 -43.35 23.84 5.57
N PHE B 973 -43.52 22.56 5.25
CA PHE B 973 -43.83 22.21 3.85
C PHE B 973 -45.18 21.57 3.89
N ASP B 974 -46.20 22.29 3.41
CA ASP B 974 -47.57 21.78 3.52
C ASP B 974 -47.75 20.46 2.77
N PRO B 975 -48.37 19.44 3.38
CA PRO B 975 -48.47 18.11 2.77
C PRO B 975 -49.49 18.00 1.61
N GLU B 976 -50.43 18.93 1.50
CA GLU B 976 -51.46 18.97 0.44
C GLU B 976 -51.14 19.94 -0.72
N THR B 977 -50.51 21.08 -0.46
CA THR B 977 -50.23 22.11 -1.45
C THR B 977 -48.77 22.09 -1.85
N HIS B 978 -47.89 21.50 -1.00
CA HIS B 978 -46.47 21.57 -1.20
C HIS B 978 -45.99 23.02 -1.33
N LEU B 979 -46.53 23.88 -0.52
CA LEU B 979 -45.97 25.23 -0.44
C LEU B 979 -45.15 25.32 0.83
N PRO B 980 -43.95 25.95 0.80
CA PRO B 980 -43.15 26.17 2.03
C PRO B 980 -43.48 27.50 2.70
N THR B 981 -43.47 27.53 4.03
CA THR B 981 -43.45 28.82 4.72
C THR B 981 -42.24 28.96 5.65
N VAL B 982 -41.45 30.04 5.54
CA VAL B 982 -40.35 30.21 6.48
C VAL B 982 -40.96 30.63 7.81
N THR B 983 -40.62 29.92 8.92
CA THR B 983 -41.11 30.33 10.24
C THR B 983 -40.16 31.24 10.99
N ASP B 984 -40.57 31.58 12.19
CA ASP B 984 -39.82 32.58 12.93
C ASP B 984 -38.57 32.00 13.60
N THR B 985 -38.28 30.71 13.44
CA THR B 985 -36.99 30.21 13.89
C THR B 985 -35.87 30.38 12.82
N CYS B 986 -36.15 31.02 11.68
CA CYS B 986 -35.11 31.29 10.69
C CYS B 986 -33.99 32.11 11.32
N THR B 987 -32.75 31.77 11.00
CA THR B 987 -31.54 32.50 11.41
C THR B 987 -30.85 33.26 10.26
N GLY B 988 -31.43 33.26 9.05
CA GLY B 988 -30.80 33.98 7.97
C GLY B 988 -29.64 33.28 7.30
N CYS B 989 -29.41 31.99 7.56
CA CYS B 989 -28.19 31.37 7.05
C CYS B 989 -28.02 31.58 5.54
N THR B 990 -29.16 31.55 4.81
CA THR B 990 -29.31 31.78 3.36
C THR B 990 -29.07 30.49 2.57
N LEU B 991 -29.04 29.35 3.25
CA LEU B 991 -28.85 28.12 2.51
C LEU B 991 -30.04 27.89 1.56
N CYS B 992 -31.28 28.28 1.96
CA CYS B 992 -32.42 27.85 1.18
C CYS B 992 -32.46 28.59 -0.13
N LEU B 993 -32.31 29.91 -0.05
CA LEU B 993 -32.22 30.76 -1.22
C LEU B 993 -31.15 30.25 -2.18
N SER B 994 -30.02 29.78 -1.62
CA SER B 994 -28.94 29.28 -2.42
C SER B 994 -29.25 27.99 -3.13
N VAL B 995 -30.15 27.10 -2.67
CA VAL B 995 -30.40 25.91 -3.48
C VAL B 995 -31.69 26.01 -4.32
N CYS B 996 -32.53 27.03 -4.11
CA CYS B 996 -33.81 27.10 -4.82
C CYS B 996 -33.61 27.17 -6.34
N PRO B 997 -34.36 26.39 -7.11
CA PRO B 997 -34.23 26.39 -8.55
C PRO B 997 -34.82 27.63 -9.25
N ILE B 998 -35.60 28.46 -8.55
CA ILE B 998 -36.18 29.61 -9.22
C ILE B 998 -35.48 30.85 -8.73
N ILE B 999 -34.85 31.56 -9.68
CA ILE B 999 -34.18 32.81 -9.40
C ILE B 999 -35.15 33.76 -8.69
N ASP B 1000 -34.80 34.22 -7.49
CA ASP B 1000 -35.50 35.31 -6.78
C ASP B 1000 -36.89 34.85 -6.25
N CYS B 1001 -37.10 33.54 -6.18
CA CYS B 1001 -38.32 33.10 -5.54
C CYS B 1001 -38.15 33.30 -4.04
N ILE B 1002 -36.94 33.13 -3.49
CA ILE B 1002 -36.70 33.39 -2.06
C ILE B 1002 -35.90 34.67 -1.96
N ARG B 1003 -36.26 35.57 -1.08
CA ARG B 1003 -35.40 36.75 -0.89
C ARG B 1003 -35.03 36.83 0.58
N MET B 1004 -33.92 37.46 0.90
CA MET B 1004 -33.71 37.70 2.33
C MET B 1004 -34.22 39.10 2.62
N VAL B 1005 -34.85 39.31 3.78
CA VAL B 1005 -35.28 40.64 4.22
C VAL B 1005 -34.80 40.83 5.66
N SER B 1006 -34.91 42.08 6.16
CA SER B 1006 -34.46 42.37 7.52
C SER B 1006 -35.42 41.91 8.60
N ARG B 1007 -34.80 41.38 9.69
CA ARG B 1007 -35.50 41.04 10.91
C ARG B 1007 -36.19 42.26 11.47
N THR B 1008 -37.48 42.08 11.74
CA THR B 1008 -38.30 43.01 12.51
C THR B 1008 -38.21 42.71 14.02
N THR B 1009 -38.51 41.42 14.40
CA THR B 1009 -38.31 40.58 15.59
C THR B 1009 -36.87 40.70 16.09
N PRO B 1010 -36.57 40.32 17.35
CA PRO B 1010 -35.18 40.51 17.89
C PRO B 1010 -34.27 39.28 17.61
N TYR B 1011 -32.97 39.47 17.33
CA TYR B 1011 -32.09 38.29 17.09
C TYR B 1011 -31.39 37.80 18.38
N GLU B 1012 -31.73 36.57 18.81
CA GLU B 1012 -31.12 35.80 19.91
C GLU B 1012 -30.41 34.58 19.31
N PRO B 1013 -29.12 34.35 19.53
CA PRO B 1013 -28.50 33.12 19.02
C PRO B 1013 -28.95 31.89 19.81
N LYS B 1014 -29.13 30.78 19.08
CA LYS B 1014 -29.44 29.44 19.63
C LYS B 1014 -28.21 28.89 20.35
N ARG B 1015 -28.16 28.87 21.72
CA ARG B 1015 -26.95 28.40 22.39
C ARG B 1015 -26.99 26.94 22.83
N GLY B 1016 -28.10 26.24 22.60
CA GLY B 1016 -28.05 24.84 22.92
C GLY B 1016 -28.28 24.66 24.42
N LEU B 1017 -27.43 25.29 25.24
CA LEU B 1017 -27.58 25.31 26.75
C LEU B 1017 -27.12 26.72 27.11
N PRO B 1018 -27.86 27.45 27.92
CA PRO B 1018 -27.28 28.71 28.33
C PRO B 1018 -26.19 28.52 29.35
N ALA C 2 -1.99 -58.26 37.12
CA ALA C 2 -1.25 -57.11 36.54
C ALA C 2 -0.07 -56.63 37.51
N PRO C 3 1.00 -55.94 36.93
CA PRO C 3 1.79 -54.95 37.70
C PRO C 3 1.37 -53.53 37.40
N VAL C 4 2.00 -52.49 37.96
CA VAL C 4 1.67 -51.14 37.56
C VAL C 4 2.52 -50.84 36.33
N LEU C 5 1.91 -50.89 35.13
CA LEU C 5 2.65 -50.61 33.89
C LEU C 5 3.27 -49.19 33.85
N SER C 6 2.61 -48.16 34.38
CA SER C 6 3.11 -46.81 34.24
C SER C 6 4.01 -46.39 35.42
N LYS C 7 4.51 -47.35 36.22
CA LYS C 7 5.52 -47.04 37.25
C LYS C 7 6.80 -47.78 36.94
N ASP C 8 7.93 -47.07 36.98
CA ASP C 8 9.26 -47.66 36.82
C ASP C 8 9.49 -48.75 37.86
N VAL C 9 10.00 -49.92 37.42
CA VAL C 9 10.46 -50.93 38.40
C VAL C 9 11.74 -50.45 39.07
N ALA C 10 12.07 -51.10 40.19
CA ALA C 10 13.20 -50.69 41.01
C ALA C 10 14.47 -50.52 40.20
N ASP C 11 14.79 -51.46 39.30
CA ASP C 11 16.04 -51.33 38.56
C ASP C 11 16.04 -50.07 37.71
N ILE C 12 14.87 -49.63 37.23
CA ILE C 12 14.84 -48.43 36.42
C ILE C 12 14.87 -47.18 37.31
N GLU C 13 14.18 -47.22 38.46
CA GLU C 13 14.24 -46.05 39.33
C GLU C 13 15.69 -45.75 39.64
N SER C 14 16.46 -46.81 39.72
CA SER C 14 17.83 -46.71 40.13
C SER C 14 18.74 -46.22 38.97
N ILE C 15 18.49 -46.65 37.75
CA ILE C 15 19.24 -46.08 36.62
C ILE C 15 18.88 -44.58 36.37
N LEU C 16 17.71 -44.10 36.81
CA LEU C 16 17.29 -42.70 36.70
C LEU C 16 17.77 -41.82 37.84
N ALA C 17 18.61 -42.37 38.72
CA ALA C 17 18.98 -41.67 39.93
C ALA C 17 19.53 -40.26 39.61
N LEU C 18 20.32 -40.13 38.53
CA LEU C 18 20.95 -38.86 38.23
C LEU C 18 20.17 -38.02 37.21
N ASN C 19 19.04 -38.47 36.82
CA ASN C 19 18.25 -37.73 35.83
C ASN C 19 17.74 -36.40 36.42
N PRO C 20 17.79 -35.31 35.66
CA PRO C 20 17.17 -34.02 36.07
C PRO C 20 15.73 -34.09 36.54
N ARG C 21 15.40 -33.40 37.64
CA ARG C 21 14.02 -33.26 38.13
C ARG C 21 13.92 -31.84 38.70
N THR C 22 12.75 -31.13 38.67
CA THR C 22 12.97 -29.76 39.18
C THR C 22 12.79 -29.74 40.68
N GLN C 23 13.64 -28.98 41.37
CA GLN C 23 13.50 -28.89 42.81
C GLN C 23 12.31 -28.00 43.19
N SER C 24 11.74 -28.29 44.32
CA SER C 24 10.73 -27.44 44.88
C SER C 24 11.25 -26.57 46.02
N HIS C 25 12.56 -26.61 46.34
CA HIS C 25 13.12 -26.05 47.58
C HIS C 25 14.55 -25.68 47.32
N ALA C 26 15.02 -24.61 47.94
CA ALA C 26 16.42 -24.28 47.77
C ALA C 26 17.24 -25.41 48.35
N ALA C 27 18.44 -25.56 47.87
CA ALA C 27 19.19 -26.69 48.39
C ALA C 27 19.96 -26.30 49.67
N LEU C 28 20.45 -27.30 50.47
CA LEU C 28 21.24 -26.99 51.65
C LEU C 28 22.53 -27.80 51.63
N HIS C 29 23.71 -27.17 51.49
CA HIS C 29 24.98 -27.91 51.63
C HIS C 29 25.95 -26.98 52.32
N SER C 30 26.66 -27.38 53.37
CA SER C 30 27.44 -26.35 54.05
C SER C 30 28.65 -25.88 53.25
N THR C 31 29.21 -24.72 53.63
CA THR C 31 30.46 -24.21 52.95
C THR C 31 31.58 -25.26 53.00
N LEU C 32 31.74 -25.88 54.15
CA LEU C 32 32.77 -26.87 54.37
C LEU C 32 32.57 -28.08 53.47
N ALA C 33 31.34 -28.63 53.44
CA ALA C 33 31.02 -29.71 52.52
C ALA C 33 31.39 -29.34 51.06
N LYS C 34 30.94 -28.18 50.65
CA LYS C 34 31.31 -27.74 49.31
C LYS C 34 32.83 -27.70 49.11
N LYS C 35 33.60 -27.14 50.06
CA LYS C 35 35.03 -27.07 49.83
C LYS C 35 35.58 -28.48 49.65
N LEU C 36 35.00 -29.46 50.38
CA LEU C 36 35.55 -30.82 50.30
C LEU C 36 35.19 -31.51 48.97
N ASP C 37 34.04 -31.15 48.37
CA ASP C 37 33.56 -31.71 47.11
C ASP C 37 34.16 -31.07 45.83
N LYS C 38 34.62 -29.82 45.90
CA LYS C 38 35.04 -29.09 44.70
C LYS C 38 36.14 -29.82 43.97
N LYS C 39 37.11 -30.36 44.73
CA LYS C 39 38.27 -31.00 44.13
C LYS C 39 37.91 -32.23 43.33
N HIS C 40 36.81 -32.92 43.63
CA HIS C 40 36.41 -34.13 42.86
C HIS C 40 36.22 -33.81 41.34
N TRP C 41 35.68 -32.63 41.00
CA TRP C 41 35.16 -32.30 39.70
C TRP C 41 36.11 -31.39 38.88
N LYS C 42 37.19 -30.95 39.52
CA LYS C 42 38.00 -29.84 39.04
C LYS C 42 38.66 -30.18 37.69
N ARG C 43 38.50 -29.31 36.66
CA ARG C 43 39.16 -29.55 35.36
C ARG C 43 40.35 -28.67 35.11
N ASN C 44 40.30 -27.44 35.56
CA ASN C 44 41.24 -26.48 35.00
C ASN C 44 42.40 -26.39 36.01
N PRO C 45 43.44 -25.57 35.76
CA PRO C 45 44.53 -25.50 36.74
C PRO C 45 44.03 -25.07 38.11
N ASP C 46 44.66 -25.60 39.16
CA ASP C 46 44.30 -25.26 40.55
C ASP C 46 45.20 -24.11 41.00
N LYS C 47 44.63 -22.90 41.20
CA LYS C 47 45.49 -21.75 41.59
C LYS C 47 46.30 -22.05 42.88
N ASN C 48 46.02 -23.15 43.59
CA ASN C 48 46.70 -23.45 44.85
C ASN C 48 47.81 -24.47 44.74
N CYS C 49 48.15 -24.91 43.53
CA CYS C 49 49.05 -26.01 43.32
C CYS C 49 50.28 -25.41 42.66
N PHE C 50 51.41 -25.44 43.39
CA PHE C 50 52.54 -24.60 43.06
C PHE C 50 53.65 -25.33 42.36
N HIS C 51 53.51 -26.64 42.18
CA HIS C 51 54.56 -27.43 41.57
C HIS C 51 54.09 -27.84 40.20
N CYS C 52 54.87 -27.53 39.17
CA CYS C 52 54.55 -28.04 37.84
C CYS C 52 54.56 -29.55 37.83
N GLU C 53 53.49 -30.12 37.27
CA GLU C 53 53.38 -31.54 36.94
C GLU C 53 54.66 -32.12 36.27
N LYS C 54 54.87 -33.44 36.28
CA LYS C 54 56.17 -33.97 35.85
C LYS C 54 56.22 -34.02 34.31
N LEU C 55 57.20 -33.34 33.69
CA LEU C 55 57.30 -33.26 32.23
C LEU C 55 58.55 -33.96 31.66
N GLU C 56 59.26 -34.77 32.44
CA GLU C 56 60.52 -35.34 31.95
C GLU C 56 60.30 -36.19 30.71
N ASN C 57 61.01 -35.83 29.64
CA ASN C 57 60.90 -36.55 28.37
C ASN C 57 59.49 -36.51 27.77
N ASN C 58 58.70 -35.48 28.08
CA ASN C 58 57.33 -35.46 27.61
C ASN C 58 57.28 -34.35 26.56
N PHE C 59 57.27 -34.78 25.29
CA PHE C 59 57.20 -33.81 24.22
C PHE C 59 55.82 -33.72 23.53
N ASP C 60 54.73 -34.17 24.17
CA ASP C 60 53.43 -34.04 23.52
C ASP C 60 53.06 -32.53 23.32
N ASP C 61 52.18 -32.27 22.33
CA ASP C 61 51.70 -30.93 21.93
C ASP C 61 51.14 -30.12 23.12
N ILE C 62 51.68 -28.95 23.42
CA ILE C 62 51.08 -28.13 24.48
C ILE C 62 50.44 -26.89 23.93
N LYS C 63 50.26 -26.80 22.59
CA LYS C 63 49.63 -25.63 22.05
C LYS C 63 48.18 -25.48 22.55
N HIS C 64 47.81 -24.29 23.01
CA HIS C 64 46.39 -24.08 23.32
C HIS C 64 45.51 -23.93 22.03
N THR C 65 46.10 -23.77 20.87
CA THR C 65 45.39 -23.44 19.68
C THR C 65 45.09 -24.64 18.80
N THR C 66 45.71 -25.80 19.05
CA THR C 66 45.37 -26.99 18.26
C THR C 66 43.87 -27.28 18.23
N LEU C 67 43.30 -27.52 17.03
CA LEU C 67 41.90 -27.88 16.84
C LEU C 67 41.82 -29.24 16.17
N GLY C 68 40.81 -30.04 16.63
CA GLY C 68 40.33 -31.20 15.90
C GLY C 68 39.16 -30.81 15.01
N GLU C 69 38.60 -31.78 14.32
CA GLU C 69 37.66 -31.40 13.25
C GLU C 69 36.40 -30.75 13.82
N ARG C 70 35.81 -31.34 14.88
CA ARG C 70 34.61 -30.79 15.54
C ARG C 70 34.89 -29.36 15.90
N GLY C 71 36.05 -29.14 16.52
CA GLY C 71 36.32 -27.82 17.00
C GLY C 71 36.60 -26.83 15.88
N ALA C 72 37.32 -27.25 14.86
CA ALA C 72 37.60 -26.39 13.72
C ALA C 72 36.30 -26.00 12.99
N LEU C 73 35.35 -26.95 12.86
CA LEU C 73 34.16 -26.66 12.11
C LEU C 73 33.34 -25.67 12.90
N ARG C 74 33.24 -25.79 14.25
CA ARG C 74 32.55 -24.73 15.01
C ARG C 74 33.24 -23.38 14.81
N GLU C 75 34.58 -23.32 14.94
CA GLU C 75 35.24 -22.00 14.91
C GLU C 75 35.22 -21.39 13.50
N ALA C 76 35.26 -22.21 12.47
CA ALA C 76 35.12 -21.71 11.13
C ALA C 76 33.73 -21.10 10.89
N MET C 77 32.68 -21.76 11.36
CA MET C 77 31.34 -21.23 11.20
C MET C 77 31.17 -19.94 11.98
N ARG C 78 31.89 -19.76 13.05
CA ARG C 78 31.84 -18.50 13.79
C ARG C 78 32.41 -17.34 12.99
N CYS C 79 33.45 -17.57 12.21
CA CYS C 79 34.10 -16.44 11.57
C CYS C 79 33.11 -15.71 10.71
N LEU C 80 33.15 -14.41 10.83
CA LEU C 80 32.25 -13.59 9.99
C LEU C 80 32.64 -13.56 8.46
N LYS C 81 33.86 -13.92 8.09
CA LYS C 81 34.22 -13.87 6.63
C LYS C 81 34.05 -12.47 6.04
N CYS C 82 34.84 -11.57 6.60
CA CYS C 82 34.66 -10.14 6.50
C CYS C 82 35.09 -9.67 5.11
N ALA C 83 34.45 -8.60 4.59
CA ALA C 83 34.98 -7.96 3.40
C ALA C 83 36.32 -7.32 3.74
N ASP C 84 37.27 -7.31 2.78
CA ASP C 84 38.49 -6.52 2.89
C ASP C 84 39.12 -6.72 4.25
N ALA C 85 39.24 -7.99 4.64
CA ALA C 85 39.39 -8.35 6.06
C ALA C 85 40.65 -7.81 6.77
N PRO C 86 40.49 -7.26 7.97
CA PRO C 86 41.64 -6.75 8.67
C PRO C 86 42.57 -7.85 9.12
N CYS C 87 42.08 -9.08 9.28
CA CYS C 87 43.03 -10.10 9.71
C CYS C 87 44.07 -10.41 8.66
N GLN C 88 43.62 -10.45 7.40
CA GLN C 88 44.49 -10.65 6.26
C GLN C 88 45.38 -9.44 6.05
N LYS C 89 44.86 -8.25 6.21
CA LYS C 89 45.77 -7.07 6.18
C LYS C 89 46.90 -7.16 7.22
N SER C 90 46.67 -7.92 8.28
CA SER C 90 47.58 -7.95 9.40
C SER C 90 48.50 -9.17 9.37
N CYS C 91 48.30 -10.07 8.41
CA CYS C 91 49.18 -11.25 8.12
C CYS C 91 50.34 -10.82 7.20
N PRO C 92 51.55 -11.00 7.60
CA PRO C 92 52.68 -10.67 6.76
C PRO C 92 52.72 -11.34 5.43
N THR C 93 52.08 -12.49 5.21
CA THR C 93 52.03 -13.06 3.86
C THR C 93 50.69 -12.84 3.17
N HIS C 94 49.80 -12.07 3.78
CA HIS C 94 48.58 -11.69 3.10
C HIS C 94 47.66 -12.88 2.82
N LEU C 95 47.64 -13.91 3.68
CA LEU C 95 46.81 -15.06 3.43
C LEU C 95 45.38 -14.59 3.24
N ASP C 96 44.65 -15.22 2.29
CA ASP C 96 43.21 -14.92 2.19
C ASP C 96 42.45 -15.73 3.26
N ILE C 97 42.43 -15.21 4.49
CA ILE C 97 41.84 -15.87 5.62
C ILE C 97 40.34 -16.02 5.44
N LYS C 98 39.67 -14.99 4.92
CA LYS C 98 38.25 -15.19 4.69
C LYS C 98 38.03 -16.40 3.79
N SER C 99 38.72 -16.49 2.64
CA SER C 99 38.36 -17.64 1.82
C SER C 99 38.79 -19.00 2.45
N PHE C 100 39.92 -19.05 3.22
CA PHE C 100 40.31 -20.41 3.65
C PHE C 100 39.43 -20.87 4.80
N ILE C 101 38.95 -19.91 5.61
CA ILE C 101 38.06 -20.29 6.73
C ILE C 101 36.68 -20.59 6.16
N THR C 102 36.30 -19.87 5.10
CA THR C 102 35.10 -20.24 4.40
C THR C 102 35.15 -21.68 3.92
N SER C 103 36.26 -22.08 3.27
CA SER C 103 36.37 -23.45 2.83
C SER C 103 36.27 -24.43 3.99
N ILE C 104 36.91 -24.10 5.11
CA ILE C 104 36.86 -25.01 6.27
C ILE C 104 35.44 -25.21 6.75
N SER C 105 34.66 -24.12 6.81
CA SER C 105 33.29 -24.29 7.27
C SER C 105 32.44 -25.12 6.30
N ASN C 106 32.83 -25.16 5.03
CA ASN C 106 32.13 -25.97 4.08
C ASN C 106 32.67 -27.38 4.00
N LYS C 107 33.56 -27.77 4.89
CA LYS C 107 34.15 -29.10 4.85
C LYS C 107 35.16 -29.30 3.68
N ASN C 108 35.66 -28.23 3.03
CA ASN C 108 36.55 -28.38 1.86
C ASN C 108 37.98 -28.09 2.34
N TYR C 109 38.56 -29.07 3.05
CA TYR C 109 39.87 -28.79 3.68
C TYR C 109 40.93 -28.65 2.60
N TYR C 110 40.74 -29.35 1.48
CA TYR C 110 41.70 -29.22 0.37
C TYR C 110 41.68 -27.79 -0.15
N GLY C 111 40.49 -27.27 -0.53
CA GLY C 111 40.48 -25.88 -0.98
C GLY C 111 41.02 -24.93 0.10
N ALA C 112 40.81 -25.24 1.37
CA ALA C 112 41.38 -24.34 2.38
C ALA C 112 42.91 -24.39 2.33
N ALA C 113 43.47 -25.61 2.36
CA ALA C 113 44.91 -25.75 2.37
C ALA C 113 45.51 -25.14 1.13
N LYS C 114 44.82 -25.29 0.01
CA LYS C 114 45.44 -24.80 -1.20
C LYS C 114 45.54 -23.31 -1.18
N MET C 115 44.53 -22.65 -0.63
CA MET C 115 44.59 -21.20 -0.46
C MET C 115 45.70 -20.81 0.53
N ILE C 116 45.87 -21.62 1.60
CA ILE C 116 46.92 -21.32 2.59
C ILE C 116 48.28 -21.42 1.97
N PHE C 117 48.54 -22.53 1.29
CA PHE C 117 49.90 -22.72 0.73
C PHE C 117 50.15 -21.83 -0.52
N SER C 118 49.12 -21.36 -1.26
CA SER C 118 49.41 -20.47 -2.37
C SER C 118 50.16 -19.24 -1.89
N ASP C 119 49.78 -18.70 -0.71
CA ASP C 119 50.43 -17.47 -0.29
C ASP C 119 51.55 -17.65 0.75
N ASN C 120 51.70 -18.88 1.31
CA ASN C 120 52.63 -19.16 2.39
C ASN C 120 52.99 -20.61 2.29
N PRO C 121 54.12 -20.97 1.68
CA PRO C 121 54.47 -22.40 1.50
C PRO C 121 54.96 -23.12 2.78
N LEU C 122 55.14 -22.42 3.90
CA LEU C 122 55.28 -22.99 5.25
C LEU C 122 53.99 -22.81 6.09
N GLY C 123 52.88 -22.90 5.37
CA GLY C 123 51.58 -22.72 6.00
C GLY C 123 51.31 -23.55 7.26
N LEU C 124 51.80 -24.81 7.32
CA LEU C 124 51.44 -25.59 8.50
C LEU C 124 52.31 -25.17 9.70
N THR C 125 53.59 -24.98 9.45
CA THR C 125 54.50 -24.48 10.49
C THR C 125 53.95 -23.24 11.08
N CYS C 126 53.49 -22.34 10.22
CA CYS C 126 53.06 -21.00 10.63
C CYS C 126 51.75 -21.09 11.40
N GLY C 127 50.82 -21.93 10.94
CA GLY C 127 49.65 -22.18 11.76
C GLY C 127 50.05 -22.56 13.18
N MET C 128 51.03 -23.44 13.34
CA MET C 128 51.42 -23.80 14.70
C MET C 128 52.12 -22.67 15.48
N VAL C 129 53.01 -21.88 14.85
CA VAL C 129 53.92 -21.05 15.65
C VAL C 129 53.68 -19.55 15.51
N CYS C 130 52.85 -19.06 14.55
CA CYS C 130 52.74 -17.61 14.45
C CYS C 130 52.35 -16.99 15.79
N PRO C 131 52.92 -15.88 16.16
CA PRO C 131 52.33 -15.08 17.28
C PRO C 131 51.09 -14.30 16.87
N THR C 132 49.99 -15.02 16.66
CA THR C 132 48.86 -14.37 15.98
C THR C 132 48.40 -13.16 16.77
N SER C 133 48.64 -13.13 18.09
CA SER C 133 48.02 -11.99 18.77
C SER C 133 48.75 -10.68 18.46
N ASP C 134 49.94 -10.78 17.89
CA ASP C 134 50.63 -9.64 17.34
C ASP C 134 50.46 -9.55 15.86
N LEU C 135 49.66 -10.46 15.27
CA LEU C 135 49.60 -10.49 13.81
C LEU C 135 48.13 -10.53 13.39
N CYS C 136 47.73 -11.55 12.60
CA CYS C 136 46.38 -11.59 12.04
C CYS C 136 45.29 -11.51 13.09
N VAL C 137 45.49 -12.19 14.21
CA VAL C 137 44.37 -12.31 15.20
C VAL C 137 44.20 -10.99 15.86
N GLY C 138 45.29 -10.16 15.91
CA GLY C 138 45.23 -8.84 16.53
C GLY C 138 44.37 -7.82 15.75
N GLY C 139 44.14 -8.08 14.45
CA GLY C 139 43.21 -7.31 13.63
C GLY C 139 41.82 -7.84 13.53
N CYS C 140 41.48 -8.98 14.20
CA CYS C 140 40.22 -9.65 13.94
C CYS C 140 39.03 -8.76 14.42
N ASN C 141 38.04 -8.44 13.56
CA ASN C 141 36.82 -7.77 14.01
C ASN C 141 36.07 -8.42 15.20
N LEU C 142 36.12 -9.76 15.33
CA LEU C 142 35.33 -10.44 16.38
C LEU C 142 36.01 -10.23 17.73
N TYR C 143 37.17 -9.58 17.68
CA TYR C 143 37.70 -9.10 18.96
C TYR C 143 36.69 -8.20 19.62
N ALA C 144 35.80 -7.55 18.84
CA ALA C 144 34.83 -6.60 19.39
C ALA C 144 33.55 -7.29 19.93
N THR C 145 33.59 -8.60 20.11
CA THR C 145 32.50 -9.32 20.75
C THR C 145 33.06 -10.03 22.01
N GLU C 146 32.12 -10.37 22.94
CA GLU C 146 32.53 -10.95 24.22
C GLU C 146 33.21 -12.27 23.97
N GLU C 147 32.75 -12.98 22.94
CA GLU C 147 33.43 -14.26 22.82
C GLU C 147 34.78 -14.19 22.07
N GLY C 148 35.17 -13.02 21.48
CA GLY C 148 36.58 -12.77 21.10
C GLY C 148 36.93 -13.22 19.67
N SER C 149 38.18 -12.92 19.32
CA SER C 149 38.74 -13.19 18.00
C SER C 149 38.69 -14.66 17.62
N ILE C 150 38.86 -14.90 16.33
CA ILE C 150 38.88 -16.22 15.75
C ILE C 150 40.26 -16.84 16.04
N ASN C 151 40.30 -18.15 16.28
CA ASN C 151 41.57 -18.93 16.34
C ASN C 151 42.08 -19.19 14.91
N ILE C 152 42.67 -18.15 14.29
CA ILE C 152 43.08 -18.33 12.89
C ILE C 152 44.17 -19.38 12.79
N GLY C 153 45.19 -19.25 13.64
CA GLY C 153 46.31 -20.21 13.67
C GLY C 153 45.85 -21.66 13.74
N GLY C 154 44.97 -21.99 14.71
CA GLY C 154 44.49 -23.36 14.76
C GLY C 154 43.69 -23.80 13.56
N LEU C 155 42.91 -22.91 12.97
CA LEU C 155 42.20 -23.30 11.74
C LEU C 155 43.17 -23.53 10.59
N GLN C 156 44.14 -22.58 10.43
CA GLN C 156 45.19 -22.78 9.45
C GLN C 156 45.89 -24.12 9.68
N GLN C 157 46.29 -24.41 10.94
CA GLN C 157 46.95 -25.69 11.26
C GLN C 157 46.06 -26.92 10.90
N PHE C 158 44.76 -26.86 11.21
CA PHE C 158 43.91 -28.02 10.96
C PHE C 158 43.72 -28.25 9.48
N ALA C 159 43.41 -27.23 8.69
CA ALA C 159 43.31 -27.58 7.27
C ALA C 159 44.66 -28.05 6.71
N SER C 160 45.81 -27.44 7.10
CA SER C 160 47.07 -27.95 6.53
C SER C 160 47.39 -29.41 6.94
N GLU C 161 47.01 -29.83 8.18
CA GLU C 161 47.21 -31.23 8.62
C GLU C 161 46.35 -32.19 7.83
N VAL C 162 45.09 -31.85 7.52
CA VAL C 162 44.29 -32.75 6.69
C VAL C 162 44.97 -32.90 5.37
N PHE C 163 45.38 -31.76 4.79
CA PHE C 163 46.09 -31.82 3.52
C PHE C 163 47.34 -32.71 3.59
N LYS C 164 48.13 -32.61 4.69
CA LYS C 164 49.30 -33.46 4.80
C LYS C 164 48.86 -34.92 4.81
N ALA C 165 47.83 -35.23 5.60
CA ALA C 165 47.29 -36.57 5.63
C ALA C 165 46.82 -37.08 4.25
N MET C 166 46.36 -36.22 3.36
CA MET C 166 45.96 -36.79 2.09
C MET C 166 47.15 -37.21 1.23
N ASN C 167 48.39 -36.68 1.50
CA ASN C 167 49.57 -37.23 0.87
C ASN C 167 49.45 -37.04 -0.67
N ILE C 168 49.23 -35.79 -1.08
CA ILE C 168 49.08 -35.39 -2.48
C ILE C 168 50.29 -34.53 -2.83
N PRO C 169 50.96 -34.73 -3.93
CA PRO C 169 52.15 -33.91 -4.24
C PRO C 169 51.81 -32.55 -4.84
N GLN C 170 52.82 -31.61 -4.83
CA GLN C 170 52.62 -30.33 -5.46
C GLN C 170 53.02 -30.53 -6.91
N ILE C 171 52.35 -29.86 -7.86
CA ILE C 171 52.78 -29.86 -9.29
C ILE C 171 53.09 -28.42 -9.79
N ARG C 172 53.79 -28.34 -10.96
CA ARG C 172 53.86 -27.11 -11.79
C ARG C 172 52.50 -26.60 -12.15
N ASN C 173 52.34 -25.32 -12.06
CA ASN C 173 51.21 -24.66 -12.68
C ASN C 173 50.84 -25.25 -14.03
N PRO C 174 49.66 -25.86 -14.17
CA PRO C 174 49.28 -26.49 -15.45
C PRO C 174 49.30 -25.55 -16.63
N CYS C 175 49.39 -24.24 -16.42
CA CYS C 175 49.30 -23.30 -17.54
C CYS C 175 50.67 -22.91 -18.09
N LEU C 176 51.76 -23.27 -17.40
CA LEU C 176 53.08 -23.01 -17.96
C LEU C 176 53.31 -23.92 -19.16
N PRO C 177 54.22 -23.57 -20.08
CA PRO C 177 54.58 -24.56 -21.11
C PRO C 177 55.43 -25.66 -20.49
N SER C 178 55.59 -26.76 -21.24
CA SER C 178 56.38 -27.91 -20.77
C SER C 178 57.82 -27.48 -20.58
N GLN C 179 58.58 -28.28 -19.84
CA GLN C 179 59.93 -27.84 -19.45
C GLN C 179 60.73 -27.54 -20.71
N GLU C 180 60.62 -28.45 -21.69
CA GLU C 180 61.25 -28.33 -23.01
C GLU C 180 60.95 -26.99 -23.72
N LYS C 181 59.74 -26.43 -23.63
CA LYS C 181 59.47 -25.23 -24.41
C LYS C 181 59.65 -23.90 -23.63
N MET C 182 60.27 -23.93 -22.43
CA MET C 182 60.52 -22.69 -21.66
C MET C 182 61.72 -21.92 -22.23
N PRO C 183 61.71 -20.58 -22.22
CA PRO C 183 62.89 -19.87 -22.66
C PRO C 183 64.13 -20.24 -21.84
N GLU C 184 65.26 -19.84 -22.38
CA GLU C 184 66.54 -20.17 -21.82
C GLU C 184 66.72 -19.54 -20.44
N ALA C 185 66.18 -18.35 -20.24
CA ALA C 185 66.36 -17.69 -18.97
C ALA C 185 65.93 -18.59 -17.78
N TYR C 186 64.85 -19.38 -17.94
CA TYR C 186 64.39 -20.19 -16.81
C TYR C 186 65.37 -21.31 -16.43
N SER C 187 66.43 -21.51 -17.17
CA SER C 187 67.37 -22.54 -16.73
C SER C 187 68.62 -21.96 -16.11
N ALA C 188 68.59 -20.63 -15.80
CA ALA C 188 69.69 -19.98 -15.10
C ALA C 188 69.91 -20.57 -13.70
N LYS C 189 71.17 -20.82 -13.37
CA LYS C 189 71.49 -21.43 -12.07
C LYS C 189 71.24 -20.42 -10.96
N ILE C 190 70.42 -20.79 -9.98
CA ILE C 190 70.15 -19.94 -8.83
C ILE C 190 70.73 -20.56 -7.56
N ALA C 191 71.42 -19.77 -6.70
CA ALA C 191 71.87 -20.31 -5.43
C ALA C 191 71.13 -19.68 -4.26
N LEU C 192 70.95 -20.48 -3.20
CA LEU C 192 70.27 -20.00 -1.99
C LEU C 192 71.13 -20.46 -0.82
N LEU C 193 71.44 -19.59 0.11
CA LEU C 193 72.32 -20.03 1.17
C LEU C 193 71.47 -20.13 2.44
N GLY C 194 71.48 -21.30 3.09
CA GLY C 194 70.69 -21.58 4.29
C GLY C 194 69.33 -22.19 3.93
N ALA C 195 68.91 -23.30 4.55
CA ALA C 195 67.62 -23.95 4.32
C ALA C 195 66.64 -23.66 5.45
N GLY C 196 66.46 -22.36 5.72
CA GLY C 196 65.43 -21.99 6.70
C GLY C 196 64.19 -21.52 5.98
N PRO C 197 63.22 -21.04 6.73
CA PRO C 197 61.98 -20.52 6.14
C PRO C 197 62.21 -19.53 4.99
N ALA C 198 63.17 -18.59 5.11
CA ALA C 198 63.33 -17.57 4.09
C ALA C 198 63.71 -18.18 2.74
N SER C 199 64.69 -19.08 2.74
CA SER C 199 65.14 -19.71 1.49
C SER C 199 64.14 -20.73 0.94
N ILE C 200 63.45 -21.46 1.84
CA ILE C 200 62.50 -22.44 1.40
C ILE C 200 61.42 -21.68 0.69
N SER C 201 61.03 -20.53 1.26
CA SER C 201 59.96 -19.81 0.60
C SER C 201 60.43 -19.20 -0.73
N CYS C 202 61.61 -18.57 -0.75
CA CYS C 202 62.10 -17.93 -1.98
C CYS C 202 62.27 -18.98 -3.07
N ALA C 203 62.89 -20.10 -2.70
CA ALA C 203 63.05 -21.15 -3.72
C ALA C 203 61.71 -21.71 -4.18
N SER C 204 60.74 -21.83 -3.28
CA SER C 204 59.45 -22.33 -3.67
C SER C 204 58.84 -21.45 -4.77
N PHE C 205 58.75 -20.16 -4.53
CA PHE C 205 58.09 -19.29 -5.47
C PHE C 205 58.82 -19.26 -6.81
N LEU C 206 60.18 -19.34 -6.79
CA LEU C 206 60.97 -19.36 -8.01
C LEU C 206 60.64 -20.59 -8.84
N ALA C 207 60.54 -21.72 -8.14
CA ALA C 207 60.14 -22.99 -8.74
C ALA C 207 58.75 -22.88 -9.32
N ARG C 208 57.84 -22.18 -8.68
CA ARG C 208 56.52 -22.05 -9.31
C ARG C 208 56.53 -21.21 -10.61
N LEU C 209 57.37 -20.20 -10.68
CA LEU C 209 57.49 -19.37 -11.85
C LEU C 209 58.13 -20.11 -13.03
N GLY C 210 58.80 -21.28 -12.82
CA GLY C 210 59.29 -22.17 -13.86
C GLY C 210 60.80 -22.38 -13.85
N TYR C 211 61.46 -21.83 -12.84
CA TYR C 211 62.92 -21.92 -12.79
C TYR C 211 63.31 -23.35 -12.52
N SER C 212 64.23 -23.91 -13.30
CA SER C 212 64.49 -25.33 -13.17
C SER C 212 65.85 -25.66 -12.59
N ASP C 213 66.62 -24.72 -12.17
CA ASP C 213 67.90 -25.17 -11.65
C ASP C 213 68.18 -24.37 -10.40
N ILE C 214 67.63 -24.81 -9.27
CA ILE C 214 67.64 -24.06 -8.05
C ILE C 214 68.34 -24.95 -7.01
N THR C 215 69.41 -24.41 -6.34
CA THR C 215 70.05 -25.15 -5.24
C THR C 215 70.15 -24.35 -3.96
N ILE C 216 69.81 -24.97 -2.86
CA ILE C 216 69.99 -24.43 -1.54
C ILE C 216 71.18 -25.12 -0.92
N PHE C 217 72.19 -24.37 -0.48
CA PHE C 217 73.36 -24.92 0.17
C PHE C 217 73.19 -24.68 1.69
N GLU C 218 73.19 -25.73 2.48
CA GLU C 218 72.88 -25.55 3.89
C GLU C 218 74.06 -26.05 4.67
N LYS C 219 74.50 -25.25 5.63
CA LYS C 219 75.69 -25.55 6.44
C LYS C 219 75.57 -26.87 7.22
N GLN C 220 74.41 -27.10 7.86
CA GLN C 220 74.15 -28.20 8.76
C GLN C 220 73.77 -29.48 8.00
N GLU C 221 73.72 -30.58 8.70
CA GLU C 221 73.24 -31.79 8.08
C GLU C 221 71.76 -31.93 8.18
N TYR C 222 71.06 -30.95 8.72
CA TYR C 222 69.61 -31.05 8.80
C TYR C 222 69.07 -29.80 8.11
N VAL C 223 67.81 -29.82 7.67
CA VAL C 223 67.21 -28.70 6.95
C VAL C 223 66.06 -28.18 7.77
N GLY C 224 65.59 -26.99 7.46
CA GLY C 224 64.54 -26.29 8.18
C GLY C 224 65.00 -25.12 9.09
N GLY C 225 66.30 -24.86 9.20
CA GLY C 225 66.74 -23.80 10.09
C GLY C 225 66.20 -23.91 11.49
N LEU C 226 65.86 -22.76 12.06
CA LEU C 226 65.41 -22.72 13.43
C LEU C 226 64.16 -23.60 13.60
N SER C 227 63.27 -23.70 12.62
CA SER C 227 62.12 -24.58 12.81
C SER C 227 62.54 -25.94 13.32
N THR C 228 63.70 -26.40 12.91
CA THR C 228 64.23 -27.73 13.21
C THR C 228 65.16 -27.76 14.42
N SER C 229 66.15 -26.88 14.47
CA SER C 229 67.15 -26.96 15.54
C SER C 229 66.71 -26.30 16.84
N GLU C 230 65.66 -25.40 16.83
CA GLU C 230 65.45 -24.70 18.09
C GLU C 230 64.01 -24.68 18.60
N ILE C 231 63.00 -24.45 17.76
CA ILE C 231 61.61 -24.42 18.20
C ILE C 231 61.26 -25.80 18.74
N PRO C 232 60.73 -25.93 19.94
CA PRO C 232 60.60 -27.25 20.57
C PRO C 232 59.56 -28.12 19.88
N GLN C 233 59.78 -29.42 19.98
CA GLN C 233 58.88 -30.38 19.34
C GLN C 233 57.49 -30.41 19.95
N PHE C 234 57.32 -29.97 21.19
CA PHE C 234 55.98 -29.79 21.81
C PHE C 234 55.21 -28.54 21.35
N ARG C 235 55.85 -27.65 20.58
CA ARG C 235 55.11 -26.64 19.78
C ARG C 235 55.08 -26.96 18.32
N LEU C 236 56.16 -27.53 17.78
CA LEU C 236 56.27 -27.67 16.32
C LEU C 236 56.93 -29.00 15.98
N PRO C 237 56.13 -30.00 15.61
CA PRO C 237 56.68 -31.36 15.39
C PRO C 237 57.59 -31.40 14.20
N TYR C 238 58.68 -32.18 14.30
CA TYR C 238 59.60 -32.10 13.17
C TYR C 238 58.94 -32.59 11.87
N ASP C 239 57.91 -33.47 11.96
CA ASP C 239 57.41 -34.05 10.70
C ASP C 239 56.66 -33.04 9.91
N VAL C 240 56.27 -31.91 10.51
CA VAL C 240 55.58 -30.89 9.75
C VAL C 240 56.59 -30.14 8.86
N VAL C 241 57.72 -29.72 9.47
CA VAL C 241 58.86 -29.20 8.73
C VAL C 241 59.24 -30.14 7.56
N ASN C 242 59.42 -31.43 7.84
CA ASN C 242 59.75 -32.38 6.77
C ASN C 242 58.73 -32.35 5.62
N PHE C 243 57.44 -32.28 5.94
CA PHE C 243 56.41 -32.23 4.89
C PHE C 243 56.49 -30.97 4.05
N GLU C 244 56.72 -29.82 4.60
CA GLU C 244 56.82 -28.62 3.77
C GLU C 244 58.04 -28.66 2.84
N ILE C 245 59.10 -29.36 3.24
CA ILE C 245 60.29 -29.41 2.42
C ILE C 245 60.07 -30.38 1.30
N GLU C 246 59.44 -31.52 1.63
CA GLU C 246 59.07 -32.44 0.55
C GLU C 246 58.14 -31.76 -0.49
N LEU C 247 57.17 -30.91 -0.07
CA LEU C 247 56.35 -30.24 -1.11
C LEU C 247 57.24 -29.42 -2.04
N MET C 248 58.11 -28.58 -1.47
CA MET C 248 59.11 -27.88 -2.26
C MET C 248 59.88 -28.82 -3.19
N LYS C 249 60.30 -29.98 -2.71
CA LYS C 249 61.12 -30.83 -3.59
C LYS C 249 60.28 -31.38 -4.73
N ASP C 250 58.97 -31.60 -4.55
CA ASP C 250 58.15 -31.95 -5.71
C ASP C 250 58.35 -30.96 -6.86
N LEU C 251 58.80 -29.71 -6.56
CA LEU C 251 59.00 -28.77 -7.68
C LEU C 251 60.43 -28.82 -8.24
N GLY C 252 61.29 -29.69 -7.76
CA GLY C 252 62.64 -29.75 -8.34
C GLY C 252 63.74 -28.99 -7.62
N VAL C 253 63.42 -28.27 -6.55
CA VAL C 253 64.50 -27.64 -5.78
C VAL C 253 65.45 -28.71 -5.22
N LYS C 254 66.76 -28.56 -5.47
CA LYS C 254 67.75 -29.49 -4.91
C LYS C 254 68.27 -28.96 -3.58
N ILE C 255 68.62 -29.83 -2.59
CA ILE C 255 69.18 -29.34 -1.33
C ILE C 255 70.51 -30.04 -1.09
N ILE C 256 71.54 -29.26 -0.74
CA ILE C 256 72.86 -29.81 -0.47
C ILE C 256 73.28 -29.36 0.93
N CYS C 257 73.45 -30.34 1.84
CA CYS C 257 73.94 -30.18 3.18
C CYS C 257 75.46 -30.35 3.29
N GLY C 258 75.94 -29.86 4.42
CA GLY C 258 77.33 -29.67 4.76
C GLY C 258 78.08 -28.66 3.91
N LYS C 259 77.43 -27.74 3.20
CA LYS C 259 78.16 -26.76 2.37
C LYS C 259 77.88 -25.36 2.91
N SER C 260 78.92 -24.66 3.30
CA SER C 260 78.79 -23.38 4.02
C SER C 260 79.13 -22.16 3.19
N LEU C 261 78.33 -21.10 3.40
CA LEU C 261 78.81 -19.77 2.97
C LEU C 261 79.87 -19.30 3.94
N SER C 262 81.11 -19.29 3.47
CA SER C 262 82.29 -19.06 4.25
C SER C 262 83.56 -18.96 3.39
N GLU C 263 84.51 -18.14 3.88
CA GLU C 263 85.72 -17.89 3.09
C GLU C 263 86.46 -19.21 2.91
N ASN C 264 86.95 -19.45 1.72
CA ASN C 264 87.42 -20.81 1.42
C ASN C 264 86.37 -21.93 1.62
N GLU C 265 85.05 -21.62 1.62
CA GLU C 265 84.05 -22.61 1.15
C GLU C 265 83.29 -21.85 0.08
N ILE C 266 82.02 -21.65 0.21
CA ILE C 266 81.25 -20.90 -0.80
C ILE C 266 81.32 -19.41 -0.49
N THR C 267 81.54 -18.64 -1.53
CA THR C 267 81.50 -17.22 -1.41
C THR C 267 80.71 -16.61 -2.59
N LEU C 268 80.36 -15.32 -2.46
CA LEU C 268 79.71 -14.71 -3.65
C LEU C 268 80.64 -14.77 -4.88
N ASN C 269 81.98 -14.61 -4.69
CA ASN C 269 82.88 -14.64 -5.86
C ASN C 269 82.97 -16.03 -6.50
N THR C 270 83.00 -17.07 -5.69
CA THR C 270 83.04 -18.42 -6.24
C THR C 270 81.71 -18.79 -6.88
N LEU C 271 80.56 -18.46 -6.28
CA LEU C 271 79.31 -18.67 -6.98
C LEU C 271 79.39 -17.99 -8.31
N LYS C 272 79.92 -16.79 -8.32
CA LYS C 272 79.77 -16.01 -9.50
C LYS C 272 80.71 -16.56 -10.57
N GLU C 273 81.86 -17.04 -10.13
CA GLU C 273 82.78 -17.67 -11.08
C GLU C 273 82.27 -19.02 -11.59
N GLU C 274 81.37 -19.66 -10.89
CA GLU C 274 80.82 -20.91 -11.36
C GLU C 274 79.53 -20.71 -12.19
N GLY C 275 79.20 -19.49 -12.54
CA GLY C 275 78.09 -19.24 -13.44
C GLY C 275 76.74 -19.17 -12.81
N TYR C 276 76.65 -19.04 -11.47
CA TYR C 276 75.35 -18.84 -10.87
C TYR C 276 74.89 -17.43 -11.25
N LYS C 277 73.61 -17.22 -11.52
CA LYS C 277 73.12 -15.95 -11.99
C LYS C 277 72.45 -15.10 -10.92
N ALA C 278 72.07 -15.65 -9.77
CA ALA C 278 71.43 -14.88 -8.72
C ALA C 278 71.70 -15.65 -7.47
N ALA C 279 71.82 -14.97 -6.32
CA ALA C 279 71.97 -15.67 -5.04
C ALA C 279 71.08 -15.05 -4.02
N PHE C 280 70.47 -15.90 -3.18
CA PHE C 280 69.66 -15.43 -2.07
C PHE C 280 70.37 -15.79 -0.75
N ILE C 281 70.52 -14.81 0.14
CA ILE C 281 71.18 -15.03 1.41
C ILE C 281 70.09 -15.21 2.48
N GLY C 282 69.93 -16.42 3.00
CA GLY C 282 68.97 -16.71 4.10
C GLY C 282 69.66 -17.52 5.17
N ILE C 283 70.85 -17.08 5.60
CA ILE C 283 71.59 -17.83 6.60
C ILE C 283 71.19 -17.48 8.04
N GLY C 284 70.17 -16.63 8.23
CA GLY C 284 69.72 -16.22 9.61
C GLY C 284 70.86 -15.56 10.45
N LEU C 285 70.73 -15.64 11.83
CA LEU C 285 71.73 -15.12 12.76
C LEU C 285 72.40 -16.28 13.45
N PRO C 286 73.56 -16.75 13.00
CA PRO C 286 73.98 -18.08 13.38
C PRO C 286 74.59 -18.21 14.72
N GLU C 287 74.90 -17.11 15.41
CA GLU C 287 75.71 -17.22 16.60
C GLU C 287 75.00 -16.65 17.82
N PRO C 288 75.30 -17.22 19.02
CA PRO C 288 74.68 -16.72 20.25
C PRO C 288 75.20 -15.35 20.61
N LYS C 289 74.31 -14.52 21.09
CA LYS C 289 74.69 -13.25 21.69
C LYS C 289 75.17 -13.48 23.13
N THR C 290 76.39 -13.06 23.46
CA THR C 290 77.08 -13.45 24.69
C THR C 290 77.35 -12.29 25.62
N ASP C 291 77.54 -12.63 26.90
CA ASP C 291 78.06 -11.71 27.90
C ASP C 291 79.44 -12.13 28.43
N ASP C 292 80.32 -11.13 28.64
CA ASP C 292 81.68 -11.35 29.13
C ASP C 292 81.73 -12.17 30.43
N ILE C 293 80.79 -11.91 31.34
CA ILE C 293 80.78 -12.58 32.62
C ILE C 293 80.62 -14.05 32.47
N PHE C 294 80.21 -14.57 31.31
CA PHE C 294 80.16 -16.01 31.18
C PHE C 294 81.38 -16.62 30.52
N GLN C 295 82.40 -15.84 30.26
CA GLN C 295 83.53 -16.35 29.50
C GLN C 295 84.15 -17.57 30.15
N GLY C 296 84.36 -18.61 29.38
CA GLY C 296 85.18 -19.70 29.88
C GLY C 296 84.40 -20.84 30.51
N LEU C 297 83.08 -20.71 30.65
CA LEU C 297 82.27 -21.71 31.31
C LEU C 297 81.91 -22.78 30.27
N THR C 298 81.80 -24.00 30.74
CA THR C 298 81.54 -25.16 29.89
C THR C 298 80.18 -25.76 30.23
N GLN C 299 79.68 -26.49 29.26
CA GLN C 299 78.58 -27.38 29.49
C GLN C 299 78.83 -28.29 30.67
N ASP C 300 80.08 -28.67 30.90
CA ASP C 300 80.29 -29.61 31.98
C ASP C 300 80.02 -28.97 33.32
N GLN C 301 80.26 -27.65 33.44
CA GLN C 301 80.05 -26.85 34.65
C GLN C 301 78.59 -26.41 34.83
N GLY C 302 77.77 -26.60 33.79
CA GLY C 302 76.35 -26.34 33.85
C GLY C 302 75.94 -25.18 33.04
N PHE C 303 76.77 -24.69 32.12
CA PHE C 303 76.50 -23.48 31.34
C PHE C 303 76.30 -23.76 29.84
N TYR C 304 75.29 -23.11 29.30
CA TYR C 304 74.90 -23.29 27.90
C TYR C 304 74.42 -21.94 27.43
N THR C 305 74.70 -21.58 26.20
CA THR C 305 73.87 -20.57 25.53
C THR C 305 72.63 -21.24 24.93
N SER C 306 71.66 -20.45 24.51
CA SER C 306 70.49 -21.11 23.92
C SER C 306 70.84 -21.86 22.63
N LYS C 307 71.93 -21.45 21.96
CA LYS C 307 72.41 -22.08 20.72
C LYS C 307 73.16 -23.39 20.97
N ASP C 308 73.64 -23.64 22.20
CA ASP C 308 74.07 -24.95 22.64
C ASP C 308 72.89 -25.81 23.10
N PHE C 309 72.04 -25.25 24.01
CA PHE C 309 71.01 -26.04 24.70
C PHE C 309 69.87 -26.41 23.77
N LEU C 310 69.23 -25.47 23.11
CA LEU C 310 68.06 -25.93 22.33
C LEU C 310 68.36 -27.00 21.25
N PRO C 311 69.45 -26.89 20.43
CA PRO C 311 69.72 -27.95 19.44
C PRO C 311 69.93 -29.29 20.07
N LEU C 312 70.50 -29.29 21.30
CA LEU C 312 70.71 -30.51 22.09
C LEU C 312 69.38 -31.18 22.39
N VAL C 313 68.44 -30.45 22.96
CA VAL C 313 67.11 -31.03 23.23
C VAL C 313 66.44 -31.49 21.93
N ALA C 314 66.49 -30.64 20.87
CA ALA C 314 65.80 -30.98 19.66
C ALA C 314 66.32 -32.30 19.13
N LYS C 315 67.66 -32.44 19.12
CA LYS C 315 68.28 -33.65 18.61
C LYS C 315 67.78 -34.89 19.35
N SER C 316 67.55 -34.81 20.64
CA SER C 316 66.92 -35.94 21.27
C SER C 316 65.46 -36.10 20.95
N SER C 317 64.75 -35.09 20.47
CA SER C 317 63.32 -35.26 20.59
C SER C 317 62.59 -35.21 19.24
N LYS C 318 63.30 -35.04 18.15
CA LYS C 318 62.69 -35.03 16.81
C LYS C 318 63.27 -36.23 16.06
N ALA C 319 62.51 -37.29 16.06
CA ALA C 319 62.76 -38.43 15.20
C ALA C 319 62.72 -37.87 13.78
N GLY C 320 63.86 -37.77 13.13
CA GLY C 320 63.84 -37.18 11.82
C GLY C 320 65.04 -36.25 11.83
N MET C 321 64.98 -35.26 12.77
CA MET C 321 65.98 -34.20 12.79
C MET C 321 67.33 -34.78 12.54
N CYS C 322 67.49 -36.02 12.97
CA CYS C 322 68.85 -36.35 13.28
C CYS C 322 69.10 -37.80 13.73
N ALA C 323 69.93 -38.52 12.94
CA ALA C 323 70.28 -39.88 13.29
C ALA C 323 71.17 -39.93 14.50
N CYS C 324 71.65 -38.77 15.02
CA CYS C 324 72.95 -38.67 15.72
C CYS C 324 73.07 -39.69 16.82
N HIS C 325 72.01 -39.83 17.63
CA HIS C 325 71.92 -40.51 18.94
C HIS C 325 72.48 -39.57 20.02
N SER C 326 71.61 -39.24 20.98
CA SER C 326 71.49 -37.87 21.47
C SER C 326 70.82 -37.91 22.83
N PRO C 327 71.58 -38.22 23.88
CA PRO C 327 70.98 -38.39 25.25
C PRO C 327 70.33 -37.10 25.65
N LEU C 328 69.12 -37.17 26.16
CA LEU C 328 68.55 -35.91 26.58
C LEU C 328 69.52 -35.26 27.59
N PRO C 329 69.81 -33.96 27.48
CA PRO C 329 70.66 -33.33 28.50
C PRO C 329 70.17 -33.61 29.90
N SER C 330 71.05 -34.15 30.74
CA SER C 330 70.77 -34.36 32.16
C SER C 330 70.99 -33.03 32.89
N ILE C 331 69.93 -32.23 32.85
CA ILE C 331 69.70 -31.09 33.72
C ILE C 331 69.03 -31.69 34.92
N ARG C 332 69.63 -31.63 36.09
CA ARG C 332 68.84 -31.84 37.28
C ARG C 332 69.30 -30.85 38.32
N GLY C 333 68.34 -30.45 39.19
CA GLY C 333 68.45 -29.25 40.01
C GLY C 333 67.60 -28.08 39.50
N ALA C 334 67.97 -26.89 40.01
CA ALA C 334 67.40 -25.60 39.62
C ALA C 334 68.13 -24.94 38.43
N VAL C 335 67.36 -24.42 37.50
CA VAL C 335 67.93 -23.83 36.29
C VAL C 335 67.64 -22.34 36.26
N ILE C 336 68.64 -21.54 35.93
CA ILE C 336 68.43 -20.14 35.63
C ILE C 336 68.55 -19.92 34.12
N VAL C 337 67.51 -19.40 33.48
CA VAL C 337 67.43 -18.97 32.07
C VAL C 337 67.45 -17.45 32.01
N LEU C 338 68.40 -16.86 31.32
CA LEU C 338 68.53 -15.42 31.28
C LEU C 338 67.94 -14.86 29.98
N GLY C 339 67.05 -13.88 30.09
CA GLY C 339 66.47 -13.17 28.96
C GLY C 339 64.96 -13.27 28.97
N ALA C 340 64.32 -12.64 27.91
CA ALA C 340 62.87 -12.43 27.93
C ALA C 340 62.17 -12.42 26.56
N GLY C 341 62.79 -12.97 25.53
CA GLY C 341 62.11 -13.24 24.28
C GLY C 341 61.66 -14.69 24.17
N ASP C 342 61.22 -15.04 22.97
CA ASP C 342 60.75 -16.40 22.73
C ASP C 342 61.81 -17.41 23.15
N THR C 343 63.07 -17.07 22.90
CA THR C 343 64.15 -17.97 23.15
C THR C 343 64.23 -18.31 24.63
N ALA C 344 64.04 -17.34 25.53
CA ALA C 344 64.09 -17.64 26.96
C ALA C 344 62.95 -18.58 27.36
N PHE C 345 61.73 -18.29 26.93
CA PHE C 345 60.56 -19.06 27.34
C PHE C 345 60.65 -20.47 26.79
N ASP C 346 61.24 -20.66 25.59
CA ASP C 346 61.42 -22.05 25.13
C ASP C 346 62.57 -22.78 25.86
N CYS C 347 63.63 -22.06 26.28
CA CYS C 347 64.65 -22.77 27.10
C CYS C 347 64.05 -23.17 28.45
N ALA C 348 63.23 -22.30 28.99
CA ALA C 348 62.58 -22.55 30.26
C ALA C 348 61.72 -23.84 30.23
N THR C 349 60.76 -23.90 29.29
CA THR C 349 59.90 -25.05 29.12
C THR C 349 60.71 -26.30 28.73
N SER C 350 61.74 -26.14 27.83
CA SER C 350 62.56 -27.29 27.44
C SER C 350 63.39 -27.83 28.62
N ALA C 351 63.76 -26.97 29.58
CA ALA C 351 64.53 -27.46 30.72
C ALA C 351 63.69 -28.44 31.55
N LEU C 352 62.41 -28.16 31.69
CA LEU C 352 61.54 -29.09 32.41
C LEU C 352 61.52 -30.47 31.77
N ARG C 353 61.63 -30.56 30.42
CA ARG C 353 61.64 -31.89 29.81
C ARG C 353 62.96 -32.61 30.05
N CYS C 354 63.98 -31.89 30.39
CA CYS C 354 65.21 -32.56 30.78
C CYS C 354 65.23 -32.92 32.28
N GLY C 355 64.15 -32.79 32.98
CA GLY C 355 64.19 -33.13 34.36
C GLY C 355 64.49 -32.00 35.32
N ALA C 356 64.55 -30.74 34.88
CA ALA C 356 64.85 -29.70 35.88
C ALA C 356 63.86 -29.76 37.04
N ARG C 357 64.38 -29.62 38.26
CA ARG C 357 63.51 -29.59 39.43
C ARG C 357 62.76 -28.27 39.52
N ARG C 358 63.31 -27.16 39.01
CA ARG C 358 62.86 -25.76 39.15
C ARG C 358 63.54 -24.85 38.12
N VAL C 359 62.79 -23.88 37.59
CA VAL C 359 63.25 -23.02 36.53
C VAL C 359 62.96 -21.56 36.88
N PHE C 360 63.97 -20.72 36.89
CA PHE C 360 63.79 -19.28 37.06
C PHE C 360 64.14 -18.60 35.76
N LEU C 361 63.17 -17.94 35.15
CA LEU C 361 63.48 -16.88 34.18
C LEU C 361 63.87 -15.58 34.85
N VAL C 362 64.97 -14.95 34.41
CA VAL C 362 65.53 -13.80 35.07
C VAL C 362 65.76 -12.77 33.98
N PHE C 363 65.26 -11.54 34.17
CA PHE C 363 65.25 -10.49 33.14
C PHE C 363 65.86 -9.23 33.67
N ARG C 364 66.38 -8.48 32.73
CA ARG C 364 67.05 -7.21 33.03
C ARG C 364 66.07 -6.10 33.42
N LYS C 365 64.85 -6.13 32.86
CA LYS C 365 63.87 -5.10 33.18
C LYS C 365 62.61 -5.71 33.80
N GLY C 366 61.46 -5.06 33.69
CA GLY C 366 60.28 -5.52 34.37
C GLY C 366 59.42 -6.51 33.61
N PHE C 367 58.45 -7.05 34.34
CA PHE C 367 57.43 -7.90 33.74
C PHE C 367 56.78 -7.19 32.56
N VAL C 368 56.59 -5.88 32.64
CA VAL C 368 55.92 -5.17 31.53
C VAL C 368 56.76 -5.20 30.25
N ASN C 369 58.09 -5.30 30.37
CA ASN C 369 58.91 -5.28 29.17
C ASN C 369 59.10 -6.62 28.53
N ILE C 370 58.28 -7.60 28.81
CA ILE C 370 58.57 -8.88 28.21
C ILE C 370 58.44 -8.76 26.69
N ARG C 371 59.45 -9.24 25.96
CA ARG C 371 59.36 -9.22 24.50
C ARG C 371 58.38 -10.27 23.99
N ALA C 372 58.25 -11.40 24.66
CA ALA C 372 57.53 -12.45 23.92
C ALA C 372 56.01 -12.23 23.90
N VAL C 373 55.30 -13.00 23.09
CA VAL C 373 53.88 -12.65 23.08
C VAL C 373 53.22 -13.32 24.28
N PRO C 374 52.10 -12.77 24.79
CA PRO C 374 51.44 -13.35 25.97
C PRO C 374 51.11 -14.84 25.85
N GLU C 375 50.76 -15.34 24.70
CA GLU C 375 50.52 -16.78 24.60
C GLU C 375 51.77 -17.58 24.99
N GLU C 376 52.94 -17.18 24.45
CA GLU C 376 54.25 -17.77 24.72
C GLU C 376 54.62 -17.66 26.20
N VAL C 377 54.49 -16.47 26.76
CA VAL C 377 54.64 -16.30 28.21
C VAL C 377 53.71 -17.27 28.98
N GLU C 378 52.42 -17.42 28.56
CA GLU C 378 51.50 -18.32 29.28
C GLU C 378 51.98 -19.78 29.34
N LEU C 379 52.60 -20.33 28.29
CA LEU C 379 53.13 -21.70 28.41
C LEU C 379 54.12 -21.85 29.57
N ALA C 380 55.09 -20.96 29.68
CA ALA C 380 56.00 -21.03 30.81
C ALA C 380 55.27 -20.83 32.13
N LYS C 381 54.37 -19.87 32.15
CA LYS C 381 53.69 -19.51 33.39
C LYS C 381 52.81 -20.66 33.86
N GLU C 382 52.18 -21.39 32.93
CA GLU C 382 51.29 -22.46 33.34
C GLU C 382 52.05 -23.72 33.74
N GLU C 383 53.32 -23.88 33.30
CA GLU C 383 54.18 -24.91 33.88
C GLU C 383 54.95 -24.39 35.12
N LYS C 384 54.50 -23.30 35.74
CA LYS C 384 55.02 -22.88 37.05
C LYS C 384 56.52 -22.54 37.03
N CYS C 385 57.04 -21.99 35.90
CA CYS C 385 58.30 -21.27 35.99
C CYS C 385 58.11 -20.06 36.86
N GLU C 386 59.21 -19.58 37.43
CA GLU C 386 59.20 -18.44 38.32
C GLU C 386 59.90 -17.30 37.59
N PHE C 387 59.33 -16.12 37.60
CA PHE C 387 59.90 -14.97 36.90
C PHE C 387 60.53 -14.00 37.89
N LEU C 388 61.73 -13.51 37.60
CA LEU C 388 62.47 -12.64 38.55
C LEU C 388 62.86 -11.39 37.78
N PRO C 389 62.24 -10.24 38.00
CA PRO C 389 62.57 -9.10 37.15
C PRO C 389 63.61 -8.21 37.81
N PHE C 390 64.17 -7.33 36.97
CA PHE C 390 65.09 -6.24 37.37
C PHE C 390 66.39 -6.82 37.93
N LEU C 391 66.88 -7.90 37.34
CA LEU C 391 68.16 -8.48 37.77
C LEU C 391 69.15 -8.52 36.60
N SER C 392 70.42 -8.22 36.89
CA SER C 392 71.50 -8.23 35.92
C SER C 392 72.68 -9.06 36.41
N PRO C 393 73.12 -10.05 35.67
CA PRO C 393 74.09 -11.00 36.24
C PRO C 393 75.46 -10.34 36.39
N ARG C 394 76.21 -10.77 37.41
CA ARG C 394 77.50 -10.18 37.70
C ARG C 394 78.57 -11.23 37.94
N LYS C 395 78.29 -12.26 38.76
CA LYS C 395 79.30 -13.30 38.92
C LYS C 395 78.65 -14.66 38.89
N VAL C 396 79.43 -15.63 38.44
CA VAL C 396 79.05 -17.02 38.54
C VAL C 396 79.93 -17.67 39.59
N ILE C 397 79.33 -18.53 40.40
CA ILE C 397 80.12 -19.20 41.42
C ILE C 397 80.23 -20.65 41.07
N VAL C 398 81.42 -21.15 40.99
CA VAL C 398 81.70 -22.51 40.62
C VAL C 398 82.38 -23.16 41.82
N LYS C 399 81.92 -24.33 42.19
CA LYS C 399 82.54 -25.16 43.22
C LYS C 399 82.56 -26.58 42.73
N GLY C 400 83.65 -27.27 42.95
CA GLY C 400 83.57 -28.68 42.63
C GLY C 400 83.36 -28.97 41.18
N GLY C 401 83.58 -27.97 40.34
CA GLY C 401 83.45 -28.09 38.90
C GLY C 401 82.07 -27.86 38.34
N ARG C 402 81.12 -27.37 39.16
CA ARG C 402 79.73 -27.14 38.82
C ARG C 402 79.39 -25.76 39.28
N ILE C 403 78.63 -25.05 38.47
CA ILE C 403 77.93 -23.87 38.95
C ILE C 403 77.12 -24.23 40.17
N VAL C 404 77.15 -23.36 41.18
CA VAL C 404 76.29 -23.46 42.34
C VAL C 404 75.50 -22.20 42.58
N ALA C 405 75.88 -21.04 42.00
CA ALA C 405 75.04 -19.88 42.23
C ALA C 405 75.40 -18.82 41.20
N VAL C 406 74.46 -17.91 40.91
CA VAL C 406 74.76 -16.70 40.16
C VAL C 406 74.45 -15.51 41.05
N GLN C 407 75.33 -14.50 41.06
CA GLN C 407 75.03 -13.28 41.79
C GLN C 407 74.61 -12.20 40.83
N PHE C 408 73.64 -11.40 41.22
CA PHE C 408 73.07 -10.38 40.33
C PHE C 408 73.09 -9.03 41.01
N VAL C 409 72.90 -7.96 40.26
CA VAL C 409 72.61 -6.66 40.84
C VAL C 409 71.22 -6.19 40.42
N ARG C 410 70.56 -5.41 41.32
CA ARG C 410 69.26 -4.74 41.05
C ARG C 410 69.41 -3.71 39.92
N THR C 411 68.47 -3.67 39.00
CA THR C 411 68.34 -2.59 38.04
C THR C 411 67.12 -1.71 38.35
N GLU C 412 67.21 -0.48 37.88
CA GLU C 412 66.16 0.50 38.12
C GLU C 412 66.32 1.59 37.07
N GLN C 413 65.19 1.97 36.49
CA GLN C 413 65.04 2.98 35.45
C GLN C 413 64.76 4.31 36.11
N ASP C 414 65.59 5.32 35.87
CA ASP C 414 65.40 6.58 36.58
C ASP C 414 64.45 7.49 35.73
N GLU C 415 64.20 8.76 36.18
CA GLU C 415 63.38 9.73 35.41
C GLU C 415 63.71 9.82 33.90
N THR C 416 64.98 10.13 33.55
CA THR C 416 65.59 9.94 32.22
C THR C 416 64.97 8.90 31.30
N GLY C 417 64.44 7.81 31.90
CA GLY C 417 64.34 6.45 31.35
C GLY C 417 65.66 5.66 31.24
N LYS C 418 66.81 6.17 31.72
CA LYS C 418 68.07 5.41 31.77
C LYS C 418 67.86 4.21 32.67
N TRP C 419 68.36 3.07 32.25
CA TRP C 419 68.43 1.92 33.14
C TRP C 419 69.79 1.87 33.83
N ASN C 420 69.80 1.88 35.19
CA ASN C 420 71.03 1.82 35.97
C ASN C 420 71.11 0.58 36.82
N GLU C 421 72.31 0.17 37.20
CA GLU C 421 72.44 -0.99 38.09
C GLU C 421 72.80 -0.46 39.45
N ASP C 422 72.28 -1.06 40.52
CA ASP C 422 72.55 -0.59 41.88
C ASP C 422 73.50 -1.56 42.55
N GLU C 423 74.74 -1.08 42.82
CA GLU C 423 75.89 -1.94 43.10
C GLU C 423 75.75 -2.62 44.43
N ASP C 424 75.04 -1.94 45.34
CA ASP C 424 74.76 -2.21 46.75
C ASP C 424 73.51 -3.10 46.99
N GLN C 425 72.72 -3.42 45.92
CA GLN C 425 71.49 -4.21 46.04
C GLN C 425 71.72 -5.50 45.29
N ILE C 426 72.19 -6.55 45.95
CA ILE C 426 72.54 -7.73 45.17
C ILE C 426 71.62 -8.91 45.51
N VAL C 427 71.62 -9.87 44.60
CA VAL C 427 70.93 -11.14 44.75
C VAL C 427 71.88 -12.30 44.42
N HIS C 428 71.95 -13.25 45.36
CA HIS C 428 72.70 -14.50 45.27
C HIS C 428 71.69 -15.60 45.08
N LEU C 429 71.55 -16.05 43.86
CA LEU C 429 70.58 -17.07 43.51
C LEU C 429 71.24 -18.44 43.31
N LYS C 430 70.87 -19.46 44.13
CA LYS C 430 71.42 -20.80 43.97
C LYS C 430 70.91 -21.41 42.68
N ALA C 431 71.81 -22.08 41.96
CA ALA C 431 71.42 -22.66 40.68
C ALA C 431 72.41 -23.72 40.27
N ASP C 432 71.97 -24.68 39.45
CA ASP C 432 72.87 -25.73 39.00
C ASP C 432 73.18 -25.65 37.52
N VAL C 433 72.33 -25.01 36.75
CA VAL C 433 72.48 -24.88 35.31
C VAL C 433 72.11 -23.46 35.01
N VAL C 434 72.78 -22.86 34.02
CA VAL C 434 72.51 -21.50 33.57
C VAL C 434 72.55 -21.51 32.05
N ILE C 435 71.49 -20.96 31.44
CA ILE C 435 71.26 -20.92 30.03
C ILE C 435 71.10 -19.47 29.61
N SER C 436 71.98 -19.04 28.74
CA SER C 436 71.98 -17.71 28.21
C SER C 436 70.99 -17.62 27.02
N ALA C 437 69.97 -16.76 27.09
CA ALA C 437 68.96 -16.65 26.03
C ALA C 437 68.79 -15.22 25.68
N PHE C 438 69.91 -14.57 25.41
CA PHE C 438 69.90 -13.17 25.12
C PHE C 438 69.42 -12.88 23.70
N GLY C 439 69.65 -13.81 22.75
CA GLY C 439 69.32 -13.58 21.35
C GLY C 439 70.53 -14.01 20.52
N SER C 440 70.49 -13.68 19.21
CA SER C 440 71.46 -14.22 18.27
C SER C 440 72.02 -13.10 17.44
N VAL C 441 73.21 -13.34 16.86
CA VAL C 441 74.00 -12.34 16.13
C VAL C 441 74.65 -13.03 14.96
N LEU C 442 75.13 -12.22 13.97
CA LEU C 442 76.15 -12.61 12.99
C LEU C 442 77.47 -11.93 13.29
N ARG C 443 78.50 -12.76 13.61
CA ARG C 443 79.80 -12.20 14.05
C ARG C 443 81.00 -12.82 13.39
N ASP C 444 80.87 -14.01 12.80
CA ASP C 444 81.96 -14.79 12.27
C ASP C 444 82.64 -14.04 11.11
N PRO C 445 83.89 -13.70 11.22
CA PRO C 445 84.49 -12.89 10.17
C PRO C 445 84.57 -13.61 8.82
N LYS C 446 84.78 -14.90 8.82
CA LYS C 446 84.88 -15.52 7.52
C LYS C 446 83.53 -15.68 6.87
N VAL C 447 82.44 -15.60 7.62
CA VAL C 447 81.13 -15.61 6.96
C VAL C 447 80.90 -14.23 6.39
N LYS C 448 81.39 -13.22 7.05
CA LYS C 448 81.18 -11.89 6.51
C LYS C 448 82.04 -11.69 5.32
N GLU C 449 83.28 -12.17 5.41
CA GLU C 449 84.17 -12.06 4.26
C GLU C 449 83.56 -12.69 3.02
N ALA C 450 82.83 -13.81 3.19
CA ALA C 450 82.28 -14.48 2.02
C ALA C 450 81.20 -13.64 1.33
N LEU C 451 80.62 -12.64 1.99
CA LEU C 451 79.59 -11.75 1.41
C LEU C 451 80.20 -10.54 0.71
N SER C 452 81.54 -10.51 0.55
CA SER C 452 82.17 -9.40 -0.14
C SER C 452 81.71 -9.38 -1.59
N PRO C 453 81.35 -8.22 -2.11
CA PRO C 453 81.59 -6.96 -1.42
C PRO C 453 80.26 -6.24 -1.06
N ILE C 454 79.23 -6.94 -0.62
CA ILE C 454 77.99 -6.20 -0.46
C ILE C 454 78.13 -5.24 0.71
N LYS C 455 77.30 -4.19 0.69
CA LYS C 455 77.39 -3.23 1.75
C LYS C 455 76.64 -3.71 2.98
N PHE C 456 77.24 -3.52 4.14
CA PHE C 456 76.65 -3.78 5.45
C PHE C 456 76.28 -2.46 6.11
N ASN C 457 75.17 -2.50 6.85
CA ASN C 457 74.56 -1.31 7.43
C ASN C 457 75.09 -1.07 8.83
N ARG C 458 74.44 -0.22 9.61
CA ARG C 458 75.11 0.10 10.88
C ARG C 458 74.93 -0.94 12.01
N TRP C 459 74.00 -1.91 11.93
CA TRP C 459 73.98 -3.08 12.84
C TRP C 459 74.92 -4.15 12.36
N ASP C 460 75.74 -3.86 11.38
CA ASP C 460 76.61 -4.86 10.76
C ASP C 460 75.80 -6.05 10.27
N LEU C 461 74.69 -5.75 9.54
CA LEU C 461 73.99 -6.77 8.78
C LEU C 461 73.92 -6.36 7.31
N PRO C 462 73.75 -7.31 6.39
CA PRO C 462 73.65 -6.96 4.96
C PRO C 462 72.54 -5.98 4.78
N GLU C 463 72.76 -5.00 3.96
CA GLU C 463 71.78 -3.96 3.67
C GLU C 463 70.99 -4.33 2.41
N VAL C 464 69.67 -4.30 2.50
CA VAL C 464 68.85 -4.47 1.32
C VAL C 464 67.85 -3.32 1.21
N ASP C 465 67.39 -3.14 0.01
CA ASP C 465 66.24 -2.28 -0.27
C ASP C 465 64.98 -2.96 0.28
N PRO C 466 64.16 -2.28 1.09
CA PRO C 466 63.09 -3.02 1.79
C PRO C 466 62.02 -3.55 0.86
N GLU C 467 61.92 -3.01 -0.36
CA GLU C 467 60.88 -3.45 -1.27
C GLU C 467 61.35 -4.60 -2.16
N THR C 468 62.58 -4.53 -2.72
CA THR C 468 63.05 -5.57 -3.63
C THR C 468 63.87 -6.71 -2.97
N MET C 469 64.33 -6.55 -1.73
CA MET C 469 65.24 -7.43 -1.00
C MET C 469 66.64 -7.53 -1.65
N GLN C 470 66.99 -6.63 -2.57
CA GLN C 470 68.24 -6.65 -3.32
C GLN C 470 69.31 -5.99 -2.48
N THR C 471 70.52 -6.62 -2.43
CA THR C 471 71.64 -6.04 -1.71
C THR C 471 72.26 -4.98 -2.60
N SER C 472 73.35 -4.37 -2.18
CA SER C 472 74.08 -3.49 -3.06
C SER C 472 74.60 -4.18 -4.29
N GLU C 473 74.73 -5.55 -4.28
CA GLU C 473 75.06 -6.10 -5.62
C GLU C 473 73.83 -6.61 -6.32
N PRO C 474 73.57 -6.29 -7.61
CA PRO C 474 72.22 -6.52 -8.09
C PRO C 474 71.88 -8.01 -8.25
N TRP C 475 72.86 -8.90 -8.36
CA TRP C 475 72.45 -10.30 -8.50
C TRP C 475 72.29 -11.00 -7.14
N VAL C 476 72.44 -10.30 -6.04
CA VAL C 476 72.41 -10.85 -4.66
C VAL C 476 71.28 -10.25 -3.84
N PHE C 477 70.44 -11.08 -3.28
CA PHE C 477 69.34 -10.64 -2.46
C PHE C 477 69.46 -11.29 -1.11
N ALA C 478 68.66 -10.81 -0.13
CA ALA C 478 68.76 -11.41 1.20
C ALA C 478 67.40 -11.29 1.86
N GLY C 479 67.07 -12.19 2.76
CA GLY C 479 65.85 -12.00 3.54
C GLY C 479 65.85 -12.89 4.77
N GLY C 480 64.87 -12.71 5.64
CA GLY C 480 64.84 -13.47 6.86
C GLY C 480 65.59 -12.82 7.99
N ASP C 481 65.89 -13.64 9.00
CA ASP C 481 66.54 -13.10 10.20
C ASP C 481 67.81 -12.33 9.85
N ILE C 482 68.55 -12.75 8.83
CA ILE C 482 69.83 -12.04 8.58
C ILE C 482 69.67 -10.57 8.22
N VAL C 483 68.48 -10.19 7.77
CA VAL C 483 68.32 -8.82 7.36
C VAL C 483 68.01 -8.00 8.58
N GLY C 484 67.49 -8.62 9.61
CA GLY C 484 67.37 -7.91 10.82
C GLY C 484 66.08 -7.17 11.05
N MET C 485 65.09 -7.33 10.22
CA MET C 485 63.91 -6.50 10.40
C MET C 485 62.79 -7.20 11.19
N ALA C 486 62.56 -8.49 10.92
CA ALA C 486 61.55 -9.19 11.69
C ALA C 486 62.17 -10.36 12.43
N ASN C 487 61.42 -10.99 13.37
CA ASN C 487 61.92 -12.26 13.94
C ASN C 487 60.75 -13.22 14.01
N THR C 488 59.99 -13.35 12.92
CA THR C 488 59.01 -14.39 12.90
C THR C 488 59.21 -15.30 11.70
N THR C 489 58.77 -16.50 11.84
CA THR C 489 58.74 -17.37 10.69
C THR C 489 57.97 -16.72 9.53
N VAL C 490 56.79 -16.11 9.80
CA VAL C 490 55.96 -15.71 8.66
C VAL C 490 56.54 -14.45 7.98
N GLU C 491 57.16 -13.53 8.72
CA GLU C 491 57.91 -12.48 8.07
C GLU C 491 59.08 -13.04 7.27
N SER C 492 59.82 -14.05 7.80
CA SER C 492 60.90 -14.62 6.97
C SER C 492 60.33 -15.27 5.70
N VAL C 493 59.25 -16.00 5.82
CA VAL C 493 58.61 -16.54 4.64
C VAL C 493 58.26 -15.42 3.64
N ASN C 494 57.79 -14.32 4.13
CA ASN C 494 57.45 -13.22 3.25
C ASN C 494 58.69 -12.54 2.62
N ASP C 495 59.78 -12.36 3.33
CA ASP C 495 61.01 -11.92 2.69
C ASP C 495 61.32 -12.82 1.48
N GLY C 496 61.29 -14.12 1.67
CA GLY C 496 61.67 -15.00 0.55
C GLY C 496 60.69 -14.87 -0.62
N LYS C 497 59.41 -14.78 -0.33
CA LYS C 497 58.41 -14.47 -1.36
C LYS C 497 58.68 -13.12 -2.04
N GLN C 498 58.89 -12.07 -1.27
CA GLN C 498 59.10 -10.78 -1.89
C GLN C 498 60.31 -10.85 -2.81
N ALA C 499 61.37 -11.55 -2.35
CA ALA C 499 62.60 -11.59 -3.11
C ALA C 499 62.40 -12.36 -4.38
N SER C 500 61.61 -13.43 -4.36
CA SER C 500 61.53 -14.25 -5.59
C SER C 500 61.03 -13.42 -6.76
N TRP C 501 60.12 -12.47 -6.52
CA TRP C 501 59.59 -11.70 -7.64
C TRP C 501 60.69 -10.87 -8.31
N TYR C 502 61.47 -10.17 -7.51
CA TYR C 502 62.57 -9.38 -8.03
C TYR C 502 63.77 -10.21 -8.42
N ILE C 503 63.97 -11.42 -7.89
CA ILE C 503 65.04 -12.28 -8.50
C ILE C 503 64.71 -12.58 -9.96
N HIS C 504 63.50 -13.05 -10.16
CA HIS C 504 62.88 -13.27 -11.46
C HIS C 504 63.03 -12.08 -12.38
N LYS C 505 62.65 -10.89 -11.91
CA LYS C 505 62.74 -9.72 -12.77
C LYS C 505 64.19 -9.51 -13.19
N TYR C 506 65.10 -9.71 -12.23
CA TYR C 506 66.52 -9.49 -12.48
C TYR C 506 67.03 -10.49 -13.49
N ILE C 507 66.77 -11.77 -13.25
CA ILE C 507 67.29 -12.79 -14.17
C ILE C 507 66.71 -12.59 -15.59
N GLN C 508 65.40 -12.33 -15.70
CA GLN C 508 64.82 -12.17 -17.03
C GLN C 508 65.50 -11.03 -17.72
N ALA C 509 65.76 -9.96 -16.99
CA ALA C 509 66.34 -8.85 -17.67
C ALA C 509 67.76 -9.21 -18.12
N GLN C 510 68.51 -9.94 -17.31
CA GLN C 510 69.87 -10.31 -17.79
C GLN C 510 69.79 -11.08 -19.11
N TYR C 511 68.65 -11.75 -19.37
CA TYR C 511 68.50 -12.49 -20.62
C TYR C 511 67.69 -11.71 -21.68
N GLY C 512 67.34 -10.45 -21.42
CA GLY C 512 66.79 -9.61 -22.45
C GLY C 512 65.29 -9.64 -22.46
N ALA C 513 64.64 -10.02 -21.38
CA ALA C 513 63.18 -10.17 -21.43
C ALA C 513 62.62 -9.19 -20.41
N SER C 514 61.41 -8.69 -20.65
CA SER C 514 60.79 -7.85 -19.63
C SER C 514 59.82 -8.71 -18.87
N VAL C 515 59.23 -8.19 -17.76
CA VAL C 515 58.23 -8.93 -17.00
C VAL C 515 57.17 -7.91 -16.61
N SER C 516 56.06 -8.38 -16.04
CA SER C 516 55.00 -7.38 -16.06
C SER C 516 55.21 -6.43 -14.92
N ALA C 517 54.64 -5.24 -15.10
CA ALA C 517 54.70 -4.21 -14.08
C ALA C 517 53.93 -4.64 -12.86
N LYS C 518 53.00 -5.58 -13.00
CA LYS C 518 52.11 -6.06 -11.95
C LYS C 518 52.62 -7.38 -11.40
N PRO C 519 53.05 -7.48 -10.17
CA PRO C 519 53.61 -8.77 -9.68
C PRO C 519 52.66 -9.92 -9.90
N GLU C 520 53.17 -11.05 -10.38
CA GLU C 520 52.32 -12.22 -10.67
C GLU C 520 52.96 -13.54 -10.17
N LEU C 521 53.18 -13.66 -8.87
CA LEU C 521 53.67 -14.94 -8.36
C LEU C 521 52.58 -16.00 -8.50
N PRO C 522 52.91 -17.21 -8.93
CA PRO C 522 51.83 -18.21 -9.14
C PRO C 522 51.25 -18.73 -7.84
N LEU C 523 50.04 -19.28 -7.97
CA LEU C 523 49.40 -19.95 -6.87
C LEU C 523 50.09 -21.29 -6.66
N PHE C 524 49.63 -22.02 -5.66
CA PHE C 524 49.94 -23.41 -5.37
C PHE C 524 48.94 -24.30 -6.13
N TYR C 525 49.41 -25.40 -6.75
CA TYR C 525 48.65 -26.40 -7.51
C TYR C 525 49.05 -27.84 -7.16
N THR C 526 48.06 -28.77 -7.35
CA THR C 526 48.26 -30.20 -7.06
C THR C 526 47.46 -30.85 -8.17
N PRO C 527 47.56 -32.18 -8.35
CA PRO C 527 46.80 -32.84 -9.41
C PRO C 527 45.31 -32.75 -9.17
N VAL C 528 44.84 -32.40 -7.95
CA VAL C 528 43.38 -32.16 -7.78
C VAL C 528 42.89 -31.13 -8.81
N ASP C 529 43.71 -30.15 -9.12
CA ASP C 529 43.26 -28.99 -9.92
C ASP C 529 43.03 -29.35 -11.35
N LEU C 530 43.54 -30.50 -11.75
CA LEU C 530 43.37 -31.04 -13.08
C LEU C 530 42.07 -31.82 -13.22
N VAL C 531 41.31 -32.02 -12.17
CA VAL C 531 40.16 -32.89 -12.31
C VAL C 531 39.10 -32.20 -13.15
N ASP C 532 38.44 -32.94 -13.99
CA ASP C 532 37.37 -32.32 -14.73
C ASP C 532 35.96 -32.38 -14.08
N ILE C 533 35.31 -31.24 -13.93
CA ILE C 533 33.99 -31.26 -13.27
C ILE C 533 32.94 -30.69 -14.21
N SER C 534 33.17 -30.81 -15.54
CA SER C 534 32.11 -30.36 -16.47
C SER C 534 31.04 -31.44 -16.57
N VAL C 535 29.87 -31.07 -17.10
CA VAL C 535 28.76 -32.04 -17.22
C VAL C 535 27.88 -31.57 -18.38
N GLU C 536 27.27 -32.52 -19.11
CA GLU C 536 26.30 -32.25 -20.17
C GLU C 536 24.92 -32.65 -19.70
N MET C 537 23.95 -31.78 -19.90
CA MET C 537 22.58 -32.08 -19.55
C MET C 537 21.68 -31.53 -20.65
N ALA C 538 20.67 -32.30 -21.14
CA ALA C 538 19.69 -31.76 -22.07
C ALA C 538 20.34 -31.16 -23.29
N GLY C 539 21.48 -31.71 -23.71
CA GLY C 539 22.25 -31.08 -24.79
C GLY C 539 23.01 -29.83 -24.47
N LEU C 540 23.14 -29.38 -23.22
CA LEU C 540 23.96 -28.20 -22.95
C LEU C 540 25.22 -28.66 -22.25
N LYS C 541 26.36 -28.03 -22.53
CA LYS C 541 27.63 -28.36 -21.90
C LYS C 541 27.89 -27.34 -20.80
N PHE C 542 28.07 -27.81 -19.57
CA PHE C 542 28.27 -26.89 -18.44
C PHE C 542 29.74 -26.95 -18.06
N ILE C 543 30.40 -25.83 -17.86
CA ILE C 543 31.82 -26.03 -17.56
C ILE C 543 32.01 -26.53 -16.14
N ASN C 544 31.04 -26.32 -15.26
CA ASN C 544 31.03 -26.90 -13.91
C ASN C 544 29.62 -26.89 -13.49
N PRO C 545 29.22 -27.76 -12.58
CA PRO C 545 27.79 -27.93 -12.38
C PRO C 545 27.15 -26.86 -11.50
N PHE C 546 27.85 -25.77 -11.08
CA PHE C 546 27.23 -24.85 -10.09
C PHE C 546 26.61 -23.59 -10.76
N GLY C 547 25.44 -23.17 -10.30
CA GLY C 547 24.76 -22.06 -10.95
C GLY C 547 24.06 -21.13 -9.99
N LEU C 548 23.77 -19.93 -10.47
CA LEU C 548 22.94 -19.09 -9.61
C LEU C 548 21.46 -19.33 -9.89
N ALA C 549 20.66 -19.58 -8.82
CA ALA C 549 19.26 -19.74 -9.11
C ALA C 549 18.63 -18.37 -9.43
N SER C 550 17.39 -18.47 -9.78
CA SER C 550 16.63 -17.31 -10.10
C SER C 550 16.20 -16.63 -8.81
N ALA C 551 16.83 -15.54 -8.47
CA ALA C 551 16.63 -15.01 -7.11
C ALA C 551 17.37 -13.70 -6.83
N ALA C 552 17.56 -13.38 -5.58
CA ALA C 552 18.06 -12.02 -5.32
C ALA C 552 19.50 -11.86 -5.82
N PRO C 553 20.35 -12.88 -5.87
CA PRO C 553 21.69 -12.65 -6.46
C PRO C 553 21.66 -12.43 -7.96
N THR C 554 20.55 -12.76 -8.64
CA THR C 554 20.44 -12.40 -10.07
C THR C 554 19.43 -11.26 -10.28
N THR C 555 19.39 -10.32 -9.32
CA THR C 555 18.50 -9.18 -9.44
C THR C 555 18.81 -8.31 -10.66
N SER C 556 20.07 -8.18 -10.99
CA SER C 556 20.54 -7.40 -12.13
C SER C 556 21.44 -8.23 -12.97
N SER C 557 21.45 -7.94 -14.27
CA SER C 557 22.35 -8.66 -15.11
C SER C 557 23.83 -8.23 -14.91
N SER C 558 24.10 -7.04 -14.38
CA SER C 558 25.48 -6.76 -14.04
C SER C 558 26.01 -7.67 -12.96
N MET C 559 25.13 -8.25 -12.14
CA MET C 559 25.58 -9.19 -11.06
C MET C 559 25.96 -10.54 -11.65
N ILE C 560 25.10 -11.02 -12.59
CA ILE C 560 25.44 -12.23 -13.30
C ILE C 560 26.79 -12.08 -13.92
N ARG C 561 27.06 -10.90 -14.49
CA ARG C 561 28.35 -10.73 -15.17
C ARG C 561 29.47 -10.98 -14.20
N ARG C 562 29.38 -10.31 -13.02
CA ARG C 562 30.44 -10.54 -12.04
C ARG C 562 30.47 -11.98 -11.58
N ALA C 563 29.36 -12.69 -11.64
CA ALA C 563 29.41 -14.04 -11.12
C ALA C 563 30.15 -14.93 -12.09
N PHE C 564 29.92 -14.68 -13.38
CA PHE C 564 30.61 -15.40 -14.43
C PHE C 564 32.07 -15.00 -14.41
N GLU C 565 32.36 -13.73 -14.21
CA GLU C 565 33.77 -13.38 -14.04
C GLU C 565 34.35 -14.18 -12.90
N ALA C 566 33.58 -14.54 -11.88
CA ALA C 566 34.14 -15.29 -10.76
C ALA C 566 34.29 -16.80 -11.01
N GLY C 567 33.56 -17.35 -11.99
CA GLY C 567 33.71 -18.73 -12.42
C GLY C 567 32.41 -19.54 -12.34
N TRP C 568 31.28 -18.94 -12.03
CA TRP C 568 30.07 -19.72 -11.90
C TRP C 568 29.80 -20.35 -13.27
N GLY C 569 29.43 -21.64 -13.31
CA GLY C 569 29.12 -22.24 -14.59
C GLY C 569 27.87 -21.71 -15.30
N PHE C 570 26.83 -21.30 -14.60
CA PHE C 570 25.62 -20.88 -15.28
C PHE C 570 24.78 -20.01 -14.37
N ALA C 571 23.74 -19.42 -14.92
CA ALA C 571 22.87 -18.65 -14.06
C ALA C 571 21.50 -18.46 -14.69
N LEU C 572 20.53 -18.13 -13.86
CA LEU C 572 19.17 -17.93 -14.33
C LEU C 572 18.94 -16.44 -14.20
N THR C 573 18.22 -15.79 -15.11
CA THR C 573 17.72 -14.41 -14.81
C THR C 573 16.76 -14.42 -13.60
N LYS C 574 16.59 -13.31 -12.88
CA LYS C 574 15.37 -13.31 -12.09
C LYS C 574 14.17 -13.59 -13.01
N THR C 575 13.10 -14.07 -12.44
CA THR C 575 11.96 -14.37 -13.32
C THR C 575 11.37 -13.09 -13.94
N PHE C 576 11.12 -13.06 -15.24
CA PHE C 576 10.47 -11.86 -15.76
C PHE C 576 9.20 -12.20 -16.51
N SER C 577 8.39 -11.19 -16.84
CA SER C 577 7.11 -11.40 -17.55
C SER C 577 6.90 -10.37 -18.66
N LEU C 578 5.72 -10.41 -19.32
CA LEU C 578 5.39 -9.39 -20.32
C LEU C 578 5.11 -8.08 -19.61
N ASP C 579 5.13 -6.97 -20.33
CA ASP C 579 5.01 -5.67 -19.66
C ASP C 579 3.67 -5.48 -18.97
N LYS C 580 2.61 -6.08 -19.51
CA LYS C 580 1.33 -5.92 -18.83
C LYS C 580 1.29 -6.55 -17.44
N ASP C 581 2.22 -7.46 -17.10
CA ASP C 581 2.26 -8.10 -15.76
C ASP C 581 3.38 -7.58 -14.86
N ILE C 582 3.99 -6.45 -15.18
CA ILE C 582 5.12 -5.98 -14.39
C ILE C 582 4.65 -5.72 -12.95
N VAL C 583 5.49 -5.95 -11.98
CA VAL C 583 5.11 -5.99 -10.56
C VAL C 583 5.85 -4.86 -9.85
N THR C 584 5.47 -4.63 -8.59
CA THR C 584 6.13 -3.65 -7.72
C THR C 584 6.29 -4.24 -6.31
N ASN C 585 7.55 -4.33 -5.84
CA ASN C 585 7.83 -4.95 -4.54
C ASN C 585 7.39 -4.13 -3.36
N VAL C 586 7.27 -4.81 -2.22
CA VAL C 586 7.06 -4.17 -0.96
C VAL C 586 8.38 -4.19 -0.20
N SER C 587 8.51 -3.40 0.86
CA SER C 587 9.65 -3.55 1.81
C SER C 587 9.09 -3.40 3.20
N PRO C 588 9.65 -4.11 4.23
CA PRO C 588 10.73 -5.07 4.11
C PRO C 588 10.25 -6.30 3.48
N ARG C 589 11.16 -7.15 2.89
CA ARG C 589 10.70 -8.40 2.24
C ARG C 589 11.63 -9.62 2.29
N ILE C 590 12.84 -9.53 2.82
CA ILE C 590 13.70 -10.70 2.99
C ILE C 590 14.16 -10.67 4.46
N VAL C 591 13.88 -11.74 5.24
CA VAL C 591 14.22 -11.75 6.66
C VAL C 591 14.97 -13.03 6.92
N ARG C 592 15.74 -13.01 8.01
CA ARG C 592 16.53 -14.15 8.45
C ARG C 592 15.61 -15.21 9.01
N GLY C 593 16.03 -16.46 8.83
CA GLY C 593 15.29 -17.60 9.38
C GLY C 593 15.49 -17.70 10.88
N THR C 594 14.42 -18.12 11.55
CA THR C 594 14.52 -18.46 12.97
C THR C 594 14.63 -19.96 13.18
N THR C 595 14.93 -20.70 12.13
CA THR C 595 15.01 -22.12 12.15
C THR C 595 16.16 -22.64 12.96
N SER C 596 17.09 -21.82 13.40
CA SER C 596 17.98 -22.43 14.39
C SER C 596 18.31 -21.44 15.53
N GLY C 597 17.34 -20.59 15.87
CA GLY C 597 17.44 -19.97 17.15
C GLY C 597 18.13 -18.67 16.91
N PRO C 598 18.48 -17.93 17.99
CA PRO C 598 18.96 -16.53 17.84
C PRO C 598 20.49 -16.43 17.69
N MET C 599 20.97 -17.05 16.57
CA MET C 599 22.31 -17.06 16.04
C MET C 599 22.25 -16.05 14.87
N TYR C 600 22.95 -14.93 15.01
CA TYR C 600 22.97 -13.89 13.98
C TYR C 600 24.30 -13.84 13.25
N GLY C 601 24.32 -13.32 12.00
CA GLY C 601 25.57 -13.25 11.26
C GLY C 601 25.78 -14.43 10.29
N PRO C 602 26.98 -14.96 10.18
CA PRO C 602 27.27 -15.92 9.11
C PRO C 602 26.37 -17.13 9.17
N GLY C 603 26.12 -17.73 8.01
CA GLY C 603 25.45 -19.02 8.01
C GLY C 603 24.03 -18.97 8.58
N GLN C 604 23.19 -18.05 8.12
CA GLN C 604 21.79 -18.17 8.53
C GLN C 604 21.25 -19.49 7.96
N SER C 605 20.45 -20.24 8.77
CA SER C 605 20.00 -21.53 8.29
C SER C 605 18.81 -21.44 7.35
N SER C 606 18.18 -20.28 7.28
CA SER C 606 17.18 -20.10 6.24
C SER C 606 16.90 -18.62 6.13
N PHE C 607 16.12 -18.30 5.08
CA PHE C 607 15.54 -16.99 4.88
C PHE C 607 14.11 -17.26 4.52
N LEU C 608 13.33 -16.24 4.72
CA LEU C 608 11.98 -16.14 4.25
C LEU C 608 11.88 -14.88 3.38
N ASN C 609 11.15 -14.97 2.27
CA ASN C 609 10.92 -13.80 1.47
C ASN C 609 9.46 -13.72 0.98
N ILE C 610 8.98 -12.46 0.79
CA ILE C 610 7.75 -12.14 0.09
C ILE C 610 8.08 -11.33 -1.13
N GLU C 611 9.16 -11.71 -1.81
CA GLU C 611 9.56 -10.94 -2.96
C GLU C 611 8.72 -11.40 -4.13
N LEU C 612 8.49 -10.54 -5.10
CA LEU C 612 7.75 -10.90 -6.31
C LEU C 612 8.72 -11.25 -7.43
N ILE C 613 8.25 -11.25 -8.67
CA ILE C 613 9.17 -11.48 -9.79
C ILE C 613 10.00 -10.23 -10.08
N SER C 614 10.88 -10.29 -11.09
CA SER C 614 11.74 -9.16 -11.31
C SER C 614 10.95 -7.89 -11.51
N GLU C 615 11.40 -6.78 -10.90
CA GLU C 615 10.81 -5.51 -11.27
C GLU C 615 11.30 -5.02 -12.62
N LYS C 616 12.25 -5.68 -13.24
CA LYS C 616 12.81 -5.04 -14.43
C LYS C 616 12.13 -5.63 -15.66
N THR C 617 12.25 -4.95 -16.83
CA THR C 617 11.36 -5.39 -17.87
C THR C 617 11.91 -6.48 -18.74
N ALA C 618 10.99 -7.10 -19.48
CA ALA C 618 11.42 -8.14 -20.40
C ALA C 618 12.49 -7.59 -21.33
N ALA C 619 12.35 -6.35 -21.75
CA ALA C 619 13.31 -5.85 -22.70
C ALA C 619 14.69 -5.63 -22.06
N TYR C 620 14.72 -5.21 -20.79
CA TYR C 620 16.03 -5.20 -20.10
C TYR C 620 16.63 -6.61 -20.11
N TRP C 621 15.83 -7.60 -19.68
CA TRP C 621 16.37 -8.95 -19.50
C TRP C 621 16.80 -9.52 -20.82
N CYS C 622 16.02 -9.20 -21.89
CA CYS C 622 16.33 -9.77 -23.20
C CYS C 622 17.63 -9.17 -23.76
N GLN C 623 17.76 -7.87 -23.84
CA GLN C 623 19.06 -7.27 -24.07
C GLN C 623 20.16 -7.91 -23.19
N SER C 624 19.89 -8.12 -21.91
CA SER C 624 20.97 -8.50 -20.99
C SER C 624 21.46 -9.90 -21.35
N VAL C 625 20.55 -10.75 -21.79
CA VAL C 625 20.91 -12.11 -22.11
C VAL C 625 21.76 -12.10 -23.37
N THR C 626 21.41 -11.23 -24.36
CA THR C 626 22.23 -11.14 -25.59
C THR C 626 23.65 -10.74 -25.24
N GLU C 627 23.79 -9.71 -24.43
CA GLU C 627 25.09 -9.24 -23.95
C GLU C 627 25.88 -10.31 -23.18
N LEU C 628 25.22 -10.95 -22.20
CA LEU C 628 25.92 -11.94 -21.42
C LEU C 628 26.36 -13.05 -22.33
N LYS C 629 25.47 -13.51 -23.28
CA LYS C 629 25.85 -14.66 -24.10
C LYS C 629 26.97 -14.28 -25.08
N ALA C 630 26.97 -13.01 -25.56
CA ALA C 630 28.05 -12.54 -26.42
C ALA C 630 29.39 -12.57 -25.70
N ASP C 631 29.45 -12.06 -24.45
CA ASP C 631 30.70 -12.00 -23.69
C ASP C 631 31.08 -13.32 -22.97
N PHE C 632 30.16 -14.26 -22.70
CA PHE C 632 30.43 -15.49 -21.96
C PHE C 632 29.82 -16.70 -22.69
N PRO C 633 30.26 -16.99 -23.89
CA PRO C 633 29.57 -18.02 -24.68
C PRO C 633 29.71 -19.40 -24.09
N ASP C 634 30.67 -19.62 -23.15
CA ASP C 634 30.69 -20.96 -22.54
C ASP C 634 29.95 -21.01 -21.20
N ASN C 635 29.50 -19.86 -20.65
CA ASN C 635 28.69 -19.89 -19.44
C ASN C 635 27.22 -20.01 -19.87
N ILE C 636 26.41 -20.93 -19.26
CA ILE C 636 25.02 -21.12 -19.66
C ILE C 636 24.13 -20.05 -19.07
N VAL C 637 23.19 -19.49 -19.87
CA VAL C 637 22.27 -18.48 -19.34
C VAL C 637 20.88 -19.01 -19.57
N ILE C 638 20.11 -19.18 -18.50
CA ILE C 638 18.75 -19.64 -18.63
C ILE C 638 17.82 -18.49 -18.30
N ALA C 639 16.83 -18.26 -19.18
CA ALA C 639 15.85 -17.19 -18.96
C ALA C 639 14.71 -17.74 -18.09
N SER C 640 14.44 -17.10 -16.98
CA SER C 640 13.29 -17.55 -16.16
C SER C 640 12.13 -16.67 -16.54
N ILE C 641 11.03 -17.23 -16.94
CA ILE C 641 9.84 -16.50 -17.42
C ILE C 641 8.56 -16.91 -16.70
N MET C 642 7.57 -16.00 -16.65
CA MET C 642 6.30 -16.27 -16.00
C MET C 642 5.14 -15.58 -16.70
N CYS C 643 4.05 -16.28 -17.02
CA CYS C 643 2.82 -15.70 -17.58
C CYS C 643 1.64 -16.23 -16.78
N SER C 644 0.51 -15.53 -16.85
CA SER C 644 -0.70 -16.18 -16.37
C SER C 644 -1.08 -17.34 -17.31
N TYR C 645 -2.18 -18.04 -17.01
CA TYR C 645 -2.55 -19.23 -17.74
C TYR C 645 -3.21 -18.81 -19.03
N ASN C 646 -2.40 -18.39 -20.01
CA ASN C 646 -2.86 -17.82 -21.27
C ASN C 646 -1.90 -18.29 -22.37
N LYS C 647 -2.39 -18.97 -23.42
CA LYS C 647 -1.53 -19.57 -24.43
C LYS C 647 -0.75 -18.49 -25.18
N ASN C 648 -1.44 -17.46 -25.64
CA ASN C 648 -0.75 -16.42 -26.39
C ASN C 648 0.40 -15.81 -25.61
N ASP C 649 0.18 -15.58 -24.28
CA ASP C 649 1.21 -14.89 -23.50
C ASP C 649 2.47 -15.75 -23.40
N TRP C 650 2.29 -17.01 -23.05
CA TRP C 650 3.43 -17.86 -22.82
C TRP C 650 4.25 -17.98 -24.07
N MET C 651 3.54 -18.07 -25.21
CA MET C 651 4.14 -18.27 -26.49
C MET C 651 4.90 -17.03 -26.90
N GLU C 652 4.27 -15.87 -26.76
CA GLU C 652 4.97 -14.59 -26.93
C GLU C 652 6.19 -14.55 -26.05
N LEU C 653 6.06 -14.82 -24.71
CA LEU C 653 7.15 -14.54 -23.80
C LEU C 653 8.32 -15.48 -24.07
N SER C 654 8.04 -16.76 -24.24
CA SER C 654 9.13 -17.74 -24.47
C SER C 654 9.87 -17.46 -25.79
N ARG C 655 9.11 -17.10 -26.85
CA ARG C 655 9.74 -16.73 -28.11
C ARG C 655 10.67 -15.53 -27.96
N LYS C 656 10.20 -14.53 -27.26
CA LYS C 656 11.08 -13.42 -27.04
C LYS C 656 12.33 -13.85 -26.29
N ALA C 657 12.21 -14.77 -25.30
CA ALA C 657 13.39 -15.15 -24.51
C ALA C 657 14.35 -16.00 -25.35
N GLU C 658 13.82 -16.80 -26.27
CA GLU C 658 14.67 -17.53 -27.19
C GLU C 658 15.40 -16.60 -28.20
N ALA C 659 14.67 -15.68 -28.82
CA ALA C 659 15.28 -14.76 -29.81
C ALA C 659 16.52 -14.05 -29.24
N SER C 660 16.52 -13.81 -27.92
CA SER C 660 17.57 -13.08 -27.26
C SER C 660 18.82 -13.90 -27.15
N GLY C 661 18.73 -15.19 -27.46
CA GLY C 661 19.83 -16.12 -27.33
C GLY C 661 19.98 -16.92 -26.04
N ALA C 662 18.96 -16.96 -25.16
CA ALA C 662 19.08 -17.78 -23.93
C ALA C 662 19.45 -19.20 -24.38
N ASP C 663 20.33 -19.87 -23.61
CA ASP C 663 20.56 -21.31 -23.83
C ASP C 663 19.31 -22.16 -23.56
N ALA C 664 18.46 -21.79 -22.61
CA ALA C 664 17.32 -22.62 -22.26
C ALA C 664 16.37 -21.73 -21.47
N LEU C 665 15.13 -22.19 -21.30
CA LEU C 665 14.20 -21.42 -20.49
C LEU C 665 13.86 -22.20 -19.19
N GLU C 666 13.42 -21.46 -18.18
CA GLU C 666 12.90 -22.04 -16.95
C GLU C 666 11.56 -21.39 -16.76
N LEU C 667 10.51 -22.22 -16.69
CA LEU C 667 9.12 -21.77 -16.61
C LEU C 667 8.84 -21.63 -15.13
N ASN C 668 8.59 -20.41 -14.63
CA ASN C 668 8.28 -20.29 -13.21
C ASN C 668 6.79 -20.59 -13.02
N LEU C 669 6.47 -21.68 -12.39
CA LEU C 669 5.10 -22.15 -12.38
C LEU C 669 4.32 -21.73 -11.14
N SER C 670 4.57 -20.47 -10.64
CA SER C 670 4.01 -19.85 -9.43
C SER C 670 2.80 -18.91 -9.70
N CYS C 671 2.37 -18.68 -10.94
CA CYS C 671 1.23 -17.76 -11.06
C CYS C 671 -0.08 -18.36 -10.47
N PRO C 672 -0.94 -17.53 -9.85
CA PRO C 672 -2.28 -18.02 -9.47
C PRO C 672 -3.16 -18.31 -10.69
N HIS C 673 -4.03 -19.33 -10.56
CA HIS C 673 -5.24 -19.52 -11.37
C HIS C 673 -6.32 -19.84 -10.35
N GLY C 674 -7.57 -19.46 -10.65
CA GLY C 674 -8.80 -19.99 -10.02
C GLY C 674 -9.26 -19.48 -8.65
N MET C 675 -10.56 -19.22 -8.49
CA MET C 675 -11.29 -19.03 -7.18
C MET C 675 -12.80 -18.98 -7.50
N LEU C 682 -3.80 -23.66 -5.67
CA LEU C 682 -4.03 -22.38 -6.44
C LEU C 682 -2.90 -21.79 -7.38
N ALA C 683 -1.66 -22.27 -7.36
CA ALA C 683 -0.69 -21.84 -8.39
C ALA C 683 -0.73 -22.87 -9.53
N CYS C 684 -0.55 -22.41 -10.78
CA CYS C 684 -0.48 -23.35 -11.90
C CYS C 684 0.39 -24.57 -11.56
N GLY C 685 1.52 -24.35 -10.91
CA GLY C 685 2.40 -25.47 -10.58
C GLY C 685 1.87 -26.44 -9.53
N GLN C 686 0.68 -26.20 -8.95
CA GLN C 686 0.08 -27.21 -8.11
C GLN C 686 -0.89 -28.10 -8.84
N ASP C 687 -1.05 -27.96 -10.15
CA ASP C 687 -2.06 -28.72 -10.90
C ASP C 687 -1.49 -29.42 -12.14
N PRO C 688 -1.51 -30.77 -12.22
CA PRO C 688 -0.82 -31.44 -13.33
C PRO C 688 -1.40 -31.10 -14.65
N GLU C 689 -2.71 -30.94 -14.74
CA GLU C 689 -3.28 -30.52 -16.02
C GLU C 689 -2.64 -29.23 -16.54
N LEU C 690 -2.62 -28.20 -15.68
CA LEU C 690 -2.16 -26.87 -16.05
C LEU C 690 -0.68 -26.91 -16.41
N VAL C 691 0.13 -27.57 -15.60
CA VAL C 691 1.56 -27.67 -15.91
C VAL C 691 1.79 -28.34 -17.27
N ARG C 692 1.00 -29.38 -17.55
CA ARG C 692 1.13 -30.06 -18.86
C ARG C 692 0.79 -29.11 -20.04
N ASN C 693 -0.28 -28.34 -19.89
CA ASN C 693 -0.67 -27.46 -20.97
C ASN C 693 0.37 -26.37 -21.18
N ILE C 694 0.83 -25.81 -20.07
CA ILE C 694 1.80 -24.73 -20.18
C ILE C 694 3.06 -25.25 -20.84
N CYS C 695 3.52 -26.43 -20.44
CA CYS C 695 4.69 -27.01 -21.10
C CYS C 695 4.43 -27.21 -22.58
N ARG C 696 3.19 -27.58 -22.95
CA ARG C 696 2.91 -27.86 -24.35
C ARG C 696 2.86 -26.56 -25.14
N TRP C 697 2.34 -25.48 -24.54
CA TRP C 697 2.37 -24.22 -25.26
C TRP C 697 3.81 -23.81 -25.58
N VAL C 698 4.68 -23.83 -24.55
CA VAL C 698 6.03 -23.37 -24.73
C VAL C 698 6.74 -24.29 -25.67
N ARG C 699 6.44 -25.59 -25.61
CA ARG C 699 7.15 -26.51 -26.48
C ARG C 699 6.81 -26.27 -27.92
N GLN C 700 5.59 -25.82 -28.21
CA GLN C 700 5.31 -25.58 -29.61
C GLN C 700 5.83 -24.24 -30.06
N ALA C 701 6.13 -23.33 -29.11
CA ALA C 701 6.64 -22.00 -29.43
C ALA C 701 8.13 -21.96 -29.68
N VAL C 702 8.96 -22.69 -28.90
CA VAL C 702 10.42 -22.48 -28.99
C VAL C 702 11.11 -23.81 -29.32
N GLN C 703 12.35 -23.70 -29.79
CA GLN C 703 13.07 -24.91 -30.11
C GLN C 703 14.16 -25.22 -29.08
N ILE C 704 14.58 -24.24 -28.29
CA ILE C 704 15.54 -24.51 -27.23
C ILE C 704 14.99 -25.38 -26.10
N PRO C 705 15.84 -25.96 -25.28
CA PRO C 705 15.38 -26.71 -24.12
C PRO C 705 14.74 -25.81 -23.05
N PHE C 706 13.77 -26.38 -22.32
CA PHE C 706 13.16 -25.61 -21.27
C PHE C 706 12.87 -26.55 -20.11
N PHE C 707 12.86 -25.98 -18.89
CA PHE C 707 12.70 -26.68 -17.66
C PHE C 707 11.51 -26.12 -16.87
N ALA C 708 10.69 -26.98 -16.28
CA ALA C 708 9.61 -26.43 -15.43
C ALA C 708 10.13 -26.33 -14.01
N LYS C 709 10.02 -25.20 -13.37
CA LYS C 709 10.40 -25.13 -11.96
C LYS C 709 9.24 -25.57 -11.08
N LEU C 710 9.42 -26.62 -10.30
CA LEU C 710 8.31 -27.22 -9.57
C LEU C 710 8.27 -26.68 -8.13
N THR C 711 7.10 -26.59 -7.61
CA THR C 711 6.97 -26.13 -6.26
C THR C 711 7.01 -27.34 -5.31
N PRO C 712 7.65 -27.34 -4.11
CA PRO C 712 7.52 -28.49 -3.21
C PRO C 712 6.19 -28.46 -2.44
N ASN C 713 5.34 -27.42 -2.60
CA ASN C 713 4.10 -27.33 -1.83
C ASN C 713 2.94 -28.11 -2.47
N VAL C 714 3.13 -29.41 -2.64
CA VAL C 714 2.15 -30.25 -3.30
C VAL C 714 2.23 -31.61 -2.65
N THR C 715 1.03 -32.26 -2.60
CA THR C 715 0.85 -33.61 -2.11
C THR C 715 1.82 -34.54 -2.79
N ASP C 716 1.89 -34.46 -4.13
CA ASP C 716 2.51 -35.46 -4.96
C ASP C 716 3.45 -34.82 -6.04
N ILE C 717 4.73 -34.52 -5.69
CA ILE C 717 5.54 -33.77 -6.67
C ILE C 717 5.78 -34.59 -7.92
N VAL C 718 5.91 -35.89 -7.81
CA VAL C 718 6.18 -36.64 -9.03
C VAL C 718 5.12 -36.37 -10.10
N SER C 719 3.85 -36.26 -9.73
CA SER C 719 2.76 -36.10 -10.70
C SER C 719 2.92 -34.75 -11.50
N ILE C 720 3.50 -33.70 -10.85
CA ILE C 720 3.73 -32.50 -11.60
C ILE C 720 4.93 -32.69 -12.53
N ALA C 721 5.93 -33.48 -12.12
CA ALA C 721 7.10 -33.61 -12.96
C ALA C 721 6.76 -34.39 -14.21
N ARG C 722 5.97 -35.47 -14.02
CA ARG C 722 5.46 -36.24 -15.14
C ARG C 722 4.61 -35.39 -16.05
N ALA C 723 3.76 -34.51 -15.52
CA ALA C 723 2.95 -33.65 -16.36
C ALA C 723 3.86 -32.75 -17.21
N ALA C 724 4.98 -32.26 -16.64
CA ALA C 724 5.89 -31.42 -17.41
C ALA C 724 6.57 -32.24 -18.47
N LYS C 725 7.04 -33.44 -18.11
CA LYS C 725 7.64 -34.28 -19.12
C LYS C 725 6.64 -34.63 -20.21
N GLU C 726 5.39 -34.94 -19.86
CA GLU C 726 4.37 -35.19 -20.85
C GLU C 726 4.13 -33.99 -21.74
N GLY C 727 4.21 -32.79 -21.22
CA GLY C 727 3.97 -31.61 -22.01
C GLY C 727 5.18 -31.15 -22.79
N GLY C 728 6.29 -31.77 -22.51
CA GLY C 728 7.29 -31.58 -23.49
C GLY C 728 8.53 -30.96 -22.91
N ALA C 729 8.64 -30.76 -21.58
CA ALA C 729 9.79 -30.12 -20.98
C ALA C 729 11.00 -31.00 -21.20
N ASP C 730 12.17 -30.38 -21.23
CA ASP C 730 13.36 -31.21 -21.29
C ASP C 730 13.91 -31.54 -19.89
N GLY C 731 13.27 -31.05 -18.83
CA GLY C 731 13.60 -31.48 -17.47
C GLY C 731 12.91 -30.56 -16.48
N VAL C 732 13.33 -30.63 -15.21
CA VAL C 732 12.66 -29.85 -14.19
C VAL C 732 13.66 -29.30 -13.19
N THR C 733 13.31 -28.15 -12.62
CA THR C 733 14.04 -27.62 -11.48
C THR C 733 13.26 -27.97 -10.23
N ALA C 734 13.94 -28.64 -9.30
CA ALA C 734 13.37 -29.10 -8.04
C ALA C 734 14.29 -28.57 -6.96
N THR C 735 13.88 -27.60 -6.18
CA THR C 735 12.56 -27.05 -6.11
C THR C 735 12.60 -25.55 -5.76
N ASN C 736 11.43 -24.93 -5.85
CA ASN C 736 11.20 -23.55 -5.39
C ASN C 736 11.12 -23.55 -3.88
N THR C 737 10.73 -22.42 -3.31
CA THR C 737 10.67 -22.31 -1.86
C THR C 737 9.43 -22.96 -1.20
N VAL C 738 9.56 -23.20 0.12
CA VAL C 738 8.54 -23.89 0.90
C VAL C 738 7.72 -22.81 1.57
N SER C 739 6.37 -22.90 1.41
CA SER C 739 5.53 -21.83 1.92
C SER C 739 5.56 -21.83 3.45
N GLY C 740 5.69 -20.67 4.05
CA GLY C 740 5.90 -20.67 5.49
C GLY C 740 5.72 -19.30 6.09
N LEU C 741 5.90 -19.23 7.36
CA LEU C 741 5.63 -18.02 8.11
C LEU C 741 6.71 -17.97 9.18
N MET C 742 7.56 -16.96 9.17
CA MET C 742 8.81 -17.15 9.90
C MET C 742 8.64 -16.93 11.37
N GLY C 743 7.77 -16.03 11.74
CA GLY C 743 7.35 -16.01 13.13
C GLY C 743 6.82 -14.64 13.47
N LEU C 744 6.64 -14.43 14.75
CA LEU C 744 5.99 -13.25 15.21
C LEU C 744 6.80 -12.78 16.36
N LYS C 745 6.68 -11.48 16.64
CA LYS C 745 7.22 -10.88 17.84
C LYS C 745 6.34 -11.28 19.03
N ALA C 746 6.78 -10.96 20.27
CA ALA C 746 5.96 -11.26 21.44
C ALA C 746 4.66 -10.43 21.53
N ASP C 747 4.61 -9.32 20.93
CA ASP C 747 3.34 -8.59 20.82
C ASP C 747 2.43 -9.11 19.71
N GLY C 748 2.76 -10.18 19.03
CA GLY C 748 1.87 -10.70 18.06
C GLY C 748 2.06 -10.12 16.65
N THR C 749 2.89 -9.11 16.43
CA THR C 749 3.04 -8.59 15.06
C THR C 749 4.05 -9.43 14.33
N PRO C 750 3.95 -9.54 13.03
CA PRO C 750 4.88 -10.43 12.30
C PRO C 750 6.19 -9.80 11.89
N TRP C 751 7.04 -10.60 11.35
CA TRP C 751 8.25 -10.14 10.71
C TRP C 751 8.46 -11.00 9.48
N PRO C 752 8.39 -10.45 8.28
CA PRO C 752 8.38 -9.01 7.96
C PRO C 752 7.09 -8.30 8.21
N ALA C 753 7.10 -7.06 8.65
CA ALA C 753 5.89 -6.31 8.81
C ALA C 753 5.94 -5.15 7.83
N VAL C 754 4.94 -5.05 6.95
CA VAL C 754 4.89 -4.02 5.92
C VAL C 754 3.92 -2.93 6.36
N GLY C 755 4.35 -1.69 6.34
CA GLY C 755 3.36 -0.66 6.59
C GLY C 755 3.13 -0.45 8.07
N ALA C 756 2.57 0.71 8.38
CA ALA C 756 2.19 0.93 9.77
C ALA C 756 1.09 -0.01 10.21
N GLY C 757 0.35 -0.61 9.28
CA GLY C 757 -0.47 -1.73 9.72
C GLY C 757 0.33 -2.95 10.25
N LYS C 758 1.65 -2.99 10.07
CA LYS C 758 2.45 -4.19 10.38
C LYS C 758 1.89 -5.46 9.77
N ARG C 759 1.60 -5.46 8.46
CA ARG C 759 0.91 -6.57 7.81
C ARG C 759 1.92 -7.51 7.17
N THR C 760 1.55 -8.75 6.98
CA THR C 760 2.41 -9.65 6.24
C THR C 760 1.54 -10.66 5.52
N THR C 761 2.19 -11.52 4.74
CA THR C 761 1.50 -12.58 4.05
C THR C 761 2.48 -13.75 4.12
N TYR C 762 1.99 -14.94 3.74
CA TYR C 762 2.85 -16.10 3.73
C TYR C 762 4.02 -15.98 2.74
N GLY C 763 5.25 -16.35 3.15
CA GLY C 763 6.46 -16.12 2.39
C GLY C 763 7.03 -17.44 1.87
N GLY C 764 8.11 -17.38 1.09
CA GLY C 764 8.84 -18.61 0.74
C GLY C 764 10.05 -18.82 1.65
N VAL C 765 10.18 -20.05 2.18
CA VAL C 765 11.40 -20.37 2.95
C VAL C 765 12.46 -20.98 2.04
N SER C 766 13.72 -20.54 2.15
CA SER C 766 14.84 -21.05 1.37
C SER C 766 15.96 -21.41 2.34
N GLY C 767 17.07 -21.99 1.85
CA GLY C 767 18.24 -22.20 2.71
C GLY C 767 18.34 -23.64 3.20
N THR C 768 19.31 -23.89 4.06
CA THR C 768 19.52 -25.28 4.43
C THR C 768 18.38 -25.85 5.25
N ALA C 769 17.55 -25.06 5.91
CA ALA C 769 16.42 -25.70 6.57
C ALA C 769 15.50 -26.45 5.60
N ILE C 770 15.47 -26.14 4.28
CA ILE C 770 14.55 -26.84 3.38
C ILE C 770 15.24 -27.94 2.62
N ARG C 771 16.52 -28.16 2.88
CA ARG C 771 17.25 -29.18 2.11
C ARG C 771 16.68 -30.59 2.26
N PRO C 772 16.26 -31.05 3.42
CA PRO C 772 15.59 -32.36 3.44
C PRO C 772 14.42 -32.46 2.51
N ILE C 773 13.69 -31.38 2.34
CA ILE C 773 12.55 -31.44 1.46
C ILE C 773 13.01 -31.46 0.04
N ALA C 774 13.96 -30.57 -0.33
CA ALA C 774 14.49 -30.61 -1.71
C ALA C 774 15.13 -31.95 -2.01
N LEU C 775 15.96 -32.49 -1.09
CA LEU C 775 16.56 -33.80 -1.38
C LEU C 775 15.52 -34.86 -1.61
N ARG C 776 14.43 -34.82 -0.82
CA ARG C 776 13.39 -35.81 -1.04
C ARG C 776 12.79 -35.67 -2.44
N ALA C 777 12.54 -34.45 -2.86
CA ALA C 777 11.84 -34.23 -4.13
C ALA C 777 12.72 -34.65 -5.31
N VAL C 778 14.02 -34.29 -5.25
CA VAL C 778 14.96 -34.76 -6.29
C VAL C 778 15.03 -36.28 -6.32
N THR C 779 15.18 -36.92 -5.16
CA THR C 779 15.32 -38.36 -5.23
C THR C 779 14.00 -39.00 -5.68
N THR C 780 12.81 -38.42 -5.36
CA THR C 780 11.55 -39.04 -5.77
C THR C 780 11.32 -38.96 -7.28
N ILE C 781 11.66 -37.80 -7.91
CA ILE C 781 11.55 -37.63 -9.35
C ILE C 781 12.57 -38.53 -10.06
N ALA C 782 13.82 -38.47 -9.59
CA ALA C 782 14.87 -39.28 -10.19
C ALA C 782 14.50 -40.75 -10.21
N ARG C 783 13.94 -41.30 -9.16
CA ARG C 783 13.52 -42.69 -9.22
C ARG C 783 12.25 -42.87 -10.07
N ALA C 784 11.32 -41.91 -10.06
CA ALA C 784 10.10 -42.15 -10.85
C ALA C 784 10.32 -41.91 -12.34
N LEU C 785 11.12 -40.91 -12.74
CA LEU C 785 11.38 -40.65 -14.17
C LEU C 785 12.84 -40.86 -14.49
N PRO C 786 13.31 -42.08 -14.63
CA PRO C 786 14.76 -42.28 -14.67
C PRO C 786 15.32 -41.68 -15.96
N GLY C 787 16.39 -40.92 -15.80
CA GLY C 787 17.05 -40.28 -16.87
C GLY C 787 16.52 -38.89 -17.20
N PHE C 788 15.35 -38.50 -16.67
CA PHE C 788 14.86 -37.15 -16.92
C PHE C 788 15.73 -36.11 -16.22
N PRO C 789 16.32 -35.11 -16.94
CA PRO C 789 17.22 -34.14 -16.27
C PRO C 789 16.54 -33.36 -15.14
N ILE C 790 17.32 -33.11 -14.09
CA ILE C 790 16.89 -32.43 -12.87
C ILE C 790 17.95 -31.40 -12.57
N LEU C 791 17.54 -30.14 -12.37
CA LEU C 791 18.35 -29.09 -11.82
C LEU C 791 17.93 -28.92 -10.39
N ALA C 792 18.83 -29.13 -9.43
CA ALA C 792 18.40 -29.13 -8.03
C ALA C 792 18.50 -27.72 -7.42
N THR C 793 17.62 -27.39 -6.49
CA THR C 793 17.85 -26.14 -5.74
C THR C 793 17.25 -26.41 -4.39
N GLY C 794 17.88 -25.86 -3.33
CA GLY C 794 17.31 -25.91 -2.01
C GLY C 794 18.31 -26.23 -0.96
N GLY C 795 18.98 -25.18 -0.48
CA GLY C 795 19.95 -25.45 0.59
C GLY C 795 21.27 -26.01 0.15
N ILE C 796 21.68 -25.81 -1.13
CA ILE C 796 23.00 -26.23 -1.53
C ILE C 796 23.99 -25.16 -1.11
N ASP C 797 25.05 -25.54 -0.41
CA ASP C 797 25.94 -24.55 0.18
C ASP C 797 27.40 -25.02 0.29
N SER C 798 27.79 -26.06 -0.44
CA SER C 798 29.14 -26.60 -0.34
C SER C 798 29.26 -27.67 -1.40
N ALA C 799 30.49 -27.94 -1.78
CA ALA C 799 30.67 -29.03 -2.72
C ALA C 799 30.08 -30.32 -2.13
N GLU C 800 30.45 -30.67 -0.90
CA GLU C 800 29.85 -31.89 -0.26
C GLU C 800 28.32 -31.93 -0.38
N SER C 801 27.63 -30.83 -0.06
CA SER C 801 26.18 -30.97 -0.21
C SER C 801 25.72 -30.92 -1.68
N GLY C 802 26.44 -30.25 -2.60
CA GLY C 802 26.06 -30.37 -4.00
C GLY C 802 26.22 -31.82 -4.43
N LEU C 803 27.28 -32.46 -3.97
CA LEU C 803 27.49 -33.88 -4.30
C LEU C 803 26.34 -34.79 -3.79
N GLN C 804 25.72 -34.49 -2.61
CA GLN C 804 24.54 -35.26 -2.23
C GLN C 804 23.41 -35.15 -3.29
N PHE C 805 23.13 -33.96 -3.82
CA PHE C 805 22.10 -33.81 -4.86
C PHE C 805 22.46 -34.51 -6.18
N LEU C 806 23.73 -34.42 -6.61
CA LEU C 806 24.23 -35.21 -7.76
C LEU C 806 24.02 -36.73 -7.54
N HIS C 807 24.45 -37.25 -6.38
CA HIS C 807 24.16 -38.66 -5.99
C HIS C 807 22.66 -39.00 -6.01
N SER C 808 21.81 -38.03 -5.74
CA SER C 808 20.39 -38.26 -5.71
C SER C 808 19.76 -38.26 -7.08
N GLY C 809 20.48 -37.92 -8.14
CA GLY C 809 19.83 -37.81 -9.48
C GLY C 809 19.96 -36.50 -10.24
N ALA C 810 20.36 -35.42 -9.61
CA ALA C 810 20.37 -34.17 -10.31
C ALA C 810 21.63 -34.07 -11.14
N SER C 811 21.63 -33.18 -12.17
CA SER C 811 22.83 -32.95 -12.97
C SER C 811 23.50 -31.65 -12.71
N VAL C 812 22.81 -30.61 -12.34
CA VAL C 812 23.46 -29.34 -12.10
C VAL C 812 22.75 -28.82 -10.87
N LEU C 813 23.24 -27.72 -10.33
CA LEU C 813 23.10 -27.39 -8.92
C LEU C 813 22.92 -25.89 -8.86
N GLN C 814 21.71 -25.39 -8.48
CA GLN C 814 21.45 -23.94 -8.38
C GLN C 814 21.57 -23.44 -6.94
N VAL C 815 22.02 -22.21 -6.77
CA VAL C 815 22.39 -21.70 -5.43
C VAL C 815 21.77 -20.30 -5.25
N CYS C 816 21.08 -20.08 -4.11
CA CYS C 816 20.63 -18.74 -3.74
C CYS C 816 21.14 -18.38 -2.35
N SER C 817 20.61 -19.08 -1.32
CA SER C 817 20.82 -18.62 0.06
C SER C 817 22.31 -18.59 0.46
N ALA C 818 23.10 -19.58 0.01
CA ALA C 818 24.53 -19.55 0.41
C ALA C 818 25.23 -18.31 -0.10
N VAL C 819 24.80 -17.77 -1.25
CA VAL C 819 25.36 -16.51 -1.74
C VAL C 819 24.83 -15.32 -0.96
N GLN C 820 23.53 -15.33 -0.60
CA GLN C 820 22.96 -14.27 0.30
C GLN C 820 23.71 -14.28 1.62
N ASN C 821 24.13 -15.46 2.10
CA ASN C 821 24.90 -15.53 3.39
C ASN C 821 26.37 -15.05 3.25
N GLN C 822 26.86 -14.82 2.04
CA GLN C 822 28.28 -14.61 1.79
C GLN C 822 28.45 -13.68 0.56
N ASP C 823 28.94 -14.21 -0.57
CA ASP C 823 29.10 -13.44 -1.79
C ASP C 823 29.43 -14.41 -2.90
N PHE C 824 29.68 -13.84 -4.11
CA PHE C 824 29.90 -14.66 -5.29
C PHE C 824 31.20 -15.49 -5.21
N THR C 825 32.21 -15.13 -4.40
CA THR C 825 33.44 -15.91 -4.47
C THR C 825 33.29 -17.32 -3.87
N VAL C 826 32.20 -17.71 -3.20
CA VAL C 826 32.14 -19.12 -2.80
C VAL C 826 32.26 -20.11 -3.97
N ILE C 827 32.13 -19.68 -5.22
CA ILE C 827 32.26 -20.64 -6.33
C ILE C 827 33.65 -21.26 -6.35
N GLN C 828 34.69 -20.50 -5.92
CA GLN C 828 36.08 -21.01 -5.79
C GLN C 828 36.14 -22.18 -4.82
N ASP C 829 35.41 -22.05 -3.72
CA ASP C 829 35.31 -23.15 -2.77
C ASP C 829 34.52 -24.34 -3.35
N TYR C 830 33.40 -24.10 -4.03
CA TYR C 830 32.64 -25.24 -4.54
C TYR C 830 33.44 -26.06 -5.58
N CYS C 831 34.19 -25.40 -6.45
CA CYS C 831 34.89 -26.12 -7.52
C CYS C 831 36.09 -26.85 -6.97
N THR C 832 36.91 -26.21 -6.12
CA THR C 832 38.00 -27.00 -5.57
C THR C 832 37.45 -28.09 -4.67
N GLY C 833 36.33 -27.83 -3.96
CA GLY C 833 35.76 -28.91 -3.12
C GLY C 833 35.25 -30.11 -3.92
N LEU C 834 34.59 -29.88 -5.02
CA LEU C 834 34.13 -30.99 -5.86
C LEU C 834 35.27 -31.80 -6.46
N LYS C 835 36.30 -31.11 -7.09
CA LYS C 835 37.50 -31.78 -7.65
C LYS C 835 38.18 -32.66 -6.61
N ALA C 836 38.34 -32.14 -5.41
CA ALA C 836 38.91 -32.92 -4.32
C ALA C 836 38.03 -34.16 -3.95
N LEU C 837 36.70 -33.94 -3.69
CA LEU C 837 35.80 -35.09 -3.47
C LEU C 837 35.95 -36.14 -4.54
N LEU C 838 35.88 -35.75 -5.79
CA LEU C 838 36.09 -36.73 -6.87
C LEU C 838 37.48 -37.36 -6.85
N TYR C 839 38.55 -36.56 -6.77
CA TYR C 839 39.88 -37.10 -6.77
C TYR C 839 40.07 -38.11 -5.67
N LEU C 840 39.51 -37.88 -4.49
CA LEU C 840 39.76 -38.79 -3.39
C LEU C 840 39.13 -40.18 -3.62
N LYS C 841 38.04 -40.26 -4.42
CA LYS C 841 37.46 -41.57 -4.71
C LYS C 841 38.45 -42.47 -5.42
N SER C 842 39.59 -41.96 -5.86
CA SER C 842 40.48 -42.81 -6.64
C SER C 842 41.63 -43.33 -5.81
N ILE C 843 41.72 -42.94 -4.52
CA ILE C 843 42.92 -43.17 -3.70
C ILE C 843 42.73 -44.36 -2.80
N GLU C 844 43.37 -45.48 -3.07
CA GLU C 844 43.05 -46.67 -2.27
C GLU C 844 43.24 -46.38 -0.77
N GLU C 845 44.30 -45.68 -0.43
CA GLU C 845 44.72 -45.71 0.95
C GLU C 845 43.86 -44.81 1.80
N LEU C 846 42.87 -44.15 1.18
CA LEU C 846 42.04 -43.17 1.89
C LEU C 846 40.57 -43.60 1.99
N GLN C 847 40.26 -44.89 1.70
CA GLN C 847 38.84 -45.30 1.62
C GLN C 847 38.12 -45.07 2.96
N GLY C 848 38.80 -45.30 4.10
CA GLY C 848 38.20 -45.15 5.41
C GLY C 848 37.77 -43.71 5.79
N TRP C 849 38.07 -42.72 4.96
CA TRP C 849 37.57 -41.34 5.18
C TRP C 849 36.15 -41.20 4.67
N ASP C 850 35.47 -40.16 5.13
CA ASP C 850 34.15 -39.74 4.62
C ASP C 850 34.39 -38.41 3.87
N GLY C 851 34.47 -38.49 2.54
CA GLY C 851 34.78 -37.28 1.78
C GLY C 851 36.17 -36.78 2.13
N GLN C 852 36.28 -35.53 2.61
CA GLN C 852 37.57 -35.00 2.99
C GLN C 852 37.79 -35.08 4.51
N SER C 853 36.93 -35.72 5.19
CA SER C 853 37.24 -35.86 6.63
C SER C 853 37.96 -37.19 6.92
N PRO C 854 39.06 -37.18 7.69
CA PRO C 854 39.67 -38.44 8.05
C PRO C 854 38.82 -39.18 9.05
N GLY C 855 38.96 -40.51 9.08
CA GLY C 855 38.47 -41.27 10.18
C GLY C 855 38.77 -40.51 11.46
N THR C 856 37.79 -40.48 12.40
CA THR C 856 37.90 -39.68 13.61
C THR C 856 38.74 -40.52 14.60
N GLU C 857 39.79 -39.94 15.21
CA GLU C 857 40.53 -40.69 16.20
C GLU C 857 40.20 -40.24 17.64
N SER C 858 40.29 -41.17 18.55
CA SER C 858 40.09 -40.88 19.95
C SER C 858 40.87 -39.64 20.33
N HIS C 859 40.20 -38.62 20.87
CA HIS C 859 40.89 -37.37 21.22
C HIS C 859 40.22 -36.68 22.42
N GLN C 860 40.99 -35.84 23.09
CA GLN C 860 40.44 -34.80 23.94
C GLN C 860 40.94 -33.43 23.50
N LYS C 861 40.01 -32.46 23.41
CA LYS C 861 40.35 -31.13 22.81
C LYS C 861 41.17 -31.26 21.54
N GLY C 862 40.83 -32.21 20.68
CA GLY C 862 41.56 -32.25 19.43
C GLY C 862 42.99 -32.77 19.48
N LYS C 863 43.47 -33.26 20.64
CA LYS C 863 44.81 -33.83 20.68
C LYS C 863 44.67 -35.33 20.92
N PRO C 864 45.35 -36.19 20.17
CA PRO C 864 45.09 -37.64 20.33
C PRO C 864 45.36 -38.17 21.75
N VAL C 865 44.51 -39.11 22.19
CA VAL C 865 44.78 -39.80 23.46
C VAL C 865 45.98 -40.73 23.29
N PRO C 866 46.95 -40.68 24.19
CA PRO C 866 48.08 -41.60 24.11
C PRO C 866 47.59 -43.03 24.24
N ARG C 867 48.22 -43.91 23.50
CA ARG C 867 47.85 -45.31 23.57
C ARG C 867 48.85 -45.97 24.53
N ILE C 868 48.39 -46.29 25.74
CA ILE C 868 49.22 -46.96 26.75
C ILE C 868 48.38 -48.03 27.39
N ALA C 869 48.88 -49.27 27.39
CA ALA C 869 48.21 -50.39 28.03
C ALA C 869 47.61 -49.99 29.36
N GLU C 870 48.42 -49.42 30.27
CA GLU C 870 47.90 -49.14 31.61
C GLU C 870 46.90 -47.96 31.67
N LEU C 871 46.51 -47.36 30.56
CA LEU C 871 45.43 -46.42 30.67
C LEU C 871 44.09 -47.00 30.25
N MET C 872 44.07 -47.89 29.26
CA MET C 872 42.86 -48.01 28.49
C MET C 872 41.86 -48.88 29.27
N GLY C 873 40.58 -48.44 29.29
CA GLY C 873 39.51 -49.06 30.07
C GLY C 873 39.69 -49.07 31.59
N LYS C 874 40.65 -48.32 32.13
CA LYS C 874 40.81 -48.14 33.57
C LYS C 874 39.80 -47.16 34.21
N LYS C 875 38.81 -46.61 33.46
CA LYS C 875 37.73 -45.68 33.91
C LYS C 875 38.22 -44.42 34.66
N LEU C 876 39.07 -43.64 33.97
CA LEU C 876 39.76 -42.44 34.47
C LEU C 876 39.36 -41.33 33.52
N PRO C 877 38.33 -40.63 33.82
CA PRO C 877 37.93 -39.52 32.97
C PRO C 877 38.88 -38.38 33.21
N ASN C 878 38.69 -37.31 32.42
CA ASN C 878 39.65 -36.23 32.42
C ASN C 878 39.38 -35.14 33.45
N PHE C 879 39.14 -35.50 34.69
CA PHE C 879 38.94 -34.48 35.71
C PHE C 879 39.30 -35.03 37.10
N GLY C 880 39.44 -34.16 38.04
CA GLY C 880 39.48 -34.64 39.42
C GLY C 880 40.70 -35.47 39.73
N PRO C 881 40.61 -36.36 40.71
CA PRO C 881 41.77 -37.20 40.97
C PRO C 881 41.95 -38.30 39.92
N TYR C 882 40.97 -38.51 39.08
CA TYR C 882 41.16 -39.33 37.90
C TYR C 882 42.19 -38.72 36.91
N LEU C 883 42.08 -37.41 36.69
CA LEU C 883 43.09 -36.76 35.88
C LEU C 883 44.50 -36.79 36.54
N GLU C 884 44.61 -36.61 37.86
CA GLU C 884 45.97 -36.71 38.43
C GLU C 884 46.55 -38.10 38.26
N GLN C 885 45.72 -39.08 38.46
CA GLN C 885 46.16 -40.42 38.14
C GLN C 885 46.55 -40.59 36.64
N ARG C 886 45.73 -40.08 35.69
CA ARG C 886 46.11 -40.18 34.28
C ARG C 886 47.49 -39.57 34.02
N LYS C 887 47.77 -38.46 34.67
CA LYS C 887 49.03 -37.80 34.37
C LYS C 887 50.15 -38.66 34.89
N LYS C 888 49.96 -39.22 36.10
CA LYS C 888 51.00 -40.07 36.73
C LYS C 888 51.33 -41.25 35.83
N ILE C 889 50.30 -41.85 35.23
CA ILE C 889 50.51 -42.96 34.32
C ILE C 889 51.27 -42.51 33.06
N ILE C 890 50.79 -41.44 32.39
CA ILE C 890 51.50 -40.93 31.21
C ILE C 890 52.98 -40.64 31.54
N ALA C 891 53.23 -40.02 32.69
CA ALA C 891 54.57 -39.57 33.05
C ALA C 891 55.51 -40.75 33.26
N GLU C 892 55.02 -41.85 33.87
CA GLU C 892 55.78 -43.13 33.97
C GLU C 892 55.98 -43.83 32.61
N GLU C 893 55.08 -43.61 31.65
CA GLU C 893 55.34 -44.05 30.29
C GLU C 893 56.48 -43.26 29.64
N LYS C 894 56.45 -41.92 29.69
CA LYS C 894 57.55 -41.12 29.13
C LYS C 894 58.91 -41.44 29.76
N MET C 895 58.93 -41.93 31.01
CA MET C 895 60.20 -42.30 31.62
C MET C 895 60.63 -43.67 31.15
N ARG C 896 59.69 -44.60 30.98
CA ARG C 896 60.03 -45.85 30.33
C ARG C 896 60.61 -45.64 28.93
N LEU C 897 60.04 -44.73 28.15
CA LEU C 897 60.50 -44.53 26.79
C LEU C 897 61.90 -43.97 26.77
N LYS C 898 62.26 -43.18 27.76
CA LYS C 898 63.55 -42.53 27.69
C LYS C 898 64.69 -43.56 27.50
N GLU C 899 64.47 -44.83 27.92
CA GLU C 899 65.35 -45.99 27.72
C GLU C 899 65.38 -46.54 26.27
N GLN C 900 64.94 -45.78 25.28
CA GLN C 900 64.57 -46.45 24.03
C GLN C 900 64.93 -45.64 22.80
N ASN C 901 65.08 -46.37 21.73
CA ASN C 901 65.82 -45.96 20.54
C ASN C 901 64.77 -45.93 19.41
N ALA C 902 64.19 -44.73 19.11
CA ALA C 902 62.98 -44.55 18.25
C ALA C 902 63.17 -44.83 16.75
N ALA C 903 62.02 -44.85 16.07
CA ALA C 903 61.90 -45.00 14.62
C ALA C 903 62.61 -43.85 13.95
N PHE C 904 62.98 -44.04 12.69
CA PHE C 904 63.34 -43.05 11.68
C PHE C 904 62.18 -43.00 10.69
N PRO C 905 61.66 -41.84 10.28
CA PRO C 905 60.62 -41.80 9.23
C PRO C 905 61.26 -41.82 7.87
N PRO C 906 60.46 -41.87 6.78
CA PRO C 906 61.10 -41.99 5.46
C PRO C 906 61.99 -40.77 5.22
N LEU C 907 63.07 -40.95 4.40
CA LEU C 907 63.83 -39.79 3.91
C LEU C 907 62.89 -38.89 3.08
N GLU C 908 62.20 -39.49 2.10
CA GLU C 908 61.13 -38.81 1.35
C GLU C 908 59.83 -39.65 1.40
N ARG C 909 58.68 -38.95 1.46
CA ARG C 909 57.37 -39.51 1.78
C ARG C 909 56.82 -40.01 0.44
N LYS C 910 55.93 -40.99 0.44
CA LYS C 910 55.69 -41.32 -1.00
C LYS C 910 54.25 -40.98 -1.30
N PRO C 911 53.97 -40.20 -2.31
CA PRO C 911 52.59 -39.73 -2.49
C PRO C 911 51.66 -40.88 -2.91
N PHE C 912 50.40 -40.76 -2.50
CA PHE C 912 49.41 -41.71 -2.98
C PHE C 912 49.16 -41.41 -4.47
N ILE C 913 48.98 -42.46 -5.25
CA ILE C 913 48.71 -42.38 -6.69
C ILE C 913 47.28 -42.83 -6.92
N PRO C 914 46.48 -42.06 -7.68
CA PRO C 914 45.16 -42.56 -8.10
C PRO C 914 45.29 -43.97 -8.63
N LYS C 915 44.39 -44.90 -8.19
CA LYS C 915 44.49 -46.29 -8.62
C LYS C 915 43.35 -46.70 -9.56
N LYS C 916 42.49 -45.77 -9.92
CA LYS C 916 41.46 -45.94 -10.94
C LYS C 916 41.25 -44.58 -11.54
N PRO C 917 40.61 -44.47 -12.71
CA PRO C 917 40.37 -43.11 -13.25
C PRO C 917 39.50 -42.35 -12.25
N ILE C 918 39.81 -41.05 -12.06
CA ILE C 918 38.93 -40.08 -11.36
C ILE C 918 37.52 -40.12 -11.99
N PRO C 919 36.46 -40.39 -11.22
CA PRO C 919 35.12 -40.30 -11.83
C PRO C 919 34.83 -38.89 -12.34
N ALA C 920 34.23 -38.84 -13.53
CA ALA C 920 33.54 -37.65 -14.02
C ALA C 920 32.19 -37.47 -13.30
N ILE C 921 31.62 -36.23 -13.36
CA ILE C 921 30.27 -36.00 -12.79
C ILE C 921 29.24 -37.01 -13.36
N LYS C 922 29.25 -37.24 -14.68
CA LYS C 922 28.43 -38.27 -15.31
C LYS C 922 28.45 -39.53 -14.46
N ASP C 923 29.59 -39.91 -13.91
CA ASP C 923 29.66 -41.19 -13.18
C ASP C 923 29.06 -41.18 -11.79
N VAL C 924 28.87 -40.05 -11.14
CA VAL C 924 28.33 -40.14 -9.84
C VAL C 924 26.86 -39.85 -9.80
N ILE C 925 26.27 -39.38 -10.91
CA ILE C 925 24.84 -38.98 -10.83
C ILE C 925 23.96 -40.23 -10.60
N GLY C 926 23.08 -40.12 -9.62
CA GLY C 926 22.17 -41.22 -9.41
C GLY C 926 22.65 -42.35 -8.54
N LYS C 927 23.91 -42.34 -8.10
CA LYS C 927 24.43 -43.57 -7.47
C LYS C 927 23.87 -43.84 -6.08
N ALA C 928 23.30 -42.85 -5.36
CA ALA C 928 22.66 -43.15 -4.08
C ALA C 928 21.28 -43.81 -4.23
N LEU C 929 20.71 -43.72 -5.46
CA LEU C 929 19.33 -44.12 -5.61
C LEU C 929 19.13 -45.58 -5.21
N GLN C 930 20.15 -46.44 -5.45
CA GLN C 930 20.07 -47.87 -5.14
C GLN C 930 19.85 -48.18 -3.67
N TYR C 931 20.10 -47.22 -2.76
CA TYR C 931 19.89 -47.44 -1.31
C TYR C 931 18.47 -47.10 -0.88
N LEU C 932 17.73 -46.48 -1.76
CA LEU C 932 16.49 -45.91 -1.33
C LEU C 932 15.34 -46.83 -1.71
N GLY C 933 14.33 -46.84 -0.88
CA GLY C 933 13.23 -47.74 -1.15
C GLY C 933 12.12 -47.49 -0.16
N THR C 934 11.28 -48.53 -0.01
CA THR C 934 10.16 -48.45 0.87
C THR C 934 10.55 -48.90 2.30
N PHE C 935 9.64 -48.60 3.26
CA PHE C 935 9.91 -49.10 4.63
C PHE C 935 10.03 -50.61 4.63
N GLY C 936 9.25 -51.30 3.83
CA GLY C 936 9.27 -52.75 4.00
C GLY C 936 10.52 -53.37 3.41
N GLU C 937 11.25 -52.64 2.60
CA GLU C 937 12.51 -53.23 2.15
C GLU C 937 13.68 -52.99 3.13
N LEU C 938 13.55 -52.17 4.15
CA LEU C 938 14.52 -52.20 5.26
C LEU C 938 14.49 -53.50 6.08
N SER C 939 15.67 -54.01 6.47
CA SER C 939 15.68 -55.22 7.30
C SER C 939 15.28 -54.88 8.75
N ASN C 940 14.36 -55.66 9.33
CA ASN C 940 14.10 -55.41 10.74
C ASN C 940 14.75 -56.44 11.64
N ILE C 941 15.64 -57.24 11.12
CA ILE C 941 16.36 -58.14 11.99
C ILE C 941 17.87 -57.78 12.13
N GLU C 942 18.46 -57.03 11.20
CA GLU C 942 19.86 -56.59 11.36
C GLU C 942 19.76 -55.27 12.10
N GLN C 943 19.78 -55.34 13.43
CA GLN C 943 19.59 -54.17 14.25
C GLN C 943 20.94 -53.74 14.82
N VAL C 944 20.96 -52.59 15.46
CA VAL C 944 22.17 -52.06 16.07
C VAL C 944 21.87 -51.66 17.52
N VAL C 945 22.95 -51.38 18.25
CA VAL C 945 23.01 -50.78 19.60
C VAL C 945 24.09 -49.71 19.61
N ALA C 946 23.99 -48.76 20.58
CA ALA C 946 24.96 -47.68 20.70
C ALA C 946 26.14 -48.20 21.50
N VAL C 947 27.33 -47.78 21.12
CA VAL C 947 28.51 -48.06 21.93
C VAL C 947 29.38 -46.81 22.04
N ILE C 948 29.89 -46.56 23.23
CA ILE C 948 30.45 -45.28 23.62
C ILE C 948 31.96 -45.42 23.76
N ASP C 949 32.74 -44.55 23.09
CA ASP C 949 34.20 -44.56 23.27
C ASP C 949 34.47 -43.69 24.51
N GLU C 950 34.74 -44.34 25.63
CA GLU C 950 34.89 -43.56 26.84
C GLU C 950 36.12 -42.63 26.81
N GLU C 951 37.14 -42.85 25.94
CA GLU C 951 38.27 -41.88 25.91
C GLU C 951 37.90 -40.52 25.32
N MET C 952 36.85 -40.46 24.51
CA MET C 952 36.41 -39.25 23.83
C MET C 952 35.34 -38.48 24.59
N CYS C 953 34.64 -39.11 25.52
CA CYS C 953 33.52 -38.55 26.23
C CYS C 953 33.94 -37.34 27.04
N ILE C 954 33.12 -36.27 27.09
CA ILE C 954 33.34 -35.10 27.98
C ILE C 954 32.29 -35.04 29.13
N ASN C 955 31.53 -36.13 29.33
CA ASN C 955 30.89 -36.49 30.64
C ASN C 955 29.67 -35.65 30.90
N CYS C 956 29.05 -35.17 29.82
CA CYS C 956 27.96 -34.23 29.93
C CYS C 956 26.69 -34.94 30.34
N GLY C 957 26.60 -36.22 30.11
CA GLY C 957 25.33 -36.93 30.35
C GLY C 957 24.19 -36.59 29.35
N LYS C 958 24.47 -35.99 28.19
CA LYS C 958 23.28 -35.75 27.32
C LYS C 958 22.76 -37.06 26.73
N CYS C 959 23.68 -38.07 26.48
CA CYS C 959 23.15 -39.35 26.03
C CYS C 959 22.16 -39.85 27.05
N TYR C 960 22.51 -39.73 28.31
CA TYR C 960 21.67 -40.32 29.36
C TYR C 960 20.32 -39.59 29.48
N MET C 961 20.32 -38.26 29.44
CA MET C 961 19.05 -37.60 29.60
C MET C 961 18.10 -37.95 28.42
N THR C 962 18.67 -38.19 27.26
CA THR C 962 17.83 -38.40 26.09
C THR C 962 17.26 -39.83 26.10
N CYS C 963 18.11 -40.84 26.39
CA CYS C 963 17.55 -42.18 26.60
C CYS C 963 16.49 -42.16 27.71
N ASN C 964 16.69 -41.36 28.78
CA ASN C 964 15.76 -41.40 29.93
C ASN C 964 14.42 -40.76 29.57
N ASP C 965 14.48 -39.59 28.91
CA ASP C 965 13.21 -38.87 28.71
C ASP C 965 12.67 -39.04 27.30
N SER C 966 13.40 -39.77 26.35
CA SER C 966 12.89 -39.97 24.98
C SER C 966 13.28 -41.33 24.45
N GLY C 967 13.64 -42.26 25.30
CA GLY C 967 14.20 -43.52 24.81
C GLY C 967 13.84 -44.62 25.78
N TYR C 968 14.81 -45.42 26.16
CA TYR C 968 14.48 -46.68 26.79
C TYR C 968 15.20 -46.86 28.11
N GLN C 969 15.71 -45.76 28.72
CA GLN C 969 16.29 -45.77 30.08
C GLN C 969 17.42 -46.79 30.15
N ALA C 970 18.29 -46.74 29.12
CA ALA C 970 19.17 -47.86 28.82
C ALA C 970 20.64 -47.53 29.15
N ILE C 971 20.91 -46.29 29.55
CA ILE C 971 22.26 -45.84 29.82
C ILE C 971 22.44 -45.65 31.34
N GLN C 972 23.46 -46.30 31.91
CA GLN C 972 23.96 -45.98 33.26
C GLN C 972 24.82 -44.77 33.25
N PHE C 973 24.61 -43.83 34.14
CA PHE C 973 25.50 -42.66 34.21
C PHE C 973 26.21 -42.76 35.56
N ASP C 974 27.54 -42.96 35.57
CA ASP C 974 28.21 -43.31 36.83
C ASP C 974 28.32 -42.07 37.73
N PRO C 975 27.88 -42.12 39.02
CA PRO C 975 27.83 -40.89 39.86
C PRO C 975 29.18 -40.38 40.36
N GLU C 976 30.26 -41.08 40.16
CA GLU C 976 31.56 -40.53 40.53
C GLU C 976 32.37 -40.18 39.30
N THR C 977 32.31 -41.00 38.21
CA THR C 977 33.14 -40.65 37.05
C THR C 977 32.42 -39.92 35.94
N HIS C 978 31.10 -39.86 36.02
CA HIS C 978 30.27 -39.38 34.90
C HIS C 978 30.62 -40.07 33.59
N LEU C 979 31.03 -41.34 33.64
CA LEU C 979 30.98 -42.02 32.32
C LEU C 979 29.66 -42.78 32.12
N PRO C 980 29.12 -42.75 30.87
CA PRO C 980 27.93 -43.54 30.54
C PRO C 980 28.35 -44.92 30.08
N THR C 981 27.51 -45.90 30.38
CA THR C 981 27.58 -47.24 29.81
C THR C 981 26.23 -47.58 29.16
N VAL C 982 26.24 -47.97 27.88
CA VAL C 982 25.03 -48.48 27.26
C VAL C 982 24.75 -49.91 27.76
N THR C 983 23.55 -50.15 28.33
CA THR C 983 23.26 -51.51 28.84
C THR C 983 22.57 -52.32 27.76
N ASP C 984 22.23 -53.55 28.06
CA ASP C 984 21.60 -54.37 27.04
C ASP C 984 20.17 -53.98 26.77
N THR C 985 19.62 -52.97 27.43
CA THR C 985 18.25 -52.70 27.08
C THR C 985 18.14 -51.81 25.83
N CYS C 986 19.28 -51.40 25.23
CA CYS C 986 19.27 -50.45 24.12
C CYS C 986 18.51 -51.05 22.96
N THR C 987 17.75 -50.25 22.23
CA THR C 987 17.02 -50.69 21.05
C THR C 987 17.55 -50.03 19.80
N GLY C 988 18.65 -49.29 19.89
CA GLY C 988 19.27 -48.70 18.71
C GLY C 988 18.54 -47.49 18.13
N CYS C 989 17.61 -46.84 18.88
CA CYS C 989 16.82 -45.74 18.27
C CYS C 989 17.73 -44.66 17.65
N THR C 990 18.91 -44.46 18.23
CA THR C 990 20.06 -43.63 17.71
C THR C 990 20.01 -42.16 18.18
N LEU C 991 19.06 -41.88 19.13
CA LEU C 991 18.92 -40.52 19.66
C LEU C 991 20.19 -40.08 20.42
N CYS C 992 20.82 -40.99 21.25
CA CYS C 992 21.97 -40.57 22.07
C CYS C 992 23.06 -40.10 21.14
N LEU C 993 23.31 -40.91 20.12
CA LEU C 993 24.33 -40.56 19.14
C LEU C 993 24.00 -39.17 18.56
N SER C 994 22.71 -38.95 18.30
CA SER C 994 22.33 -37.78 17.59
C SER C 994 22.45 -36.55 18.40
N VAL C 995 22.46 -36.66 19.75
CA VAL C 995 22.60 -35.49 20.62
C VAL C 995 23.99 -35.35 21.20
N CYS C 996 24.90 -36.27 20.90
CA CYS C 996 26.20 -36.25 21.61
C CYS C 996 27.06 -35.08 21.10
N PRO C 997 27.68 -34.25 21.96
CA PRO C 997 28.47 -33.13 21.39
C PRO C 997 29.75 -33.56 20.65
N ILE C 998 30.19 -34.81 20.80
CA ILE C 998 31.53 -35.18 20.36
C ILE C 998 31.40 -36.07 19.13
N ILE C 999 31.95 -35.63 17.98
CA ILE C 999 31.75 -36.36 16.72
C ILE C 999 32.32 -37.75 16.89
N ASP C 1000 31.51 -38.78 16.65
CA ASP C 1000 31.93 -40.17 16.63
C ASP C 1000 32.36 -40.65 18.01
N CYS C 1001 31.93 -40.00 19.09
CA CYS C 1001 32.10 -40.62 20.40
C CYS C 1001 31.17 -41.82 20.54
N ILE C 1002 29.91 -41.69 20.12
CA ILE C 1002 28.98 -42.79 20.10
C ILE C 1002 28.97 -43.37 18.71
N ARG C 1003 28.90 -44.68 18.60
CA ARG C 1003 28.72 -45.33 17.31
C ARG C 1003 27.62 -46.37 17.37
N MET C 1004 26.97 -46.64 16.25
CA MET C 1004 26.04 -47.76 16.20
C MET C 1004 26.76 -48.99 15.64
N VAL C 1005 26.74 -50.07 16.37
CA VAL C 1005 27.33 -51.29 15.90
C VAL C 1005 26.28 -52.39 15.82
N SER C 1006 26.53 -53.37 14.94
CA SER C 1006 25.60 -54.49 14.78
C SER C 1006 25.38 -55.23 16.09
N ARG C 1007 24.11 -55.42 16.40
CA ARG C 1007 23.69 -55.96 17.68
C ARG C 1007 24.07 -57.42 17.74
N THR C 1008 24.89 -57.82 18.73
CA THR C 1008 25.19 -59.25 18.87
C THR C 1008 24.19 -59.93 19.75
N THR C 1009 23.60 -59.13 20.66
CA THR C 1009 22.64 -59.51 21.70
C THR C 1009 21.29 -59.87 21.05
N PRO C 1010 20.53 -60.67 21.73
CA PRO C 1010 19.26 -61.12 21.14
C PRO C 1010 18.24 -59.98 21.29
N TYR C 1011 17.46 -59.68 20.20
CA TYR C 1011 16.58 -58.51 20.14
C TYR C 1011 15.11 -58.80 19.86
N GLU C 1012 14.30 -58.41 20.78
CA GLU C 1012 12.90 -58.75 20.83
C GLU C 1012 12.20 -57.48 21.31
N PRO C 1013 11.24 -56.99 20.54
CA PRO C 1013 10.61 -55.70 20.90
C PRO C 1013 9.85 -55.77 22.25
N LYS C 1014 9.91 -54.72 23.06
CA LYS C 1014 9.14 -54.86 24.29
C LYS C 1014 7.69 -54.46 24.00
N ARG C 1015 6.74 -55.35 24.29
CA ARG C 1015 5.36 -55.09 23.91
C ARG C 1015 4.48 -54.57 25.06
N GLY C 1016 5.01 -54.43 26.28
CA GLY C 1016 4.16 -53.87 27.31
C GLY C 1016 3.41 -54.97 28.03
N LEU C 1017 2.67 -55.85 27.32
CA LEU C 1017 1.97 -57.01 27.93
C LEU C 1017 2.20 -58.38 27.24
N ALA D 2 21.17 1.34 -27.22
CA ALA D 2 21.03 1.52 -25.72
C ALA D 2 22.37 2.03 -24.89
N PRO D 3 22.53 1.62 -23.55
CA PRO D 3 23.90 1.53 -22.97
C PRO D 3 24.24 0.06 -22.66
N VAL D 4 25.38 -0.35 -22.06
CA VAL D 4 25.58 -1.80 -21.83
C VAL D 4 24.87 -2.12 -20.53
N LEU D 5 23.66 -2.70 -20.58
CA LEU D 5 22.88 -2.93 -19.37
C LEU D 5 23.55 -3.86 -18.35
N SER D 6 24.26 -4.87 -18.80
CA SER D 6 24.85 -5.88 -17.95
C SER D 6 26.22 -5.49 -17.44
N LYS D 7 26.61 -4.23 -17.52
CA LYS D 7 27.89 -3.73 -17.01
C LYS D 7 27.63 -2.62 -16.02
N ASP D 8 28.37 -2.59 -14.93
CA ASP D 8 28.22 -1.53 -13.93
C ASP D 8 28.73 -0.21 -14.48
N VAL D 9 28.03 0.93 -14.25
CA VAL D 9 28.71 2.19 -14.62
C VAL D 9 29.82 2.51 -13.58
N ALA D 10 30.65 3.55 -13.82
CA ALA D 10 31.85 3.80 -13.01
C ALA D 10 31.50 4.06 -11.56
N ASP D 11 30.35 4.67 -11.31
CA ASP D 11 29.86 4.93 -9.96
C ASP D 11 29.74 3.66 -9.11
N ILE D 12 29.10 2.62 -9.67
CA ILE D 12 28.91 1.35 -8.98
C ILE D 12 30.18 0.59 -8.94
N GLU D 13 30.94 0.65 -10.01
CA GLU D 13 32.25 0.08 -9.97
C GLU D 13 33.03 0.66 -8.79
N SER D 14 32.87 1.95 -8.54
CA SER D 14 33.51 2.54 -7.35
C SER D 14 32.96 1.92 -6.08
N ILE D 15 31.64 1.78 -6.01
CA ILE D 15 31.09 1.41 -4.75
C ILE D 15 31.43 -0.05 -4.47
N LEU D 16 31.72 -0.79 -5.53
CA LEU D 16 32.15 -2.16 -5.40
C LEU D 16 33.65 -2.37 -5.16
N ALA D 17 34.51 -1.33 -5.03
CA ALA D 17 35.98 -1.53 -4.94
C ALA D 17 36.43 -2.60 -3.94
N LEU D 18 35.80 -2.68 -2.77
CA LEU D 18 36.18 -3.62 -1.69
C LEU D 18 35.42 -4.94 -1.69
N ASN D 19 34.52 -5.17 -2.65
CA ASN D 19 33.76 -6.41 -2.72
C ASN D 19 34.73 -7.57 -2.99
N PRO D 20 34.62 -8.71 -2.28
CA PRO D 20 35.58 -9.80 -2.48
C PRO D 20 35.54 -10.25 -3.94
N ARG D 21 36.72 -10.56 -4.48
CA ARG D 21 36.87 -11.26 -5.75
C ARG D 21 37.86 -12.39 -5.60
N THR D 22 37.82 -13.30 -6.53
CA THR D 22 38.73 -14.45 -6.64
C THR D 22 40.13 -14.00 -7.15
N GLN D 23 41.25 -14.41 -6.53
CA GLN D 23 42.56 -13.95 -6.99
C GLN D 23 43.19 -15.08 -7.80
N SER D 24 43.86 -14.73 -8.89
CA SER D 24 44.53 -15.67 -9.75
C SER D 24 46.02 -15.80 -9.46
N HIS D 25 46.53 -15.01 -8.50
CA HIS D 25 47.95 -14.92 -8.21
C HIS D 25 48.15 -14.66 -6.71
N ALA D 26 49.33 -14.92 -6.25
CA ALA D 26 49.64 -14.63 -4.86
C ALA D 26 49.91 -13.13 -4.69
N ALA D 27 49.71 -12.62 -3.48
CA ALA D 27 49.95 -11.16 -3.24
C ALA D 27 51.43 -10.85 -3.15
N LEU D 28 51.81 -9.60 -3.45
CA LEU D 28 53.14 -9.10 -3.22
C LEU D 28 53.02 -7.90 -2.29
N HIS D 29 53.41 -8.06 -0.98
CA HIS D 29 53.61 -6.94 -0.01
C HIS D 29 54.85 -7.16 0.85
N SER D 30 55.65 -6.12 0.98
CA SER D 30 56.93 -6.29 1.65
C SER D 30 56.74 -6.35 3.15
N THR D 31 57.76 -6.88 3.81
CA THR D 31 57.62 -7.11 5.25
C THR D 31 57.54 -5.75 5.94
N LEU D 32 58.26 -4.79 5.37
CA LEU D 32 58.30 -3.45 5.91
C LEU D 32 56.95 -2.73 5.73
N ALA D 33 56.34 -2.75 4.52
CA ALA D 33 54.99 -2.19 4.39
C ALA D 33 53.95 -2.92 5.24
N LYS D 34 54.09 -4.24 5.40
CA LYS D 34 53.22 -4.97 6.31
C LYS D 34 53.39 -4.45 7.76
N LYS D 35 54.62 -4.20 8.18
CA LYS D 35 54.80 -3.69 9.54
C LYS D 35 54.10 -2.34 9.71
N LEU D 36 54.19 -1.49 8.69
CA LEU D 36 53.63 -0.15 8.69
C LEU D 36 52.13 -0.19 8.58
N ASP D 37 51.56 -1.26 8.05
CA ASP D 37 50.12 -1.29 7.92
C ASP D 37 49.45 -1.91 9.10
N LYS D 38 50.20 -2.73 9.88
CA LYS D 38 49.60 -3.50 10.96
C LYS D 38 48.83 -2.63 11.92
N LYS D 39 49.37 -1.48 12.23
CA LYS D 39 48.81 -0.69 13.28
C LYS D 39 47.51 -0.04 12.91
N HIS D 40 47.22 0.10 11.65
CA HIS D 40 45.95 0.70 11.30
C HIS D 40 44.78 -0.14 11.78
N TRP D 41 44.93 -1.45 11.89
CA TRP D 41 43.75 -2.38 12.09
C TRP D 41 43.65 -2.97 13.49
N LYS D 42 44.63 -2.69 14.35
CA LYS D 42 44.86 -3.37 15.62
C LYS D 42 43.70 -3.19 16.59
N ARG D 43 43.17 -4.31 17.06
CA ARG D 43 42.16 -4.19 18.06
C ARG D 43 42.59 -4.57 19.44
N ASN D 44 43.62 -5.38 19.60
CA ASN D 44 43.83 -5.90 20.97
C ASN D 44 44.99 -5.17 21.62
N PRO D 45 45.35 -5.45 22.88
CA PRO D 45 46.44 -4.65 23.47
C PRO D 45 47.73 -4.81 22.65
N ASP D 46 48.54 -3.72 22.56
CA ASP D 46 49.86 -3.79 21.92
C ASP D 46 50.91 -4.35 22.90
N LYS D 47 51.53 -5.49 22.53
CA LYS D 47 52.50 -6.04 23.49
C LYS D 47 53.73 -5.13 23.63
N ASN D 48 53.95 -4.21 22.69
CA ASN D 48 55.15 -3.36 22.74
C ASN D 48 54.92 -2.06 23.48
N CYS D 49 53.73 -1.88 24.05
CA CYS D 49 53.38 -0.64 24.71
C CYS D 49 53.54 -0.80 26.22
N PHE D 50 54.36 0.05 26.84
CA PHE D 50 54.71 -0.13 28.23
C PHE D 50 53.89 0.73 29.18
N HIS D 51 52.99 1.53 28.61
CA HIS D 51 52.32 2.67 29.25
C HIS D 51 50.87 2.28 29.46
N CYS D 52 50.33 2.41 30.71
CA CYS D 52 48.87 2.45 30.92
C CYS D 52 48.17 3.56 30.06
N GLU D 53 46.97 3.27 29.51
CA GLU D 53 46.07 4.36 29.04
C GLU D 53 45.69 5.28 30.25
N LYS D 54 45.14 6.49 30.01
CA LYS D 54 44.88 7.28 31.20
C LYS D 54 43.58 6.73 31.82
N LEU D 55 43.63 6.43 33.12
CA LEU D 55 42.46 5.89 33.77
C LEU D 55 41.95 6.75 34.91
N GLU D 56 42.58 7.89 35.14
CA GLU D 56 42.17 8.80 36.17
C GLU D 56 40.67 9.10 36.10
N ASN D 57 40.00 8.85 37.24
CA ASN D 57 38.59 9.08 37.39
C ASN D 57 37.75 8.22 36.45
N ASN D 58 38.26 7.07 36.03
CA ASN D 58 37.55 6.22 35.08
C ASN D 58 36.99 5.00 35.81
N PHE D 59 35.71 5.07 36.20
CA PHE D 59 35.12 3.89 36.84
C PHE D 59 34.17 3.07 35.98
N ASP D 60 34.26 3.19 34.65
CA ASP D 60 33.43 2.33 33.79
C ASP D 60 33.89 0.87 33.98
N ASP D 61 32.97 -0.05 33.74
CA ASP D 61 33.13 -1.48 33.95
C ASP D 61 34.38 -2.07 33.31
N ILE D 62 35.17 -2.86 34.01
CA ILE D 62 36.30 -3.49 33.31
C ILE D 62 36.19 -4.97 33.21
N LYS D 63 35.12 -5.56 33.69
CA LYS D 63 35.07 -7.01 33.67
C LYS D 63 35.16 -7.57 32.28
N HIS D 64 35.99 -8.58 32.11
CA HIS D 64 35.99 -9.28 30.82
C HIS D 64 34.71 -10.14 30.62
N THR D 65 33.98 -10.49 31.69
CA THR D 65 32.89 -11.44 31.55
C THR D 65 31.52 -10.81 31.29
N THR D 66 31.42 -9.50 31.30
CA THR D 66 30.13 -8.89 31.02
C THR D 66 29.59 -9.24 29.63
N LEU D 67 28.32 -9.76 29.56
CA LEU D 67 27.59 -10.06 28.33
C LEU D 67 26.41 -9.15 28.05
N GLY D 68 26.22 -8.75 26.80
CA GLY D 68 24.95 -8.16 26.41
C GLY D 68 24.05 -9.31 25.90
N GLU D 69 22.90 -8.93 25.33
CA GLU D 69 21.94 -9.98 25.02
C GLU D 69 22.41 -10.92 23.91
N ARG D 70 22.89 -10.36 22.74
CA ARG D 70 23.52 -11.11 21.63
C ARG D 70 24.50 -12.17 22.13
N GLY D 71 25.53 -11.72 22.83
CA GLY D 71 26.52 -12.61 23.38
C GLY D 71 26.03 -13.54 24.46
N ALA D 72 25.04 -13.11 25.26
CA ALA D 72 24.44 -13.99 26.23
C ALA D 72 23.68 -15.11 25.56
N LEU D 73 22.89 -14.81 24.52
CA LEU D 73 22.17 -15.88 23.84
C LEU D 73 23.12 -16.89 23.24
N ARG D 74 24.22 -16.43 22.59
CA ARG D 74 25.17 -17.36 22.00
C ARG D 74 25.83 -18.23 23.05
N GLU D 75 26.20 -17.63 24.14
CA GLU D 75 26.87 -18.45 25.13
C GLU D 75 25.91 -19.39 25.89
N ALA D 76 24.63 -19.00 26.18
CA ALA D 76 23.65 -19.99 26.72
C ALA D 76 23.33 -21.10 25.74
N MET D 77 23.27 -20.80 24.45
CA MET D 77 23.05 -21.87 23.48
C MET D 77 24.22 -22.86 23.44
N ARG D 78 25.43 -22.49 23.86
CA ARG D 78 26.57 -23.38 23.77
C ARG D 78 26.66 -24.34 24.96
N CYS D 79 26.09 -23.96 26.09
CA CYS D 79 26.18 -24.76 27.31
C CYS D 79 25.54 -26.13 27.06
N LEU D 80 26.27 -27.19 27.47
CA LEU D 80 25.68 -28.53 27.20
C LEU D 80 24.41 -28.82 28.05
N LYS D 81 24.12 -28.02 29.10
CA LYS D 81 22.99 -28.23 30.01
C LYS D 81 23.04 -29.65 30.60
N CYS D 82 24.16 -29.91 31.32
CA CYS D 82 24.59 -31.27 31.67
C CYS D 82 23.71 -31.95 32.72
N ALA D 83 23.66 -33.32 32.69
CA ALA D 83 23.05 -34.05 33.79
C ALA D 83 23.93 -33.95 35.02
N ASP D 84 23.33 -33.82 36.21
CA ASP D 84 24.08 -33.81 37.47
C ASP D 84 25.27 -32.84 37.43
N ALA D 85 25.05 -31.57 36.99
CA ALA D 85 26.14 -30.83 36.44
C ALA D 85 27.29 -30.56 37.46
N PRO D 86 28.54 -30.75 37.07
CA PRO D 86 29.66 -30.48 37.95
C PRO D 86 29.90 -28.99 38.18
N CYS D 87 29.37 -28.13 37.32
CA CYS D 87 29.47 -26.73 37.69
C CYS D 87 28.60 -26.41 38.91
N GLN D 88 27.38 -26.94 38.97
CA GLN D 88 26.55 -26.83 40.16
C GLN D 88 27.24 -27.43 41.39
N LYS D 89 27.82 -28.63 41.27
CA LYS D 89 28.51 -29.20 42.39
C LYS D 89 29.59 -28.25 42.91
N SER D 90 30.18 -27.45 42.04
CA SER D 90 31.33 -26.57 42.36
C SER D 90 30.95 -25.18 42.76
N CYS D 91 29.65 -24.85 42.74
CA CYS D 91 29.06 -23.60 43.16
C CYS D 91 28.74 -23.68 44.63
N PRO D 92 29.31 -22.81 45.47
CA PRO D 92 29.02 -22.87 46.90
C PRO D 92 27.58 -22.62 47.30
N THR D 93 26.72 -21.98 46.51
CA THR D 93 25.30 -22.03 46.85
C THR D 93 24.52 -23.05 46.01
N HIS D 94 25.19 -23.99 45.36
CA HIS D 94 24.47 -25.00 44.63
C HIS D 94 23.40 -24.43 43.66
N LEU D 95 23.67 -23.30 42.98
CA LEU D 95 22.80 -22.85 41.88
C LEU D 95 22.55 -23.92 40.83
N ASP D 96 21.33 -23.96 40.31
CA ASP D 96 21.01 -24.89 39.27
C ASP D 96 21.35 -24.20 37.99
N ILE D 97 22.63 -24.27 37.62
CA ILE D 97 23.18 -23.64 36.43
C ILE D 97 22.57 -24.19 35.16
N LYS D 98 22.42 -25.53 35.09
CA LYS D 98 21.89 -26.12 33.89
C LYS D 98 20.50 -25.54 33.58
N SER D 99 19.70 -25.37 34.60
CA SER D 99 18.36 -24.86 34.41
C SER D 99 18.36 -23.36 34.16
N PHE D 100 19.13 -22.52 34.89
CA PHE D 100 19.03 -21.08 34.56
C PHE D 100 19.64 -20.79 33.17
N ILE D 101 20.66 -21.56 32.78
CA ILE D 101 21.23 -21.32 31.46
C ILE D 101 20.27 -21.79 30.36
N THR D 102 19.52 -22.87 30.60
CA THR D 102 18.47 -23.28 29.66
C THR D 102 17.47 -22.16 29.50
N SER D 103 17.03 -21.56 30.62
CA SER D 103 16.11 -20.42 30.54
C SER D 103 16.65 -19.28 29.69
N ILE D 104 17.93 -18.88 29.89
CA ILE D 104 18.50 -17.85 29.04
C ILE D 104 18.47 -18.28 27.57
N SER D 105 19.00 -19.45 27.24
CA SER D 105 18.86 -20.06 25.93
C SER D 105 17.50 -19.84 25.22
N ASN D 106 16.39 -19.99 25.98
CA ASN D 106 15.02 -19.85 25.50
C ASN D 106 14.45 -18.45 25.68
N LYS D 107 15.30 -17.45 25.97
CA LYS D 107 14.86 -16.07 26.12
C LYS D 107 13.96 -15.84 27.32
N ASN D 108 13.95 -16.77 28.27
CA ASN D 108 13.16 -16.65 29.50
C ASN D 108 14.06 -16.12 30.62
N TYR D 109 14.35 -14.83 30.57
CA TYR D 109 15.25 -14.26 31.57
C TYR D 109 14.61 -14.23 32.97
N TYR D 110 13.30 -13.97 33.07
CA TYR D 110 12.66 -14.07 34.37
C TYR D 110 12.86 -15.48 34.92
N GLY D 111 12.58 -16.49 34.13
CA GLY D 111 12.83 -17.83 34.64
C GLY D 111 14.24 -18.03 35.14
N ALA D 112 15.24 -17.58 34.35
CA ALA D 112 16.64 -17.67 34.82
C ALA D 112 16.89 -16.95 36.13
N ALA D 113 16.45 -15.69 36.24
CA ALA D 113 16.76 -14.93 37.43
C ALA D 113 16.10 -15.57 38.65
N LYS D 114 14.88 -16.06 38.47
CA LYS D 114 14.17 -16.68 39.58
C LYS D 114 14.93 -17.89 40.10
N MET D 115 15.41 -18.74 39.16
CA MET D 115 16.26 -19.85 39.61
C MET D 115 17.49 -19.37 40.41
N ILE D 116 18.18 -18.37 39.88
CA ILE D 116 19.39 -17.81 40.49
C ILE D 116 19.11 -17.27 41.89
N PHE D 117 18.13 -16.39 42.00
CA PHE D 117 17.88 -15.81 43.30
C PHE D 117 17.31 -16.82 44.24
N SER D 118 16.77 -17.95 43.73
CA SER D 118 16.13 -18.94 44.63
C SER D 118 17.18 -19.51 45.55
N ASP D 119 18.37 -19.75 45.02
CA ASP D 119 19.46 -20.26 45.83
C ASP D 119 20.50 -19.23 46.27
N ASN D 120 20.53 -18.05 45.66
CA ASN D 120 21.53 -17.05 46.00
C ASN D 120 20.86 -15.69 45.95
N PRO D 121 20.49 -15.12 47.10
CA PRO D 121 19.83 -13.79 47.13
C PRO D 121 20.70 -12.65 46.71
N LEU D 122 22.02 -12.82 46.63
CA LEU D 122 22.94 -11.83 46.07
C LEU D 122 23.42 -12.24 44.68
N GLY D 123 22.46 -12.77 43.93
CA GLY D 123 22.74 -13.37 42.65
C GLY D 123 23.45 -12.46 41.66
N LEU D 124 23.17 -11.17 41.68
CA LEU D 124 23.74 -10.26 40.69
C LEU D 124 25.19 -9.89 41.10
N THR D 125 25.36 -9.48 42.36
CA THR D 125 26.69 -9.33 42.93
C THR D 125 27.58 -10.51 42.56
N CYS D 126 27.14 -11.70 42.87
CA CYS D 126 27.97 -12.90 42.65
C CYS D 126 28.23 -13.11 41.18
N GLY D 127 27.22 -12.84 40.32
CA GLY D 127 27.59 -12.99 38.91
C GLY D 127 28.73 -12.09 38.55
N MET D 128 28.81 -10.96 39.19
CA MET D 128 29.81 -9.99 38.80
C MET D 128 31.16 -10.27 39.45
N VAL D 129 31.21 -10.78 40.69
CA VAL D 129 32.50 -10.89 41.39
C VAL D 129 32.95 -12.30 41.74
N CYS D 130 32.19 -13.32 41.49
CA CYS D 130 32.65 -14.68 41.84
C CYS D 130 33.97 -14.99 41.12
N PRO D 131 34.99 -15.47 41.83
CA PRO D 131 36.12 -15.98 41.13
C PRO D 131 35.77 -17.36 40.57
N THR D 132 35.06 -17.33 39.43
CA THR D 132 34.49 -18.58 38.92
C THR D 132 35.56 -19.60 38.55
N SER D 133 36.80 -19.18 38.16
CA SER D 133 37.76 -20.20 37.75
C SER D 133 38.16 -21.10 38.90
N ASP D 134 37.89 -20.68 40.13
CA ASP D 134 38.18 -21.53 41.27
C ASP D 134 36.89 -22.09 41.84
N LEU D 135 35.80 -21.91 41.14
CA LEU D 135 34.48 -22.33 41.60
C LEU D 135 33.73 -23.03 40.45
N CYS D 136 32.55 -22.52 40.08
CA CYS D 136 31.69 -23.22 39.12
C CYS D 136 32.37 -23.53 37.79
N VAL D 137 33.07 -22.53 37.24
CA VAL D 137 33.60 -22.64 35.89
C VAL D 137 34.76 -23.63 35.89
N GLY D 138 35.42 -23.79 37.05
CA GLY D 138 36.51 -24.75 37.20
C GLY D 138 36.12 -26.21 37.07
N GLY D 139 34.83 -26.51 37.24
CA GLY D 139 34.21 -27.84 37.06
C GLY D 139 33.50 -28.05 35.76
N CYS D 140 33.49 -27.05 34.85
CA CYS D 140 32.63 -27.11 33.64
C CYS D 140 33.13 -28.21 32.67
N ASN D 141 32.22 -29.10 32.24
CA ASN D 141 32.63 -30.12 31.24
C ASN D 141 33.16 -29.52 29.92
N LEU D 142 32.71 -28.33 29.49
CA LEU D 142 33.22 -27.82 28.22
C LEU D 142 34.67 -27.36 28.35
N TYR D 143 35.25 -27.40 29.56
CA TYR D 143 36.69 -27.24 29.62
C TYR D 143 37.40 -28.22 28.74
N ALA D 144 36.79 -29.34 28.51
CA ALA D 144 37.43 -30.37 27.69
C ALA D 144 37.21 -30.16 26.20
N THR D 145 36.83 -28.97 25.77
CA THR D 145 36.80 -28.67 24.37
C THR D 145 37.75 -27.51 24.09
N GLU D 146 38.22 -27.41 22.84
CA GLU D 146 39.09 -26.31 22.44
C GLU D 146 38.49 -24.94 22.80
N GLU D 147 37.17 -24.77 22.61
CA GLU D 147 36.64 -23.43 22.92
C GLU D 147 36.36 -23.15 24.41
N GLY D 148 36.40 -24.14 25.31
CA GLY D 148 36.60 -23.83 26.71
C GLY D 148 35.27 -23.77 27.47
N SER D 149 35.44 -23.65 28.79
CA SER D 149 34.33 -23.49 29.71
C SER D 149 33.37 -22.38 29.33
N ILE D 150 32.16 -22.52 29.83
CA ILE D 150 31.08 -21.52 29.73
C ILE D 150 31.34 -20.33 30.67
N ASN D 151 31.14 -19.12 30.17
CA ASN D 151 31.11 -17.92 31.01
C ASN D 151 29.88 -17.96 31.94
N ILE D 152 29.92 -18.76 32.98
CA ILE D 152 28.72 -18.86 33.85
C ILE D 152 28.40 -17.55 34.51
N GLY D 153 29.43 -16.93 35.06
CA GLY D 153 29.29 -15.70 35.80
C GLY D 153 28.65 -14.62 34.93
N GLY D 154 29.14 -14.40 33.69
CA GLY D 154 28.51 -13.37 32.84
C GLY D 154 27.05 -13.65 32.52
N LEU D 155 26.69 -14.95 32.34
CA LEU D 155 25.27 -15.25 32.10
C LEU D 155 24.44 -14.97 33.34
N GLN D 156 24.97 -15.25 34.53
CA GLN D 156 24.21 -15.00 35.75
C GLN D 156 23.95 -13.54 35.88
N GLN D 157 24.98 -12.73 35.65
CA GLN D 157 24.85 -11.29 35.63
C GLN D 157 23.84 -10.86 34.58
N PHE D 158 23.88 -11.48 33.40
CA PHE D 158 23.01 -10.98 32.36
C PHE D 158 21.54 -11.15 32.73
N ALA D 159 21.14 -12.39 33.15
CA ALA D 159 19.74 -12.58 33.54
C ALA D 159 19.37 -11.68 34.72
N SER D 160 20.25 -11.61 35.69
CA SER D 160 19.92 -10.84 36.88
C SER D 160 19.71 -9.39 36.52
N GLU D 161 20.56 -8.85 35.60
CA GLU D 161 20.36 -7.45 35.21
C GLU D 161 19.05 -7.30 34.43
N VAL D 162 18.75 -8.22 33.54
CA VAL D 162 17.43 -8.05 32.95
C VAL D 162 16.34 -7.97 34.04
N PHE D 163 16.43 -8.86 35.06
CA PHE D 163 15.34 -8.88 36.05
C PHE D 163 15.31 -7.57 36.85
N LYS D 164 16.49 -7.03 37.12
CA LYS D 164 16.57 -5.76 37.80
C LYS D 164 15.85 -4.70 36.98
N ALA D 165 16.06 -4.67 35.63
CA ALA D 165 15.39 -3.64 34.79
C ALA D 165 13.89 -3.84 34.74
N MET D 166 13.45 -5.09 34.87
CA MET D 166 11.99 -5.34 34.95
C MET D 166 11.30 -4.68 36.17
N ASN D 167 12.01 -4.39 37.26
CA ASN D 167 11.38 -3.71 38.39
C ASN D 167 10.19 -4.43 38.94
N ILE D 168 10.38 -5.70 39.22
CA ILE D 168 9.39 -6.58 39.85
C ILE D 168 9.79 -6.86 41.30
N PRO D 169 8.90 -6.87 42.25
CA PRO D 169 9.31 -7.14 43.64
C PRO D 169 9.26 -8.63 43.98
N GLN D 170 10.00 -8.97 45.07
CA GLN D 170 9.91 -10.27 45.73
C GLN D 170 8.60 -10.34 46.57
N ILE D 171 7.98 -11.49 46.66
CA ILE D 171 6.83 -11.57 47.56
C ILE D 171 7.00 -12.79 48.43
N ARG D 172 6.15 -12.85 49.48
CA ARG D 172 6.16 -13.97 50.41
C ARG D 172 5.78 -15.19 49.60
N ASN D 173 6.27 -16.36 49.98
CA ASN D 173 5.80 -17.56 49.27
C ASN D 173 4.27 -17.61 49.30
N PRO D 174 3.58 -17.81 48.16
CA PRO D 174 2.09 -17.80 48.19
C PRO D 174 1.44 -18.98 48.89
N CYS D 175 2.19 -20.01 49.25
CA CYS D 175 1.59 -21.12 49.96
C CYS D 175 1.75 -21.00 51.46
N LEU D 176 2.56 -20.07 51.94
CA LEU D 176 2.56 -19.81 53.37
C LEU D 176 1.15 -19.38 53.79
N PRO D 177 0.66 -19.83 54.99
CA PRO D 177 -0.54 -19.23 55.59
C PRO D 177 -0.45 -17.73 55.55
N SER D 178 -1.58 -17.04 55.67
CA SER D 178 -1.56 -15.61 55.80
C SER D 178 -0.88 -15.15 57.09
N GLN D 179 -0.47 -13.87 57.11
CA GLN D 179 0.41 -13.40 58.19
C GLN D 179 -0.26 -13.51 59.56
N GLU D 180 -1.54 -13.14 59.63
CA GLU D 180 -2.31 -13.33 60.87
C GLU D 180 -2.50 -14.80 61.23
N LYS D 181 -2.45 -15.72 60.30
CA LYS D 181 -2.59 -17.12 60.74
C LYS D 181 -1.28 -17.78 61.06
N MET D 182 -0.12 -17.10 61.03
CA MET D 182 1.06 -17.88 61.34
C MET D 182 1.18 -18.16 62.84
N PRO D 183 1.80 -19.28 63.19
CA PRO D 183 2.02 -19.65 64.57
C PRO D 183 2.84 -18.59 65.30
N GLU D 184 2.75 -18.57 66.64
CA GLU D 184 3.45 -17.46 67.27
C GLU D 184 4.98 -17.62 67.19
N ALA D 185 5.48 -18.81 66.88
CA ALA D 185 6.92 -18.99 66.80
C ALA D 185 7.54 -18.06 65.75
N TYR D 186 6.81 -17.79 64.67
CA TYR D 186 7.28 -16.95 63.60
C TYR D 186 7.35 -15.44 63.94
N SER D 187 6.91 -15.05 65.13
CA SER D 187 7.04 -13.65 65.49
C SER D 187 8.20 -13.45 66.48
N ALA D 188 9.09 -14.42 66.63
CA ALA D 188 10.22 -14.31 67.58
C ALA D 188 11.16 -13.19 67.10
N LYS D 189 11.63 -12.35 68.01
CA LYS D 189 12.58 -11.32 67.60
C LYS D 189 13.87 -11.97 67.20
N ILE D 190 14.29 -11.71 65.98
CA ILE D 190 15.58 -12.19 65.51
C ILE D 190 16.51 -11.00 65.26
N ALA D 191 17.78 -11.10 65.60
CA ALA D 191 18.74 -10.02 65.41
C ALA D 191 19.87 -10.52 64.52
N LEU D 192 20.29 -9.72 63.59
CA LEU D 192 21.51 -10.04 62.86
C LEU D 192 22.49 -8.88 63.02
N LEU D 193 23.76 -9.20 63.25
CA LEU D 193 24.79 -8.18 63.41
C LEU D 193 25.61 -8.03 62.11
N GLY D 194 25.70 -6.79 61.59
CA GLY D 194 26.39 -6.48 60.35
C GLY D 194 25.59 -6.66 59.06
N ALA D 195 25.60 -5.74 58.09
CA ALA D 195 24.69 -5.82 56.96
C ALA D 195 25.48 -6.14 55.65
N GLY D 196 26.22 -7.28 55.65
CA GLY D 196 27.03 -7.76 54.57
C GLY D 196 26.34 -8.96 53.96
N PRO D 197 26.99 -9.54 52.95
CA PRO D 197 26.42 -10.71 52.28
C PRO D 197 25.97 -11.84 53.20
N ALA D 198 26.67 -12.09 54.32
CA ALA D 198 26.23 -13.23 55.14
C ALA D 198 24.90 -12.94 55.87
N SER D 199 24.75 -11.75 56.47
CA SER D 199 23.51 -11.44 57.16
C SER D 199 22.35 -11.25 56.18
N ILE D 200 22.64 -10.56 55.06
CA ILE D 200 21.58 -10.31 54.07
C ILE D 200 21.03 -11.62 53.55
N SER D 201 21.91 -12.59 53.44
CA SER D 201 21.40 -13.85 52.93
C SER D 201 20.59 -14.54 54.02
N CYS D 202 21.19 -14.71 55.22
CA CYS D 202 20.53 -15.34 56.35
C CYS D 202 19.16 -14.71 56.54
N ALA D 203 19.10 -13.37 56.60
CA ALA D 203 17.83 -12.69 56.87
C ALA D 203 16.77 -12.93 55.77
N SER D 204 17.18 -12.85 54.50
CA SER D 204 16.34 -13.17 53.37
C SER D 204 15.72 -14.56 53.55
N PHE D 205 16.57 -15.54 53.96
CA PHE D 205 16.01 -16.87 54.02
C PHE D 205 15.08 -17.03 55.24
N LEU D 206 15.44 -16.46 56.41
CA LEU D 206 14.50 -16.49 57.55
C LEU D 206 13.18 -15.85 57.11
N ALA D 207 13.25 -14.77 56.34
CA ALA D 207 11.96 -14.12 56.05
C ALA D 207 11.17 -14.93 55.03
N ARG D 208 11.86 -15.62 54.10
CA ARG D 208 11.11 -16.49 53.22
C ARG D 208 10.35 -17.57 54.00
N LEU D 209 10.98 -18.14 55.02
CA LEU D 209 10.34 -19.11 55.89
C LEU D 209 9.12 -18.54 56.66
N GLY D 210 8.96 -17.21 56.76
CA GLY D 210 7.80 -16.62 57.40
C GLY D 210 8.07 -15.84 58.66
N TYR D 211 9.33 -15.72 59.11
CA TYR D 211 9.62 -14.93 60.32
C TYR D 211 9.31 -13.47 60.02
N SER D 212 8.59 -12.83 60.93
CA SER D 212 8.04 -11.49 60.65
C SER D 212 8.74 -10.39 61.40
N ASP D 213 9.68 -10.71 62.28
CA ASP D 213 10.36 -9.67 63.08
C ASP D 213 11.92 -9.78 63.06
N ILE D 214 12.56 -9.38 61.96
CA ILE D 214 13.97 -9.63 61.75
C ILE D 214 14.63 -8.28 61.62
N THR D 215 15.63 -7.99 62.45
CA THR D 215 16.34 -6.71 62.33
C THR D 215 17.84 -6.92 62.13
N ILE D 216 18.42 -6.22 61.14
CA ILE D 216 19.84 -6.22 60.89
C ILE D 216 20.39 -4.97 61.55
N PHE D 217 21.35 -5.13 62.43
CA PHE D 217 21.94 -3.98 63.06
C PHE D 217 23.30 -3.75 62.40
N GLU D 218 23.49 -2.59 61.83
CA GLU D 218 24.71 -2.38 61.09
C GLU D 218 25.51 -1.21 61.68
N LYS D 219 26.83 -1.32 61.75
CA LYS D 219 27.57 -0.30 62.46
C LYS D 219 27.75 0.96 61.63
N GLN D 220 27.77 0.82 60.32
CA GLN D 220 28.06 1.98 59.47
C GLN D 220 26.75 2.59 59.06
N GLU D 221 26.82 3.70 58.32
CA GLU D 221 25.59 4.26 57.83
C GLU D 221 25.28 3.78 56.43
N TYR D 222 26.15 3.00 55.80
CA TYR D 222 25.92 2.41 54.49
C TYR D 222 25.68 0.91 54.69
N VAL D 223 24.88 0.28 53.86
CA VAL D 223 24.68 -1.16 54.00
C VAL D 223 25.41 -1.84 52.85
N GLY D 224 25.54 -3.15 52.94
CA GLY D 224 26.24 -3.92 51.94
C GLY D 224 27.60 -4.49 52.33
N GLY D 225 28.13 -4.12 53.49
CA GLY D 225 29.47 -4.62 53.80
C GLY D 225 30.50 -4.33 52.73
N LEU D 226 31.45 -5.28 52.56
CA LEU D 226 32.61 -5.00 51.69
C LEU D 226 32.20 -4.75 50.25
N SER D 227 31.15 -5.44 49.73
CA SER D 227 30.51 -5.16 48.42
C SER D 227 30.33 -3.69 48.22
N THR D 228 29.96 -2.97 49.28
CA THR D 228 29.85 -1.49 49.20
C THR D 228 31.17 -0.80 49.51
N SER D 229 31.77 -1.13 50.65
CA SER D 229 32.87 -0.29 51.14
C SER D 229 34.23 -0.58 50.50
N GLU D 230 34.43 -1.78 49.80
CA GLU D 230 35.80 -2.00 49.30
C GLU D 230 35.88 -2.46 47.87
N ILE D 231 35.01 -3.36 47.45
CA ILE D 231 35.05 -3.79 46.03
C ILE D 231 34.81 -2.58 45.12
N PRO D 232 35.66 -2.36 44.14
CA PRO D 232 35.59 -1.15 43.36
C PRO D 232 34.37 -1.08 42.47
N GLN D 233 33.89 0.17 42.30
CA GLN D 233 32.79 0.47 41.43
C GLN D 233 32.99 -0.08 40.02
N PHE D 234 34.24 -0.08 39.53
CA PHE D 234 34.44 -0.57 38.17
C PHE D 234 34.36 -2.10 38.03
N ARG D 235 34.20 -2.86 39.09
CA ARG D 235 33.87 -4.29 39.04
C ARG D 235 32.46 -4.63 39.54
N LEU D 236 31.99 -3.92 40.57
CA LEU D 236 30.66 -4.07 41.17
C LEU D 236 30.00 -2.71 41.36
N PRO D 237 29.12 -2.27 40.48
CA PRO D 237 28.40 -0.98 40.71
C PRO D 237 27.56 -0.99 41.97
N TYR D 238 27.57 0.14 42.71
CA TYR D 238 26.77 0.24 43.94
C TYR D 238 25.27 -0.04 43.71
N ASP D 239 24.69 0.48 42.61
CA ASP D 239 23.27 0.23 42.28
C ASP D 239 22.91 -1.23 42.41
N VAL D 240 23.84 -2.13 42.08
CA VAL D 240 23.60 -3.57 42.15
C VAL D 240 23.33 -3.98 43.59
N VAL D 241 24.19 -3.53 44.49
CA VAL D 241 24.01 -3.77 45.92
C VAL D 241 22.67 -3.23 46.36
N ASN D 242 22.38 -2.01 46.01
CA ASN D 242 21.15 -1.43 46.53
C ASN D 242 19.91 -2.21 45.99
N PHE D 243 19.96 -2.66 44.74
CA PHE D 243 18.89 -3.53 44.25
C PHE D 243 18.66 -4.74 45.13
N GLU D 244 19.70 -5.44 45.54
CA GLU D 244 19.56 -6.72 46.26
C GLU D 244 19.08 -6.49 47.67
N ILE D 245 19.51 -5.39 48.25
CA ILE D 245 19.01 -5.05 49.55
C ILE D 245 17.50 -4.72 49.52
N GLU D 246 17.08 -3.97 48.50
CA GLU D 246 15.65 -3.67 48.34
C GLU D 246 14.85 -4.95 48.09
N LEU D 247 15.38 -5.91 47.30
CA LEU D 247 14.70 -7.19 47.19
C LEU D 247 14.48 -7.81 48.55
N MET D 248 15.52 -7.73 49.44
CA MET D 248 15.38 -8.25 50.79
C MET D 248 14.32 -7.48 51.60
N LYS D 249 14.37 -6.14 51.58
CA LYS D 249 13.36 -5.38 52.38
C LYS D 249 11.94 -5.59 51.90
N ASP D 250 11.75 -5.99 50.65
CA ASP D 250 10.42 -6.38 50.18
C ASP D 250 9.82 -7.42 51.11
N LEU D 251 10.63 -8.27 51.72
CA LEU D 251 10.00 -9.22 52.63
C LEU D 251 9.94 -8.71 54.06
N GLY D 252 10.14 -7.43 54.30
CA GLY D 252 9.85 -6.95 55.63
C GLY D 252 11.04 -6.90 56.59
N VAL D 253 12.25 -7.35 56.14
CA VAL D 253 13.46 -7.23 56.96
C VAL D 253 13.77 -5.76 57.22
N LYS D 254 14.04 -5.42 58.44
CA LYS D 254 14.42 -4.08 58.85
C LYS D 254 15.93 -3.97 59.03
N ILE D 255 16.49 -2.80 58.70
CA ILE D 255 17.89 -2.52 58.85
C ILE D 255 18.00 -1.29 59.70
N ILE D 256 18.90 -1.33 60.66
CA ILE D 256 19.10 -0.19 61.50
C ILE D 256 20.59 0.10 61.50
N CYS D 257 20.94 1.22 60.94
CA CYS D 257 22.32 1.58 60.84
C CYS D 257 22.73 2.44 62.01
N GLY D 258 24.03 2.56 62.15
CA GLY D 258 24.70 3.30 63.22
C GLY D 258 24.58 2.63 64.57
N LYS D 259 24.69 1.33 64.62
CA LYS D 259 24.49 0.64 65.86
C LYS D 259 25.51 -0.47 65.83
N SER D 260 26.38 -0.53 66.81
CA SER D 260 27.47 -1.50 66.77
C SER D 260 27.24 -2.65 67.71
N LEU D 261 27.70 -3.84 67.32
CA LEU D 261 27.88 -4.92 68.28
C LEU D 261 29.11 -4.56 69.09
N SER D 262 28.95 -4.19 70.37
CA SER D 262 30.15 -3.73 71.05
C SER D 262 29.82 -3.43 72.51
N GLU D 263 30.80 -3.52 73.40
CA GLU D 263 30.57 -3.25 74.82
C GLU D 263 30.05 -1.85 75.06
N ASN D 264 29.09 -1.71 75.89
CA ASN D 264 28.43 -0.39 75.99
C ASN D 264 27.70 0.10 74.69
N GLU D 265 27.42 -0.80 73.72
CA GLU D 265 26.63 -0.59 72.49
C GLU D 265 25.77 -1.85 72.53
N ILE D 266 25.61 -2.58 71.50
CA ILE D 266 24.85 -3.85 71.56
C ILE D 266 25.73 -5.02 72.01
N THR D 267 25.28 -5.85 72.95
CA THR D 267 25.99 -7.12 73.22
C THR D 267 25.04 -8.30 73.19
N LEU D 268 25.61 -9.51 73.21
CA LEU D 268 24.65 -10.62 73.24
C LEU D 268 23.85 -10.56 74.55
N ASN D 269 24.46 -10.07 75.59
CA ASN D 269 23.73 -9.98 76.84
C ASN D 269 22.53 -8.97 76.76
N THR D 270 22.74 -7.75 76.21
CA THR D 270 21.63 -6.82 76.00
C THR D 270 20.57 -7.40 75.10
N LEU D 271 20.98 -8.10 74.01
CA LEU D 271 19.98 -8.71 73.11
C LEU D 271 19.11 -9.73 73.90
N LYS D 272 19.76 -10.58 74.69
CA LYS D 272 19.04 -11.58 75.45
C LYS D 272 18.04 -10.89 76.39
N GLU D 273 18.54 -9.94 77.17
CA GLU D 273 17.77 -9.18 78.14
C GLU D 273 16.57 -8.48 77.50
N GLU D 274 16.64 -8.21 76.21
CA GLU D 274 15.56 -7.58 75.49
C GLU D 274 14.61 -8.56 74.81
N GLY D 275 14.82 -9.85 74.97
CA GLY D 275 13.84 -10.81 74.44
C GLY D 275 14.12 -11.30 73.04
N TYR D 276 15.31 -11.00 72.47
CA TYR D 276 15.65 -11.55 71.15
C TYR D 276 15.85 -13.05 71.22
N LYS D 277 15.26 -13.80 70.32
CA LYS D 277 15.31 -15.24 70.50
C LYS D 277 16.50 -15.90 69.80
N ALA D 278 17.08 -15.26 68.80
CA ALA D 278 18.25 -15.87 68.15
C ALA D 278 19.05 -14.71 67.59
N ALA D 279 20.37 -14.90 67.43
CA ALA D 279 21.22 -13.86 66.85
C ALA D 279 22.19 -14.47 65.82
N PHE D 280 22.44 -13.72 64.76
CA PHE D 280 23.41 -14.14 63.76
C PHE D 280 24.51 -13.08 63.72
N ILE D 281 25.76 -13.53 63.92
CA ILE D 281 26.90 -12.62 63.94
C ILE D 281 27.45 -12.65 62.52
N GLY D 282 27.35 -11.51 61.79
CA GLY D 282 27.89 -11.34 60.43
C GLY D 282 28.75 -10.12 60.29
N ILE D 283 29.53 -9.84 61.33
CA ILE D 283 30.32 -8.62 61.29
C ILE D 283 31.58 -8.69 60.45
N GLY D 284 31.88 -9.80 59.79
CA GLY D 284 33.12 -9.77 58.96
C GLY D 284 34.38 -9.66 59.80
N LEU D 285 35.49 -9.20 59.18
CA LEU D 285 36.76 -8.98 59.85
C LEU D 285 36.98 -7.49 59.77
N PRO D 286 36.79 -6.74 60.81
CA PRO D 286 36.61 -5.32 60.60
C PRO D 286 37.92 -4.54 60.67
N GLU D 287 39.02 -5.11 61.09
CA GLU D 287 40.21 -4.32 61.18
C GLU D 287 41.27 -4.76 60.20
N PRO D 288 42.19 -3.86 59.88
CA PRO D 288 43.27 -4.25 59.00
C PRO D 288 44.34 -4.95 59.78
N LYS D 289 44.99 -5.91 59.10
CA LYS D 289 46.21 -6.58 59.51
C LYS D 289 47.31 -5.53 59.46
N THR D 290 48.03 -5.34 60.56
CA THR D 290 49.03 -4.27 60.65
C THR D 290 50.41 -4.88 60.89
N ASP D 291 51.44 -4.05 60.66
CA ASP D 291 52.80 -4.54 60.86
C ASP D 291 53.58 -3.47 61.56
N ASP D 292 54.28 -3.85 62.62
CA ASP D 292 55.00 -2.87 63.43
C ASP D 292 55.89 -1.91 62.60
N ILE D 293 56.35 -2.31 61.42
CA ILE D 293 57.27 -1.40 60.75
C ILE D 293 56.56 -0.19 60.20
N PHE D 294 55.24 -0.23 60.01
CA PHE D 294 54.49 0.97 59.63
C PHE D 294 54.00 1.81 60.82
N GLN D 295 54.35 1.47 62.04
CA GLN D 295 53.87 2.19 63.21
C GLN D 295 53.99 3.72 63.09
N GLY D 296 52.86 4.40 63.38
CA GLY D 296 52.82 5.87 63.31
C GLY D 296 52.98 6.53 61.94
N LEU D 297 52.73 5.83 60.84
CA LEU D 297 52.76 6.55 59.59
C LEU D 297 51.33 7.03 59.28
N THR D 298 51.16 8.27 58.81
CA THR D 298 49.84 8.83 58.54
C THR D 298 49.57 8.89 57.04
N GLN D 299 48.29 9.01 56.71
CA GLN D 299 47.90 9.30 55.35
C GLN D 299 48.62 10.49 54.81
N ASP D 300 48.80 11.52 55.62
CA ASP D 300 49.43 12.71 55.08
C ASP D 300 50.89 12.43 54.66
N GLN D 301 51.54 11.49 55.33
CA GLN D 301 52.88 11.14 54.89
C GLN D 301 52.85 10.17 53.74
N GLY D 302 51.70 9.64 53.34
CA GLY D 302 51.68 8.72 52.24
C GLY D 302 51.31 7.31 52.58
N PHE D 303 50.99 6.96 53.85
CA PHE D 303 50.72 5.59 54.21
C PHE D 303 49.25 5.30 54.42
N TYR D 304 48.79 4.17 53.87
CA TYR D 304 47.40 3.73 54.07
C TYR D 304 47.33 2.25 54.31
N THR D 305 46.36 1.85 55.09
CA THR D 305 46.04 0.44 54.92
C THR D 305 44.92 0.27 53.87
N SER D 306 44.76 -0.96 53.38
CA SER D 306 43.61 -1.28 52.50
C SER D 306 42.32 -0.77 53.11
N LYS D 307 42.19 -0.92 54.42
CA LYS D 307 40.95 -0.52 55.10
C LYS D 307 40.77 0.98 55.14
N ASP D 308 41.88 1.78 55.05
CA ASP D 308 41.83 3.24 54.88
C ASP D 308 41.53 3.67 53.43
N PHE D 309 42.24 3.05 52.50
CA PHE D 309 42.20 3.50 51.13
C PHE D 309 40.96 3.05 50.36
N LEU D 310 40.70 1.76 50.25
CA LEU D 310 39.57 1.37 49.46
C LEU D 310 38.23 2.05 49.89
N PRO D 311 37.92 2.25 51.18
CA PRO D 311 36.66 2.95 51.47
C PRO D 311 36.69 4.43 51.09
N LEU D 312 37.87 5.11 51.03
CA LEU D 312 37.86 6.49 50.50
C LEU D 312 37.52 6.52 49.02
N VAL D 313 38.14 5.62 48.24
CA VAL D 313 37.78 5.55 46.82
C VAL D 313 36.29 5.20 46.65
N ALA D 314 35.78 4.22 47.38
CA ALA D 314 34.39 3.80 47.22
C ALA D 314 33.42 4.91 47.53
N LYS D 315 33.65 5.64 48.63
CA LYS D 315 32.72 6.71 49.00
C LYS D 315 32.81 7.84 48.02
N SER D 316 33.90 7.87 47.29
CA SER D 316 34.02 8.92 46.28
C SER D 316 33.45 8.53 44.93
N SER D 317 33.33 7.26 44.63
CA SER D 317 32.88 6.84 43.30
C SER D 317 31.54 6.20 43.27
N LYS D 318 30.92 5.95 44.42
CA LYS D 318 29.63 5.24 44.52
C LYS D 318 28.55 6.20 44.99
N ALA D 319 27.88 6.82 44.01
CA ALA D 319 26.79 7.70 44.35
C ALA D 319 25.74 6.97 45.20
N GLY D 320 25.28 7.57 46.27
CA GLY D 320 24.34 6.88 47.15
C GLY D 320 24.97 6.22 48.36
N MET D 321 26.23 5.84 48.31
CA MET D 321 26.74 5.06 49.44
C MET D 321 26.72 5.90 50.71
N CYS D 322 27.19 7.12 50.61
CA CYS D 322 27.46 7.90 51.81
C CYS D 322 26.74 9.25 51.69
N ALA D 323 26.36 9.84 52.83
CA ALA D 323 25.68 11.13 52.75
C ALA D 323 26.63 12.33 52.53
N CYS D 324 27.90 12.15 52.68
CA CYS D 324 28.80 13.18 52.21
C CYS D 324 29.39 12.74 50.87
N HIS D 325 29.43 13.69 49.92
CA HIS D 325 30.16 13.52 48.66
C HIS D 325 31.60 13.84 48.91
N SER D 326 32.49 13.20 48.16
CA SER D 326 33.89 13.57 48.31
C SER D 326 34.59 13.41 46.99
N PRO D 327 35.64 14.17 46.74
CA PRO D 327 36.61 13.86 45.65
C PRO D 327 37.51 12.64 45.89
N LEU D 328 38.27 12.26 44.84
CA LEU D 328 39.10 11.06 44.92
C LEU D 328 40.32 11.37 45.79
N PRO D 329 40.84 10.40 46.56
CA PRO D 329 42.22 10.56 47.10
C PRO D 329 43.17 11.07 46.03
N SER D 330 43.97 12.11 46.33
CA SER D 330 44.79 12.54 45.22
C SER D 330 46.09 11.81 45.40
N ILE D 331 46.18 10.62 44.81
CA ILE D 331 47.40 9.83 44.82
C ILE D 331 48.28 10.30 43.65
N ARG D 332 49.50 10.72 43.95
CA ARG D 332 50.34 11.21 42.86
C ARG D 332 51.68 10.54 42.97
N GLY D 333 52.32 10.24 41.86
CA GLY D 333 53.67 9.71 42.04
C GLY D 333 53.63 8.19 41.99
N ALA D 334 54.66 7.56 42.49
CA ALA D 334 54.76 6.10 42.50
C ALA D 334 54.10 5.45 43.75
N VAL D 335 53.40 4.36 43.50
CA VAL D 335 52.60 3.68 44.51
C VAL D 335 53.12 2.27 44.72
N ILE D 336 53.41 1.96 45.97
CA ILE D 336 53.75 0.62 46.37
C ILE D 336 52.54 0.03 47.06
N VAL D 337 52.00 -1.08 46.52
CA VAL D 337 50.98 -1.93 47.16
C VAL D 337 51.64 -3.20 47.73
N LEU D 338 51.43 -3.49 49.04
CA LEU D 338 52.06 -4.63 49.68
C LEU D 338 51.07 -5.77 49.77
N GLY D 339 51.36 -6.88 49.12
CA GLY D 339 50.54 -8.05 49.30
C GLY D 339 50.04 -8.56 47.98
N ALA D 340 49.28 -9.68 48.04
CA ALA D 340 48.97 -10.43 46.83
C ALA D 340 47.62 -11.14 46.85
N GLY D 341 46.72 -10.79 47.75
CA GLY D 341 45.35 -11.27 47.68
C GLY D 341 44.44 -10.36 46.83
N ASP D 342 43.13 -10.62 46.89
CA ASP D 342 42.15 -9.76 46.22
C ASP D 342 42.41 -8.32 46.57
N THR D 343 42.70 -8.06 47.87
CA THR D 343 42.73 -6.66 48.28
C THR D 343 43.84 -5.92 47.56
N ALA D 344 44.96 -6.56 47.38
CA ALA D 344 46.08 -5.84 46.77
C ALA D 344 45.80 -5.47 45.31
N PHE D 345 45.12 -6.34 44.53
CA PHE D 345 44.93 -5.98 43.12
C PHE D 345 43.89 -4.86 42.95
N ASP D 346 42.93 -4.74 43.88
CA ASP D 346 41.96 -3.64 43.88
C ASP D 346 42.55 -2.32 44.42
N CYS D 347 43.45 -2.37 45.40
CA CYS D 347 44.21 -1.18 45.76
C CYS D 347 45.03 -0.69 44.59
N ALA D 348 45.62 -1.61 43.83
CA ALA D 348 46.47 -1.21 42.71
C ALA D 348 45.65 -0.60 41.53
N THR D 349 44.67 -1.30 40.97
CA THR D 349 43.84 -0.64 39.94
C THR D 349 43.15 0.62 40.50
N SER D 350 42.71 0.57 41.76
CA SER D 350 42.02 1.76 42.25
C SER D 350 42.98 2.93 42.33
N ALA D 351 44.25 2.67 42.58
CA ALA D 351 45.21 3.79 42.68
C ALA D 351 45.36 4.53 41.35
N LEU D 352 45.31 3.83 40.21
CA LEU D 352 45.35 4.44 38.90
C LEU D 352 44.19 5.39 38.71
N ARG D 353 43.02 5.06 39.28
CA ARG D 353 41.96 6.02 39.12
C ARG D 353 42.16 7.28 39.97
N CYS D 354 42.96 7.18 41.02
CA CYS D 354 43.22 8.37 41.80
C CYS D 354 44.42 9.17 41.22
N GLY D 355 44.92 8.79 40.03
CA GLY D 355 45.99 9.52 39.39
C GLY D 355 47.40 9.04 39.59
N ALA D 356 47.61 7.86 40.16
CA ALA D 356 48.98 7.37 40.36
C ALA D 356 49.72 7.29 39.04
N ARG D 357 50.98 7.66 39.08
CA ARG D 357 51.85 7.57 37.93
C ARG D 357 52.23 6.13 37.63
N ARG D 358 52.57 5.35 38.64
CA ARG D 358 52.97 3.98 38.38
C ARG D 358 52.64 3.17 39.65
N VAL D 359 52.24 1.93 39.50
CA VAL D 359 51.90 1.14 40.69
C VAL D 359 52.80 -0.09 40.74
N PHE D 360 53.39 -0.37 41.88
CA PHE D 360 54.10 -1.61 42.06
C PHE D 360 53.41 -2.51 43.04
N LEU D 361 53.20 -3.74 42.64
CA LEU D 361 52.70 -4.75 43.56
C LEU D 361 53.89 -5.55 44.10
N VAL D 362 54.09 -5.56 45.42
CA VAL D 362 55.23 -6.25 46.01
C VAL D 362 54.78 -7.38 46.94
N PHE D 363 55.26 -8.59 46.65
CA PHE D 363 54.84 -9.76 47.42
C PHE D 363 56.05 -10.30 48.15
N ARG D 364 55.76 -10.92 49.25
CA ARG D 364 56.83 -11.55 49.97
C ARG D 364 57.16 -12.92 49.41
N LYS D 365 56.28 -13.56 48.62
CA LYS D 365 56.54 -14.87 48.02
C LYS D 365 56.73 -14.70 46.52
N GLY D 366 56.67 -15.83 45.76
CA GLY D 366 56.82 -15.79 44.32
C GLY D 366 55.53 -15.48 43.54
N PHE D 367 55.73 -15.22 42.26
CA PHE D 367 54.63 -15.05 41.33
C PHE D 367 53.67 -16.22 41.40
N VAL D 368 54.23 -17.43 41.37
CA VAL D 368 53.50 -18.68 41.52
C VAL D 368 52.57 -18.74 42.76
N ASN D 369 52.91 -18.04 43.86
CA ASN D 369 52.16 -18.08 45.13
C ASN D 369 51.10 -17.01 45.22
N ILE D 370 50.84 -16.24 44.17
CA ILE D 370 49.77 -15.23 44.28
C ILE D 370 48.46 -15.85 44.79
N ARG D 371 47.70 -15.14 45.67
CA ARG D 371 46.54 -15.76 46.31
C ARG D 371 45.32 -15.65 45.42
N ALA D 372 45.19 -14.49 44.77
CA ALA D 372 44.02 -14.19 43.95
C ALA D 372 43.97 -15.06 42.70
N VAL D 373 42.75 -15.14 42.17
CA VAL D 373 42.50 -15.95 40.98
C VAL D 373 43.10 -15.21 39.77
N PRO D 374 43.64 -15.92 38.79
CA PRO D 374 44.25 -15.24 37.64
C PRO D 374 43.33 -14.23 36.94
N GLU D 375 42.00 -14.37 37.00
CA GLU D 375 41.18 -13.37 36.33
C GLU D 375 41.31 -12.04 37.04
N GLU D 376 41.55 -12.10 38.33
CA GLU D 376 41.70 -10.83 39.01
C GLU D 376 43.13 -10.26 38.83
N VAL D 377 44.16 -11.13 38.85
CA VAL D 377 45.52 -10.73 38.46
C VAL D 377 45.51 -9.98 37.14
N GLU D 378 44.76 -10.53 36.18
CA GLU D 378 44.85 -10.01 34.83
C GLU D 378 44.44 -8.57 34.77
N LEU D 379 43.40 -8.20 35.51
CA LEU D 379 43.02 -6.78 35.54
C LEU D 379 44.21 -5.88 35.86
N ALA D 380 44.98 -6.24 36.89
CA ALA D 380 46.19 -5.48 37.21
C ALA D 380 47.21 -5.49 36.09
N LYS D 381 47.47 -6.66 35.53
CA LYS D 381 48.52 -6.78 34.54
C LYS D 381 48.19 -6.01 33.25
N GLU D 382 46.93 -6.07 32.78
CA GLU D 382 46.60 -5.39 31.54
C GLU D 382 46.59 -3.89 31.73
N GLU D 383 46.47 -3.42 32.99
CA GLU D 383 46.69 -2.02 33.36
C GLU D 383 48.20 -1.64 33.62
N LYS D 384 49.14 -2.55 33.31
CA LYS D 384 50.58 -2.33 33.39
C LYS D 384 51.15 -2.03 34.80
N CYS D 385 50.51 -2.47 35.87
CA CYS D 385 51.18 -2.65 37.15
C CYS D 385 52.44 -3.52 37.03
N GLU D 386 53.46 -3.14 37.77
CA GLU D 386 54.66 -3.94 37.84
C GLU D 386 54.53 -4.93 39.00
N PHE D 387 55.12 -6.13 38.87
CA PHE D 387 55.04 -7.09 39.95
C PHE D 387 56.44 -7.27 40.50
N LEU D 388 56.64 -7.18 41.83
CA LEU D 388 58.00 -7.51 42.35
C LEU D 388 57.90 -8.70 43.31
N PRO D 389 58.32 -9.92 42.94
CA PRO D 389 58.27 -11.03 43.90
C PRO D 389 59.44 -11.10 44.88
N PHE D 390 59.25 -11.92 45.90
CA PHE D 390 60.30 -12.33 46.80
C PHE D 390 60.91 -11.16 47.54
N LEU D 391 60.06 -10.36 48.15
CA LEU D 391 60.45 -9.15 48.86
C LEU D 391 59.56 -8.95 50.07
N SER D 392 60.21 -8.74 51.19
CA SER D 392 59.61 -8.50 52.43
C SER D 392 60.03 -7.13 52.95
N PRO D 393 59.08 -6.30 53.40
CA PRO D 393 59.42 -4.93 53.81
C PRO D 393 60.18 -4.89 55.14
N ARG D 394 61.14 -3.94 55.23
CA ARG D 394 61.89 -3.73 56.48
C ARG D 394 61.86 -2.33 57.04
N LYS D 395 61.83 -1.28 56.24
CA LYS D 395 61.87 0.09 56.74
C LYS D 395 61.13 0.95 55.76
N VAL D 396 60.37 1.93 56.25
CA VAL D 396 59.81 2.97 55.40
C VAL D 396 60.70 4.14 55.67
N ILE D 397 61.20 4.79 54.59
CA ILE D 397 62.09 5.97 54.69
C ILE D 397 61.21 7.19 54.53
N VAL D 398 61.19 8.06 55.53
CA VAL D 398 60.43 9.29 55.56
C VAL D 398 61.39 10.48 55.56
N LYS D 399 61.20 11.42 54.64
CA LYS D 399 62.03 12.63 54.65
C LYS D 399 61.16 13.88 54.51
N GLY D 400 61.45 14.91 55.28
CA GLY D 400 60.64 16.11 55.29
C GLY D 400 59.16 15.84 55.38
N GLY D 401 58.74 14.90 56.26
CA GLY D 401 57.35 14.60 56.53
C GLY D 401 56.64 13.79 55.47
N ARG D 402 57.37 13.13 54.56
CA ARG D 402 56.72 12.30 53.52
C ARG D 402 57.49 11.02 53.25
N ILE D 403 56.77 9.94 52.96
CA ILE D 403 57.50 8.74 52.52
C ILE D 403 58.26 9.08 51.26
N VAL D 404 59.55 8.69 51.21
CA VAL D 404 60.30 8.70 49.94
C VAL D 404 60.74 7.34 49.43
N ALA D 405 60.56 6.26 50.19
CA ALA D 405 61.10 4.99 49.73
C ALA D 405 60.80 3.92 50.75
N VAL D 406 60.84 2.67 50.31
CA VAL D 406 60.71 1.56 51.22
C VAL D 406 61.88 0.63 51.03
N GLN D 407 62.46 0.14 52.12
CA GLN D 407 63.57 -0.82 52.03
C GLN D 407 63.06 -2.23 52.32
N PHE D 408 63.39 -3.18 51.44
CA PHE D 408 62.97 -4.58 51.54
C PHE D 408 64.19 -5.48 51.70
N VAL D 409 63.99 -6.69 52.22
CA VAL D 409 64.95 -7.79 52.11
C VAL D 409 64.35 -8.90 51.22
N ARG D 410 65.23 -9.66 50.61
CA ARG D 410 64.83 -10.71 49.72
C ARG D 410 64.42 -11.93 50.52
N THR D 411 63.46 -12.68 49.98
CA THR D 411 62.98 -13.88 50.61
C THR D 411 63.20 -15.08 49.70
N GLU D 412 63.09 -16.26 50.28
CA GLU D 412 63.63 -17.44 49.63
C GLU D 412 63.09 -18.69 50.30
N GLN D 413 62.86 -19.76 49.53
CA GLN D 413 62.43 -21.02 50.15
C GLN D 413 63.55 -22.07 50.17
N ASP D 414 63.88 -22.60 51.38
CA ASP D 414 64.78 -23.80 51.52
C ASP D 414 64.05 -25.05 50.99
N GLU D 415 64.43 -26.30 51.30
CA GLU D 415 63.48 -27.30 50.77
C GLU D 415 62.76 -28.08 51.84
N THR D 416 63.32 -28.15 53.04
CA THR D 416 62.56 -27.93 54.28
C THR D 416 61.21 -27.26 54.10
N GLY D 417 61.17 -26.37 53.05
CA GLY D 417 60.06 -25.70 52.41
C GLY D 417 59.60 -24.41 53.05
N LYS D 418 60.37 -23.85 53.98
CA LYS D 418 59.88 -22.72 54.76
C LYS D 418 60.56 -21.45 54.24
N TRP D 419 59.96 -20.31 54.57
CA TRP D 419 60.42 -19.05 54.02
C TRP D 419 61.33 -18.29 54.98
N ASN D 420 62.46 -17.82 54.42
CA ASN D 420 63.61 -17.16 55.01
C ASN D 420 63.73 -15.73 54.53
N GLU D 421 64.35 -14.88 55.32
CA GLU D 421 64.61 -13.55 54.83
C GLU D 421 66.11 -13.40 54.81
N ASP D 422 66.65 -12.86 53.73
CA ASP D 422 68.11 -12.73 53.52
C ASP D 422 68.60 -11.32 53.82
N GLU D 423 69.13 -11.16 55.02
CA GLU D 423 69.38 -9.85 55.61
C GLU D 423 70.29 -8.98 54.77
N ASP D 424 71.25 -9.58 54.07
CA ASP D 424 72.29 -8.84 53.33
C ASP D 424 71.96 -8.60 51.85
N GLN D 425 70.75 -8.92 51.41
CA GLN D 425 70.26 -8.78 50.03
C GLN D 425 69.09 -7.80 50.08
N ILE D 426 69.36 -6.51 49.87
CA ILE D 426 68.33 -5.50 50.09
C ILE D 426 67.90 -4.82 48.79
N VAL D 427 66.67 -4.34 48.74
CA VAL D 427 66.14 -3.55 47.64
C VAL D 427 65.66 -2.25 48.25
N HIS D 428 66.00 -1.16 47.59
CA HIS D 428 65.58 0.15 48.02
C HIS D 428 64.62 0.77 46.96
N LEU D 429 63.32 0.55 47.07
CA LEU D 429 62.34 0.94 46.06
C LEU D 429 61.79 2.36 46.35
N LYS D 430 61.97 3.34 45.43
CA LYS D 430 61.46 4.70 45.67
C LYS D 430 59.96 4.73 45.62
N ALA D 431 59.34 5.57 46.44
CA ALA D 431 57.89 5.54 46.34
C ALA D 431 57.27 6.73 47.03
N ASP D 432 56.11 7.13 46.54
CA ASP D 432 55.40 8.26 47.11
C ASP D 432 54.30 7.81 48.06
N VAL D 433 53.66 6.67 47.80
CA VAL D 433 52.52 6.17 48.56
C VAL D 433 52.75 4.67 48.81
N VAL D 434 52.43 4.22 50.05
CA VAL D 434 52.51 2.83 50.45
C VAL D 434 51.13 2.43 50.93
N ILE D 435 50.59 1.35 50.40
CA ILE D 435 49.25 0.86 50.75
C ILE D 435 49.41 -0.56 51.20
N SER D 436 49.18 -0.85 52.50
CA SER D 436 49.34 -2.22 52.93
C SER D 436 48.06 -2.99 52.64
N ALA D 437 48.20 -4.16 52.00
CA ALA D 437 47.04 -4.99 51.74
C ALA D 437 47.28 -6.36 52.32
N PHE D 438 47.56 -6.42 53.59
CA PHE D 438 47.85 -7.70 54.11
C PHE D 438 46.63 -8.50 54.55
N GLY D 439 45.42 -8.02 54.39
CA GLY D 439 44.28 -8.70 54.98
C GLY D 439 43.66 -8.00 56.19
N SER D 440 42.74 -8.73 56.84
CA SER D 440 41.90 -8.14 57.87
C SER D 440 41.83 -9.12 59.04
N VAL D 441 41.43 -8.66 60.23
CA VAL D 441 41.38 -9.46 61.42
C VAL D 441 40.20 -8.99 62.25
N LEU D 442 39.86 -9.73 63.32
CA LEU D 442 39.03 -9.13 64.33
C LEU D 442 39.96 -8.89 65.50
N ARG D 443 40.05 -7.63 65.96
CA ARG D 443 40.90 -7.33 67.13
C ARG D 443 40.29 -6.53 68.25
N ASP D 444 39.38 -5.58 67.96
CA ASP D 444 38.84 -4.67 68.96
C ASP D 444 38.42 -5.39 70.22
N PRO D 445 39.06 -5.17 71.37
CA PRO D 445 38.60 -5.88 72.56
C PRO D 445 37.17 -5.56 72.88
N LYS D 446 36.65 -4.35 72.56
CA LYS D 446 35.28 -4.08 72.99
C LYS D 446 34.31 -4.94 72.19
N VAL D 447 34.70 -5.29 70.99
CA VAL D 447 33.81 -6.06 70.14
C VAL D 447 33.85 -7.50 70.57
N LYS D 448 35.05 -8.00 70.91
CA LYS D 448 35.12 -9.40 71.32
C LYS D 448 34.39 -9.56 72.64
N GLU D 449 34.56 -8.60 73.52
CA GLU D 449 33.91 -8.63 74.83
C GLU D 449 32.41 -8.79 74.69
N ALA D 450 31.87 -8.13 73.68
CA ALA D 450 30.44 -8.14 73.42
C ALA D 450 29.94 -9.49 72.95
N LEU D 451 30.79 -10.40 72.45
CA LEU D 451 30.34 -11.74 72.09
C LEU D 451 30.45 -12.72 73.26
N SER D 452 30.79 -12.25 74.44
CA SER D 452 30.88 -13.21 75.50
C SER D 452 29.49 -13.79 75.84
N PRO D 453 29.44 -15.05 76.28
CA PRO D 453 30.55 -15.95 76.54
C PRO D 453 30.87 -16.94 75.42
N ILE D 454 30.62 -16.68 74.11
CA ILE D 454 30.77 -17.76 73.14
C ILE D 454 32.22 -18.16 73.07
N LYS D 455 32.49 -19.41 72.65
CA LYS D 455 33.86 -19.88 72.57
C LYS D 455 34.54 -19.44 71.27
N PHE D 456 35.81 -19.07 71.41
CA PHE D 456 36.66 -18.65 70.31
C PHE D 456 37.72 -19.69 70.04
N ASN D 457 38.10 -19.85 68.78
CA ASN D 457 39.05 -20.93 68.55
C ASN D 457 40.49 -20.38 68.56
N ARG D 458 41.43 -21.25 68.14
CA ARG D 458 42.87 -20.98 68.00
C ARG D 458 43.18 -19.76 67.15
N TRP D 459 42.50 -19.64 65.94
CA TRP D 459 42.58 -18.56 64.94
C TRP D 459 42.04 -17.26 65.45
N ASP D 460 41.71 -17.26 66.74
CA ASP D 460 41.00 -16.22 67.46
C ASP D 460 39.65 -15.82 66.83
N LEU D 461 38.89 -16.79 66.27
CA LEU D 461 37.58 -16.47 65.72
C LEU D 461 36.49 -17.21 66.48
N PRO D 462 35.25 -16.74 66.40
CA PRO D 462 34.15 -17.45 67.04
C PRO D 462 34.11 -18.79 66.38
N GLU D 463 34.07 -19.85 67.21
CA GLU D 463 33.98 -21.24 66.79
C GLU D 463 32.54 -21.53 66.45
N VAL D 464 32.24 -22.05 65.24
CA VAL D 464 30.92 -22.62 64.97
C VAL D 464 31.03 -24.10 64.58
N ASP D 465 29.94 -24.84 64.79
CA ASP D 465 29.78 -26.12 64.08
C ASP D 465 29.64 -25.91 62.56
N PRO D 466 30.46 -26.53 61.72
CA PRO D 466 30.49 -26.15 60.27
C PRO D 466 29.27 -26.56 59.55
N GLU D 467 28.51 -27.43 60.13
CA GLU D 467 27.30 -27.83 59.47
C GLU D 467 26.10 -26.94 59.85
N THR D 468 25.96 -26.56 61.10
CA THR D 468 24.78 -25.84 61.54
C THR D 468 25.04 -24.38 61.73
N MET D 469 26.34 -23.94 61.72
CA MET D 469 26.70 -22.53 61.91
C MET D 469 26.41 -22.03 63.32
N GLN D 470 26.27 -22.98 64.25
CA GLN D 470 25.90 -22.65 65.63
C GLN D 470 27.16 -22.50 66.49
N THR D 471 27.25 -21.40 67.26
CA THR D 471 28.32 -21.21 68.20
C THR D 471 28.04 -22.07 69.43
N SER D 472 28.89 -21.90 70.43
CA SER D 472 28.73 -22.60 71.69
C SER D 472 27.53 -22.11 72.50
N GLU D 473 27.02 -20.96 72.22
CA GLU D 473 25.71 -20.62 72.76
C GLU D 473 24.63 -21.02 71.79
N PRO D 474 23.59 -21.75 72.20
CA PRO D 474 22.63 -22.28 71.19
C PRO D 474 21.85 -21.23 70.45
N TRP D 475 21.49 -20.12 71.02
CA TRP D 475 20.71 -19.13 70.30
C TRP D 475 21.58 -18.24 69.40
N VAL D 476 22.90 -18.41 69.42
CA VAL D 476 23.81 -17.57 68.66
C VAL D 476 24.50 -18.35 67.54
N PHE D 477 24.42 -17.85 66.35
CA PHE D 477 24.95 -18.40 65.13
C PHE D 477 25.91 -17.38 64.50
N ALA D 478 26.71 -17.83 63.51
CA ALA D 478 27.66 -16.94 62.90
C ALA D 478 28.06 -17.44 61.50
N GLY D 479 28.49 -16.52 60.62
CA GLY D 479 28.75 -16.94 59.23
C GLY D 479 29.53 -15.88 58.50
N GLY D 480 30.17 -16.30 57.41
CA GLY D 480 30.91 -15.32 56.60
C GLY D 480 32.34 -15.14 57.04
N ASP D 481 32.89 -13.96 56.77
CA ASP D 481 34.29 -13.73 57.02
C ASP D 481 34.68 -13.99 58.48
N ILE D 482 33.78 -13.64 59.44
CA ILE D 482 34.08 -13.68 60.88
C ILE D 482 34.34 -15.13 61.31
N VAL D 483 33.82 -16.10 60.55
CA VAL D 483 34.02 -17.50 60.90
C VAL D 483 35.31 -18.05 60.29
N GLY D 484 35.85 -17.40 59.27
CA GLY D 484 37.18 -17.73 58.78
C GLY D 484 37.28 -18.89 57.83
N MET D 485 36.19 -19.33 57.24
CA MET D 485 36.25 -20.39 56.27
C MET D 485 36.05 -19.85 54.83
N ALA D 486 35.05 -19.00 54.66
CA ALA D 486 34.86 -18.27 53.39
C ALA D 486 35.96 -17.20 53.12
N ASN D 487 36.39 -17.04 51.90
CA ASN D 487 36.82 -15.65 51.60
C ASN D 487 36.26 -15.30 50.22
N THR D 488 34.98 -15.61 50.00
CA THR D 488 34.33 -15.10 48.81
C THR D 488 32.90 -14.76 49.16
N THR D 489 32.32 -13.90 48.34
CA THR D 489 30.96 -13.47 48.59
C THR D 489 29.95 -14.64 48.63
N VAL D 490 30.05 -15.55 47.63
CA VAL D 490 29.07 -16.64 47.50
C VAL D 490 29.14 -17.57 48.73
N GLU D 491 30.37 -17.89 49.22
CA GLU D 491 30.51 -18.63 50.47
C GLU D 491 29.97 -17.86 51.69
N SER D 492 30.22 -16.55 51.81
CA SER D 492 29.51 -15.84 52.85
C SER D 492 28.01 -15.97 52.69
N VAL D 493 27.49 -15.87 51.45
CA VAL D 493 26.08 -16.00 51.22
C VAL D 493 25.62 -17.38 51.64
N ASN D 494 26.37 -18.40 51.24
CA ASN D 494 26.02 -19.73 51.64
C ASN D 494 26.05 -19.92 53.18
N ASP D 495 27.04 -19.30 53.90
CA ASP D 495 26.99 -19.40 55.38
C ASP D 495 25.67 -18.91 55.95
N GLY D 496 25.19 -17.77 55.42
CA GLY D 496 23.90 -17.24 55.86
C GLY D 496 22.75 -18.19 55.57
N LYS D 497 22.65 -18.63 54.34
CA LYS D 497 21.67 -19.66 53.95
C LYS D 497 21.70 -20.86 54.87
N GLN D 498 22.88 -21.43 55.12
CA GLN D 498 22.98 -22.64 55.95
C GLN D 498 22.52 -22.32 57.35
N ALA D 499 22.94 -21.19 57.90
CA ALA D 499 22.54 -20.87 59.25
C ALA D 499 21.03 -20.69 59.34
N SER D 500 20.44 -20.11 58.31
CA SER D 500 19.05 -19.78 58.47
C SER D 500 18.24 -21.03 58.73
N TRP D 501 18.57 -22.14 58.07
CA TRP D 501 17.77 -23.32 58.38
C TRP D 501 17.95 -23.72 59.86
N TYR D 502 19.13 -23.63 60.39
CA TYR D 502 19.26 -24.12 61.73
C TYR D 502 18.76 -23.14 62.75
N ILE D 503 18.73 -21.85 62.35
CA ILE D 503 18.14 -20.85 63.22
C ILE D 503 16.66 -21.16 63.37
N HIS D 504 16.05 -21.52 62.25
CA HIS D 504 14.64 -21.88 62.16
C HIS D 504 14.34 -23.10 63.06
N LYS D 505 15.10 -24.18 62.85
CA LYS D 505 14.91 -25.33 63.70
C LYS D 505 15.03 -24.96 65.18
N TYR D 506 15.97 -24.07 65.52
CA TYR D 506 16.18 -23.76 66.93
C TYR D 506 15.02 -22.99 67.51
N ILE D 507 14.66 -21.90 66.85
CA ILE D 507 13.46 -21.14 67.22
C ILE D 507 12.27 -22.07 67.35
N GLN D 508 12.00 -22.90 66.34
CA GLN D 508 10.77 -23.68 66.43
C GLN D 508 10.77 -24.52 67.68
N ALA D 509 11.92 -25.16 67.94
CA ALA D 509 12.05 -25.97 69.13
C ALA D 509 11.81 -25.16 70.37
N GLN D 510 12.30 -23.94 70.42
CA GLN D 510 11.98 -23.14 71.61
C GLN D 510 10.49 -22.96 71.73
N TYR D 511 9.74 -22.94 70.66
CA TYR D 511 8.31 -22.79 70.90
C TYR D 511 7.60 -24.14 70.94
N GLY D 512 8.34 -25.23 71.11
CA GLY D 512 7.75 -26.55 71.22
C GLY D 512 7.36 -27.16 69.90
N ALA D 513 7.92 -26.71 68.81
CA ALA D 513 7.49 -27.25 67.52
C ALA D 513 8.64 -28.01 66.86
N SER D 514 8.29 -28.96 66.06
CA SER D 514 9.28 -29.71 65.32
C SER D 514 9.46 -29.15 63.91
N VAL D 515 10.58 -29.45 63.25
CA VAL D 515 10.68 -29.13 61.83
C VAL D 515 10.93 -30.42 61.01
N SER D 516 10.73 -30.37 59.70
CA SER D 516 11.10 -31.65 59.05
C SER D 516 12.60 -31.94 59.21
N ALA D 517 13.02 -33.15 58.89
CA ALA D 517 14.46 -33.38 59.05
C ALA D 517 15.16 -33.45 57.70
N LYS D 518 14.40 -33.32 56.62
CA LYS D 518 14.95 -32.91 55.32
C LYS D 518 14.89 -31.39 55.25
N PRO D 519 15.97 -30.73 55.06
CA PRO D 519 15.94 -29.28 54.76
C PRO D 519 14.92 -28.78 53.78
N GLU D 520 14.19 -27.70 54.15
CA GLU D 520 13.16 -27.11 53.27
C GLU D 520 13.26 -25.55 53.08
N LEU D 521 14.38 -24.99 52.58
CA LEU D 521 14.40 -23.56 52.35
C LEU D 521 13.51 -23.22 51.15
N PRO D 522 12.66 -22.20 51.24
CA PRO D 522 11.78 -21.88 50.12
C PRO D 522 12.51 -21.23 48.96
N LEU D 523 11.91 -21.35 47.77
CA LEU D 523 12.39 -20.72 46.54
C LEU D 523 12.17 -19.21 46.62
N PHE D 524 12.57 -18.50 45.54
CA PHE D 524 12.33 -17.07 45.38
C PHE D 524 11.02 -16.90 44.64
N TYR D 525 10.16 -15.98 45.10
CA TYR D 525 8.88 -15.74 44.45
C TYR D 525 8.63 -14.26 44.19
N THR D 526 7.90 -13.99 43.14
CA THR D 526 7.44 -12.67 42.71
C THR D 526 5.97 -12.75 42.26
N PRO D 527 5.30 -11.63 41.95
CA PRO D 527 3.93 -11.72 41.46
C PRO D 527 3.78 -12.37 40.09
N VAL D 528 4.82 -12.41 39.29
CA VAL D 528 4.76 -13.14 38.04
C VAL D 528 4.27 -14.52 38.34
N ASP D 529 4.72 -15.08 39.49
CA ASP D 529 4.38 -16.48 39.78
C ASP D 529 2.90 -16.73 40.02
N LEU D 530 2.09 -15.73 40.35
CA LEU D 530 0.68 -15.98 40.51
C LEU D 530 -0.11 -15.94 39.21
N VAL D 531 0.51 -15.65 38.06
CA VAL D 531 -0.24 -15.46 36.83
C VAL D 531 -0.86 -16.78 36.42
N ASP D 532 -2.12 -16.75 36.02
CA ASP D 532 -2.82 -17.96 35.63
C ASP D 532 -2.54 -18.30 34.16
N ILE D 533 -2.04 -19.51 33.87
CA ILE D 533 -1.82 -19.96 32.49
C ILE D 533 -2.67 -21.17 32.11
N SER D 534 -3.79 -21.43 32.81
CA SER D 534 -4.70 -22.50 32.36
C SER D 534 -5.55 -22.04 31.14
N VAL D 535 -6.13 -23.01 30.45
CA VAL D 535 -6.83 -22.73 29.21
C VAL D 535 -7.88 -23.82 29.10
N GLU D 536 -9.09 -23.46 28.62
CA GLU D 536 -10.10 -24.42 28.23
C GLU D 536 -10.15 -24.59 26.72
N MET D 537 -10.27 -25.85 26.28
CA MET D 537 -10.40 -26.23 24.87
C MET D 537 -11.25 -27.48 24.69
N ALA D 538 -12.21 -27.41 23.73
CA ALA D 538 -13.04 -28.56 23.36
C ALA D 538 -13.68 -29.10 24.58
N GLY D 539 -13.91 -28.24 25.57
CA GLY D 539 -14.50 -28.73 26.81
C GLY D 539 -13.55 -29.26 27.91
N LEU D 540 -12.22 -29.26 27.69
CA LEU D 540 -11.21 -29.83 28.62
C LEU D 540 -10.47 -28.67 29.27
N LYS D 541 -10.16 -28.86 30.54
CA LYS D 541 -9.47 -27.88 31.32
C LYS D 541 -8.01 -28.32 31.37
N PHE D 542 -7.09 -27.49 30.85
CA PHE D 542 -5.69 -27.77 30.89
C PHE D 542 -5.08 -26.84 31.95
N ILE D 543 -4.27 -27.40 32.84
CA ILE D 543 -3.76 -26.52 33.88
C ILE D 543 -2.65 -25.62 33.34
N ASN D 544 -2.03 -26.00 32.22
CA ASN D 544 -1.16 -25.13 31.47
C ASN D 544 -1.24 -25.65 30.06
N PRO D 545 -0.80 -24.89 29.06
CA PRO D 545 -1.03 -25.30 27.69
C PRO D 545 0.05 -26.16 27.10
N PHE D 546 1.03 -26.66 27.89
CA PHE D 546 2.18 -27.40 27.36
C PHE D 546 1.97 -28.91 27.52
N GLY D 547 2.21 -29.70 26.47
CA GLY D 547 1.99 -31.16 26.56
C GLY D 547 2.95 -31.88 25.62
N LEU D 548 3.13 -33.16 25.90
CA LEU D 548 4.03 -34.04 25.19
C LEU D 548 3.29 -34.54 23.97
N ALA D 549 3.83 -34.34 22.77
CA ALA D 549 3.24 -34.87 21.53
C ALA D 549 3.37 -36.37 21.54
N SER D 550 2.73 -37.00 20.54
CA SER D 550 2.76 -38.46 20.44
C SER D 550 4.05 -38.82 19.73
N ALA D 551 5.01 -39.42 20.45
CA ALA D 551 6.41 -39.38 19.97
C ALA D 551 7.41 -40.06 20.92
N ALA D 552 8.70 -39.96 20.63
CA ALA D 552 9.71 -40.67 21.44
C ALA D 552 9.56 -40.42 22.93
N PRO D 553 9.29 -39.20 23.39
CA PRO D 553 9.20 -39.01 24.84
C PRO D 553 7.97 -39.60 25.36
N THR D 554 7.07 -40.19 24.55
CA THR D 554 5.96 -40.89 25.19
C THR D 554 5.99 -42.36 24.80
N THR D 555 7.20 -42.85 24.63
CA THR D 555 7.43 -44.24 24.30
C THR D 555 6.83 -45.19 25.34
N SER D 556 6.82 -44.79 26.62
CA SER D 556 6.25 -45.64 27.70
C SER D 556 5.45 -44.80 28.64
N SER D 557 4.47 -45.42 29.28
CA SER D 557 3.61 -44.65 30.16
C SER D 557 4.33 -44.23 31.45
N SER D 558 5.38 -44.95 31.83
CA SER D 558 6.17 -44.51 32.97
C SER D 558 6.89 -43.16 32.70
N MET D 559 7.23 -42.90 31.43
CA MET D 559 7.79 -41.62 31.05
C MET D 559 6.74 -40.53 31.17
N ILE D 560 5.49 -40.84 30.77
CA ILE D 560 4.39 -39.84 30.88
C ILE D 560 4.18 -39.51 32.32
N ARG D 561 4.24 -40.51 33.19
CA ARG D 561 4.05 -40.25 34.62
C ARG D 561 5.16 -39.30 35.17
N ARG D 562 6.44 -39.52 34.79
CA ARG D 562 7.46 -38.59 35.25
C ARG D 562 7.29 -37.21 34.64
N ALA D 563 6.82 -37.12 33.40
CA ALA D 563 6.52 -35.81 32.86
C ALA D 563 5.41 -35.12 33.63
N PHE D 564 4.35 -35.84 33.98
CA PHE D 564 3.32 -35.18 34.82
C PHE D 564 3.83 -34.76 36.19
N GLU D 565 4.62 -35.57 36.85
CA GLU D 565 5.23 -35.07 38.07
C GLU D 565 6.10 -33.83 37.84
N ALA D 566 6.82 -33.75 36.74
CA ALA D 566 7.54 -32.49 36.56
C ALA D 566 6.63 -31.30 36.23
N GLY D 567 5.41 -31.49 35.72
CA GLY D 567 4.64 -30.28 35.53
C GLY D 567 3.81 -30.20 34.27
N TRP D 568 4.01 -31.17 33.35
CA TRP D 568 3.44 -31.01 32.02
C TRP D 568 1.93 -31.07 32.11
N GLY D 569 1.27 -30.15 31.42
CA GLY D 569 -0.18 -30.11 31.53
C GLY D 569 -0.92 -31.25 30.83
N PHE D 570 -0.34 -31.83 29.78
CA PHE D 570 -1.06 -32.92 29.14
C PHE D 570 -0.06 -33.77 28.38
N ALA D 571 -0.52 -34.96 27.94
CA ALA D 571 0.35 -35.80 27.15
C ALA D 571 -0.46 -36.66 26.22
N LEU D 572 0.19 -36.98 25.12
CA LEU D 572 -0.33 -37.94 24.18
C LEU D 572 0.30 -39.29 24.46
N THR D 573 -0.42 -40.38 24.28
CA THR D 573 0.30 -41.66 24.14
C THR D 573 1.05 -41.73 22.78
N LYS D 574 2.09 -42.59 22.70
CA LYS D 574 2.54 -43.04 21.36
C LYS D 574 1.30 -43.61 20.65
N THR D 575 1.15 -43.38 19.33
CA THR D 575 0.00 -43.91 18.58
C THR D 575 0.01 -45.41 18.77
N PHE D 576 -1.13 -46.02 19.10
CA PHE D 576 -1.15 -47.47 19.18
C PHE D 576 -2.29 -47.98 18.30
N SER D 577 -2.34 -49.28 18.09
CA SER D 577 -3.22 -49.85 17.11
C SER D 577 -3.81 -51.12 17.68
N LEU D 578 -4.82 -51.68 17.01
CA LEU D 578 -5.26 -53.03 17.32
C LEU D 578 -4.12 -54.04 17.11
N ASP D 579 -4.26 -55.20 17.77
CA ASP D 579 -3.18 -56.21 17.71
C ASP D 579 -2.88 -56.67 16.29
N LYS D 580 -3.91 -56.81 15.45
CA LYS D 580 -3.64 -57.24 14.06
C LYS D 580 -2.67 -56.31 13.30
N ASP D 581 -2.56 -55.06 13.71
CA ASP D 581 -1.78 -54.00 13.01
C ASP D 581 -0.40 -53.73 13.63
N ILE D 582 0.03 -54.59 14.55
CA ILE D 582 1.19 -54.28 15.39
C ILE D 582 2.46 -54.25 14.55
N VAL D 583 3.37 -53.31 14.84
CA VAL D 583 4.59 -53.08 14.04
C VAL D 583 5.85 -53.55 14.78
N THR D 584 6.99 -53.51 14.06
CA THR D 584 8.34 -53.74 14.62
C THR D 584 9.22 -52.67 14.01
N ASN D 585 9.94 -51.96 14.85
CA ASN D 585 10.85 -50.92 14.39
C ASN D 585 12.12 -51.54 13.78
N VAL D 586 12.77 -50.76 12.89
CA VAL D 586 14.17 -51.00 12.51
C VAL D 586 15.12 -50.11 13.35
N SER D 587 16.44 -50.29 13.22
CA SER D 587 17.39 -49.34 13.79
C SER D 587 18.61 -49.27 12.88
N PRO D 588 19.29 -48.10 12.81
CA PRO D 588 19.03 -46.81 13.44
C PRO D 588 17.72 -46.18 13.03
N ARG D 589 17.10 -45.32 13.78
CA ARG D 589 15.91 -44.76 13.16
C ARG D 589 15.62 -43.33 13.56
N ILE D 590 16.43 -42.71 14.42
CA ILE D 590 16.25 -41.30 14.64
C ILE D 590 17.63 -40.71 14.47
N VAL D 591 17.79 -39.76 13.52
CA VAL D 591 19.11 -39.13 13.32
C VAL D 591 18.97 -37.63 13.50
N ARG D 592 20.08 -36.97 13.74
CA ARG D 592 20.09 -35.52 13.90
C ARG D 592 19.94 -34.86 12.53
N GLY D 593 19.39 -33.66 12.53
CA GLY D 593 19.30 -32.96 11.25
C GLY D 593 20.61 -32.24 10.88
N THR D 594 20.70 -32.01 9.58
CA THR D 594 21.80 -31.37 8.89
C THR D 594 21.41 -29.92 8.58
N THR D 595 20.25 -29.52 9.13
CA THR D 595 19.57 -28.32 8.68
C THR D 595 20.28 -27.09 9.14
N SER D 596 21.23 -27.20 10.09
CA SER D 596 21.98 -26.00 10.42
C SER D 596 23.51 -26.25 10.41
N GLY D 597 23.96 -27.18 9.57
CA GLY D 597 25.38 -27.42 9.41
C GLY D 597 25.91 -28.33 10.53
N PRO D 598 27.29 -28.47 10.58
CA PRO D 598 28.01 -29.42 11.48
C PRO D 598 28.15 -28.92 12.94
N MET D 599 27.01 -28.59 13.56
CA MET D 599 26.97 -28.19 14.96
C MET D 599 26.33 -29.31 15.76
N TYR D 600 27.09 -29.89 16.67
CA TYR D 600 26.70 -31.08 17.41
C TYR D 600 26.39 -30.66 18.84
N GLY D 601 25.59 -31.44 19.55
CA GLY D 601 25.41 -31.15 20.96
C GLY D 601 24.04 -30.52 21.18
N PRO D 602 23.93 -29.49 21.99
CA PRO D 602 22.60 -28.97 22.32
C PRO D 602 21.98 -28.33 21.09
N GLY D 603 20.65 -28.23 21.17
CA GLY D 603 19.86 -27.49 20.26
C GLY D 603 19.95 -27.99 18.86
N GLN D 604 19.90 -29.30 18.62
CA GLN D 604 19.75 -29.68 17.20
C GLN D 604 18.54 -28.92 16.62
N SER D 605 18.72 -28.34 15.38
CA SER D 605 17.67 -27.58 14.69
C SER D 605 16.59 -28.47 14.06
N SER D 606 16.87 -29.74 13.88
CA SER D 606 15.80 -30.72 13.61
C SER D 606 16.27 -32.14 13.93
N PHE D 607 15.38 -33.11 13.64
CA PHE D 607 15.69 -34.55 13.63
C PHE D 607 14.93 -35.15 12.46
N LEU D 608 15.35 -36.34 12.05
CA LEU D 608 14.56 -37.08 11.08
C LEU D 608 14.37 -38.46 11.67
N ASN D 609 13.19 -39.04 11.54
CA ASN D 609 12.97 -40.35 12.10
C ASN D 609 12.29 -41.22 11.08
N ILE D 610 12.59 -42.51 11.10
CA ILE D 610 11.74 -43.45 10.39
C ILE D 610 11.10 -44.37 11.43
N GLU D 611 10.72 -43.81 12.54
CA GLU D 611 10.13 -44.69 13.52
C GLU D 611 8.67 -45.04 13.06
N LEU D 612 8.11 -46.18 13.47
CA LEU D 612 6.72 -46.51 13.18
C LEU D 612 5.88 -46.05 14.35
N ILE D 613 4.67 -46.63 14.48
CA ILE D 613 3.84 -46.44 15.68
C ILE D 613 4.35 -47.25 16.89
N SER D 614 3.61 -47.29 18.02
CA SER D 614 4.14 -47.97 19.20
C SER D 614 4.23 -49.46 18.96
N GLU D 615 5.33 -50.05 19.43
CA GLU D 615 5.53 -51.49 19.52
C GLU D 615 4.82 -52.08 20.71
N LYS D 616 4.30 -51.26 21.61
CA LYS D 616 3.47 -51.80 22.71
C LYS D 616 1.96 -51.95 22.40
N THR D 617 1.31 -52.90 23.09
CA THR D 617 -0.02 -53.27 22.58
C THR D 617 -1.08 -52.27 23.06
N ALA D 618 -2.26 -52.34 22.46
CA ALA D 618 -3.38 -51.53 22.90
C ALA D 618 -3.76 -51.84 24.30
N ALA D 619 -3.60 -53.09 24.72
CA ALA D 619 -3.89 -53.39 26.13
C ALA D 619 -2.91 -52.67 27.06
N TYR D 620 -1.61 -52.66 26.74
CA TYR D 620 -0.70 -51.92 27.61
C TYR D 620 -1.14 -50.47 27.70
N TRP D 621 -1.50 -49.85 26.56
CA TRP D 621 -1.76 -48.42 26.54
C TRP D 621 -3.06 -48.10 27.23
N CYS D 622 -4.11 -48.91 27.00
CA CYS D 622 -5.38 -48.69 27.70
C CYS D 622 -5.25 -48.89 29.22
N GLN D 623 -4.53 -49.93 29.66
CA GLN D 623 -4.31 -50.07 31.08
C GLN D 623 -3.51 -48.91 31.62
N SER D 624 -2.44 -48.54 30.89
CA SER D 624 -1.66 -47.38 31.27
C SER D 624 -2.52 -46.15 31.40
N VAL D 625 -3.47 -45.91 30.47
CA VAL D 625 -4.25 -44.65 30.55
C VAL D 625 -5.10 -44.62 31.81
N THR D 626 -5.65 -45.77 32.23
CA THR D 626 -6.47 -45.82 33.45
C THR D 626 -5.62 -45.46 34.67
N GLU D 627 -4.40 -46.03 34.72
CA GLU D 627 -3.41 -45.77 35.76
C GLU D 627 -3.07 -44.29 35.83
N LEU D 628 -2.69 -43.69 34.69
CA LEU D 628 -2.32 -42.29 34.61
C LEU D 628 -3.50 -41.39 35.01
N LYS D 629 -4.69 -41.63 34.47
CA LYS D 629 -5.79 -40.77 34.85
C LYS D 629 -6.22 -40.96 36.27
N ALA D 630 -5.95 -42.15 36.84
CA ALA D 630 -6.28 -42.34 38.23
C ALA D 630 -5.40 -41.52 39.15
N ASP D 631 -4.10 -41.53 38.90
CA ASP D 631 -3.18 -40.81 39.77
C ASP D 631 -3.02 -39.31 39.40
N PHE D 632 -3.40 -38.90 38.21
CA PHE D 632 -3.17 -37.52 37.79
C PHE D 632 -4.48 -36.96 37.29
N PRO D 633 -5.55 -36.96 38.10
CA PRO D 633 -6.88 -36.62 37.49
C PRO D 633 -6.94 -35.22 36.87
N ASP D 634 -6.03 -34.28 37.16
CA ASP D 634 -6.05 -32.96 36.51
C ASP D 634 -5.10 -32.82 35.32
N ASN D 635 -4.24 -33.79 35.01
CA ASN D 635 -3.46 -33.77 33.80
C ASN D 635 -4.28 -34.39 32.67
N ILE D 636 -4.31 -33.76 31.51
CA ILE D 636 -5.09 -34.33 30.41
C ILE D 636 -4.30 -35.44 29.72
N VAL D 637 -4.95 -36.58 29.41
CA VAL D 637 -4.29 -37.70 28.67
C VAL D 637 -5.08 -37.94 27.39
N ILE D 638 -4.42 -37.84 26.23
CA ILE D 638 -5.08 -38.02 24.96
C ILE D 638 -4.54 -39.30 24.37
N ALA D 639 -5.44 -40.23 23.97
CA ALA D 639 -4.97 -41.47 23.39
C ALA D 639 -4.83 -41.30 21.88
N SER D 640 -3.60 -41.50 21.34
CA SER D 640 -3.43 -41.39 19.89
C SER D 640 -3.56 -42.77 19.31
N ILE D 641 -4.42 -42.97 18.30
CA ILE D 641 -4.75 -44.31 17.79
C ILE D 641 -4.66 -44.31 16.29
N MET D 642 -4.49 -45.48 15.71
CA MET D 642 -4.36 -45.62 14.27
C MET D 642 -5.00 -46.91 13.78
N CYS D 643 -5.76 -46.82 12.72
CA CYS D 643 -6.38 -47.98 12.08
C CYS D 643 -6.16 -47.91 10.55
N SER D 644 -6.24 -49.05 9.85
CA SER D 644 -6.36 -48.89 8.41
C SER D 644 -7.73 -48.26 8.11
N TYR D 645 -7.98 -47.97 6.83
CA TYR D 645 -9.26 -47.44 6.36
C TYR D 645 -10.37 -48.49 6.42
N ASN D 646 -10.81 -48.82 7.63
CA ASN D 646 -11.84 -49.82 7.84
C ASN D 646 -12.70 -49.33 9.00
N LYS D 647 -14.02 -49.30 8.77
CA LYS D 647 -14.97 -48.77 9.76
C LYS D 647 -15.02 -49.55 11.09
N ASN D 648 -15.16 -50.87 11.02
CA ASN D 648 -15.18 -51.66 12.26
C ASN D 648 -13.91 -51.45 13.07
N ASP D 649 -12.76 -51.41 12.43
CA ASP D 649 -11.53 -51.25 13.23
C ASP D 649 -11.52 -49.90 13.94
N TRP D 650 -11.71 -48.78 13.22
CA TRP D 650 -11.78 -47.49 13.86
C TRP D 650 -12.80 -47.42 14.99
N MET D 651 -13.98 -47.96 14.79
CA MET D 651 -14.94 -47.92 15.90
C MET D 651 -14.48 -48.83 17.05
N GLU D 652 -13.97 -50.01 16.77
CA GLU D 652 -13.45 -50.88 17.83
C GLU D 652 -12.35 -50.21 18.68
N LEU D 653 -11.28 -49.73 18.03
CA LEU D 653 -10.16 -49.15 18.72
C LEU D 653 -10.53 -47.86 19.38
N SER D 654 -11.39 -47.02 18.76
CA SER D 654 -11.72 -45.78 19.47
C SER D 654 -12.57 -46.08 20.73
N ARG D 655 -13.41 -47.11 20.70
CA ARG D 655 -14.18 -47.31 21.91
C ARG D 655 -13.32 -47.90 23.02
N LYS D 656 -12.39 -48.76 22.64
CA LYS D 656 -11.48 -49.29 23.63
C LYS D 656 -10.67 -48.17 24.28
N ALA D 657 -10.15 -47.19 23.50
CA ALA D 657 -9.40 -46.15 24.22
C ALA D 657 -10.34 -45.29 25.06
N GLU D 658 -11.55 -45.07 24.59
CA GLU D 658 -12.44 -44.24 25.37
C GLU D 658 -12.76 -44.91 26.71
N ALA D 659 -12.97 -46.27 26.66
CA ALA D 659 -13.39 -47.02 27.83
C ALA D 659 -12.24 -47.09 28.82
N SER D 660 -11.02 -46.80 28.41
CA SER D 660 -9.94 -46.82 29.38
C SER D 660 -9.83 -45.50 30.16
N GLY D 661 -10.63 -44.50 29.85
CA GLY D 661 -10.67 -43.27 30.54
C GLY D 661 -9.90 -42.13 29.88
N ALA D 662 -9.42 -42.30 28.63
CA ALA D 662 -8.85 -41.20 27.88
C ALA D 662 -9.76 -39.98 27.88
N ASP D 663 -9.18 -38.78 28.12
CA ASP D 663 -9.99 -37.53 28.13
C ASP D 663 -10.40 -37.16 26.72
N ALA D 664 -9.54 -37.49 25.75
CA ALA D 664 -9.91 -37.28 24.36
C ALA D 664 -9.13 -38.29 23.54
N LEU D 665 -9.43 -38.35 22.26
CA LEU D 665 -8.64 -39.14 21.33
C LEU D 665 -7.89 -38.30 20.29
N GLU D 666 -6.77 -38.78 19.79
CA GLU D 666 -6.16 -38.11 18.62
C GLU D 666 -5.99 -39.14 17.52
N LEU D 667 -6.45 -38.81 16.34
CA LEU D 667 -6.47 -39.82 15.30
C LEU D 667 -5.26 -39.59 14.41
N ASN D 668 -4.40 -40.58 14.33
CA ASN D 668 -3.18 -40.51 13.53
C ASN D 668 -3.49 -40.95 12.09
N LEU D 669 -3.44 -40.05 11.12
CA LEU D 669 -3.83 -40.46 9.77
C LEU D 669 -2.68 -40.91 8.86
N SER D 670 -1.51 -41.09 9.43
CA SER D 670 -0.39 -41.50 8.64
C SER D 670 -0.59 -42.87 7.91
N CYS D 671 -1.55 -43.69 8.21
CA CYS D 671 -1.55 -45.07 7.67
C CYS D 671 -1.84 -45.13 6.16
N PRO D 672 -1.05 -45.91 5.37
CA PRO D 672 -1.31 -46.05 3.91
C PRO D 672 -2.71 -46.54 3.55
N HIS D 673 -3.30 -45.97 2.49
CA HIS D 673 -4.72 -46.36 2.26
C HIS D 673 -4.86 -47.48 1.26
N GLY D 674 -3.78 -47.84 0.61
CA GLY D 674 -3.70 -48.77 -0.48
C GLY D 674 -4.64 -48.43 -1.61
N MET D 675 -5.34 -47.28 -1.58
CA MET D 675 -6.54 -47.19 -2.42
C MET D 675 -6.27 -47.50 -3.91
N GLY D 676 -6.66 -48.75 -4.27
CA GLY D 676 -6.60 -49.23 -5.67
C GLY D 676 -7.64 -48.57 -6.58
N GLU D 677 -8.89 -48.38 -6.05
CA GLU D 677 -9.80 -47.24 -6.33
C GLU D 677 -9.17 -45.95 -6.93
N ARG D 678 -8.77 -44.98 -6.07
CA ARG D 678 -7.62 -44.05 -6.19
C ARG D 678 -7.85 -43.00 -5.12
N GLY D 679 -6.81 -42.75 -4.34
CA GLY D 679 -6.91 -41.83 -3.23
C GLY D 679 -5.74 -40.87 -3.36
N MET D 680 -5.96 -39.61 -2.97
CA MET D 680 -4.86 -38.70 -3.08
C MET D 680 -3.70 -39.15 -2.19
N GLY D 681 -2.45 -38.82 -2.63
CA GLY D 681 -1.21 -39.27 -1.87
C GLY D 681 -1.24 -40.77 -1.71
N LEU D 682 -0.62 -41.23 -0.63
CA LEU D 682 -0.70 -42.63 -0.25
C LEU D 682 -1.28 -42.87 1.14
N ALA D 683 -1.32 -41.86 2.00
CA ALA D 683 -1.82 -41.97 3.38
C ALA D 683 -3.24 -41.45 3.54
N CYS D 684 -3.95 -41.98 4.54
CA CYS D 684 -5.33 -41.57 4.65
C CYS D 684 -5.41 -40.08 4.92
N GLY D 685 -4.50 -39.56 5.66
CA GLY D 685 -4.71 -38.16 5.89
C GLY D 685 -4.40 -37.21 4.77
N GLN D 686 -3.97 -37.70 3.61
CA GLN D 686 -3.74 -36.81 2.50
C GLN D 686 -5.01 -36.59 1.69
N ASP D 687 -6.13 -37.25 2.01
CA ASP D 687 -7.32 -37.23 1.17
C ASP D 687 -8.51 -36.71 1.95
N PRO D 688 -9.13 -35.58 1.56
CA PRO D 688 -10.21 -35.08 2.40
C PRO D 688 -11.36 -36.04 2.56
N GLU D 689 -11.76 -36.75 1.52
CA GLU D 689 -12.89 -37.64 1.62
C GLU D 689 -12.67 -38.74 2.67
N LEU D 690 -11.53 -39.41 2.61
CA LEU D 690 -11.18 -40.42 3.61
C LEU D 690 -11.13 -39.82 5.02
N VAL D 691 -10.48 -38.68 5.18
CA VAL D 691 -10.47 -38.08 6.52
C VAL D 691 -11.88 -37.87 7.01
N ARG D 692 -12.77 -37.40 6.10
CA ARG D 692 -14.11 -37.09 6.56
C ARG D 692 -14.82 -38.33 7.03
N ASN D 693 -14.63 -39.45 6.32
CA ASN D 693 -15.35 -40.68 6.66
C ASN D 693 -14.80 -41.29 7.96
N ILE D 694 -13.49 -41.19 8.19
CA ILE D 694 -12.91 -41.64 9.46
C ILE D 694 -13.42 -40.80 10.61
N CYS D 695 -13.40 -39.50 10.47
CA CYS D 695 -14.07 -38.70 11.50
C CYS D 695 -15.55 -39.09 11.73
N ARG D 696 -16.34 -39.40 10.68
CA ARG D 696 -17.71 -39.81 10.91
C ARG D 696 -17.75 -41.06 11.73
N TRP D 697 -16.97 -42.02 11.35
CA TRP D 697 -16.96 -43.26 12.08
C TRP D 697 -16.62 -43.06 13.53
N VAL D 698 -15.55 -42.31 13.80
CA VAL D 698 -15.12 -42.19 15.20
C VAL D 698 -16.16 -41.40 15.95
N ARG D 699 -16.79 -40.40 15.31
CA ARG D 699 -17.74 -39.56 16.03
C ARG D 699 -18.98 -40.35 16.37
N GLN D 700 -19.38 -41.32 15.56
CA GLN D 700 -20.52 -42.09 16.05
C GLN D 700 -20.13 -43.12 17.06
N ALA D 701 -18.86 -43.53 17.07
CA ALA D 701 -18.44 -44.56 17.98
C ALA D 701 -18.32 -44.10 19.45
N VAL D 702 -17.91 -42.81 19.72
CA VAL D 702 -17.51 -42.35 21.07
C VAL D 702 -18.11 -40.99 21.39
N GLN D 703 -18.12 -40.67 22.70
CA GLN D 703 -18.70 -39.44 23.17
C GLN D 703 -17.66 -38.44 23.57
N ILE D 704 -16.42 -38.87 23.81
CA ILE D 704 -15.38 -37.95 24.26
C ILE D 704 -14.91 -37.18 23.03
N PRO D 705 -14.36 -35.99 23.23
CA PRO D 705 -13.78 -35.21 22.12
C PRO D 705 -12.66 -35.97 21.39
N PHE D 706 -12.55 -35.80 20.08
CA PHE D 706 -11.34 -36.31 19.42
C PHE D 706 -10.79 -35.28 18.43
N PHE D 707 -9.52 -35.44 18.09
CA PHE D 707 -8.84 -34.44 17.22
C PHE D 707 -8.19 -35.21 16.09
N ALA D 708 -8.32 -34.73 14.84
CA ALA D 708 -7.58 -35.36 13.78
C ALA D 708 -6.16 -34.77 13.73
N LYS D 709 -5.14 -35.65 13.62
CA LYS D 709 -3.75 -35.17 13.39
C LYS D 709 -3.46 -35.09 11.90
N LEU D 710 -3.17 -33.85 11.44
CA LEU D 710 -3.03 -33.53 10.04
C LEU D 710 -1.58 -33.57 9.59
N THR D 711 -1.37 -34.12 8.40
CA THR D 711 -0.02 -34.06 7.86
C THR D 711 0.14 -32.79 7.01
N PRO D 712 1.30 -32.17 7.11
CA PRO D 712 1.63 -31.01 6.30
C PRO D 712 2.02 -31.37 4.90
N ASN D 713 2.31 -32.61 4.64
CA ASN D 713 2.54 -33.09 3.28
C ASN D 713 1.34 -33.10 2.31
N VAL D 714 0.68 -31.95 2.05
CA VAL D 714 -0.52 -31.88 1.24
C VAL D 714 -0.51 -30.57 0.52
N THR D 715 -1.16 -30.56 -0.63
CA THR D 715 -1.31 -29.30 -1.33
C THR D 715 -2.08 -28.29 -0.48
N ASP D 716 -3.14 -28.70 0.18
CA ASP D 716 -3.96 -27.68 0.85
C ASP D 716 -4.39 -28.23 2.20
N ILE D 717 -3.72 -27.80 3.28
CA ILE D 717 -4.02 -28.41 4.56
C ILE D 717 -5.38 -28.00 5.04
N VAL D 718 -5.95 -26.90 4.54
CA VAL D 718 -7.28 -26.50 5.02
C VAL D 718 -8.40 -27.41 4.51
N SER D 719 -8.35 -27.86 3.26
CA SER D 719 -9.41 -28.81 2.88
C SER D 719 -9.45 -30.06 3.80
N ILE D 720 -8.29 -30.59 4.24
CA ILE D 720 -8.26 -31.73 5.16
C ILE D 720 -8.86 -31.35 6.49
N ALA D 721 -8.43 -30.19 7.09
CA ALA D 721 -9.04 -29.73 8.37
C ALA D 721 -10.54 -29.49 8.26
N ARG D 722 -10.95 -28.94 7.12
CA ARG D 722 -12.36 -28.70 6.91
C ARG D 722 -13.11 -30.03 6.80
N ALA D 723 -12.49 -31.04 6.20
CA ALA D 723 -13.10 -32.37 6.10
C ALA D 723 -13.27 -33.03 7.49
N ALA D 724 -12.23 -32.90 8.33
CA ALA D 724 -12.27 -33.39 9.71
C ALA D 724 -13.45 -32.77 10.46
N LYS D 725 -13.58 -31.43 10.38
CA LYS D 725 -14.66 -30.72 11.06
C LYS D 725 -16.03 -31.14 10.51
N GLU D 726 -16.16 -31.31 9.22
CA GLU D 726 -17.38 -31.76 8.61
C GLU D 726 -17.78 -33.11 9.11
N GLY D 727 -16.83 -33.99 9.41
CA GLY D 727 -17.04 -35.38 9.82
C GLY D 727 -17.27 -35.62 11.28
N GLY D 728 -17.07 -34.62 12.10
CA GLY D 728 -17.44 -34.68 13.47
C GLY D 728 -16.38 -34.25 14.45
N ALA D 729 -15.17 -34.02 13.95
CA ALA D 729 -14.02 -33.79 14.85
C ALA D 729 -14.23 -32.55 15.71
N ASP D 730 -13.75 -32.61 16.92
CA ASP D 730 -13.76 -31.46 17.85
C ASP D 730 -12.57 -30.51 17.63
N GLY D 731 -11.65 -30.82 16.72
CA GLY D 731 -10.41 -30.05 16.60
C GLY D 731 -9.46 -30.77 15.67
N VAL D 732 -8.30 -30.14 15.45
CA VAL D 732 -7.26 -30.74 14.61
C VAL D 732 -5.93 -30.50 15.30
N THR D 733 -4.99 -31.44 15.10
CA THR D 733 -3.60 -31.25 15.50
C THR D 733 -2.77 -30.94 14.24
N ALA D 734 -2.07 -29.80 14.25
CA ALA D 734 -1.28 -29.29 13.11
C ALA D 734 0.14 -29.02 13.62
N THR D 735 1.12 -29.82 13.22
CA THR D 735 1.01 -30.83 12.19
C THR D 735 1.96 -31.93 12.51
N ASN D 736 1.77 -33.07 11.88
CA ASN D 736 2.81 -34.10 11.93
C ASN D 736 4.09 -33.60 11.25
N THR D 737 5.02 -34.55 11.03
CA THR D 737 6.36 -34.27 10.54
C THR D 737 6.31 -33.99 9.03
N VAL D 738 7.42 -33.48 8.48
CA VAL D 738 7.54 -33.20 7.04
C VAL D 738 8.30 -34.32 6.36
N SER D 739 7.88 -34.70 5.17
CA SER D 739 8.51 -35.84 4.59
C SER D 739 9.91 -35.46 4.07
N GLY D 740 10.94 -36.25 4.32
CA GLY D 740 12.24 -35.64 4.00
C GLY D 740 13.31 -36.69 3.87
N LEU D 741 14.46 -36.29 3.35
CA LEU D 741 15.62 -37.18 3.34
C LEU D 741 16.78 -36.34 3.84
N MET D 742 17.43 -36.77 4.96
CA MET D 742 18.25 -35.81 5.68
C MET D 742 19.69 -35.67 5.09
N GLY D 743 20.26 -36.67 4.43
CA GLY D 743 21.52 -36.42 3.75
C GLY D 743 22.11 -37.74 3.33
N LEU D 744 23.25 -37.63 2.66
CA LEU D 744 24.02 -38.78 2.29
C LEU D 744 25.43 -38.49 2.77
N LYS D 745 26.19 -39.56 3.00
CA LYS D 745 27.62 -39.48 3.18
C LYS D 745 28.26 -39.29 1.82
N ALA D 746 29.53 -38.83 1.83
CA ALA D 746 30.13 -38.52 0.54
C ALA D 746 30.24 -39.78 -0.28
N ASP D 747 30.04 -40.94 0.28
CA ASP D 747 30.19 -42.07 -0.62
C ASP D 747 28.84 -42.50 -1.25
N GLY D 748 27.77 -41.82 -0.94
CA GLY D 748 26.50 -42.10 -1.56
C GLY D 748 25.54 -42.80 -0.64
N THR D 749 26.01 -43.27 0.64
CA THR D 749 25.14 -44.04 1.47
C THR D 749 24.29 -43.10 2.33
N PRO D 750 23.08 -43.51 2.68
CA PRO D 750 22.17 -42.66 3.48
C PRO D 750 22.55 -42.65 4.97
N TRP D 751 21.96 -41.68 5.73
CA TRP D 751 21.91 -41.82 7.16
C TRP D 751 20.48 -41.41 7.55
N PRO D 752 19.68 -42.29 8.14
CA PRO D 752 20.01 -43.61 8.70
C PRO D 752 20.32 -44.65 7.64
N ALA D 753 21.30 -45.52 7.84
CA ALA D 753 21.45 -46.67 6.95
C ALA D 753 21.08 -47.88 7.75
N VAL D 754 20.18 -48.74 7.23
CA VAL D 754 19.64 -49.91 7.92
C VAL D 754 20.12 -51.18 7.24
N GLY D 755 20.67 -52.11 8.05
CA GLY D 755 21.08 -53.39 7.59
C GLY D 755 22.32 -53.45 6.73
N ALA D 756 22.53 -54.64 6.25
CA ALA D 756 23.74 -54.96 5.54
C ALA D 756 23.83 -54.16 4.25
N GLY D 757 22.71 -53.87 3.62
CA GLY D 757 22.62 -52.97 2.44
C GLY D 757 22.64 -51.45 2.64
N LYS D 758 22.78 -50.94 3.85
CA LYS D 758 22.82 -49.52 4.05
C LYS D 758 21.63 -48.82 3.38
N ARG D 759 20.44 -49.41 3.51
CA ARG D 759 19.25 -48.81 2.89
C ARG D 759 18.65 -47.76 3.79
N THR D 760 17.71 -47.03 3.22
CA THR D 760 16.88 -46.09 3.94
C THR D 760 15.55 -45.93 3.19
N THR D 761 14.65 -45.17 3.78
CA THR D 761 13.42 -44.71 3.21
C THR D 761 13.19 -43.29 3.72
N TYR D 762 12.23 -42.58 3.11
CA TYR D 762 11.97 -41.19 3.43
C TYR D 762 11.50 -41.14 4.85
N GLY D 763 11.92 -40.15 5.61
CA GLY D 763 11.49 -40.12 6.96
C GLY D 763 10.73 -38.82 7.24
N GLY D 764 10.46 -38.57 8.52
CA GLY D 764 9.75 -37.39 8.92
C GLY D 764 10.69 -36.42 9.60
N VAL D 765 10.67 -35.10 9.12
CA VAL D 765 11.44 -34.04 9.81
C VAL D 765 10.61 -33.34 10.91
N SER D 766 11.26 -33.07 12.04
CA SER D 766 10.63 -32.52 13.22
C SER D 766 11.51 -31.39 13.71
N GLY D 767 11.02 -30.54 14.58
CA GLY D 767 11.94 -29.62 15.21
C GLY D 767 11.86 -28.21 14.66
N THR D 768 12.84 -27.36 15.07
CA THR D 768 12.67 -25.94 14.74
C THR D 768 12.82 -25.67 13.26
N ALA D 769 13.50 -26.57 12.52
CA ALA D 769 13.53 -26.33 11.06
C ALA D 769 12.14 -26.44 10.40
N ILE D 770 11.14 -27.04 11.03
CA ILE D 770 9.82 -27.08 10.37
C ILE D 770 8.86 -26.12 10.98
N ARG D 771 9.34 -25.31 11.92
CA ARG D 771 8.47 -24.36 12.55
C ARG D 771 7.79 -23.43 11.59
N PRO D 772 8.42 -22.91 10.53
CA PRO D 772 7.65 -22.03 9.62
C PRO D 772 6.55 -22.79 8.92
N ILE D 773 6.70 -24.09 8.71
CA ILE D 773 5.69 -24.80 7.96
C ILE D 773 4.49 -25.00 8.84
N ALA D 774 4.74 -25.24 10.11
CA ALA D 774 3.64 -25.43 11.04
C ALA D 774 2.93 -24.11 11.39
N LEU D 775 3.65 -22.99 11.53
CA LEU D 775 2.98 -21.74 11.86
C LEU D 775 2.04 -21.34 10.75
N ARG D 776 2.47 -21.56 9.51
CA ARG D 776 1.64 -21.34 8.36
C ARG D 776 0.39 -22.20 8.40
N ALA D 777 0.53 -23.52 8.67
CA ALA D 777 -0.64 -24.40 8.73
C ALA D 777 -1.60 -23.99 9.84
N VAL D 778 -1.06 -23.75 11.04
CA VAL D 778 -1.94 -23.29 12.13
C VAL D 778 -2.65 -21.98 11.75
N THR D 779 -1.91 -20.99 11.28
CA THR D 779 -2.59 -19.71 10.92
C THR D 779 -3.60 -19.90 9.80
N THR D 780 -3.30 -20.83 8.89
CA THR D 780 -4.19 -20.87 7.77
C THR D 780 -5.45 -21.57 8.16
N ILE D 781 -5.36 -22.61 8.99
CA ILE D 781 -6.59 -23.20 9.49
C ILE D 781 -7.38 -22.21 10.36
N ALA D 782 -6.71 -21.45 11.24
CA ALA D 782 -7.52 -20.60 12.15
C ALA D 782 -8.25 -19.55 11.38
N ARG D 783 -7.67 -19.09 10.28
CA ARG D 783 -8.43 -18.08 9.54
C ARG D 783 -9.56 -18.74 8.74
N ALA D 784 -9.40 -19.91 8.22
CA ALA D 784 -10.46 -20.49 7.42
C ALA D 784 -11.61 -21.03 8.28
N LEU D 785 -11.30 -21.48 9.51
CA LEU D 785 -12.23 -22.22 10.38
C LEU D 785 -12.22 -21.52 11.73
N PRO D 786 -12.80 -20.34 11.82
CA PRO D 786 -12.62 -19.51 13.00
C PRO D 786 -13.27 -20.13 14.20
N GLY D 787 -12.53 -20.12 15.29
CA GLY D 787 -13.03 -20.81 16.47
C GLY D 787 -12.90 -22.31 16.51
N PHE D 788 -12.29 -22.99 15.53
CA PHE D 788 -12.24 -24.47 15.57
C PHE D 788 -10.96 -24.88 16.31
N PRO D 789 -10.99 -25.68 17.38
CA PRO D 789 -9.77 -25.84 18.21
C PRO D 789 -8.57 -26.44 17.48
N ILE D 790 -7.41 -25.88 17.79
CA ILE D 790 -6.13 -26.32 17.19
C ILE D 790 -5.17 -26.60 18.33
N LEU D 791 -4.61 -27.83 18.32
CA LEU D 791 -3.43 -28.19 19.11
C LEU D 791 -2.20 -28.03 18.20
N ALA D 792 -1.21 -27.28 18.58
CA ALA D 792 -0.13 -27.00 17.62
C ALA D 792 1.03 -27.99 17.83
N THR D 793 1.73 -28.44 16.75
CA THR D 793 3.06 -29.11 16.89
C THR D 793 3.92 -28.55 15.78
N GLY D 794 5.20 -28.35 16.04
CA GLY D 794 6.20 -28.41 14.98
C GLY D 794 7.20 -27.41 15.51
N GLY D 795 8.27 -27.83 16.23
CA GLY D 795 9.23 -26.81 16.51
C GLY D 795 9.01 -25.97 17.76
N ILE D 796 8.04 -26.24 18.65
CA ILE D 796 7.86 -25.38 19.82
C ILE D 796 8.94 -25.69 20.84
N ASP D 797 9.62 -24.65 21.36
CA ASP D 797 10.74 -24.93 22.25
C ASP D 797 11.02 -23.88 23.35
N SER D 798 10.08 -23.04 23.64
CA SER D 798 10.31 -22.00 24.62
C SER D 798 8.92 -21.44 24.82
N ALA D 799 8.71 -20.73 25.90
CA ALA D 799 7.43 -20.07 26.04
C ALA D 799 7.25 -19.04 24.93
N GLU D 800 8.31 -18.29 24.54
CA GLU D 800 8.22 -17.33 23.42
C GLU D 800 7.66 -17.99 22.17
N SER D 801 8.25 -19.10 21.77
CA SER D 801 7.73 -19.69 20.55
C SER D 801 6.38 -20.34 20.78
N GLY D 802 6.09 -20.80 21.99
CA GLY D 802 4.72 -21.27 22.26
C GLY D 802 3.73 -20.13 22.06
N LEU D 803 4.07 -18.97 22.63
CA LEU D 803 3.16 -17.81 22.47
C LEU D 803 2.90 -17.53 21.00
N GLN D 804 3.89 -17.70 20.12
CA GLN D 804 3.63 -17.44 18.69
C GLN D 804 2.50 -18.30 18.14
N PHE D 805 2.46 -19.62 18.50
CA PHE D 805 1.36 -20.47 18.03
C PHE D 805 0.04 -20.11 18.68
N LEU D 806 0.09 -19.59 19.91
CA LEU D 806 -1.15 -19.17 20.57
C LEU D 806 -1.70 -17.95 19.84
N HIS D 807 -0.87 -16.92 19.64
CA HIS D 807 -1.24 -15.73 18.87
C HIS D 807 -1.83 -16.10 17.52
N SER D 808 -1.32 -17.19 16.91
CA SER D 808 -1.66 -17.67 15.60
C SER D 808 -2.96 -18.44 15.62
N GLY D 809 -3.50 -18.69 16.82
CA GLY D 809 -4.81 -19.34 16.89
C GLY D 809 -4.84 -20.65 17.62
N ALA D 810 -3.72 -21.32 17.96
CA ALA D 810 -3.76 -22.60 18.64
C ALA D 810 -4.19 -22.39 20.09
N SER D 811 -4.77 -23.41 20.69
CA SER D 811 -5.13 -23.32 22.10
C SER D 811 -4.10 -24.05 23.00
N VAL D 812 -3.51 -25.18 22.58
CA VAL D 812 -2.51 -25.88 23.39
C VAL D 812 -1.34 -26.23 22.49
N LEU D 813 -0.20 -26.63 23.10
CA LEU D 813 1.14 -26.64 22.49
C LEU D 813 1.81 -28.00 22.75
N GLN D 814 1.94 -28.83 21.72
CA GLN D 814 2.49 -30.17 21.87
C GLN D 814 3.99 -30.08 21.60
N VAL D 815 4.81 -30.85 22.36
CA VAL D 815 6.26 -30.71 22.21
C VAL D 815 6.88 -32.08 22.05
N CYS D 816 7.88 -32.23 21.11
CA CYS D 816 8.67 -33.47 21.03
C CYS D 816 10.15 -33.23 20.98
N SER D 817 10.61 -32.60 19.90
CA SER D 817 12.03 -32.41 19.65
C SER D 817 12.67 -31.57 20.73
N ALA D 818 11.99 -30.64 21.35
CA ALA D 818 12.71 -29.87 22.38
C ALA D 818 13.04 -30.70 23.63
N VAL D 819 12.17 -31.68 23.99
CA VAL D 819 12.53 -32.66 25.03
C VAL D 819 13.64 -33.59 24.60
N GLN D 820 13.65 -34.06 23.31
CA GLN D 820 14.77 -34.90 22.86
C GLN D 820 16.08 -34.16 22.95
N ASN D 821 16.09 -32.89 22.61
CA ASN D 821 17.30 -32.08 22.79
C ASN D 821 17.65 -31.87 24.28
N GLN D 822 16.69 -32.13 25.19
CA GLN D 822 16.96 -31.82 26.58
C GLN D 822 16.48 -32.93 27.51
N ASP D 823 15.40 -32.70 28.25
CA ASP D 823 14.77 -33.59 29.21
C ASP D 823 13.44 -32.95 29.61
N PHE D 824 12.62 -33.66 30.46
CA PHE D 824 11.27 -33.20 30.78
C PHE D 824 11.24 -31.92 31.61
N THR D 825 12.35 -31.59 32.28
CA THR D 825 12.28 -30.44 33.16
C THR D 825 12.17 -29.11 32.36
N VAL D 826 12.27 -29.12 31.01
CA VAL D 826 11.99 -27.84 30.36
C VAL D 826 10.64 -27.26 30.75
N ILE D 827 9.68 -28.09 31.22
CA ILE D 827 8.35 -27.54 31.42
C ILE D 827 8.38 -26.39 32.41
N GLN D 828 9.39 -26.34 33.34
CA GLN D 828 9.45 -25.24 34.30
C GLN D 828 9.87 -23.97 33.64
N ASP D 829 10.79 -24.12 32.66
CA ASP D 829 11.14 -22.98 31.85
C ASP D 829 9.92 -22.51 31.06
N TYR D 830 9.16 -23.39 30.43
CA TYR D 830 8.06 -22.83 29.63
C TYR D 830 7.01 -22.16 30.49
N CYS D 831 6.71 -22.74 31.68
CA CYS D 831 5.67 -22.16 32.50
C CYS D 831 6.12 -20.84 33.11
N THR D 832 7.34 -20.73 33.71
CA THR D 832 7.66 -19.38 34.21
C THR D 832 7.78 -18.38 33.07
N GLY D 833 8.33 -18.83 31.91
CA GLY D 833 8.46 -17.95 30.76
C GLY D 833 7.12 -17.43 30.24
N LEU D 834 6.07 -18.29 30.23
CA LEU D 834 4.81 -17.80 29.68
C LEU D 834 4.10 -16.91 30.72
N LYS D 835 4.28 -17.17 32.05
CA LYS D 835 3.75 -16.23 33.04
C LYS D 835 4.42 -14.85 32.92
N ALA D 836 5.73 -14.82 32.69
CA ALA D 836 6.37 -13.52 32.57
C ALA D 836 5.95 -12.79 31.29
N LEU D 837 5.77 -13.54 30.18
CA LEU D 837 5.30 -12.87 28.98
C LEU D 837 3.91 -12.26 29.18
N LEU D 838 3.03 -12.90 29.94
CA LEU D 838 1.68 -12.33 30.12
C LEU D 838 1.74 -11.17 31.11
N TYR D 839 2.56 -11.34 32.16
CA TYR D 839 2.72 -10.31 33.14
C TYR D 839 3.20 -9.03 32.50
N LEU D 840 4.29 -9.11 31.77
CA LEU D 840 4.84 -7.90 31.17
C LEU D 840 3.86 -7.15 30.24
N LYS D 841 2.94 -7.85 29.59
CA LYS D 841 1.92 -7.16 28.81
C LYS D 841 1.09 -6.19 29.64
N SER D 842 1.16 -6.21 31.01
CA SER D 842 0.39 -5.25 31.81
C SER D 842 1.18 -4.05 32.30
N ILE D 843 2.46 -3.94 31.97
CA ILE D 843 3.40 -2.98 32.58
C ILE D 843 3.62 -1.91 31.53
N GLU D 844 3.01 -0.76 31.77
CA GLU D 844 3.13 0.36 30.84
C GLU D 844 4.57 0.81 30.67
N GLU D 845 5.34 0.82 31.79
CA GLU D 845 6.70 1.30 31.69
C GLU D 845 7.52 0.43 30.76
N LEU D 846 7.15 -0.81 30.50
CA LEU D 846 8.03 -1.64 29.67
C LEU D 846 7.49 -1.84 28.23
N GLN D 847 6.63 -0.94 27.72
CA GLN D 847 6.02 -1.24 26.41
C GLN D 847 7.08 -1.31 25.28
N GLY D 848 8.25 -0.64 25.44
CA GLY D 848 9.21 -0.72 24.30
C GLY D 848 10.11 -1.99 24.22
N TRP D 849 9.88 -2.95 25.12
CA TRP D 849 10.65 -4.20 25.10
C TRP D 849 9.99 -5.15 24.12
N ASP D 850 10.71 -6.13 23.66
CA ASP D 850 10.08 -7.18 22.86
C ASP D 850 9.98 -8.38 23.77
N GLY D 851 8.78 -8.65 24.30
CA GLY D 851 8.79 -9.76 25.23
C GLY D 851 9.71 -9.49 26.42
N GLN D 852 10.51 -10.51 26.80
CA GLN D 852 11.41 -10.33 27.93
C GLN D 852 12.71 -9.62 27.59
N SER D 853 12.86 -9.06 26.31
CA SER D 853 14.09 -8.38 25.91
C SER D 853 13.96 -6.89 26.00
N PRO D 854 14.87 -6.26 26.71
CA PRO D 854 14.97 -4.80 26.69
C PRO D 854 15.31 -4.38 25.30
N GLY D 855 14.72 -3.24 24.91
CA GLY D 855 15.15 -2.58 23.69
C GLY D 855 16.67 -2.34 23.72
N THR D 856 17.31 -2.53 22.56
CA THR D 856 18.76 -2.70 22.49
C THR D 856 19.35 -1.33 22.50
N GLU D 857 20.17 -1.02 23.49
CA GLU D 857 20.89 0.25 23.47
C GLU D 857 22.30 0.11 22.86
N SER D 858 22.81 1.21 22.30
CA SER D 858 24.09 1.22 21.59
C SER D 858 25.20 0.64 22.49
N HIS D 859 25.91 -0.37 22.00
CA HIS D 859 26.91 -0.96 22.89
C HIS D 859 28.06 -1.56 22.04
N GLN D 860 29.25 -1.70 22.68
CA GLN D 860 30.35 -2.54 22.17
C GLN D 860 30.73 -3.60 23.20
N LYS D 861 30.72 -4.87 22.77
CA LYS D 861 30.99 -6.03 23.63
C LYS D 861 29.88 -6.15 24.68
N GLY D 862 28.67 -5.65 24.37
CA GLY D 862 27.58 -5.57 25.31
C GLY D 862 27.79 -4.61 26.47
N LYS D 863 28.79 -3.77 26.43
CA LYS D 863 29.05 -2.66 27.33
C LYS D 863 28.62 -1.39 26.63
N PRO D 864 27.78 -0.61 27.30
CA PRO D 864 27.06 0.44 26.59
C PRO D 864 28.07 1.53 26.23
N VAL D 865 27.88 2.16 25.07
CA VAL D 865 28.84 3.15 24.49
C VAL D 865 28.76 4.45 25.30
N PRO D 866 29.86 5.11 25.67
CA PRO D 866 29.73 6.43 26.37
C PRO D 866 28.99 7.46 25.51
N ARG D 867 28.11 8.29 26.15
CA ARG D 867 27.39 9.38 25.47
C ARG D 867 28.29 10.62 25.52
N ILE D 868 29.03 10.90 24.47
CA ILE D 868 29.99 11.94 24.73
C ILE D 868 30.01 12.82 23.52
N ALA D 869 29.24 13.91 23.57
CA ALA D 869 29.07 14.87 22.48
C ALA D 869 30.26 14.86 21.49
N GLU D 870 31.47 14.95 22.02
CA GLU D 870 32.67 15.00 21.21
C GLU D 870 33.12 13.64 20.64
N LEU D 871 32.45 12.50 20.97
CA LEU D 871 32.61 11.26 20.19
C LEU D 871 31.63 11.15 19.05
N MET D 872 30.52 11.88 19.16
CA MET D 872 29.35 11.43 18.44
C MET D 872 29.43 12.06 17.07
N GLY D 873 29.28 11.17 16.06
CA GLY D 873 29.55 11.43 14.66
C GLY D 873 30.96 11.84 14.35
N LYS D 874 31.94 11.13 14.86
CA LYS D 874 33.31 11.47 14.49
C LYS D 874 33.91 10.46 13.54
N LYS D 875 33.17 9.38 13.23
CA LYS D 875 33.67 8.29 12.36
C LYS D 875 34.95 7.77 12.99
N LEU D 876 34.83 7.45 14.31
CA LEU D 876 35.87 6.75 15.04
C LEU D 876 35.42 5.34 15.34
N PRO D 877 35.86 4.38 14.53
CA PRO D 877 35.61 2.97 14.82
C PRO D 877 36.48 2.53 15.99
N ASN D 878 36.24 1.30 16.43
CA ASN D 878 36.86 0.85 17.64
C ASN D 878 38.15 0.11 17.33
N PHE D 879 39.04 0.65 16.50
CA PHE D 879 40.31 -0.07 16.21
C PHE D 879 41.36 0.94 15.79
N GLY D 880 42.63 0.58 15.93
CA GLY D 880 43.64 1.30 15.17
C GLY D 880 43.85 2.66 15.80
N PRO D 881 44.28 3.65 15.01
CA PRO D 881 44.46 5.00 15.57
C PRO D 881 43.14 5.63 15.98
N TYR D 882 42.01 5.17 15.48
CA TYR D 882 40.74 5.74 15.86
C TYR D 882 40.42 5.40 17.32
N LEU D 883 40.60 4.14 17.67
CA LEU D 883 40.48 3.68 19.05
C LEU D 883 41.36 4.51 19.99
N GLU D 884 42.60 4.84 19.54
CA GLU D 884 43.48 5.68 20.37
C GLU D 884 42.80 7.00 20.58
N GLN D 885 42.19 7.51 19.55
CA GLN D 885 41.58 8.82 19.69
C GLN D 885 40.35 8.75 20.57
N ARG D 886 39.58 7.67 20.46
CA ARG D 886 38.45 7.46 21.38
C ARG D 886 38.93 7.51 22.84
N LYS D 887 40.02 6.83 23.11
CA LYS D 887 40.46 6.74 24.50
C LYS D 887 40.84 8.11 24.98
N LYS D 888 41.42 8.90 24.09
CA LYS D 888 41.81 10.26 24.48
C LYS D 888 40.57 11.13 24.68
N ILE D 889 39.58 11.00 23.82
CA ILE D 889 38.38 11.76 24.09
C ILE D 889 37.77 11.29 25.41
N ILE D 890 37.64 9.96 25.60
CA ILE D 890 37.06 9.47 26.83
C ILE D 890 37.84 9.96 28.05
N ALA D 891 39.20 9.94 27.99
CA ALA D 891 40.01 10.24 29.18
C ALA D 891 39.88 11.70 29.59
N GLU D 892 39.90 12.61 28.61
CA GLU D 892 39.65 14.04 28.83
C GLU D 892 38.30 14.31 29.44
N GLU D 893 37.29 13.57 29.02
CA GLU D 893 35.97 13.73 29.60
C GLU D 893 35.89 13.27 31.09
N LYS D 894 36.51 12.13 31.46
CA LYS D 894 36.67 11.79 32.89
C LYS D 894 37.34 12.90 33.70
N MET D 895 38.38 13.54 33.17
CA MET D 895 38.97 14.67 33.88
C MET D 895 37.97 15.80 34.11
N ARG D 896 37.21 16.19 33.09
CA ARG D 896 36.35 17.34 33.36
C ARG D 896 35.21 16.96 34.30
N LEU D 897 34.79 15.68 34.36
CA LEU D 897 33.80 15.19 35.34
C LEU D 897 34.24 15.30 36.81
N LYS D 898 35.54 15.50 37.06
CA LYS D 898 36.02 15.82 38.38
C LYS D 898 35.52 17.21 38.73
N GLU D 899 35.90 18.21 37.86
CA GLU D 899 35.60 19.64 37.98
C GLU D 899 34.16 19.98 37.54
N GLN D 900 33.33 18.98 37.19
CA GLN D 900 31.88 19.19 37.21
C GLN D 900 31.22 18.53 38.44
N ASN D 901 29.92 18.81 38.53
CA ASN D 901 29.15 18.68 39.76
C ASN D 901 28.65 17.26 39.89
N ALA D 902 28.69 16.72 41.12
CA ALA D 902 28.37 15.30 41.36
C ALA D 902 26.92 14.89 40.87
N LEU D 907 17.93 7.56 41.91
CA LEU D 907 16.49 7.72 42.08
C LEU D 907 16.00 6.51 42.84
N GLU D 908 15.01 6.66 43.73
CA GLU D 908 14.38 5.49 44.38
C GLU D 908 14.12 4.29 43.46
N ARG D 909 14.03 3.10 44.05
CA ARG D 909 13.51 1.95 43.33
C ARG D 909 12.04 1.89 43.72
N LYS D 910 11.14 2.12 42.77
CA LYS D 910 9.75 1.88 43.14
C LYS D 910 9.21 0.87 42.12
N PRO D 911 8.58 -0.21 42.55
CA PRO D 911 8.24 -1.33 41.65
C PRO D 911 7.11 -0.98 40.67
N PHE D 912 7.20 -1.45 39.43
CA PHE D 912 6.12 -1.12 38.52
C PHE D 912 4.89 -1.91 38.90
N ILE D 913 3.73 -1.24 38.80
CA ILE D 913 2.41 -1.81 39.08
C ILE D 913 1.70 -2.16 37.77
N PRO D 914 1.10 -3.34 37.67
CA PRO D 914 0.27 -3.63 36.49
C PRO D 914 -0.85 -2.58 36.40
N LYS D 915 -1.02 -2.01 35.21
CA LYS D 915 -2.06 -1.00 35.02
C LYS D 915 -3.06 -1.46 33.97
N LYS D 916 -3.70 -2.61 34.16
CA LYS D 916 -4.56 -3.34 33.18
C LYS D 916 -4.48 -4.79 33.57
N PRO D 917 -5.61 -5.50 33.69
CA PRO D 917 -5.51 -6.90 34.13
C PRO D 917 -4.61 -7.75 33.19
N ILE D 918 -3.78 -8.59 33.78
CA ILE D 918 -2.87 -9.48 33.08
C ILE D 918 -3.70 -10.34 32.12
N PRO D 919 -3.35 -10.44 30.89
CA PRO D 919 -4.14 -11.30 29.98
C PRO D 919 -4.05 -12.77 30.39
N ALA D 920 -5.17 -13.48 30.26
CA ALA D 920 -5.28 -14.93 30.26
C ALA D 920 -4.98 -15.50 28.88
N ILE D 921 -4.67 -16.81 28.85
CA ILE D 921 -4.42 -17.46 27.57
C ILE D 921 -5.54 -17.16 26.56
N LYS D 922 -6.78 -17.34 26.97
CA LYS D 922 -7.90 -17.12 26.05
C LYS D 922 -7.88 -15.69 25.46
N ASP D 923 -7.18 -14.75 26.11
CA ASP D 923 -7.17 -13.37 25.59
C ASP D 923 -6.10 -13.20 24.53
N VAL D 924 -5.10 -14.09 24.51
CA VAL D 924 -4.07 -13.92 23.52
C VAL D 924 -4.35 -14.77 22.30
N ILE D 925 -5.24 -15.78 22.39
CA ILE D 925 -5.37 -16.72 21.26
C ILE D 925 -5.85 -16.04 20.00
N GLY D 926 -5.15 -16.30 18.87
CA GLY D 926 -5.54 -15.75 17.56
C GLY D 926 -5.23 -14.27 17.33
N LYS D 927 -4.53 -13.56 18.28
CA LYS D 927 -4.45 -12.09 18.11
C LYS D 927 -3.57 -11.64 16.93
N ALA D 928 -2.73 -12.51 16.42
CA ALA D 928 -1.94 -12.11 15.27
C ALA D 928 -2.72 -12.22 13.95
N LEU D 929 -3.88 -12.93 13.91
CA LEU D 929 -4.49 -13.23 12.62
C LEU D 929 -4.89 -11.95 11.93
N GLN D 930 -5.13 -10.91 12.72
CA GLN D 930 -5.49 -9.63 12.17
C GLN D 930 -4.38 -9.01 11.29
N TYR D 931 -3.10 -9.46 11.43
CA TYR D 931 -2.05 -8.90 10.55
C TYR D 931 -1.78 -9.75 9.31
N LEU D 932 -2.47 -10.86 9.11
CA LEU D 932 -2.18 -11.71 7.96
C LEU D 932 -3.22 -11.53 6.93
N GLY D 933 -2.82 -11.46 5.67
CA GLY D 933 -3.69 -11.00 4.58
C GLY D 933 -3.10 -11.54 3.30
N THR D 934 -3.70 -11.22 2.15
CA THR D 934 -3.13 -11.59 0.86
C THR D 934 -1.90 -10.73 0.64
N PHE D 935 -1.15 -10.95 -0.48
CA PHE D 935 -0.10 -9.99 -0.86
C PHE D 935 -0.71 -8.63 -1.18
N GLY D 936 -1.85 -8.61 -1.88
CA GLY D 936 -2.43 -7.32 -2.29
C GLY D 936 -2.94 -6.44 -1.17
N GLU D 937 -3.13 -6.98 0.06
CA GLU D 937 -3.44 -6.17 1.25
C GLU D 937 -2.23 -5.47 1.89
N LEU D 938 -1.04 -5.54 1.31
CA LEU D 938 0.16 -4.93 1.84
C LEU D 938 0.43 -3.67 1.04
N SER D 939 0.97 -2.63 1.67
CA SER D 939 1.19 -1.41 0.91
C SER D 939 2.52 -1.37 0.17
N ASN D 940 2.49 -1.10 -1.16
CA ASN D 940 3.80 -0.81 -1.76
C ASN D 940 4.12 0.66 -1.75
N ILE D 941 3.33 1.49 -1.06
CA ILE D 941 3.70 2.90 -0.84
C ILE D 941 4.55 3.09 0.41
N GLU D 942 4.25 2.36 1.48
CA GLU D 942 4.98 2.49 2.76
C GLU D 942 6.22 1.60 2.68
N GLN D 943 7.23 2.13 2.04
CA GLN D 943 8.52 1.49 1.82
C GLN D 943 9.50 1.90 2.92
N VAL D 944 10.58 1.13 3.07
CA VAL D 944 11.59 1.44 4.08
C VAL D 944 12.97 1.37 3.46
N VAL D 945 13.98 1.75 4.27
CA VAL D 945 15.36 1.72 3.85
C VAL D 945 16.13 1.44 5.11
N ALA D 946 17.32 0.87 4.97
CA ALA D 946 18.12 0.50 6.13
C ALA D 946 18.94 1.69 6.63
N VAL D 947 19.15 1.76 7.97
CA VAL D 947 19.98 2.76 8.63
C VAL D 947 20.87 2.06 9.62
N ILE D 948 22.12 2.41 9.63
CA ILE D 948 23.14 1.72 10.39
C ILE D 948 23.53 2.57 11.59
N ASP D 949 23.54 1.96 12.77
CA ASP D 949 24.02 2.65 13.98
C ASP D 949 25.53 2.41 14.06
N GLU D 950 26.34 3.40 13.70
CA GLU D 950 27.78 3.18 13.60
C GLU D 950 28.44 2.92 14.96
N GLU D 951 27.81 3.23 16.08
CA GLU D 951 28.41 2.88 17.35
C GLU D 951 28.34 1.40 17.67
N MET D 952 27.40 0.64 17.11
CA MET D 952 27.29 -0.79 17.38
C MET D 952 28.01 -1.64 16.37
N CYS D 953 28.57 -1.05 15.33
CA CYS D 953 29.03 -1.82 14.17
C CYS D 953 30.38 -2.42 14.48
N ILE D 954 30.63 -3.66 14.05
CA ILE D 954 31.96 -4.27 14.23
C ILE D 954 32.71 -4.41 12.87
N ASN D 955 32.30 -3.65 11.84
CA ASN D 955 33.14 -3.35 10.67
C ASN D 955 33.39 -4.51 9.74
N CYS D 956 32.54 -5.51 9.82
CA CYS D 956 32.74 -6.78 9.12
C CYS D 956 32.44 -6.68 7.65
N GLY D 957 31.52 -5.79 7.30
CA GLY D 957 31.14 -5.60 5.89
C GLY D 957 30.22 -6.65 5.31
N LYS D 958 29.52 -7.46 6.13
CA LYS D 958 28.56 -8.41 5.62
C LYS D 958 27.39 -7.69 4.98
N CYS D 959 26.96 -6.55 5.55
CA CYS D 959 25.86 -5.82 4.91
C CYS D 959 26.26 -5.50 3.48
N TYR D 960 27.53 -5.20 3.31
CA TYR D 960 27.99 -4.68 2.08
C TYR D 960 28.10 -5.81 1.07
N MET D 961 28.62 -6.96 1.51
CA MET D 961 28.70 -8.04 0.57
C MET D 961 27.32 -8.52 0.17
N THR D 962 26.36 -8.51 1.11
CA THR D 962 25.02 -8.99 0.78
C THR D 962 24.32 -8.01 -0.17
N CYS D 963 24.43 -6.70 0.05
CA CYS D 963 23.88 -5.74 -0.91
C CYS D 963 24.62 -5.84 -2.25
N ASN D 964 25.91 -6.16 -2.20
CA ASN D 964 26.66 -6.23 -3.44
C ASN D 964 26.30 -7.45 -4.27
N ASP D 965 26.26 -8.60 -3.68
CA ASP D 965 26.12 -9.78 -4.49
C ASP D 965 24.72 -10.35 -4.40
N SER D 966 23.76 -9.62 -3.69
CA SER D 966 22.44 -10.14 -3.46
C SER D 966 21.43 -9.02 -3.47
N GLY D 967 21.84 -7.81 -3.83
CA GLY D 967 21.05 -6.64 -3.56
C GLY D 967 21.16 -5.62 -4.67
N TYR D 968 21.38 -4.37 -4.23
CA TYR D 968 21.26 -3.19 -5.05
C TYR D 968 22.50 -2.33 -4.96
N GLN D 969 23.61 -2.89 -4.47
CA GLN D 969 24.91 -2.17 -4.51
C GLN D 969 24.74 -0.75 -3.92
N ALA D 970 24.09 -0.74 -2.74
CA ALA D 970 23.56 0.48 -2.19
C ALA D 970 24.43 0.97 -1.05
N ILE D 971 25.41 0.23 -0.62
CA ILE D 971 26.15 0.54 0.62
C ILE D 971 27.56 0.93 0.28
N GLN D 972 28.05 2.00 0.88
CA GLN D 972 29.45 2.36 0.76
C GLN D 972 30.14 1.79 1.97
N PHE D 973 31.28 1.10 1.76
CA PHE D 973 32.10 0.55 2.87
C PHE D 973 33.37 1.38 2.94
N ASP D 974 33.61 2.11 3.99
CA ASP D 974 34.75 3.03 3.91
C ASP D 974 36.08 2.27 3.95
N PRO D 975 37.05 2.55 3.07
CA PRO D 975 38.28 1.70 3.07
C PRO D 975 39.27 1.95 4.21
N GLU D 976 39.21 3.05 4.93
CA GLU D 976 40.00 3.26 6.14
C GLU D 976 39.29 2.89 7.41
N THR D 977 38.01 3.19 7.50
CA THR D 977 37.38 2.99 8.80
C THR D 977 36.55 1.73 8.85
N HIS D 978 36.38 1.06 7.74
CA HIS D 978 35.45 -0.04 7.53
C HIS D 978 34.10 0.22 8.22
N LEU D 979 33.56 1.40 8.02
CA LEU D 979 32.18 1.74 8.40
C LEU D 979 31.28 1.78 7.18
N PRO D 980 30.11 1.13 7.25
CA PRO D 980 29.14 1.21 6.16
C PRO D 980 28.27 2.46 6.20
N THR D 981 27.88 2.93 5.02
CA THR D 981 26.85 3.95 4.94
C THR D 981 25.83 3.54 3.90
N VAL D 982 24.53 3.55 4.26
CA VAL D 982 23.46 3.24 3.32
C VAL D 982 23.17 4.49 2.50
N THR D 983 23.15 4.36 1.17
CA THR D 983 22.90 5.46 0.27
C THR D 983 21.43 5.42 -0.19
N ASP D 984 21.07 6.34 -1.11
CA ASP D 984 19.66 6.42 -1.46
C ASP D 984 19.34 5.44 -2.54
N THR D 985 20.23 4.54 -2.96
CA THR D 985 19.62 3.56 -3.84
C THR D 985 18.98 2.39 -3.09
N CYS D 986 19.12 2.34 -1.74
CA CYS D 986 18.48 1.28 -0.94
C CYS D 986 17.03 1.10 -1.37
N THR D 987 16.57 -0.15 -1.49
CA THR D 987 15.16 -0.45 -1.84
C THR D 987 14.43 -1.03 -0.65
N GLY D 988 15.16 -1.24 0.46
CA GLY D 988 14.52 -1.84 1.61
C GLY D 988 14.37 -3.33 1.58
N CYS D 989 15.04 -4.07 0.68
CA CYS D 989 14.89 -5.51 0.63
C CYS D 989 15.00 -6.14 2.03
N THR D 990 15.84 -5.58 2.90
CA THR D 990 16.16 -6.01 4.32
C THR D 990 17.20 -7.16 4.41
N LEU D 991 17.82 -7.59 3.31
CA LEU D 991 18.91 -8.55 3.43
C LEU D 991 20.01 -8.07 4.35
N CYS D 992 20.42 -6.76 4.31
CA CYS D 992 21.57 -6.41 5.12
C CYS D 992 21.26 -6.66 6.58
N LEU D 993 20.13 -6.22 7.06
CA LEU D 993 19.79 -6.46 8.45
C LEU D 993 19.79 -7.95 8.75
N SER D 994 19.34 -8.70 7.78
CA SER D 994 19.15 -10.11 8.02
C SER D 994 20.46 -10.81 8.25
N VAL D 995 21.56 -10.31 7.70
CA VAL D 995 22.84 -10.94 7.91
C VAL D 995 23.74 -10.18 8.89
N CYS D 996 23.38 -9.02 9.41
CA CYS D 996 24.28 -8.34 10.39
C CYS D 996 24.45 -9.17 11.70
N PRO D 997 25.66 -9.46 12.12
CA PRO D 997 25.94 -10.03 13.47
C PRO D 997 25.40 -9.27 14.68
N ILE D 998 25.20 -7.96 14.62
CA ILE D 998 24.90 -7.20 15.83
C ILE D 998 23.40 -6.92 15.88
N ILE D 999 22.75 -7.38 16.96
CA ILE D 999 21.32 -7.31 17.02
C ILE D 999 20.96 -5.84 17.07
N ASP D 1000 20.04 -5.42 16.21
CA ASP D 1000 19.55 -4.05 16.15
C ASP D 1000 20.66 -3.07 15.80
N CYS D 1001 21.74 -3.53 15.19
CA CYS D 1001 22.66 -2.51 14.65
C CYS D 1001 22.08 -1.81 13.40
N ILE D 1002 21.34 -2.51 12.56
CA ILE D 1002 20.69 -1.92 11.39
C ILE D 1002 19.19 -1.98 11.67
N ARG D 1003 18.49 -0.86 11.43
CA ARG D 1003 17.04 -0.84 11.58
C ARG D 1003 16.45 -0.40 10.24
N MET D 1004 15.21 -0.81 9.98
CA MET D 1004 14.50 -0.38 8.80
C MET D 1004 13.62 0.80 9.22
N VAL D 1005 13.71 1.91 8.53
CA VAL D 1005 12.90 3.07 8.85
C VAL D 1005 12.13 3.55 7.61
N SER D 1006 11.11 4.39 7.84
CA SER D 1006 10.27 4.88 6.75
C SER D 1006 11.07 5.66 5.73
N ARG D 1007 10.92 5.31 4.47
CA ARG D 1007 11.53 6.07 3.39
C ARG D 1007 10.97 7.48 3.38
N THR D 1008 11.87 8.43 3.12
CA THR D 1008 11.57 9.84 3.21
C THR D 1008 11.42 10.47 1.83
N THR D 1009 12.34 10.14 0.87
CA THR D 1009 12.10 10.63 -0.51
C THR D 1009 11.49 9.54 -1.40
N PRO D 1010 11.66 9.59 -2.74
CA PRO D 1010 10.57 9.01 -3.59
C PRO D 1010 10.78 7.50 -3.78
N TYR D 1011 9.78 6.62 -3.57
CA TYR D 1011 10.14 5.25 -4.06
C TYR D 1011 9.71 5.17 -5.52
N GLU D 1012 10.72 5.08 -6.42
CA GLU D 1012 10.62 4.72 -7.84
C GLU D 1012 11.34 3.38 -8.09
N PRO D 1013 10.58 2.29 -8.39
CA PRO D 1013 11.20 1.00 -8.79
C PRO D 1013 12.04 1.24 -10.05
N LYS D 1014 13.25 0.67 -10.13
CA LYS D 1014 14.09 0.82 -11.33
C LYS D 1014 13.75 -0.33 -12.28
N ARG D 1015 13.31 0.01 -13.48
CA ARG D 1015 12.80 -0.96 -14.42
C ARG D 1015 13.85 -1.52 -15.38
N GLY D 1016 15.05 -1.00 -15.34
CA GLY D 1016 16.05 -1.40 -16.33
C GLY D 1016 16.07 -0.60 -17.63
N LEU D 1017 14.99 -0.67 -18.43
CA LEU D 1017 14.66 0.02 -19.66
C LEU D 1017 13.20 0.44 -19.49
N PRO D 1018 12.77 1.55 -20.12
CA PRO D 1018 11.39 2.07 -19.89
C PRO D 1018 10.27 1.08 -20.18
N LEU D 1019 9.16 1.18 -19.43
CA LEU D 1019 7.99 0.52 -20.03
C LEU D 1019 7.71 1.26 -21.35
#